data_2NDF
#
_entry.id   2NDF
#
loop_
_entity.id
_entity.type
_entity.pdbx_description
1 polymer 'Protein AF-9'
2 polymer 'Histone H3 peptide'
#
loop_
_entity_poly.entity_id
_entity_poly.type
_entity_poly.pdbx_seq_one_letter_code
_entity_poly.pdbx_strand_id
1 'polypeptide(L)'
;GSHMASSCAVQVKLELGHRAQVRKKPTVEGFTHDWMVFVRGPEHSNIQHFVEKVVFHLHESFPRPKRVCKDPPYKVEESG
YAGFILPIEVYFKNKEEPRKVRFDYDLFLHLEGHPPVNHLRCEKLTFNNPTEDFRRKLLKA
;
A
2 'polypeptide(L)' GGKAPR(ALY)QLATKA B
#
# COMPACT_ATOMS: atom_id res chain seq x y z
N GLY A 1 -9.27 -20.26 -20.24
CA GLY A 1 -8.54 -21.54 -20.10
C GLY A 1 -7.46 -21.48 -19.03
N SER A 2 -7.88 -21.45 -17.77
CA SER A 2 -6.94 -21.37 -16.65
C SER A 2 -6.06 -22.62 -16.60
N HIS A 3 -4.78 -22.43 -16.90
CA HIS A 3 -3.78 -23.49 -16.91
C HIS A 3 -4.15 -24.57 -17.94
N MET A 4 -4.93 -24.18 -18.93
CA MET A 4 -5.33 -25.10 -19.98
C MET A 4 -4.39 -24.96 -21.17
N ALA A 5 -3.75 -23.81 -21.27
CA ALA A 5 -2.77 -23.55 -22.32
C ALA A 5 -1.37 -23.75 -21.76
N SER A 6 -0.41 -24.04 -22.63
CA SER A 6 0.96 -24.22 -22.21
C SER A 6 1.62 -22.87 -21.98
N SER A 7 1.29 -22.26 -20.85
CA SER A 7 1.82 -20.97 -20.48
C SER A 7 2.44 -21.06 -19.08
N CYS A 8 3.64 -20.51 -18.94
CA CYS A 8 4.30 -20.48 -17.65
C CYS A 8 4.05 -19.15 -16.98
N ALA A 9 3.32 -19.16 -15.87
CA ALA A 9 3.00 -17.94 -15.17
C ALA A 9 3.67 -17.89 -13.81
N VAL A 10 4.18 -16.72 -13.43
CA VAL A 10 4.75 -16.53 -12.11
C VAL A 10 3.79 -15.71 -11.27
N GLN A 11 3.69 -16.05 -10.00
CA GLN A 11 2.75 -15.37 -9.12
C GLN A 11 3.47 -14.78 -7.91
N VAL A 12 3.31 -13.49 -7.71
CA VAL A 12 3.90 -12.79 -6.59
C VAL A 12 2.80 -12.29 -5.65
N LYS A 13 3.20 -11.65 -4.56
CA LYS A 13 2.25 -11.21 -3.57
C LYS A 13 2.72 -9.89 -2.95
N LEU A 14 1.81 -8.94 -2.80
CA LEU A 14 2.12 -7.70 -2.12
C LEU A 14 1.20 -7.52 -0.92
N GLU A 15 1.69 -6.82 0.08
CA GLU A 15 0.94 -6.66 1.31
C GLU A 15 0.61 -5.19 1.56
N LEU A 16 -0.68 -4.91 1.73
CA LEU A 16 -1.14 -3.57 2.10
C LEU A 16 -1.58 -3.60 3.55
N GLY A 17 -0.93 -2.83 4.39
CA GLY A 17 -1.31 -2.80 5.78
C GLY A 17 -1.09 -1.44 6.38
N HIS A 18 -1.60 -1.26 7.60
CA HIS A 18 -1.43 0.00 8.28
C HIS A 18 -1.74 -0.15 9.76
N ARG A 19 -1.02 0.59 10.57
CA ARG A 19 -1.29 0.65 11.99
C ARG A 19 -1.66 2.08 12.35
N ALA A 20 -2.71 2.24 13.13
CA ALA A 20 -3.19 3.56 13.47
C ALA A 20 -3.21 3.80 14.97
N GLN A 21 -2.41 4.76 15.42
CA GLN A 21 -2.34 5.11 16.83
C GLN A 21 -2.96 6.49 17.03
N VAL A 22 -3.52 6.73 18.21
CA VAL A 22 -3.97 8.06 18.56
C VAL A 22 -2.96 8.67 19.53
N ARG A 23 -2.97 9.98 19.67
CA ARG A 23 -2.10 10.65 20.61
C ARG A 23 -2.95 11.18 21.76
N LYS A 24 -2.39 11.21 22.96
CA LYS A 24 -3.08 11.75 24.10
C LYS A 24 -3.07 13.27 24.03
N LYS A 25 -2.21 13.77 23.16
CA LYS A 25 -2.14 15.19 22.88
C LYS A 25 -1.90 15.39 21.38
N PRO A 26 -2.95 15.78 20.63
CA PRO A 26 -2.85 16.06 19.19
C PRO A 26 -1.66 16.95 18.83
N THR A 27 -1.23 16.86 17.58
CA THR A 27 -0.02 17.55 17.14
C THR A 27 -0.27 19.03 16.89
N VAL A 28 0.69 19.72 16.30
CA VAL A 28 0.62 21.16 16.09
C VAL A 28 -0.57 21.53 15.19
N GLU A 29 -0.91 20.63 14.27
CA GLU A 29 -2.05 20.84 13.39
C GLU A 29 -3.34 20.36 14.05
N GLY A 30 -3.23 19.91 15.28
CA GLY A 30 -4.37 19.44 16.03
C GLY A 30 -4.90 18.13 15.50
N PHE A 31 -4.01 17.33 14.95
CA PHE A 31 -4.36 16.02 14.45
C PHE A 31 -4.22 15.01 15.56
N THR A 32 -5.22 14.16 15.71
CA THR A 32 -5.30 13.26 16.84
C THR A 32 -4.60 11.92 16.58
N HIS A 33 -4.48 11.55 15.31
CA HIS A 33 -4.02 10.22 14.95
C HIS A 33 -2.74 10.24 14.16
N ASP A 34 -1.94 9.20 14.31
CA ASP A 34 -0.75 8.97 13.51
C ASP A 34 -0.81 7.55 12.97
N TRP A 35 -0.83 7.43 11.66
CA TRP A 35 -0.93 6.14 11.03
C TRP A 35 0.26 5.87 10.14
N MET A 36 0.66 4.62 10.07
CA MET A 36 1.75 4.22 9.21
C MET A 36 1.27 3.15 8.25
N VAL A 37 1.16 3.52 6.99
CA VAL A 37 0.75 2.61 5.94
C VAL A 37 1.97 2.01 5.28
N PHE A 38 1.88 0.80 4.77
CA PHE A 38 3.01 0.16 4.14
C PHE A 38 2.60 -0.85 3.07
N VAL A 39 3.52 -1.08 2.14
CA VAL A 39 3.38 -2.18 1.20
C VAL A 39 4.60 -3.09 1.32
N ARG A 40 4.35 -4.37 1.56
CA ARG A 40 5.42 -5.31 1.85
C ARG A 40 5.35 -6.51 0.92
N GLY A 41 6.31 -7.41 1.07
CA GLY A 41 6.36 -8.57 0.23
C GLY A 41 5.73 -9.79 0.88
N PRO A 42 5.69 -10.93 0.17
CA PRO A 42 5.14 -12.16 0.71
C PRO A 42 5.96 -12.65 1.91
N GLU A 43 5.34 -12.64 3.09
CA GLU A 43 5.99 -13.10 4.31
C GLU A 43 7.22 -12.25 4.63
N HIS A 44 7.06 -10.93 4.54
CA HIS A 44 8.12 -9.96 4.88
C HIS A 44 9.33 -10.06 3.95
N SER A 45 9.19 -10.70 2.79
CA SER A 45 10.27 -10.72 1.81
C SER A 45 10.47 -9.33 1.25
N ASN A 46 11.72 -8.92 1.04
CA ASN A 46 11.99 -7.62 0.47
C ASN A 46 11.54 -7.63 -0.99
N ILE A 47 10.69 -6.68 -1.35
CA ILE A 47 10.08 -6.68 -2.67
C ILE A 47 10.81 -5.78 -3.65
N GLN A 48 11.87 -5.11 -3.18
CA GLN A 48 12.58 -4.13 -4.01
C GLN A 48 13.26 -4.78 -5.22
N HIS A 49 13.19 -6.10 -5.30
CA HIS A 49 13.75 -6.82 -6.44
C HIS A 49 12.86 -6.69 -7.67
N PHE A 50 11.55 -6.65 -7.47
CA PHE A 50 10.64 -6.38 -8.57
C PHE A 50 9.88 -5.08 -8.38
N VAL A 51 9.88 -4.57 -7.15
CA VAL A 51 9.23 -3.31 -6.84
C VAL A 51 10.23 -2.17 -6.94
N GLU A 52 9.90 -1.21 -7.78
CA GLU A 52 10.78 -0.07 -8.06
C GLU A 52 10.51 1.06 -7.07
N LYS A 53 9.27 1.51 -7.07
CA LYS A 53 8.85 2.64 -6.27
C LYS A 53 7.38 2.48 -5.95
N VAL A 54 6.95 3.05 -4.84
CA VAL A 54 5.55 2.94 -4.45
C VAL A 54 5.00 4.30 -4.10
N VAL A 55 3.68 4.46 -4.17
CA VAL A 55 3.05 5.75 -3.95
C VAL A 55 1.75 5.59 -3.17
N PHE A 56 1.54 6.50 -2.22
CA PHE A 56 0.34 6.53 -1.42
C PHE A 56 -0.35 7.86 -1.63
N HIS A 57 -1.48 7.82 -2.29
CA HIS A 57 -2.25 9.02 -2.54
C HIS A 57 -3.11 9.35 -1.33
N LEU A 58 -2.57 10.22 -0.46
CA LEU A 58 -3.26 10.60 0.77
C LEU A 58 -4.33 11.63 0.46
N HIS A 59 -5.01 12.12 1.48
CA HIS A 59 -6.05 13.12 1.28
C HIS A 59 -5.38 14.47 1.11
N GLU A 60 -5.98 15.30 0.27
CA GLU A 60 -5.42 16.60 -0.10
C GLU A 60 -5.16 17.49 1.12
N SER A 61 -5.84 17.18 2.22
CA SER A 61 -5.64 17.89 3.48
C SER A 61 -4.24 17.62 4.04
N PHE A 62 -3.64 16.53 3.61
CA PHE A 62 -2.32 16.14 4.06
C PHE A 62 -1.27 16.90 3.26
N PRO A 63 -0.24 17.44 3.93
CA PRO A 63 0.89 18.09 3.26
C PRO A 63 1.57 17.12 2.30
N ARG A 64 1.56 17.46 1.01
CA ARG A 64 2.05 16.59 -0.04
C ARG A 64 1.25 15.29 -0.05
N PRO A 65 0.05 15.28 -0.66
CA PRO A 65 -0.81 14.10 -0.70
C PRO A 65 -0.15 12.88 -1.36
N LYS A 66 0.85 13.12 -2.19
CA LYS A 66 1.49 12.06 -2.92
C LYS A 66 2.79 11.66 -2.26
N ARG A 67 2.81 10.48 -1.69
CA ARG A 67 4.01 9.95 -1.05
C ARG A 67 4.58 8.81 -1.86
N VAL A 68 5.67 9.08 -2.59
CA VAL A 68 6.37 8.02 -3.28
C VAL A 68 7.55 7.57 -2.40
N CYS A 69 7.76 6.28 -2.31
CA CYS A 69 8.84 5.74 -1.51
C CYS A 69 9.77 4.90 -2.40
N LYS A 70 10.97 5.43 -2.62
CA LYS A 70 12.01 4.72 -3.37
C LYS A 70 12.99 4.07 -2.41
N ASP A 71 13.06 4.66 -1.22
CA ASP A 71 13.92 4.21 -0.13
C ASP A 71 13.46 2.83 0.39
N PRO A 72 14.24 2.19 1.30
CA PRO A 72 13.78 1.12 2.21
C PRO A 72 12.27 1.19 2.64
N PRO A 73 11.81 0.42 3.67
CA PRO A 73 10.42 -0.01 3.81
C PRO A 73 9.39 0.99 3.26
N TYR A 74 8.59 0.53 2.30
CA TYR A 74 7.55 1.35 1.70
C TYR A 74 6.47 1.67 2.71
N LYS A 75 6.63 2.79 3.40
CA LYS A 75 5.69 3.21 4.42
C LYS A 75 5.57 4.72 4.52
N VAL A 76 4.38 5.15 4.88
CA VAL A 76 4.09 6.55 5.10
C VAL A 76 3.65 6.74 6.54
N GLU A 77 4.27 7.68 7.22
CA GLU A 77 3.94 7.97 8.61
C GLU A 77 3.40 9.38 8.72
N GLU A 78 2.10 9.50 8.83
CA GLU A 78 1.45 10.81 8.82
C GLU A 78 0.43 10.92 9.93
N SER A 79 -0.07 12.13 10.14
CA SER A 79 -1.01 12.42 11.20
C SER A 79 -2.32 12.96 10.63
N GLY A 80 -3.44 12.61 11.26
CA GLY A 80 -4.74 13.07 10.80
C GLY A 80 -5.79 12.91 11.88
N TYR A 81 -7.07 12.93 11.49
CA TYR A 81 -8.14 12.76 12.46
C TYR A 81 -9.26 11.86 11.94
N ALA A 82 -9.28 11.61 10.63
CA ALA A 82 -10.36 10.85 10.03
C ALA A 82 -9.84 9.93 8.94
N GLY A 83 -10.47 8.78 8.80
CA GLY A 83 -10.06 7.80 7.82
C GLY A 83 -10.67 8.03 6.45
N PHE A 84 -10.16 7.29 5.47
CA PHE A 84 -10.60 7.44 4.08
C PHE A 84 -10.02 6.31 3.22
N ILE A 85 -10.65 6.06 2.07
CA ILE A 85 -10.09 5.13 1.09
C ILE A 85 -8.82 5.71 0.50
N LEU A 86 -7.73 5.00 0.68
CA LEU A 86 -6.44 5.43 0.20
C LEU A 86 -5.96 4.50 -0.91
N PRO A 87 -6.03 4.97 -2.17
CA PRO A 87 -5.51 4.23 -3.32
C PRO A 87 -3.98 4.17 -3.33
N ILE A 88 -3.45 2.96 -3.30
CA ILE A 88 -2.02 2.74 -3.34
C ILE A 88 -1.60 2.17 -4.69
N GLU A 89 -0.60 2.78 -5.29
CA GLU A 89 -0.07 2.29 -6.56
C GLU A 89 1.36 1.82 -6.36
N VAL A 90 1.60 0.56 -6.68
CA VAL A 90 2.92 -0.03 -6.55
C VAL A 90 3.58 -0.12 -7.93
N TYR A 91 4.75 0.49 -8.06
CA TYR A 91 5.48 0.48 -9.33
C TYR A 91 6.52 -0.64 -9.36
N PHE A 92 6.63 -1.31 -10.48
CA PHE A 92 7.62 -2.36 -10.67
C PHE A 92 8.65 -1.90 -11.70
N LYS A 93 9.83 -2.53 -11.73
CA LYS A 93 10.86 -2.14 -12.68
C LYS A 93 11.02 -3.20 -13.76
N ASN A 94 10.29 -3.02 -14.85
CA ASN A 94 10.29 -3.99 -15.95
C ASN A 94 9.79 -3.33 -17.25
N LYS A 95 9.98 -4.02 -18.38
CA LYS A 95 9.60 -3.46 -19.69
C LYS A 95 8.45 -4.25 -20.34
N GLU A 96 7.86 -5.15 -19.59
CA GLU A 96 6.78 -5.99 -20.11
C GLU A 96 5.43 -5.44 -19.66
N GLU A 97 4.42 -6.33 -19.54
CA GLU A 97 3.08 -6.00 -19.02
C GLU A 97 3.11 -4.90 -17.94
N PRO A 98 1.99 -4.16 -17.82
CA PRO A 98 1.91 -2.91 -17.02
C PRO A 98 2.58 -3.03 -15.65
N ARG A 99 3.61 -2.21 -15.45
CA ARG A 99 4.46 -2.31 -14.27
C ARG A 99 3.91 -1.50 -13.10
N LYS A 100 2.62 -1.18 -13.13
CA LYS A 100 2.02 -0.50 -12.00
C LYS A 100 0.72 -1.18 -11.61
N VAL A 101 0.52 -1.29 -10.31
CA VAL A 101 -0.68 -1.91 -9.77
C VAL A 101 -1.45 -0.88 -8.97
N ARG A 102 -2.74 -1.10 -8.81
CA ARG A 102 -3.58 -0.18 -8.07
C ARG A 102 -4.40 -0.94 -7.03
N PHE A 103 -4.03 -0.81 -5.77
CA PHE A 103 -4.75 -1.45 -4.69
C PHE A 103 -5.55 -0.41 -3.89
N ASP A 104 -6.86 -0.57 -3.84
CA ASP A 104 -7.72 0.29 -3.03
C ASP A 104 -7.75 -0.21 -1.60
N TYR A 105 -7.22 0.59 -0.68
CA TYR A 105 -7.11 0.16 0.70
C TYR A 105 -7.74 1.20 1.63
N ASP A 106 -8.53 0.72 2.58
CA ASP A 106 -9.27 1.61 3.48
C ASP A 106 -8.43 1.95 4.71
N LEU A 107 -8.09 3.22 4.86
CA LEU A 107 -7.36 3.66 6.03
C LEU A 107 -8.33 4.04 7.13
N PHE A 108 -8.60 3.10 8.03
CA PHE A 108 -9.54 3.35 9.12
C PHE A 108 -8.80 3.56 10.45
N LEU A 109 -9.46 4.28 11.35
CA LEU A 109 -8.90 4.72 12.62
C LEU A 109 -9.92 4.52 13.73
N HIS A 110 -9.46 4.54 14.96
CA HIS A 110 -10.33 4.42 16.12
C HIS A 110 -10.63 5.78 16.73
N LEU A 111 -11.60 5.84 17.62
CA LEU A 111 -11.88 7.07 18.37
C LEU A 111 -10.73 7.38 19.32
N GLU A 112 -10.48 8.67 19.54
CA GLU A 112 -9.42 9.12 20.45
C GLU A 112 -9.60 8.50 21.84
N GLY A 113 -8.82 7.46 22.13
CA GLY A 113 -8.94 6.77 23.40
C GLY A 113 -9.61 5.41 23.28
N HIS A 114 -9.43 4.76 22.13
CA HIS A 114 -10.00 3.44 21.87
C HIS A 114 -8.95 2.53 21.21
N PRO A 115 -9.04 1.18 21.37
CA PRO A 115 -8.18 0.21 20.68
C PRO A 115 -7.66 0.67 19.31
N PRO A 116 -6.33 0.60 19.10
CA PRO A 116 -5.67 0.96 17.85
C PRO A 116 -6.04 0.04 16.70
N VAL A 117 -5.46 0.30 15.54
CA VAL A 117 -5.85 -0.40 14.33
C VAL A 117 -4.65 -1.09 13.72
N ASN A 118 -4.77 -2.38 13.47
CA ASN A 118 -3.71 -3.14 12.84
C ASN A 118 -4.29 -4.08 11.79
N HIS A 119 -4.28 -3.65 10.53
CA HIS A 119 -4.89 -4.42 9.46
C HIS A 119 -3.86 -4.75 8.39
N LEU A 120 -3.74 -6.03 8.08
CA LEU A 120 -2.85 -6.49 7.03
C LEU A 120 -3.65 -7.08 5.88
N ARG A 121 -3.12 -6.98 4.67
CA ARG A 121 -3.79 -7.49 3.48
C ARG A 121 -2.75 -8.05 2.51
N CYS A 122 -3.08 -9.13 1.83
CA CYS A 122 -2.14 -9.78 0.93
C CYS A 122 -2.76 -10.01 -0.45
N GLU A 123 -2.18 -9.35 -1.45
CA GLU A 123 -2.71 -9.39 -2.81
C GLU A 123 -1.77 -10.13 -3.75
N LYS A 124 -2.32 -11.00 -4.57
CA LYS A 124 -1.52 -11.78 -5.50
C LYS A 124 -1.37 -11.07 -6.85
N LEU A 125 -0.16 -11.09 -7.36
CA LEU A 125 0.14 -10.61 -8.71
C LEU A 125 0.39 -11.83 -9.59
N THR A 126 -0.32 -11.97 -10.69
CA THR A 126 -0.10 -13.09 -11.57
C THR A 126 0.29 -12.63 -12.97
N PHE A 127 1.44 -13.12 -13.43
CA PHE A 127 1.98 -12.71 -14.72
C PHE A 127 2.15 -13.91 -15.63
N ASN A 128 1.37 -13.93 -16.69
CA ASN A 128 1.38 -15.05 -17.63
C ASN A 128 2.48 -14.86 -18.69
N ASN A 129 3.32 -15.88 -18.83
CA ASN A 129 4.41 -15.88 -19.82
C ASN A 129 5.36 -14.70 -19.64
N PRO A 130 5.98 -14.55 -18.47
CA PRO A 130 6.96 -13.49 -18.22
C PRO A 130 8.35 -13.88 -18.68
N THR A 131 9.23 -12.90 -18.77
CA THR A 131 10.61 -13.16 -19.13
C THR A 131 11.33 -13.82 -17.96
N GLU A 132 12.26 -14.73 -18.24
CA GLU A 132 12.95 -15.46 -17.17
C GLU A 132 13.59 -14.50 -16.17
N ASP A 133 14.21 -13.43 -16.66
CA ASP A 133 14.85 -12.45 -15.77
C ASP A 133 13.83 -11.89 -14.79
N PHE A 134 12.58 -11.78 -15.22
CA PHE A 134 11.54 -11.24 -14.38
C PHE A 134 11.13 -12.29 -13.35
N ARG A 135 11.04 -13.54 -13.80
CA ARG A 135 10.79 -14.65 -12.89
C ARG A 135 11.85 -14.68 -11.81
N ARG A 136 13.09 -14.51 -12.24
CA ARG A 136 14.25 -14.50 -11.36
C ARG A 136 14.11 -13.43 -10.28
N LYS A 137 13.50 -12.30 -10.63
CA LYS A 137 13.24 -11.23 -9.67
C LYS A 137 12.08 -11.60 -8.75
N LEU A 138 11.04 -12.21 -9.32
CA LEU A 138 9.86 -12.59 -8.56
C LEU A 138 10.18 -13.74 -7.60
N LEU A 139 11.18 -14.55 -7.97
CA LEU A 139 11.58 -15.68 -7.14
C LEU A 139 12.55 -15.23 -6.05
N LYS A 140 13.40 -14.27 -6.37
CA LYS A 140 14.43 -13.82 -5.44
C LYS A 140 13.84 -13.04 -4.28
N ALA A 141 12.73 -12.37 -4.53
CA ALA A 141 12.03 -11.64 -3.47
C ALA A 141 11.45 -12.62 -2.45
N GLY B 1 -21.44 3.43 10.17
CA GLY B 1 -21.15 2.38 11.19
C GLY B 1 -20.80 2.97 12.53
N GLY B 2 -19.69 2.55 13.09
CA GLY B 2 -19.27 3.04 14.39
C GLY B 2 -17.76 3.05 14.53
N LYS B 3 -17.12 4.06 13.98
CA LYS B 3 -15.68 4.21 14.07
C LYS B 3 -15.31 5.69 14.05
N ALA B 4 -14.02 5.99 13.89
CA ALA B 4 -13.56 7.36 13.83
C ALA B 4 -14.21 8.11 12.67
N PRO B 5 -14.21 9.46 12.70
CA PRO B 5 -14.78 10.28 11.62
C PRO B 5 -14.22 9.93 10.25
N ARG B 6 -14.88 10.39 9.21
CA ARG B 6 -14.53 10.01 7.85
C ARG B 6 -14.70 11.19 6.91
OH ALY B 7 -7.09 13.62 8.73
CH ALY B 7 -7.21 14.61 8.00
CH3 ALY B 7 -6.07 15.62 7.93
NZ ALY B 7 -8.29 14.80 7.26
CE ALY B 7 -9.43 13.89 7.25
CD ALY B 7 -10.49 14.28 6.23
CG ALY B 7 -11.45 13.13 5.97
CB ALY B 7 -12.72 13.59 5.30
CA ALY B 7 -13.74 12.48 5.08
N ALY B 7 -13.66 11.47 6.13
C ALY B 7 -13.55 11.81 3.72
O ALY B 7 -12.42 11.63 3.25
HH31 ALY B 7 -6.35 16.52 8.46
HH32 ALY B 7 -5.18 15.20 8.38
HH33 ALY B 7 -5.87 15.86 6.90
HZ ALY B 7 -8.34 15.59 6.68
HE3 ALY B 7 -9.09 12.88 7.03
HE2 ALY B 7 -9.90 13.90 8.23
HD3 ALY B 7 -11.05 15.13 6.60
HD2 ALY B 7 -9.99 14.53 5.30
HG3 ALY B 7 -10.96 12.39 5.35
HG2 ALY B 7 -11.70 12.67 6.92
HB3 ALY B 7 -13.16 14.36 5.92
HB2 ALY B 7 -12.45 14.02 4.34
HA ALY B 7 -14.73 12.90 5.12
H ALY B 7 -12.82 10.98 6.26
N GLN B 8 -14.67 11.44 3.11
CA GLN B 8 -14.68 10.73 1.84
C GLN B 8 -14.07 11.57 0.72
N LEU B 9 -13.52 10.88 -0.27
CA LEU B 9 -12.84 11.53 -1.40
C LEU B 9 -13.85 12.12 -2.36
N ALA B 10 -15.02 11.51 -2.42
CA ALA B 10 -16.10 11.97 -3.28
C ALA B 10 -17.43 11.87 -2.56
N THR B 11 -18.05 13.01 -2.31
CA THR B 11 -19.29 13.07 -1.55
C THR B 11 -20.46 12.49 -2.33
N LYS B 12 -20.88 11.29 -1.93
CA LYS B 12 -22.05 10.63 -2.51
C LYS B 12 -21.89 10.41 -4.02
N ALA B 13 -20.70 9.98 -4.42
CA ALA B 13 -20.43 9.69 -5.82
C ALA B 13 -19.95 8.26 -5.98
N GLY A 1 2.77 -17.25 -32.81
CA GLY A 1 1.53 -16.45 -32.67
C GLY A 1 0.86 -16.66 -31.33
N SER A 2 0.25 -17.81 -31.16
CA SER A 2 -0.43 -18.15 -29.92
C SER A 2 0.57 -18.62 -28.87
N HIS A 3 0.57 -17.96 -27.72
CA HIS A 3 1.51 -18.26 -26.66
C HIS A 3 1.02 -19.39 -25.78
N MET A 4 0.40 -20.40 -26.40
CA MET A 4 -0.14 -21.54 -25.66
C MET A 4 0.96 -22.56 -25.40
N ALA A 5 1.99 -22.54 -26.24
CA ALA A 5 3.13 -23.43 -26.09
C ALA A 5 3.98 -22.99 -24.91
N SER A 6 4.39 -21.73 -24.92
CA SER A 6 5.15 -21.18 -23.82
C SER A 6 4.20 -20.67 -22.74
N SER A 7 3.65 -21.59 -21.98
CA SER A 7 2.69 -21.26 -20.94
C SER A 7 3.32 -21.40 -19.57
N CYS A 8 3.54 -20.28 -18.91
CA CYS A 8 4.13 -20.25 -17.59
C CYS A 8 3.78 -18.94 -16.88
N ALA A 9 3.05 -19.03 -15.78
CA ALA A 9 2.67 -17.85 -15.03
C ALA A 9 3.36 -17.80 -13.68
N VAL A 10 4.00 -16.67 -13.39
CA VAL A 10 4.61 -16.45 -12.09
C VAL A 10 3.67 -15.58 -11.26
N GLN A 11 3.54 -15.92 -9.99
CA GLN A 11 2.59 -15.22 -9.14
C GLN A 11 3.30 -14.69 -7.90
N VAL A 12 3.24 -13.39 -7.72
CA VAL A 12 3.86 -12.74 -6.58
C VAL A 12 2.77 -12.28 -5.62
N LYS A 13 3.15 -11.66 -4.51
CA LYS A 13 2.18 -11.20 -3.54
C LYS A 13 2.70 -9.99 -2.79
N LEU A 14 1.93 -8.90 -2.83
CA LEU A 14 2.29 -7.67 -2.14
C LEU A 14 1.40 -7.48 -0.93
N GLU A 15 1.97 -6.93 0.11
CA GLU A 15 1.26 -6.72 1.35
C GLU A 15 0.87 -5.25 1.54
N LEU A 16 -0.42 -5.01 1.79
CA LEU A 16 -0.90 -3.67 2.13
C LEU A 16 -1.38 -3.67 3.57
N GLY A 17 -0.70 -2.93 4.42
CA GLY A 17 -1.12 -2.88 5.80
C GLY A 17 -0.98 -1.49 6.36
N HIS A 18 -1.50 -1.28 7.57
CA HIS A 18 -1.38 0.01 8.21
C HIS A 18 -1.67 -0.10 9.69
N ARG A 19 -0.96 0.71 10.46
CA ARG A 19 -1.14 0.73 11.89
C ARG A 19 -1.59 2.12 12.29
N ALA A 20 -2.62 2.17 13.11
CA ALA A 20 -3.14 3.45 13.52
C ALA A 20 -3.30 3.53 15.03
N GLN A 21 -2.80 4.62 15.57
CA GLN A 21 -2.82 4.91 17.00
C GLN A 21 -3.38 6.32 17.19
N VAL A 22 -3.95 6.61 18.34
CA VAL A 22 -4.37 7.96 18.63
C VAL A 22 -3.37 8.61 19.56
N ARG A 23 -3.27 9.91 19.50
CA ARG A 23 -2.42 10.66 20.39
C ARG A 23 -3.33 11.27 21.44
N LYS A 24 -2.94 11.20 22.70
CA LYS A 24 -3.78 11.76 23.75
C LYS A 24 -3.66 13.28 23.75
N LYS A 25 -2.78 13.77 22.90
CA LYS A 25 -2.69 15.17 22.59
C LYS A 25 -2.57 15.35 21.09
N PRO A 26 -3.69 15.66 20.42
CA PRO A 26 -3.70 15.95 18.97
C PRO A 26 -2.64 16.98 18.59
N THR A 27 -2.23 16.97 17.33
CA THR A 27 -1.14 17.83 16.88
C THR A 27 -1.62 19.26 16.67
N VAL A 28 -0.76 20.11 16.12
CA VAL A 28 -1.05 21.53 15.95
C VAL A 28 -2.29 21.75 15.07
N GLU A 29 -2.49 20.84 14.12
CA GLU A 29 -3.64 20.90 13.24
C GLU A 29 -4.86 20.21 13.85
N GLY A 30 -4.70 19.75 15.09
CA GLY A 30 -5.79 19.10 15.78
C GLY A 30 -6.09 17.73 15.21
N PHE A 31 -5.06 17.07 14.72
CA PHE A 31 -5.20 15.73 14.20
C PHE A 31 -4.95 14.75 15.33
N THR A 32 -5.89 13.84 15.52
CA THR A 32 -5.89 12.98 16.68
C THR A 32 -5.07 11.71 16.47
N HIS A 33 -4.99 11.23 15.24
CA HIS A 33 -4.42 9.93 14.98
C HIS A 33 -3.15 9.99 14.15
N ASP A 34 -2.21 9.12 14.50
CA ASP A 34 -0.99 8.92 13.74
C ASP A 34 -1.06 7.55 13.12
N TRP A 35 -0.93 7.46 11.81
CA TRP A 35 -1.00 6.18 11.14
C TRP A 35 0.20 5.98 10.24
N MET A 36 0.62 4.74 10.12
CA MET A 36 1.68 4.38 9.20
C MET A 36 1.18 3.31 8.26
N VAL A 37 1.25 3.61 6.97
CA VAL A 37 0.84 2.67 5.94
C VAL A 37 2.06 2.05 5.32
N PHE A 38 1.95 0.84 4.80
CA PHE A 38 3.09 0.21 4.19
C PHE A 38 2.71 -0.79 3.12
N VAL A 39 3.62 -0.98 2.16
CA VAL A 39 3.52 -2.06 1.20
C VAL A 39 4.79 -2.89 1.28
N ARG A 40 4.63 -4.18 1.48
CA ARG A 40 5.76 -5.06 1.67
C ARG A 40 5.62 -6.33 0.85
N GLY A 41 6.60 -7.21 0.98
CA GLY A 41 6.55 -8.49 0.32
C GLY A 41 5.96 -9.55 1.22
N PRO A 42 5.97 -10.80 0.80
CA PRO A 42 5.44 -11.90 1.60
C PRO A 42 6.44 -12.40 2.64
N GLU A 43 6.14 -12.15 3.92
CA GLU A 43 6.91 -12.71 5.03
C GLU A 43 8.39 -12.29 5.00
N HIS A 44 8.66 -11.01 5.25
CA HIS A 44 10.04 -10.49 5.39
C HIS A 44 10.78 -10.43 4.05
N SER A 45 10.21 -11.04 3.03
CA SER A 45 10.81 -11.06 1.70
C SER A 45 10.81 -9.66 1.11
N ASN A 46 12.00 -9.15 0.80
CA ASN A 46 12.12 -7.82 0.22
C ASN A 46 11.56 -7.80 -1.20
N ILE A 47 10.66 -6.88 -1.46
CA ILE A 47 10.05 -6.80 -2.78
C ILE A 47 10.83 -5.86 -3.68
N GLN A 48 11.85 -5.23 -3.13
CA GLN A 48 12.64 -4.25 -3.88
C GLN A 48 13.39 -4.91 -5.04
N HIS A 49 13.24 -6.23 -5.19
CA HIS A 49 13.79 -6.94 -6.32
C HIS A 49 12.96 -6.66 -7.57
N PHE A 50 11.64 -6.61 -7.42
CA PHE A 50 10.78 -6.29 -8.57
C PHE A 50 10.09 -4.94 -8.38
N VAL A 51 10.01 -4.50 -7.13
CA VAL A 51 9.40 -3.22 -6.77
C VAL A 51 10.47 -2.15 -6.71
N GLU A 52 10.18 -0.99 -7.29
CA GLU A 52 11.14 0.10 -7.34
C GLU A 52 10.71 1.25 -6.46
N LYS A 53 9.56 1.80 -6.78
CA LYS A 53 9.04 2.94 -6.05
C LYS A 53 7.55 2.74 -5.84
N VAL A 54 7.06 3.23 -4.73
CA VAL A 54 5.65 3.07 -4.42
C VAL A 54 5.06 4.43 -4.10
N VAL A 55 3.74 4.54 -4.20
CA VAL A 55 3.08 5.81 -4.02
C VAL A 55 1.75 5.65 -3.28
N PHE A 56 1.51 6.55 -2.33
CA PHE A 56 0.29 6.56 -1.55
C PHE A 56 -0.42 7.87 -1.78
N HIS A 57 -1.50 7.81 -2.55
CA HIS A 57 -2.29 9.00 -2.82
C HIS A 57 -3.18 9.33 -1.61
N LEU A 58 -2.62 10.09 -0.68
CA LEU A 58 -3.33 10.47 0.53
C LEU A 58 -4.44 11.46 0.23
N HIS A 59 -5.11 11.93 1.26
CA HIS A 59 -6.24 12.84 1.09
C HIS A 59 -5.71 14.22 0.76
N GLU A 60 -6.39 14.89 -0.15
CA GLU A 60 -5.93 16.19 -0.67
C GLU A 60 -5.81 17.24 0.44
N SER A 61 -6.48 16.97 1.55
CA SER A 61 -6.36 17.80 2.76
C SER A 61 -4.91 17.85 3.24
N PHE A 62 -4.17 16.79 2.93
CA PHE A 62 -2.80 16.64 3.37
C PHE A 62 -1.85 17.35 2.40
N PRO A 63 -0.92 18.16 2.92
CA PRO A 63 0.10 18.81 2.10
C PRO A 63 0.94 17.80 1.33
N ARG A 64 0.93 17.92 0.00
CA ARG A 64 1.62 16.98 -0.88
C ARG A 64 1.14 15.55 -0.62
N PRO A 65 -0.14 15.27 -0.96
CA PRO A 65 -0.79 14.00 -0.62
C PRO A 65 -0.16 12.80 -1.30
N LYS A 66 0.63 13.04 -2.34
CA LYS A 66 1.26 11.98 -3.07
C LYS A 66 2.57 11.59 -2.42
N ARG A 67 2.54 10.49 -1.69
CA ARG A 67 3.72 10.00 -1.02
C ARG A 67 4.39 8.92 -1.81
N VAL A 68 5.52 9.22 -2.41
CA VAL A 68 6.30 8.19 -3.08
C VAL A 68 7.42 7.73 -2.16
N CYS A 69 7.64 6.42 -2.10
CA CYS A 69 8.66 5.85 -1.26
C CYS A 69 9.66 5.06 -2.10
N LYS A 70 10.88 5.57 -2.15
CA LYS A 70 11.99 4.93 -2.85
C LYS A 70 12.91 4.24 -1.84
N ASP A 71 12.85 4.75 -0.62
CA ASP A 71 13.66 4.28 0.51
C ASP A 71 13.23 2.86 0.93
N PRO A 72 14.00 2.19 1.83
CA PRO A 72 13.60 0.97 2.58
C PRO A 72 12.09 0.90 2.94
N PRO A 73 11.62 -0.16 3.66
CA PRO A 73 10.22 -0.62 3.66
C PRO A 73 9.21 0.49 3.40
N TYR A 74 8.45 0.31 2.32
CA TYR A 74 7.55 1.33 1.80
C TYR A 74 6.49 1.72 2.83
N LYS A 75 6.73 2.83 3.52
CA LYS A 75 5.79 3.27 4.56
C LYS A 75 5.61 4.78 4.55
N VAL A 76 4.42 5.19 4.98
CA VAL A 76 4.09 6.60 5.12
C VAL A 76 3.56 6.85 6.53
N GLU A 77 4.10 7.86 7.18
CA GLU A 77 3.69 8.23 8.52
C GLU A 77 3.04 9.60 8.52
N GLU A 78 1.74 9.65 8.73
CA GLU A 78 0.99 10.90 8.68
C GLU A 78 0.03 10.97 9.87
N SER A 79 -0.63 12.11 10.02
CA SER A 79 -1.57 12.31 11.12
C SER A 79 -2.91 12.81 10.56
N GLY A 80 -4.02 12.38 11.16
CA GLY A 80 -5.34 12.80 10.72
C GLY A 80 -6.39 12.58 11.78
N TYR A 81 -7.66 12.74 11.43
CA TYR A 81 -8.75 12.53 12.38
C TYR A 81 -9.84 11.62 11.81
N ALA A 82 -9.80 11.36 10.52
CA ALA A 82 -10.82 10.52 9.91
C ALA A 82 -10.24 9.75 8.75
N GLY A 83 -10.64 8.50 8.64
CA GLY A 83 -10.09 7.62 7.63
C GLY A 83 -10.64 7.89 6.24
N PHE A 84 -10.12 7.16 5.26
CA PHE A 84 -10.50 7.33 3.87
C PHE A 84 -9.86 6.22 3.03
N ILE A 85 -10.43 5.95 1.87
CA ILE A 85 -9.84 5.01 0.92
C ILE A 85 -8.51 5.54 0.40
N LEU A 86 -7.46 4.75 0.53
CA LEU A 86 -6.16 5.13 0.04
C LEU A 86 -5.78 4.25 -1.14
N PRO A 87 -5.85 4.81 -2.36
CA PRO A 87 -5.34 4.15 -3.57
C PRO A 87 -3.81 4.09 -3.58
N ILE A 88 -3.26 2.89 -3.44
CA ILE A 88 -1.82 2.70 -3.44
C ILE A 88 -1.37 2.11 -4.76
N GLU A 89 -0.42 2.77 -5.41
CA GLU A 89 0.14 2.27 -6.64
C GLU A 89 1.58 1.84 -6.43
N VAL A 90 1.85 0.59 -6.75
CA VAL A 90 3.19 0.03 -6.59
C VAL A 90 3.89 -0.05 -7.94
N TYR A 91 5.05 0.59 -8.06
CA TYR A 91 5.79 0.63 -9.31
C TYR A 91 6.86 -0.47 -9.40
N PHE A 92 6.88 -1.17 -10.54
CA PHE A 92 7.84 -2.24 -10.79
C PHE A 92 8.79 -1.84 -11.93
N LYS A 93 9.92 -2.55 -12.07
CA LYS A 93 10.84 -2.30 -13.19
C LYS A 93 10.79 -3.43 -14.23
N ASN A 94 10.07 -3.23 -15.33
CA ASN A 94 10.12 -4.20 -16.43
C ASN A 94 9.69 -3.55 -17.76
N LYS A 95 9.74 -4.35 -18.83
CA LYS A 95 9.39 -3.89 -20.18
C LYS A 95 8.11 -4.57 -20.66
N GLU A 96 7.58 -5.45 -19.84
CA GLU A 96 6.40 -6.23 -20.19
C GLU A 96 5.15 -5.62 -19.56
N GLU A 97 4.14 -6.46 -19.31
CA GLU A 97 2.89 -6.09 -18.63
C GLU A 97 3.05 -4.94 -17.62
N PRO A 98 1.95 -4.18 -17.40
CA PRO A 98 1.93 -2.93 -16.62
C PRO A 98 2.92 -2.92 -15.45
N ARG A 99 3.79 -1.93 -15.47
CA ARG A 99 4.84 -1.80 -14.47
C ARG A 99 4.33 -1.09 -13.23
N LYS A 100 3.01 -1.05 -13.08
CA LYS A 100 2.40 -0.45 -11.92
C LYS A 100 1.09 -1.13 -11.59
N VAL A 101 0.80 -1.23 -10.31
CA VAL A 101 -0.43 -1.85 -9.83
C VAL A 101 -1.17 -0.84 -8.98
N ARG A 102 -2.46 -1.01 -8.84
CA ARG A 102 -3.25 -0.11 -8.02
C ARG A 102 -4.10 -0.91 -7.04
N PHE A 103 -3.74 -0.84 -5.76
CA PHE A 103 -4.49 -1.52 -4.72
C PHE A 103 -5.32 -0.52 -3.92
N ASP A 104 -6.63 -0.71 -3.93
CA ASP A 104 -7.52 0.13 -3.13
C ASP A 104 -7.57 -0.41 -1.70
N TYR A 105 -7.00 0.37 -0.78
CA TYR A 105 -6.90 -0.06 0.61
C TYR A 105 -7.54 0.98 1.53
N ASP A 106 -8.45 0.53 2.38
CA ASP A 106 -9.16 1.44 3.29
C ASP A 106 -8.30 1.81 4.47
N LEU A 107 -8.07 3.10 4.66
CA LEU A 107 -7.34 3.57 5.81
C LEU A 107 -8.31 3.96 6.91
N PHE A 108 -8.63 3.02 7.78
CA PHE A 108 -9.56 3.30 8.88
C PHE A 108 -8.81 3.56 10.17
N LEU A 109 -9.50 4.21 11.10
CA LEU A 109 -8.94 4.58 12.39
C LEU A 109 -9.95 4.22 13.49
N HIS A 110 -9.49 4.00 14.72
CA HIS A 110 -10.40 3.73 15.83
C HIS A 110 -10.61 4.98 16.69
N LEU A 111 -11.48 4.89 17.68
CA LEU A 111 -11.87 6.04 18.50
C LEU A 111 -10.73 6.61 19.35
N GLU A 112 -10.68 7.94 19.40
CA GLU A 112 -9.75 8.70 20.26
C GLU A 112 -9.84 8.18 21.70
N GLY A 113 -8.72 7.68 22.19
CA GLY A 113 -8.66 7.17 23.54
C GLY A 113 -8.24 5.72 23.61
N HIS A 114 -8.88 4.86 22.82
CA HIS A 114 -8.53 3.44 22.82
C HIS A 114 -8.67 2.86 21.42
N PRO A 115 -7.72 3.15 20.52
CA PRO A 115 -7.71 2.63 19.18
C PRO A 115 -6.63 1.58 18.92
N PRO A 116 -7.02 0.32 18.73
CA PRO A 116 -6.14 -0.70 18.21
C PRO A 116 -6.36 -0.90 16.72
N VAL A 117 -5.55 -0.28 15.87
CA VAL A 117 -5.70 -0.45 14.44
C VAL A 117 -4.46 -1.06 13.82
N ASN A 118 -4.54 -2.35 13.52
CA ASN A 118 -3.44 -3.03 12.87
C ASN A 118 -3.99 -4.04 11.86
N HIS A 119 -4.04 -3.64 10.60
CA HIS A 119 -4.64 -4.47 9.56
C HIS A 119 -3.64 -4.76 8.45
N LEU A 120 -3.53 -6.03 8.10
CA LEU A 120 -2.64 -6.46 7.02
C LEU A 120 -3.47 -7.03 5.85
N ARG A 121 -2.89 -7.00 4.66
CA ARG A 121 -3.51 -7.59 3.48
C ARG A 121 -2.43 -8.17 2.57
N CYS A 122 -2.74 -9.26 1.90
CA CYS A 122 -1.79 -9.88 0.99
C CYS A 122 -2.43 -10.11 -0.39
N GLU A 123 -1.98 -9.34 -1.38
CA GLU A 123 -2.56 -9.35 -2.71
C GLU A 123 -1.65 -10.04 -3.71
N LYS A 124 -2.19 -11.03 -4.41
CA LYS A 124 -1.42 -11.79 -5.37
C LYS A 124 -1.32 -11.06 -6.71
N LEU A 125 -0.12 -11.04 -7.26
CA LEU A 125 0.13 -10.55 -8.61
C LEU A 125 0.32 -11.73 -9.54
N THR A 126 -0.58 -11.91 -10.48
CA THR A 126 -0.50 -13.05 -11.38
C THR A 126 -0.06 -12.61 -12.77
N PHE A 127 1.11 -13.07 -13.18
CA PHE A 127 1.67 -12.68 -14.46
C PHE A 127 1.78 -13.87 -15.40
N ASN A 128 0.89 -13.91 -16.38
CA ASN A 128 0.87 -14.99 -17.35
C ASN A 128 1.91 -14.77 -18.44
N ASN A 129 2.85 -15.70 -18.52
CA ASN A 129 3.90 -15.71 -19.55
C ASN A 129 4.81 -14.48 -19.44
N PRO A 130 5.60 -14.39 -18.35
CA PRO A 130 6.61 -13.34 -18.18
C PRO A 130 7.96 -13.75 -18.75
N THR A 131 8.91 -12.83 -18.72
CA THR A 131 10.26 -13.14 -19.15
C THR A 131 11.04 -13.75 -18.00
N GLU A 132 11.98 -14.66 -18.28
CA GLU A 132 12.71 -15.36 -17.22
C GLU A 132 13.33 -14.39 -16.22
N ASP A 133 13.92 -13.30 -16.71
CA ASP A 133 14.53 -12.30 -15.84
C ASP A 133 13.52 -11.78 -14.83
N PHE A 134 12.26 -11.73 -15.24
CA PHE A 134 11.22 -11.26 -14.35
C PHE A 134 10.87 -12.33 -13.34
N ARG A 135 10.77 -13.58 -13.82
CA ARG A 135 10.56 -14.71 -12.93
C ARG A 135 11.65 -14.73 -11.87
N ARG A 136 12.87 -14.55 -12.33
CA ARG A 136 14.05 -14.51 -11.48
C ARG A 136 13.88 -13.52 -10.32
N LYS A 137 13.34 -12.35 -10.63
CA LYS A 137 13.12 -11.32 -9.62
C LYS A 137 11.96 -11.70 -8.70
N LEU A 138 10.92 -12.28 -9.29
CA LEU A 138 9.73 -12.66 -8.53
C LEU A 138 10.03 -13.85 -7.61
N LEU A 139 11.02 -14.65 -7.98
CA LEU A 139 11.40 -15.81 -7.18
C LEU A 139 12.35 -15.42 -6.06
N LYS A 140 13.17 -14.43 -6.31
CA LYS A 140 14.16 -14.00 -5.34
C LYS A 140 13.53 -13.20 -4.21
N ALA A 141 12.42 -12.56 -4.51
CA ALA A 141 11.66 -11.83 -3.49
C ALA A 141 11.04 -12.81 -2.49
N GLY B 1 -18.59 3.43 20.17
CA GLY B 1 -18.25 2.94 18.81
C GLY B 1 -16.78 2.60 18.68
N GLY B 2 -16.44 1.85 17.65
CA GLY B 2 -15.06 1.48 17.43
C GLY B 2 -14.48 2.18 16.21
N LYS B 3 -15.32 2.45 15.23
CA LYS B 3 -14.90 3.11 14.01
C LYS B 3 -14.85 4.62 14.19
N ALA B 4 -13.68 5.21 13.92
CA ALA B 4 -13.50 6.65 14.01
C ALA B 4 -14.30 7.34 12.92
N PRO B 5 -14.52 8.67 13.05
CA PRO B 5 -15.19 9.46 12.01
C PRO B 5 -14.62 9.21 10.61
N ARG B 6 -15.37 9.57 9.59
CA ARG B 6 -14.99 9.25 8.22
C ARG B 6 -15.35 10.41 7.28
OH ALY B 7 -7.82 13.47 8.65
CH ALY B 7 -8.00 14.37 7.82
CH3 ALY B 7 -6.98 15.52 7.74
NZ ALY B 7 -9.05 14.39 7.01
CE ALY B 7 -10.08 13.36 7.00
CD ALY B 7 -11.27 13.72 6.12
CG ALY B 7 -12.22 12.55 5.98
CB ALY B 7 -13.62 13.00 5.61
CA ALY B 7 -14.62 11.85 5.47
N ALY B 7 -14.39 10.82 6.47
C ALY B 7 -14.53 11.24 4.08
O ALY B 7 -14.02 10.11 3.93
HH31 ALY B 7 -7.40 16.40 8.20
HH32 ALY B 7 -6.08 15.23 8.27
HH33 ALY B 7 -6.75 15.72 6.71
HZ ALY B 7 -9.15 15.14 6.38
HE3 ALY B 7 -9.67 12.43 6.65
HE2 ALY B 7 -10.44 13.23 8.01
HD3 ALY B 7 -11.80 14.56 6.56
HD2 ALY B 7 -10.90 14.00 5.14
HG3 ALY B 7 -11.84 11.89 5.21
HG2 ALY B 7 -12.27 12.02 6.91
HB3 ALY B 7 -13.97 13.68 6.37
HB2 ALY B 7 -13.56 13.53 4.67
HA ALY B 7 -15.62 12.23 5.61
H ALY B 7 -13.49 10.43 6.56
N GLN B 8 -15.03 11.95 3.07
CA GLN B 8 -15.07 11.48 1.68
C GLN B 8 -16.12 10.38 1.51
N LEU B 9 -15.98 9.31 2.29
CA LEU B 9 -16.92 8.20 2.23
C LEU B 9 -18.03 8.39 3.26
N ALA B 10 -19.24 8.60 2.78
CA ALA B 10 -20.40 8.69 3.65
C ALA B 10 -20.94 7.30 3.94
N THR B 11 -21.48 6.66 2.90
CA THR B 11 -21.93 5.27 2.99
C THR B 11 -22.94 5.09 4.13
N LYS B 12 -23.87 6.02 4.23
CA LYS B 12 -24.90 5.95 5.26
C LYS B 12 -26.22 5.48 4.67
N ALA B 13 -26.20 5.22 3.37
CA ALA B 13 -27.38 4.74 2.67
C ALA B 13 -26.98 3.74 1.60
N GLY A 1 11.59 -24.61 -15.48
CA GLY A 1 11.30 -26.01 -15.85
C GLY A 1 11.77 -26.34 -17.25
N SER A 2 12.20 -27.57 -17.45
CA SER A 2 12.66 -28.02 -18.76
C SER A 2 11.48 -28.38 -19.66
N HIS A 3 10.35 -28.69 -19.04
CA HIS A 3 9.15 -29.01 -19.77
C HIS A 3 8.31 -27.74 -19.94
N MET A 4 8.69 -26.90 -20.89
CA MET A 4 8.04 -25.60 -21.07
C MET A 4 6.84 -25.71 -22.00
N ALA A 5 6.38 -26.93 -22.24
CA ALA A 5 5.15 -27.14 -22.98
C ALA A 5 3.95 -26.68 -22.17
N SER A 6 4.19 -26.48 -20.88
CA SER A 6 3.18 -25.96 -19.97
C SER A 6 3.39 -24.46 -19.79
N SER A 7 2.30 -23.71 -19.82
CA SER A 7 2.35 -22.26 -19.67
C SER A 7 2.81 -21.88 -18.26
N CYS A 8 4.02 -21.35 -18.16
CA CYS A 8 4.59 -20.99 -16.88
C CYS A 8 4.16 -19.59 -16.47
N ALA A 9 3.37 -19.51 -15.41
CA ALA A 9 2.93 -18.23 -14.87
C ALA A 9 3.54 -18.01 -13.50
N VAL A 10 4.04 -16.81 -13.27
CA VAL A 10 4.61 -16.48 -11.97
C VAL A 10 3.65 -15.59 -11.21
N GLN A 11 3.51 -15.86 -9.93
CA GLN A 11 2.57 -15.13 -9.10
C GLN A 11 3.28 -14.54 -7.91
N VAL A 12 3.11 -13.25 -7.72
CA VAL A 12 3.72 -12.56 -6.59
C VAL A 12 2.64 -12.04 -5.65
N LYS A 13 3.04 -11.69 -4.44
CA LYS A 13 2.10 -11.16 -3.46
C LYS A 13 2.61 -9.86 -2.89
N LEU A 14 1.75 -8.85 -2.85
CA LEU A 14 2.11 -7.59 -2.22
C LEU A 14 1.22 -7.36 -1.02
N GLU A 15 1.82 -6.84 0.03
CA GLU A 15 1.14 -6.67 1.28
C GLU A 15 0.82 -5.20 1.53
N LEU A 16 -0.46 -4.90 1.69
CA LEU A 16 -0.90 -3.56 2.07
C LEU A 16 -1.32 -3.57 3.53
N GLY A 17 -0.57 -2.92 4.38
CA GLY A 17 -0.91 -2.91 5.78
C GLY A 17 -0.77 -1.55 6.39
N HIS A 18 -1.30 -1.37 7.58
CA HIS A 18 -1.18 -0.09 8.24
C HIS A 18 -1.50 -0.21 9.72
N ARG A 19 -0.87 0.65 10.50
CA ARG A 19 -1.14 0.74 11.93
C ARG A 19 -1.72 2.10 12.21
N ALA A 20 -2.69 2.15 13.09
CA ALA A 20 -3.24 3.43 13.47
C ALA A 20 -3.24 3.62 14.97
N GLN A 21 -2.55 4.66 15.42
CA GLN A 21 -2.46 4.97 16.84
C GLN A 21 -3.16 6.30 17.09
N VAL A 22 -3.73 6.46 18.26
CA VAL A 22 -4.26 7.74 18.65
C VAL A 22 -3.29 8.37 19.63
N ARG A 23 -3.39 9.67 19.81
CA ARG A 23 -2.53 10.36 20.75
C ARG A 23 -3.42 10.95 21.84
N LYS A 24 -3.00 10.79 23.08
CA LYS A 24 -3.77 11.32 24.21
C LYS A 24 -3.68 12.85 24.19
N LYS A 25 -2.77 13.35 23.38
CA LYS A 25 -2.66 14.78 23.11
C LYS A 25 -2.48 14.98 21.61
N PRO A 26 -3.55 15.37 20.90
CA PRO A 26 -3.48 15.70 19.47
C PRO A 26 -2.35 16.67 19.16
N THR A 27 -1.88 16.64 17.92
CA THR A 27 -0.68 17.37 17.55
C THR A 27 -0.98 18.85 17.36
N VAL A 28 -0.01 19.61 16.91
CA VAL A 28 -0.14 21.05 16.79
C VAL A 28 -1.18 21.40 15.72
N GLU A 29 -1.29 20.55 14.72
CA GLU A 29 -2.29 20.69 13.68
C GLU A 29 -3.66 20.26 14.19
N GLY A 30 -3.69 19.73 15.40
CA GLY A 30 -4.93 19.30 16.01
C GLY A 30 -5.41 17.97 15.48
N PHE A 31 -4.47 17.11 15.16
CA PHE A 31 -4.81 15.80 14.64
C PHE A 31 -4.64 14.77 15.74
N THR A 32 -5.60 13.87 15.83
CA THR A 32 -5.70 12.96 16.96
C THR A 32 -4.98 11.64 16.71
N HIS A 33 -4.81 11.27 15.45
CA HIS A 33 -4.30 9.95 15.11
C HIS A 33 -3.03 10.02 14.29
N ASP A 34 -2.14 9.07 14.53
CA ASP A 34 -0.95 8.89 13.71
C ASP A 34 -1.01 7.50 13.10
N TRP A 35 -0.92 7.42 11.80
CA TRP A 35 -0.99 6.14 11.12
C TRP A 35 0.21 5.92 10.23
N MET A 36 0.64 4.68 10.11
CA MET A 36 1.73 4.33 9.23
C MET A 36 1.28 3.24 8.27
N VAL A 37 1.25 3.59 7.00
CA VAL A 37 0.87 2.65 5.95
C VAL A 37 2.12 2.07 5.31
N PHE A 38 2.04 0.85 4.81
CA PHE A 38 3.20 0.22 4.18
C PHE A 38 2.80 -0.78 3.11
N VAL A 39 3.70 -1.01 2.16
CA VAL A 39 3.55 -2.06 1.18
C VAL A 39 4.79 -2.96 1.19
N ARG A 40 4.58 -4.26 1.29
CA ARG A 40 5.67 -5.21 1.38
C ARG A 40 5.44 -6.41 0.47
N GLY A 41 6.35 -7.38 0.53
CA GLY A 41 6.20 -8.59 -0.25
C GLY A 41 5.44 -9.67 0.49
N PRO A 42 5.53 -10.91 0.02
CA PRO A 42 4.86 -12.03 0.67
C PRO A 42 5.54 -12.40 1.99
N GLU A 43 4.85 -12.12 3.09
CA GLU A 43 5.32 -12.45 4.43
C GLU A 43 6.74 -11.92 4.70
N HIS A 44 6.88 -10.59 4.78
CA HIS A 44 8.13 -9.93 5.19
C HIS A 44 9.20 -9.95 4.08
N SER A 45 8.93 -10.64 3.00
CA SER A 45 9.85 -10.71 1.87
C SER A 45 10.11 -9.32 1.26
N ASN A 46 11.37 -9.02 0.97
CA ASN A 46 11.75 -7.74 0.38
C ASN A 46 11.31 -7.70 -1.09
N ILE A 47 10.57 -6.67 -1.46
CA ILE A 47 10.01 -6.59 -2.80
C ILE A 47 10.84 -5.73 -3.75
N GLN A 48 11.88 -5.09 -3.24
CA GLN A 48 12.67 -4.16 -4.04
C GLN A 48 13.39 -4.84 -5.22
N HIS A 49 13.20 -6.15 -5.34
CA HIS A 49 13.73 -6.92 -6.46
C HIS A 49 12.87 -6.71 -7.70
N PHE A 50 11.56 -6.57 -7.52
CA PHE A 50 10.68 -6.28 -8.65
C PHE A 50 9.92 -4.98 -8.44
N VAL A 51 9.88 -4.50 -7.21
CA VAL A 51 9.25 -3.22 -6.88
C VAL A 51 10.30 -2.12 -6.89
N GLU A 52 10.04 -1.08 -7.66
CA GLU A 52 10.97 0.01 -7.80
C GLU A 52 10.62 1.16 -6.86
N LYS A 53 9.40 1.66 -7.01
CA LYS A 53 8.94 2.82 -6.28
C LYS A 53 7.46 2.67 -5.99
N VAL A 54 7.00 3.25 -4.90
CA VAL A 54 5.61 3.14 -4.52
C VAL A 54 5.04 4.51 -4.18
N VAL A 55 3.72 4.63 -4.26
CA VAL A 55 3.06 5.91 -4.05
C VAL A 55 1.74 5.74 -3.28
N PHE A 56 1.51 6.66 -2.34
CA PHE A 56 0.30 6.66 -1.53
C PHE A 56 -0.43 7.97 -1.74
N HIS A 57 -1.56 7.90 -2.40
CA HIS A 57 -2.39 9.08 -2.63
C HIS A 57 -3.25 9.34 -1.39
N LEU A 58 -2.79 10.22 -0.52
CA LEU A 58 -3.50 10.52 0.71
C LEU A 58 -4.68 11.43 0.44
N HIS A 59 -5.39 11.80 1.47
CA HIS A 59 -6.59 12.59 1.31
C HIS A 59 -6.22 14.07 1.27
N GLU A 60 -7.03 14.82 0.56
CA GLU A 60 -6.75 16.22 0.20
C GLU A 60 -6.36 17.10 1.40
N SER A 61 -6.85 16.76 2.58
CA SER A 61 -6.57 17.54 3.78
C SER A 61 -5.17 17.21 4.33
N PHE A 62 -4.52 16.22 3.74
CA PHE A 62 -3.17 15.85 4.13
C PHE A 62 -2.15 16.64 3.31
N PRO A 63 -1.12 17.19 3.96
CA PRO A 63 -0.03 17.87 3.26
C PRO A 63 0.81 16.85 2.50
N ARG A 64 1.16 17.17 1.27
CA ARG A 64 1.84 16.22 0.39
C ARG A 64 0.93 15.02 0.15
N PRO A 65 -0.12 15.17 -0.67
CA PRO A 65 -1.08 14.08 -0.90
C PRO A 65 -0.46 12.89 -1.61
N LYS A 66 0.67 13.11 -2.26
CA LYS A 66 1.35 12.07 -2.98
C LYS A 66 2.64 11.68 -2.28
N ARG A 67 2.63 10.52 -1.66
CA ARG A 67 3.81 10.03 -0.97
C ARG A 67 4.50 8.94 -1.76
N VAL A 68 5.55 9.30 -2.47
CA VAL A 68 6.36 8.32 -3.17
C VAL A 68 7.48 7.80 -2.26
N CYS A 69 7.72 6.50 -2.29
CA CYS A 69 8.80 5.91 -1.53
C CYS A 69 9.68 5.05 -2.43
N LYS A 70 10.93 5.46 -2.56
CA LYS A 70 11.94 4.70 -3.32
C LYS A 70 12.92 4.03 -2.36
N ASP A 71 13.07 4.65 -1.19
CA ASP A 71 14.03 4.23 -0.15
C ASP A 71 13.58 2.92 0.51
N PRO A 72 14.33 2.41 1.54
CA PRO A 72 13.86 1.39 2.50
C PRO A 72 12.35 1.42 2.81
N PRO A 73 11.85 0.48 3.66
CA PRO A 73 10.44 0.05 3.71
C PRO A 73 9.43 1.10 3.21
N TYR A 74 8.66 0.72 2.21
CA TYR A 74 7.63 1.56 1.64
C TYR A 74 6.55 1.88 2.68
N LYS A 75 6.72 2.98 3.39
CA LYS A 75 5.75 3.38 4.40
C LYS A 75 5.59 4.89 4.48
N VAL A 76 4.40 5.28 4.90
CA VAL A 76 4.06 6.66 5.12
C VAL A 76 3.56 6.85 6.55
N GLU A 77 4.14 7.81 7.24
CA GLU A 77 3.73 8.13 8.59
C GLU A 77 3.13 9.52 8.63
N GLU A 78 1.84 9.61 8.89
CA GLU A 78 1.16 10.91 8.93
C GLU A 78 0.12 10.96 10.05
N SER A 79 -0.45 12.13 10.26
CA SER A 79 -1.40 12.35 11.35
C SER A 79 -2.74 12.81 10.78
N GLY A 80 -3.83 12.40 11.42
CA GLY A 80 -5.17 12.78 10.98
C GLY A 80 -6.20 12.56 12.06
N TYR A 81 -7.47 12.44 11.68
CA TYR A 81 -8.52 12.18 12.66
C TYR A 81 -9.62 11.24 12.12
N ALA A 82 -9.70 11.09 10.80
CA ALA A 82 -10.77 10.29 10.21
C ALA A 82 -10.27 9.51 9.02
N GLY A 83 -10.75 8.28 8.90
CA GLY A 83 -10.26 7.36 7.89
C GLY A 83 -10.82 7.63 6.50
N PHE A 84 -10.24 6.96 5.51
CA PHE A 84 -10.62 7.15 4.11
C PHE A 84 -9.97 6.06 3.25
N ILE A 85 -10.53 5.82 2.07
CA ILE A 85 -9.91 4.92 1.09
C ILE A 85 -8.62 5.52 0.56
N LEU A 86 -7.54 4.75 0.66
CA LEU A 86 -6.23 5.18 0.17
C LEU A 86 -5.86 4.32 -1.04
N PRO A 87 -5.94 4.89 -2.25
CA PRO A 87 -5.43 4.24 -3.46
C PRO A 87 -3.90 4.21 -3.49
N ILE A 88 -3.35 3.00 -3.41
CA ILE A 88 -1.90 2.81 -3.43
C ILE A 88 -1.46 2.23 -4.75
N GLU A 89 -0.48 2.86 -5.38
CA GLU A 89 0.06 2.36 -6.61
C GLU A 89 1.49 1.89 -6.41
N VAL A 90 1.74 0.64 -6.74
CA VAL A 90 3.04 0.04 -6.58
C VAL A 90 3.73 -0.08 -7.95
N TYR A 91 4.86 0.59 -8.10
CA TYR A 91 5.59 0.58 -9.37
C TYR A 91 6.61 -0.55 -9.41
N PHE A 92 6.71 -1.18 -10.57
CA PHE A 92 7.68 -2.24 -10.78
C PHE A 92 8.73 -1.79 -11.79
N LYS A 93 9.85 -2.50 -11.88
CA LYS A 93 10.93 -2.11 -12.78
C LYS A 93 11.21 -3.17 -13.85
N ASN A 94 10.58 -3.02 -15.01
CA ASN A 94 10.84 -3.89 -16.16
C ASN A 94 10.37 -3.21 -17.44
N LYS A 95 10.40 -3.94 -18.55
CA LYS A 95 9.95 -3.40 -19.83
C LYS A 95 8.64 -4.07 -20.28
N GLU A 96 8.13 -4.97 -19.47
CA GLU A 96 7.01 -5.81 -19.88
C GLU A 96 5.69 -5.28 -19.30
N GLU A 97 4.71 -6.19 -19.16
CA GLU A 97 3.37 -5.89 -18.61
C GLU A 97 3.38 -4.80 -17.54
N PRO A 98 2.27 -4.02 -17.42
CA PRO A 98 2.21 -2.74 -16.70
C PRO A 98 3.15 -2.63 -15.51
N ARG A 99 3.95 -1.56 -15.52
CA ARG A 99 4.94 -1.31 -14.48
C ARG A 99 4.31 -0.64 -13.26
N LYS A 100 3.00 -0.74 -13.13
CA LYS A 100 2.31 -0.16 -11.99
C LYS A 100 1.01 -0.88 -11.71
N VAL A 101 0.73 -1.08 -10.45
CA VAL A 101 -0.51 -1.69 -10.00
C VAL A 101 -1.25 -0.71 -9.10
N ARG A 102 -2.54 -0.86 -8.98
CA ARG A 102 -3.32 0.04 -8.14
C ARG A 102 -4.18 -0.75 -7.15
N PHE A 103 -3.79 -0.72 -5.89
CA PHE A 103 -4.53 -1.39 -4.84
C PHE A 103 -5.35 -0.38 -4.04
N ASP A 104 -6.65 -0.62 -3.96
CA ASP A 104 -7.54 0.23 -3.17
C ASP A 104 -7.60 -0.28 -1.73
N TYR A 105 -6.87 0.38 -0.86
CA TYR A 105 -6.76 -0.04 0.52
C TYR A 105 -7.49 0.91 1.45
N ASP A 106 -8.28 0.36 2.34
CA ASP A 106 -9.04 1.14 3.29
C ASP A 106 -8.17 1.55 4.47
N LEU A 107 -8.00 2.85 4.66
CA LEU A 107 -7.27 3.35 5.81
C LEU A 107 -8.23 3.70 6.93
N PHE A 108 -8.50 2.74 7.80
CA PHE A 108 -9.44 2.95 8.89
C PHE A 108 -8.71 3.19 10.21
N LEU A 109 -9.40 3.85 11.13
CA LEU A 109 -8.83 4.25 12.41
C LEU A 109 -9.83 3.92 13.51
N HIS A 110 -9.33 3.92 14.73
CA HIS A 110 -10.13 3.63 15.91
C HIS A 110 -10.52 4.94 16.60
N LEU A 111 -11.50 4.87 17.48
CA LEU A 111 -11.88 6.03 18.29
C LEU A 111 -10.72 6.49 19.17
N GLU A 112 -10.73 7.78 19.52
CA GLU A 112 -9.76 8.37 20.44
C GLU A 112 -9.93 7.72 21.81
N GLY A 113 -9.07 6.74 22.11
CA GLY A 113 -9.16 6.03 23.38
C GLY A 113 -9.82 4.67 23.24
N HIS A 114 -9.69 4.05 22.06
CA HIS A 114 -10.28 2.74 21.80
C HIS A 114 -9.25 1.88 21.06
N PRO A 115 -9.24 0.53 21.25
CA PRO A 115 -8.33 -0.42 20.55
C PRO A 115 -7.80 0.08 19.18
N PRO A 116 -6.47 0.33 19.09
CA PRO A 116 -5.79 0.72 17.85
C PRO A 116 -5.99 -0.26 16.69
N VAL A 117 -5.37 0.07 15.57
CA VAL A 117 -5.57 -0.65 14.32
C VAL A 117 -4.24 -1.18 13.79
N ASN A 118 -4.22 -2.46 13.46
CA ASN A 118 -3.09 -3.06 12.79
C ASN A 118 -3.60 -4.11 11.82
N HIS A 119 -3.73 -3.72 10.56
CA HIS A 119 -4.33 -4.60 9.56
C HIS A 119 -3.36 -4.90 8.43
N LEU A 120 -3.21 -6.17 8.11
CA LEU A 120 -2.40 -6.60 6.99
C LEU A 120 -3.30 -7.10 5.87
N ARG A 121 -2.84 -6.93 4.64
CA ARG A 121 -3.60 -7.40 3.47
C ARG A 121 -2.64 -7.99 2.45
N CYS A 122 -3.01 -9.09 1.86
CA CYS A 122 -2.15 -9.76 0.89
C CYS A 122 -2.82 -9.86 -0.47
N GLU A 123 -2.23 -9.20 -1.45
CA GLU A 123 -2.72 -9.22 -2.81
C GLU A 123 -1.83 -10.09 -3.69
N LYS A 124 -2.36 -10.55 -4.81
CA LYS A 124 -1.64 -11.48 -5.65
C LYS A 124 -1.53 -10.96 -7.09
N LEU A 125 -0.31 -10.87 -7.57
CA LEU A 125 -0.01 -10.47 -8.93
C LEU A 125 0.24 -11.71 -9.77
N THR A 126 -0.53 -11.90 -10.82
CA THR A 126 -0.34 -13.08 -11.66
C THR A 126 0.14 -12.69 -13.05
N PHE A 127 1.29 -13.23 -13.43
CA PHE A 127 1.90 -12.91 -14.71
C PHE A 127 2.08 -14.18 -15.55
N ASN A 128 1.26 -14.30 -16.59
CA ASN A 128 1.29 -15.48 -17.45
C ASN A 128 2.39 -15.36 -18.50
N ASN A 129 3.26 -16.36 -18.53
CA ASN A 129 4.38 -16.42 -19.50
C ASN A 129 5.21 -15.12 -19.51
N PRO A 130 5.92 -14.85 -18.40
CA PRO A 130 6.83 -13.70 -18.31
C PRO A 130 8.22 -14.02 -18.85
N THR A 131 9.11 -13.05 -18.79
CA THR A 131 10.50 -13.29 -19.08
C THR A 131 11.14 -13.93 -17.85
N GLU A 132 12.02 -14.90 -18.07
CA GLU A 132 12.63 -15.66 -16.99
C GLU A 132 13.39 -14.78 -16.00
N ASP A 133 14.00 -13.70 -16.49
CA ASP A 133 14.71 -12.78 -15.61
C ASP A 133 13.72 -12.10 -14.67
N PHE A 134 12.50 -11.91 -15.14
CA PHE A 134 11.47 -11.31 -14.32
C PHE A 134 10.99 -12.30 -13.30
N ARG A 135 10.83 -13.55 -13.73
CA ARG A 135 10.51 -14.64 -12.81
C ARG A 135 11.56 -14.69 -11.70
N ARG A 136 12.82 -14.59 -12.10
CA ARG A 136 13.93 -14.61 -11.17
C ARG A 136 13.78 -13.53 -10.08
N LYS A 137 13.30 -12.36 -10.49
CA LYS A 137 13.08 -11.26 -9.55
C LYS A 137 11.91 -11.57 -8.63
N LEU A 138 10.87 -12.17 -9.19
CA LEU A 138 9.68 -12.52 -8.44
C LEU A 138 9.97 -13.66 -7.45
N LEU A 139 10.90 -14.55 -7.82
CA LEU A 139 11.25 -15.70 -7.00
C LEU A 139 12.21 -15.31 -5.89
N LYS A 140 13.06 -14.33 -6.17
CA LYS A 140 14.07 -13.90 -5.20
C LYS A 140 13.45 -13.05 -4.11
N ALA A 141 12.36 -12.38 -4.42
CA ALA A 141 11.63 -11.62 -3.41
C ALA A 141 10.93 -12.55 -2.43
N GLY B 1 -19.00 4.65 17.68
CA GLY B 1 -18.05 3.90 18.53
C GLY B 1 -17.24 2.90 17.74
N GLY B 2 -16.01 2.66 18.17
CA GLY B 2 -15.16 1.71 17.48
C GLY B 2 -14.44 2.34 16.31
N LYS B 3 -15.12 2.36 15.16
CA LYS B 3 -14.55 2.95 13.96
C LYS B 3 -14.59 4.47 14.03
N ALA B 4 -13.44 5.09 13.81
CA ALA B 4 -13.30 6.54 13.81
C ALA B 4 -14.13 7.16 12.70
N PRO B 5 -14.35 8.50 12.75
CA PRO B 5 -15.03 9.23 11.69
C PRO B 5 -14.44 8.98 10.30
N ARG B 6 -15.06 9.55 9.28
CA ARG B 6 -14.69 9.25 7.92
C ARG B 6 -14.78 10.50 7.05
OH ALY B 7 -7.47 13.01 9.01
CH ALY B 7 -7.67 14.06 8.39
CH3 ALY B 7 -6.56 15.12 8.35
NZ ALY B 7 -8.81 14.28 7.77
CE ALY B 7 -9.92 13.34 7.75
CD ALY B 7 -10.82 13.56 6.55
CG ALY B 7 -11.78 12.38 6.38
CB ALY B 7 -12.57 12.47 5.09
CA ALY B 7 -13.91 11.76 5.15
N ALY B 7 -13.87 10.64 6.10
C ALY B 7 -14.30 11.24 3.78
O ALY B 7 -13.68 11.55 2.77
HH31 ALY B 7 -6.87 15.97 8.95
HH32 ALY B 7 -5.65 14.71 8.74
HH33 ALY B 7 -6.41 15.45 7.33
HZ ALY B 7 -8.93 15.14 7.30
HE3 ALY B 7 -9.53 12.34 7.71
HE2 ALY B 7 -10.50 13.47 8.65
HD3 ALY B 7 -11.41 14.46 6.72
HD2 ALY B 7 -10.22 13.66 5.67
HG3 ALY B 7 -11.20 11.47 6.36
HG2 ALY B 7 -12.47 12.37 7.21
HB3 ALY B 7 -12.73 13.51 4.86
HB2 ALY B 7 -11.97 12.03 4.30
HA ALY B 7 -14.67 12.44 5.49
H ALY B 7 -13.14 9.98 6.02
N GLN B 8 -15.34 10.41 3.76
CA GLN B 8 -15.84 9.79 2.54
C GLN B 8 -17.36 9.85 2.55
N LEU B 9 -17.95 9.36 3.64
CA LEU B 9 -19.40 9.40 3.83
C LEU B 9 -20.11 8.66 2.70
N ALA B 10 -19.84 7.36 2.61
CA ALA B 10 -20.42 6.52 1.59
C ALA B 10 -21.82 6.06 1.99
N THR B 11 -22.77 6.99 1.91
CA THR B 11 -24.16 6.69 2.23
C THR B 11 -25.07 7.47 1.28
N LYS B 12 -24.49 7.93 0.18
CA LYS B 12 -25.21 8.75 -0.78
C LYS B 12 -25.45 7.97 -2.07
N ALA B 13 -25.76 6.70 -1.92
CA ALA B 13 -26.04 5.84 -3.05
C ALA B 13 -27.39 5.16 -2.89
N GLY A 1 11.97 -28.16 -29.10
CA GLY A 1 10.61 -28.67 -28.82
C GLY A 1 9.59 -27.57 -28.83
N SER A 2 8.36 -27.89 -29.24
CA SER A 2 7.29 -26.90 -29.29
C SER A 2 6.62 -26.80 -27.94
N HIS A 3 6.78 -25.65 -27.29
CA HIS A 3 6.17 -25.42 -25.98
C HIS A 3 5.66 -23.99 -25.87
N MET A 4 5.27 -23.44 -27.00
CA MET A 4 4.75 -22.08 -27.05
C MET A 4 3.31 -22.03 -26.53
N ALA A 5 2.70 -23.20 -26.41
CA ALA A 5 1.35 -23.31 -25.85
C ALA A 5 1.41 -23.48 -24.34
N SER A 6 2.61 -23.68 -23.82
CA SER A 6 2.80 -23.86 -22.39
C SER A 6 3.09 -22.51 -21.74
N SER A 7 2.05 -21.85 -21.27
CA SER A 7 2.19 -20.56 -20.63
C SER A 7 2.58 -20.75 -19.16
N CYS A 8 3.82 -20.41 -18.85
CA CYS A 8 4.31 -20.55 -17.48
C CYS A 8 4.14 -19.24 -16.73
N ALA A 9 3.23 -19.24 -15.77
CA ALA A 9 2.90 -18.02 -15.05
C ALA A 9 3.62 -17.93 -13.72
N VAL A 10 4.07 -16.73 -13.36
CA VAL A 10 4.64 -16.49 -12.06
C VAL A 10 3.68 -15.60 -11.28
N GLN A 11 3.53 -15.89 -10.00
CA GLN A 11 2.56 -15.17 -9.19
C GLN A 11 3.21 -14.64 -7.93
N VAL A 12 3.19 -13.32 -7.78
CA VAL A 12 3.78 -12.67 -6.62
C VAL A 12 2.68 -12.15 -5.71
N LYS A 13 3.04 -11.72 -4.52
CA LYS A 13 2.07 -11.18 -3.59
C LYS A 13 2.61 -9.92 -2.92
N LEU A 14 1.79 -8.90 -2.86
CA LEU A 14 2.15 -7.68 -2.18
C LEU A 14 1.25 -7.48 -0.98
N GLU A 15 1.83 -6.97 0.08
CA GLU A 15 1.14 -6.79 1.33
C GLU A 15 0.77 -5.32 1.54
N LEU A 16 -0.51 -5.05 1.73
CA LEU A 16 -0.97 -3.70 2.05
C LEU A 16 -1.47 -3.67 3.48
N GLY A 17 -0.79 -2.95 4.34
CA GLY A 17 -1.19 -2.90 5.72
C GLY A 17 -1.00 -1.53 6.32
N HIS A 18 -1.43 -1.35 7.56
CA HIS A 18 -1.28 -0.07 8.22
C HIS A 18 -1.55 -0.20 9.70
N ARG A 19 -0.91 0.66 10.47
CA ARG A 19 -1.19 0.79 11.88
C ARG A 19 -1.72 2.16 12.14
N ALA A 20 -2.53 2.30 13.17
CA ALA A 20 -3.04 3.60 13.53
C ALA A 20 -3.17 3.74 15.03
N GLN A 21 -2.71 4.88 15.52
CA GLN A 21 -2.80 5.23 16.92
C GLN A 21 -3.33 6.64 17.05
N VAL A 22 -3.84 6.99 18.21
CA VAL A 22 -4.17 8.36 18.51
C VAL A 22 -3.10 8.93 19.43
N ARG A 23 -3.00 10.25 19.50
CA ARG A 23 -2.10 10.88 20.44
C ARG A 23 -2.93 11.42 21.58
N LYS A 24 -2.40 11.35 22.80
CA LYS A 24 -3.07 11.91 23.96
C LYS A 24 -3.13 13.43 23.83
N LYS A 25 -2.26 13.94 22.97
CA LYS A 25 -2.23 15.34 22.60
C LYS A 25 -2.11 15.47 21.09
N PRO A 26 -3.20 15.85 20.40
CA PRO A 26 -3.19 16.12 18.95
C PRO A 26 -2.06 17.06 18.55
N THR A 27 -1.76 17.10 17.25
CA THR A 27 -0.64 17.91 16.77
C THR A 27 -1.07 19.37 16.58
N VAL A 28 -0.18 20.20 16.07
CA VAL A 28 -0.42 21.63 15.98
C VAL A 28 -1.61 21.94 15.07
N GLU A 29 -1.82 21.09 14.07
CA GLU A 29 -2.94 21.25 13.14
C GLU A 29 -4.22 20.65 13.74
N GLY A 30 -4.10 20.11 14.94
CA GLY A 30 -5.24 19.52 15.62
C GLY A 30 -5.61 18.18 15.05
N PHE A 31 -4.61 17.43 14.62
CA PHE A 31 -4.84 16.09 14.12
C PHE A 31 -4.59 15.11 15.25
N THR A 32 -5.54 14.20 15.44
CA THR A 32 -5.53 13.34 16.61
C THR A 32 -4.78 12.04 16.36
N HIS A 33 -4.78 11.57 15.13
CA HIS A 33 -4.27 10.23 14.84
C HIS A 33 -3.01 10.28 14.01
N ASP A 34 -2.13 9.32 14.26
CA ASP A 34 -0.95 9.11 13.45
C ASP A 34 -0.96 7.70 12.94
N TRP A 35 -0.93 7.55 11.64
CA TRP A 35 -0.99 6.24 11.04
C TRP A 35 0.21 5.99 10.15
N MET A 36 0.60 4.73 10.05
CA MET A 36 1.68 4.35 9.17
C MET A 36 1.21 3.25 8.23
N VAL A 37 1.22 3.56 6.94
CA VAL A 37 0.83 2.61 5.92
C VAL A 37 2.07 2.01 5.30
N PHE A 38 1.98 0.78 4.83
CA PHE A 38 3.12 0.13 4.22
C PHE A 38 2.72 -0.89 3.16
N VAL A 39 3.64 -1.12 2.23
CA VAL A 39 3.50 -2.20 1.27
C VAL A 39 4.74 -3.10 1.36
N ARG A 40 4.52 -4.39 1.51
CA ARG A 40 5.60 -5.32 1.73
C ARG A 40 5.48 -6.54 0.82
N GLY A 41 6.41 -7.46 0.96
CA GLY A 41 6.41 -8.66 0.15
C GLY A 41 5.77 -9.83 0.87
N PRO A 42 5.78 -11.02 0.24
CA PRO A 42 5.18 -12.22 0.83
C PRO A 42 5.95 -12.72 2.04
N GLU A 43 5.34 -12.62 3.21
CA GLU A 43 5.94 -13.08 4.46
C GLU A 43 7.28 -12.41 4.74
N HIS A 44 7.27 -11.07 4.73
CA HIS A 44 8.44 -10.25 5.07
C HIS A 44 9.53 -10.30 4.00
N SER A 45 9.29 -11.03 2.91
CA SER A 45 10.23 -11.08 1.80
C SER A 45 10.39 -9.70 1.17
N ASN A 46 11.62 -9.22 1.03
CA ASN A 46 11.86 -7.89 0.49
C ASN A 46 11.48 -7.84 -0.98
N ILE A 47 10.66 -6.85 -1.33
CA ILE A 47 10.12 -6.76 -2.67
C ILE A 47 10.94 -5.85 -3.57
N GLN A 48 11.99 -5.26 -3.01
CA GLN A 48 12.85 -4.33 -3.77
C GLN A 48 13.50 -4.99 -4.99
N HIS A 49 13.27 -6.29 -5.17
CA HIS A 49 13.83 -6.99 -6.32
C HIS A 49 12.96 -6.81 -7.56
N PHE A 50 11.66 -6.66 -7.39
CA PHE A 50 10.79 -6.34 -8.52
C PHE A 50 10.05 -5.01 -8.30
N VAL A 51 9.98 -4.58 -7.06
CA VAL A 51 9.34 -3.31 -6.72
C VAL A 51 10.38 -2.20 -6.74
N GLU A 52 10.05 -1.11 -7.42
CA GLU A 52 10.99 0.00 -7.59
C GLU A 52 10.63 1.14 -6.65
N LYS A 53 9.42 1.64 -6.82
CA LYS A 53 8.94 2.77 -6.05
C LYS A 53 7.47 2.60 -5.79
N VAL A 54 7.00 3.13 -4.68
CA VAL A 54 5.60 3.00 -4.33
C VAL A 54 5.04 4.36 -4.00
N VAL A 55 3.72 4.49 -4.10
CA VAL A 55 3.07 5.76 -3.94
C VAL A 55 1.75 5.62 -3.19
N PHE A 56 1.55 6.48 -2.21
CA PHE A 56 0.34 6.49 -1.42
C PHE A 56 -0.35 7.81 -1.63
N HIS A 57 -1.46 7.76 -2.34
CA HIS A 57 -2.25 8.96 -2.59
C HIS A 57 -3.10 9.28 -1.38
N LEU A 58 -2.57 10.11 -0.49
CA LEU A 58 -3.27 10.50 0.73
C LEU A 58 -4.38 11.48 0.39
N HIS A 59 -5.07 11.97 1.40
CA HIS A 59 -6.20 12.86 1.15
C HIS A 59 -5.66 14.23 0.81
N GLU A 60 -6.39 14.93 -0.05
CA GLU A 60 -6.00 16.25 -0.55
C GLU A 60 -5.75 17.24 0.59
N SER A 61 -6.29 16.93 1.76
CA SER A 61 -6.10 17.74 2.96
C SER A 61 -4.65 17.66 3.45
N PHE A 62 -3.97 16.57 3.09
CA PHE A 62 -2.62 16.32 3.55
C PHE A 62 -1.61 17.10 2.71
N PRO A 63 -0.59 17.71 3.34
CA PRO A 63 0.48 18.40 2.62
C PRO A 63 1.32 17.41 1.81
N ARG A 64 1.32 17.60 0.49
CA ARG A 64 1.98 16.67 -0.45
C ARG A 64 1.39 15.27 -0.29
N PRO A 65 0.11 15.09 -0.69
CA PRO A 65 -0.61 13.83 -0.48
C PRO A 65 0.01 12.64 -1.23
N LYS A 66 0.84 12.93 -2.22
CA LYS A 66 1.47 11.88 -2.98
C LYS A 66 2.79 11.48 -2.32
N ARG A 67 2.76 10.38 -1.61
CA ARG A 67 3.93 9.89 -0.92
C ARG A 67 4.64 8.81 -1.73
N VAL A 68 5.68 9.22 -2.44
CA VAL A 68 6.52 8.27 -3.14
C VAL A 68 7.56 7.68 -2.19
N CYS A 69 7.76 6.38 -2.27
CA CYS A 69 8.75 5.71 -1.43
C CYS A 69 9.63 4.80 -2.29
N LYS A 70 10.88 5.20 -2.47
CA LYS A 70 11.86 4.41 -3.21
C LYS A 70 12.88 3.77 -2.25
N ASP A 71 13.01 4.41 -1.10
CA ASP A 71 13.95 4.01 -0.06
C ASP A 71 13.50 2.69 0.61
N PRO A 72 14.27 2.16 1.61
CA PRO A 72 13.82 1.12 2.56
C PRO A 72 12.32 1.16 2.89
N PRO A 73 11.82 0.22 3.74
CA PRO A 73 10.42 -0.23 3.76
C PRO A 73 9.41 0.83 3.31
N TYR A 74 8.63 0.47 2.31
CA TYR A 74 7.59 1.35 1.78
C TYR A 74 6.55 1.67 2.84
N LYS A 75 6.74 2.78 3.53
CA LYS A 75 5.83 3.18 4.60
C LYS A 75 5.68 4.69 4.69
N VAL A 76 4.47 5.11 5.04
CA VAL A 76 4.15 6.52 5.18
C VAL A 76 3.57 6.78 6.56
N GLU A 77 4.09 7.80 7.24
CA GLU A 77 3.57 8.18 8.55
C GLU A 77 2.97 9.57 8.48
N GLU A 78 1.66 9.65 8.60
CA GLU A 78 0.97 10.92 8.54
C GLU A 78 0.01 11.06 9.72
N SER A 79 -0.45 12.28 9.94
CA SER A 79 -1.32 12.61 11.04
C SER A 79 -2.68 13.09 10.50
N GLY A 80 -3.78 12.51 11.00
CA GLY A 80 -5.09 12.94 10.59
C GLY A 80 -6.10 12.79 11.72
N TYR A 81 -7.38 12.77 11.39
CA TYR A 81 -8.40 12.55 12.41
C TYR A 81 -9.47 11.56 11.92
N ALA A 82 -9.56 11.39 10.61
CA ALA A 82 -10.61 10.56 10.03
C ALA A 82 -10.08 9.73 8.89
N GLY A 83 -10.58 8.50 8.78
CA GLY A 83 -10.12 7.57 7.76
C GLY A 83 -10.72 7.84 6.38
N PHE A 84 -10.23 7.08 5.40
CA PHE A 84 -10.65 7.25 4.00
C PHE A 84 -10.05 6.13 3.14
N ILE A 85 -10.64 5.88 1.98
CA ILE A 85 -10.07 4.96 1.00
C ILE A 85 -8.79 5.53 0.44
N LEU A 86 -7.71 4.78 0.53
CA LEU A 86 -6.41 5.23 0.07
C LEU A 86 -5.91 4.33 -1.07
N PRO A 87 -5.96 4.85 -2.31
CA PRO A 87 -5.39 4.17 -3.48
C PRO A 87 -3.87 4.10 -3.43
N ILE A 88 -3.33 2.90 -3.32
CA ILE A 88 -1.90 2.69 -3.31
C ILE A 88 -1.45 2.12 -4.64
N GLU A 89 -0.49 2.77 -5.26
CA GLU A 89 0.07 2.27 -6.51
C GLU A 89 1.50 1.83 -6.29
N VAL A 90 1.78 0.59 -6.63
CA VAL A 90 3.10 0.02 -6.49
C VAL A 90 3.78 -0.06 -7.85
N TYR A 91 4.91 0.61 -7.98
CA TYR A 91 5.68 0.61 -9.22
C TYR A 91 6.68 -0.53 -9.23
N PHE A 92 6.80 -1.18 -10.37
CA PHE A 92 7.76 -2.26 -10.53
C PHE A 92 8.88 -1.83 -11.47
N LYS A 93 10.10 -2.31 -11.23
CA LYS A 93 11.23 -1.96 -12.07
C LYS A 93 11.27 -2.88 -13.28
N ASN A 94 10.67 -2.43 -14.38
CA ASN A 94 10.49 -3.30 -15.52
C ASN A 94 10.35 -2.51 -16.82
N LYS A 95 10.62 -3.20 -17.92
CA LYS A 95 10.46 -2.64 -19.25
C LYS A 95 9.32 -3.37 -19.98
N GLU A 96 8.78 -4.36 -19.31
CA GLU A 96 7.71 -5.19 -19.86
C GLU A 96 6.36 -4.74 -19.30
N GLU A 97 5.40 -5.67 -19.24
CA GLU A 97 4.05 -5.45 -18.67
C GLU A 97 4.00 -4.37 -17.57
N PRO A 98 2.83 -3.68 -17.45
CA PRO A 98 2.64 -2.46 -16.66
C PRO A 98 3.52 -2.36 -15.42
N ARG A 99 4.25 -1.25 -15.32
CA ARG A 99 5.19 -1.04 -14.23
C ARG A 99 4.50 -0.46 -13.01
N LYS A 100 3.18 -0.59 -12.94
CA LYS A 100 2.44 -0.07 -11.80
C LYS A 100 1.16 -0.87 -11.58
N VAL A 101 0.81 -1.04 -10.32
CA VAL A 101 -0.43 -1.68 -9.93
C VAL A 101 -1.16 -0.76 -8.97
N ARG A 102 -2.46 -0.88 -8.89
CA ARG A 102 -3.25 -0.10 -7.96
C ARG A 102 -4.03 -0.99 -7.02
N PHE A 103 -3.78 -0.83 -5.73
CA PHE A 103 -4.54 -1.53 -4.71
C PHE A 103 -5.37 -0.54 -3.90
N ASP A 104 -6.68 -0.69 -3.96
CA ASP A 104 -7.57 0.13 -3.16
C ASP A 104 -7.61 -0.38 -1.73
N TYR A 105 -7.07 0.40 -0.82
CA TYR A 105 -6.95 -0.02 0.56
C TYR A 105 -7.68 0.95 1.48
N ASP A 106 -8.43 0.40 2.43
CA ASP A 106 -9.23 1.20 3.33
C ASP A 106 -8.43 1.61 4.57
N LEU A 107 -8.12 2.88 4.69
CA LEU A 107 -7.41 3.38 5.86
C LEU A 107 -8.40 3.79 6.94
N PHE A 108 -8.63 2.91 7.89
CA PHE A 108 -9.56 3.21 8.98
C PHE A 108 -8.79 3.52 10.26
N LEU A 109 -9.44 4.28 11.14
CA LEU A 109 -8.85 4.69 12.42
C LEU A 109 -9.87 4.38 13.52
N HIS A 110 -9.41 4.13 14.74
CA HIS A 110 -10.35 3.92 15.85
C HIS A 110 -10.46 5.17 16.73
N LEU A 111 -11.44 5.18 17.63
CA LEU A 111 -11.77 6.36 18.44
C LEU A 111 -10.59 6.97 19.20
N GLU A 112 -10.51 8.29 19.13
CA GLU A 112 -9.56 9.10 19.88
C GLU A 112 -9.61 8.71 21.36
N GLY A 113 -8.48 8.23 21.87
CA GLY A 113 -8.39 7.83 23.25
C GLY A 113 -7.94 6.39 23.41
N HIS A 114 -8.57 5.46 22.69
CA HIS A 114 -8.16 4.06 22.75
C HIS A 114 -8.34 3.36 21.40
N PRO A 115 -7.45 3.64 20.43
CA PRO A 115 -7.47 2.99 19.14
C PRO A 115 -6.30 2.02 18.92
N PRO A 116 -6.57 0.72 18.90
CA PRO A 116 -5.63 -0.29 18.46
C PRO A 116 -5.89 -0.69 17.00
N VAL A 117 -5.15 -0.10 16.07
CA VAL A 117 -5.39 -0.39 14.66
C VAL A 117 -4.16 -1.05 14.02
N ASN A 118 -4.31 -2.30 13.64
CA ASN A 118 -3.29 -3.01 12.90
C ASN A 118 -3.93 -4.00 11.94
N HIS A 119 -3.87 -3.69 10.65
CA HIS A 119 -4.47 -4.55 9.62
C HIS A 119 -3.45 -4.88 8.54
N LEU A 120 -3.40 -6.15 8.15
CA LEU A 120 -2.54 -6.59 7.06
C LEU A 120 -3.37 -7.16 5.91
N ARG A 121 -2.90 -6.99 4.69
CA ARG A 121 -3.56 -7.57 3.51
C ARG A 121 -2.51 -8.16 2.57
N CYS A 122 -2.86 -9.22 1.85
CA CYS A 122 -1.96 -9.79 0.86
C CYS A 122 -2.69 -9.99 -0.47
N GLU A 123 -2.20 -9.35 -1.52
CA GLU A 123 -2.82 -9.45 -2.84
C GLU A 123 -1.85 -10.06 -3.84
N LYS A 124 -2.37 -10.86 -4.75
CA LYS A 124 -1.53 -11.62 -5.66
C LYS A 124 -1.45 -10.98 -7.05
N LEU A 125 -0.24 -10.95 -7.57
CA LEU A 125 0.03 -10.49 -8.93
C LEU A 125 0.30 -11.70 -9.81
N THR A 126 -0.56 -11.95 -10.78
CA THR A 126 -0.38 -13.09 -11.65
C THR A 126 0.12 -12.66 -13.02
N PHE A 127 1.31 -13.11 -13.36
CA PHE A 127 1.94 -12.74 -14.62
C PHE A 127 2.07 -13.96 -15.51
N ASN A 128 1.24 -14.00 -16.53
CA ASN A 128 1.16 -15.15 -17.42
C ASN A 128 2.31 -15.13 -18.43
N ASN A 129 3.14 -16.16 -18.37
CA ASN A 129 4.26 -16.34 -19.29
C ASN A 129 5.14 -15.08 -19.36
N PRO A 130 5.77 -14.70 -18.23
CA PRO A 130 6.62 -13.51 -18.17
C PRO A 130 8.02 -13.76 -18.72
N THR A 131 8.85 -12.73 -18.68
CA THR A 131 10.24 -12.88 -19.05
C THR A 131 10.94 -13.65 -17.94
N GLU A 132 11.83 -14.56 -18.31
CA GLU A 132 12.52 -15.38 -17.32
C GLU A 132 13.27 -14.53 -16.30
N ASP A 133 13.89 -13.44 -16.75
CA ASP A 133 14.62 -12.55 -15.86
C ASP A 133 13.66 -11.92 -14.85
N PHE A 134 12.40 -11.76 -15.25
CA PHE A 134 11.41 -11.20 -14.36
C PHE A 134 11.00 -12.24 -13.33
N ARG A 135 10.81 -13.48 -13.79
CA ARG A 135 10.57 -14.60 -12.89
C ARG A 135 11.66 -14.65 -11.82
N ARG A 136 12.89 -14.52 -12.28
CA ARG A 136 14.07 -14.51 -11.41
C ARG A 136 13.92 -13.47 -10.30
N LYS A 137 13.40 -12.30 -10.64
CA LYS A 137 13.20 -11.23 -9.66
C LYS A 137 12.04 -11.58 -8.73
N LEU A 138 10.98 -12.16 -9.29
CA LEU A 138 9.81 -12.54 -8.52
C LEU A 138 10.13 -13.68 -7.56
N LEU A 139 11.06 -14.54 -7.94
CA LEU A 139 11.42 -15.70 -7.14
C LEU A 139 12.37 -15.31 -6.02
N LYS A 140 13.26 -14.37 -6.30
CA LYS A 140 14.29 -13.99 -5.34
C LYS A 140 13.71 -13.13 -4.21
N ALA A 141 12.67 -12.37 -4.51
CA ALA A 141 12.02 -11.54 -3.50
C ALA A 141 11.52 -12.40 -2.34
N GLY B 1 -19.86 2.67 17.83
CA GLY B 1 -18.60 3.29 18.25
C GLY B 1 -17.41 2.42 17.94
N GLY B 2 -16.22 2.89 18.28
CA GLY B 2 -15.02 2.15 17.99
C GLY B 2 -14.31 2.67 16.76
N LYS B 3 -15.06 2.83 15.67
CA LYS B 3 -14.50 3.36 14.44
C LYS B 3 -14.55 4.89 14.46
N ALA B 4 -13.41 5.50 14.17
CA ALA B 4 -13.29 6.95 14.18
C ALA B 4 -14.11 7.57 13.05
N PRO B 5 -14.35 8.89 13.10
CA PRO B 5 -15.03 9.60 12.02
C PRO B 5 -14.39 9.33 10.66
N ARG B 6 -15.11 9.63 9.59
CA ARG B 6 -14.61 9.37 8.26
C ARG B 6 -15.01 10.48 7.31
OH ALY B 7 -7.47 13.42 8.59
CH ALY B 7 -7.65 14.32 7.76
CH3 ALY B 7 -6.62 15.44 7.64
NZ ALY B 7 -8.73 14.34 6.99
CE ALY B 7 -9.77 13.33 7.02
CD ALY B 7 -11.04 13.77 6.31
CG ALY B 7 -11.99 12.61 6.14
CB ALY B 7 -13.39 13.05 5.77
CA ALY B 7 -14.33 11.89 5.44
N ALY B 7 -14.12 10.80 6.38
C ALY B 7 -14.11 11.44 4.00
O ALY B 7 -13.02 11.56 3.46
HH31 ALY B 7 -7.07 16.38 7.91
HH32 ALY B 7 -5.78 15.24 8.30
HH33 ALY B 7 -6.26 15.48 6.62
HZ ALY B 7 -8.82 15.08 6.34
HE3 ALY B 7 -9.41 12.42 6.56
HE2 ALY B 7 -10.01 13.13 8.06
HD3 ALY B 7 -11.52 14.54 6.88
HD2 ALY B 7 -10.78 14.15 5.33
HG3 ALY B 7 -11.61 11.95 5.36
HG2 ALY B 7 -12.04 12.05 7.06
HB3 ALY B 7 -13.80 13.61 6.60
HB2 ALY B 7 -13.32 13.70 4.91
HA ALY B 7 -15.35 12.23 5.55
H ALY B 7 -13.29 10.28 6.31
N GLN B 8 -15.16 10.91 3.38
CA GLN B 8 -15.08 10.48 1.99
C GLN B 8 -15.31 11.66 1.05
N LEU B 9 -14.63 12.77 1.35
CA LEU B 9 -14.77 13.99 0.58
C LEU B 9 -14.01 13.89 -0.74
N ALA B 10 -14.60 13.20 -1.69
CA ALA B 10 -14.04 13.07 -3.03
C ALA B 10 -15.13 12.65 -4.00
N THR B 11 -15.69 13.62 -4.70
CA THR B 11 -16.77 13.39 -5.64
C THR B 11 -16.36 12.42 -6.75
N LYS B 12 -16.99 11.25 -6.75
CA LYS B 12 -16.75 10.26 -7.78
C LYS B 12 -18.08 9.76 -8.32
N ALA B 13 -18.97 10.70 -8.58
CA ALA B 13 -20.30 10.40 -9.07
C ALA B 13 -20.77 11.51 -10.00
N GLY A 1 13.23 -17.68 -31.18
CA GLY A 1 11.97 -16.97 -31.45
C GLY A 1 11.16 -16.74 -30.21
N SER A 2 9.86 -16.56 -30.36
CA SER A 2 8.98 -16.34 -29.24
C SER A 2 8.68 -17.67 -28.54
N HIS A 3 8.90 -17.71 -27.23
CA HIS A 3 8.67 -18.91 -26.46
C HIS A 3 7.28 -18.88 -25.85
N MET A 4 6.28 -19.13 -26.67
CA MET A 4 4.90 -19.11 -26.23
C MET A 4 4.41 -20.54 -25.99
N ALA A 5 5.15 -21.50 -26.52
CA ALA A 5 4.82 -22.91 -26.34
C ALA A 5 5.10 -23.36 -24.92
N SER A 6 6.13 -22.77 -24.32
CA SER A 6 6.47 -23.04 -22.93
C SER A 6 5.77 -22.05 -22.02
N SER A 7 4.48 -22.26 -21.81
CA SER A 7 3.67 -21.36 -21.02
C SER A 7 3.91 -21.59 -19.53
N CYS A 8 4.17 -20.51 -18.81
CA CYS A 8 4.39 -20.59 -17.37
C CYS A 8 4.02 -19.27 -16.70
N ALA A 9 3.14 -19.32 -15.71
CA ALA A 9 2.73 -18.12 -15.01
C ALA A 9 3.41 -18.01 -13.64
N VAL A 10 3.99 -16.85 -13.37
CA VAL A 10 4.57 -16.59 -12.07
C VAL A 10 3.64 -15.67 -11.28
N GLN A 11 3.52 -15.92 -10.00
CA GLN A 11 2.61 -15.15 -9.17
C GLN A 11 3.32 -14.62 -7.94
N VAL A 12 3.18 -13.33 -7.69
CA VAL A 12 3.79 -12.70 -6.53
C VAL A 12 2.71 -12.17 -5.59
N LYS A 13 3.08 -11.83 -4.38
CA LYS A 13 2.13 -11.27 -3.43
C LYS A 13 2.66 -9.99 -2.84
N LEU A 14 1.83 -8.96 -2.80
CA LEU A 14 2.18 -7.71 -2.16
C LEU A 14 1.28 -7.47 -0.97
N GLU A 15 1.87 -6.95 0.08
CA GLU A 15 1.14 -6.74 1.32
C GLU A 15 0.80 -5.27 1.50
N LEU A 16 -0.48 -5.00 1.81
CA LEU A 16 -0.92 -3.65 2.14
C LEU A 16 -1.39 -3.65 3.59
N GLY A 17 -0.68 -2.96 4.45
CA GLY A 17 -1.06 -2.92 5.84
C GLY A 17 -0.92 -1.54 6.42
N HIS A 18 -1.43 -1.34 7.64
CA HIS A 18 -1.30 -0.05 8.28
C HIS A 18 -1.60 -0.16 9.77
N ARG A 19 -0.99 0.72 10.53
CA ARG A 19 -1.25 0.83 11.95
C ARG A 19 -1.83 2.18 12.23
N ALA A 20 -2.75 2.25 13.15
CA ALA A 20 -3.34 3.52 13.50
C ALA A 20 -3.55 3.64 15.00
N GLN A 21 -3.10 4.79 15.52
CA GLN A 21 -3.25 5.12 16.92
C GLN A 21 -3.74 6.56 17.03
N VAL A 22 -4.25 6.94 18.19
CA VAL A 22 -4.59 8.32 18.43
C VAL A 22 -3.51 8.94 19.31
N ARG A 23 -3.40 10.25 19.28
CA ARG A 23 -2.46 10.95 20.13
C ARG A 23 -3.24 11.56 21.28
N LYS A 24 -2.65 11.56 22.47
CA LYS A 24 -3.31 12.09 23.65
C LYS A 24 -3.39 13.61 23.53
N LYS A 25 -2.65 14.13 22.59
CA LYS A 25 -2.70 15.53 22.22
C LYS A 25 -2.53 15.67 20.71
N PRO A 26 -3.63 15.93 19.99
CA PRO A 26 -3.60 16.21 18.55
C PRO A 26 -2.53 17.22 18.17
N THR A 27 -2.04 17.11 16.94
CA THR A 27 -0.90 17.90 16.50
C THR A 27 -1.28 19.36 16.23
N VAL A 28 -0.37 20.11 15.64
CA VAL A 28 -0.55 21.54 15.45
C VAL A 28 -1.76 21.85 14.55
N GLU A 29 -2.02 20.96 13.59
CA GLU A 29 -3.18 21.10 12.71
C GLU A 29 -4.44 20.57 13.39
N GLY A 30 -4.25 20.01 14.57
CA GLY A 30 -5.35 19.44 15.33
C GLY A 30 -5.75 18.08 14.82
N PHE A 31 -4.78 17.35 14.33
CA PHE A 31 -5.02 15.99 13.85
C PHE A 31 -4.81 15.02 14.99
N THR A 32 -5.76 14.12 15.18
CA THR A 32 -5.81 13.30 16.36
C THR A 32 -5.04 11.99 16.21
N HIS A 33 -4.96 11.49 14.99
CA HIS A 33 -4.40 10.16 14.76
C HIS A 33 -3.10 10.20 14.00
N ASP A 34 -2.23 9.27 14.33
CA ASP A 34 -1.00 9.05 13.58
C ASP A 34 -1.07 7.64 13.02
N TRP A 35 -0.98 7.52 11.71
CA TRP A 35 -1.05 6.22 11.08
C TRP A 35 0.16 5.99 10.20
N MET A 36 0.58 4.74 10.11
CA MET A 36 1.67 4.37 9.24
C MET A 36 1.21 3.26 8.30
N VAL A 37 1.21 3.57 7.03
CA VAL A 37 0.85 2.63 5.99
C VAL A 37 2.10 2.03 5.39
N PHE A 38 2.02 0.80 4.91
CA PHE A 38 3.18 0.17 4.29
C PHE A 38 2.79 -0.83 3.23
N VAL A 39 3.68 -1.00 2.26
CA VAL A 39 3.58 -2.07 1.29
C VAL A 39 4.87 -2.89 1.36
N ARG A 40 4.75 -4.19 1.30
CA ARG A 40 5.90 -5.07 1.41
C ARG A 40 5.61 -6.40 0.74
N GLY A 41 6.57 -7.33 0.83
CA GLY A 41 6.41 -8.60 0.19
C GLY A 41 5.76 -9.63 1.09
N PRO A 42 5.73 -10.91 0.68
CA PRO A 42 5.14 -11.97 1.47
C PRO A 42 6.01 -12.37 2.66
N GLU A 43 5.55 -12.03 3.87
CA GLU A 43 6.18 -12.42 5.12
C GLU A 43 7.69 -12.11 5.14
N HIS A 44 8.05 -10.85 5.34
CA HIS A 44 9.46 -10.45 5.54
C HIS A 44 10.24 -10.43 4.23
N SER A 45 9.67 -10.98 3.18
CA SER A 45 10.30 -10.98 1.88
C SER A 45 10.35 -9.56 1.31
N ASN A 46 11.55 -9.10 0.97
CA ASN A 46 11.73 -7.77 0.43
C ASN A 46 11.31 -7.73 -1.03
N ILE A 47 10.47 -6.77 -1.38
CA ILE A 47 9.91 -6.71 -2.73
C ILE A 47 10.70 -5.78 -3.63
N GLN A 48 11.74 -5.14 -3.09
CA GLN A 48 12.50 -4.15 -3.83
C GLN A 48 13.31 -4.80 -4.95
N HIS A 49 13.23 -6.13 -5.05
CA HIS A 49 13.83 -6.85 -6.17
C HIS A 49 13.04 -6.59 -7.44
N PHE A 50 11.71 -6.54 -7.35
CA PHE A 50 10.89 -6.23 -8.52
C PHE A 50 10.17 -4.89 -8.37
N VAL A 51 10.09 -4.40 -7.14
CA VAL A 51 9.44 -3.13 -6.85
C VAL A 51 10.45 -1.99 -6.88
N GLU A 52 10.12 -0.94 -7.61
CA GLU A 52 11.03 0.19 -7.81
C GLU A 52 10.71 1.32 -6.86
N LYS A 53 9.47 1.78 -6.92
CA LYS A 53 8.99 2.86 -6.07
C LYS A 53 7.52 2.65 -5.79
N VAL A 54 7.06 3.21 -4.71
CA VAL A 54 5.65 3.08 -4.34
C VAL A 54 5.08 4.44 -3.99
N VAL A 55 3.77 4.57 -4.09
CA VAL A 55 3.12 5.85 -3.92
C VAL A 55 1.79 5.69 -3.19
N PHE A 56 1.58 6.55 -2.21
CA PHE A 56 0.36 6.55 -1.43
C PHE A 56 -0.38 7.85 -1.67
N HIS A 57 -1.42 7.79 -2.46
CA HIS A 57 -2.24 8.96 -2.74
C HIS A 57 -3.16 9.24 -1.56
N LEU A 58 -2.70 10.08 -0.65
CA LEU A 58 -3.48 10.44 0.52
C LEU A 58 -4.58 11.42 0.12
N HIS A 59 -5.36 11.88 1.07
CA HIS A 59 -6.48 12.74 0.73
C HIS A 59 -6.01 14.18 0.69
N GLU A 60 -6.70 14.95 -0.13
CA GLU A 60 -6.36 16.34 -0.44
C GLU A 60 -6.24 17.21 0.82
N SER A 61 -6.88 16.77 1.90
CA SER A 61 -6.78 17.44 3.19
C SER A 61 -5.35 17.34 3.75
N PHE A 62 -4.63 16.33 3.30
CA PHE A 62 -3.26 16.10 3.75
C PHE A 62 -2.29 16.97 2.96
N PRO A 63 -1.34 17.61 3.65
CA PRO A 63 -0.26 18.34 2.99
C PRO A 63 0.60 17.40 2.16
N ARG A 64 0.67 17.66 0.86
CA ARG A 64 1.34 16.76 -0.09
C ARG A 64 0.66 15.40 -0.09
N PRO A 65 -0.46 15.24 -0.81
CA PRO A 65 -1.20 13.97 -0.87
C PRO A 65 -0.38 12.81 -1.43
N LYS A 66 0.62 13.10 -2.25
CA LYS A 66 1.35 12.06 -2.95
C LYS A 66 2.63 11.72 -2.23
N ARG A 67 2.65 10.56 -1.59
CA ARG A 67 3.85 10.10 -0.89
C ARG A 67 4.54 8.98 -1.66
N VAL A 68 5.61 9.32 -2.38
CA VAL A 68 6.41 8.31 -3.05
C VAL A 68 7.49 7.79 -2.09
N CYS A 69 7.70 6.48 -2.10
CA CYS A 69 8.78 5.88 -1.31
C CYS A 69 9.67 5.05 -2.22
N LYS A 70 10.92 5.49 -2.36
CA LYS A 70 11.91 4.79 -3.17
C LYS A 70 12.91 4.03 -2.28
N ASP A 71 13.09 4.57 -1.08
CA ASP A 71 14.01 4.05 -0.08
C ASP A 71 13.44 2.75 0.52
N PRO A 72 14.21 2.00 1.34
CA PRO A 72 13.74 0.93 2.26
C PRO A 72 12.26 1.07 2.75
N PRO A 73 11.80 0.19 3.70
CA PRO A 73 10.40 -0.25 3.78
C PRO A 73 9.39 0.82 3.38
N TYR A 74 8.60 0.51 2.36
CA TYR A 74 7.61 1.43 1.82
C TYR A 74 6.55 1.76 2.86
N LYS A 75 6.76 2.86 3.59
CA LYS A 75 5.82 3.25 4.63
C LYS A 75 5.66 4.76 4.72
N VAL A 76 4.45 5.18 5.03
CA VAL A 76 4.12 6.59 5.21
C VAL A 76 3.60 6.82 6.62
N GLU A 77 4.13 7.84 7.29
CA GLU A 77 3.70 8.18 8.63
C GLU A 77 3.07 9.56 8.62
N GLU A 78 1.75 9.60 8.74
CA GLU A 78 1.04 10.85 8.63
C GLU A 78 0.05 11.00 9.78
N SER A 79 -0.56 12.16 9.87
CA SER A 79 -1.51 12.45 10.93
C SER A 79 -2.84 12.91 10.34
N GLY A 80 -3.94 12.54 10.99
CA GLY A 80 -5.26 12.91 10.51
C GLY A 80 -6.31 12.74 11.59
N TYR A 81 -7.58 12.86 11.22
CA TYR A 81 -8.65 12.67 12.19
C TYR A 81 -9.75 11.77 11.63
N ALA A 82 -9.71 11.51 10.34
CA ALA A 82 -10.75 10.70 9.69
C ALA A 82 -10.14 9.83 8.61
N GLY A 83 -10.69 8.64 8.45
CA GLY A 83 -10.19 7.68 7.49
C GLY A 83 -10.71 7.91 6.09
N PHE A 84 -10.23 7.08 5.15
CA PHE A 84 -10.60 7.17 3.74
C PHE A 84 -9.91 6.05 2.95
N ILE A 85 -10.48 5.72 1.79
CA ILE A 85 -9.84 4.80 0.85
C ILE A 85 -8.51 5.38 0.35
N LEU A 86 -7.45 4.60 0.51
CA LEU A 86 -6.14 5.01 0.04
C LEU A 86 -5.75 4.20 -1.19
N PRO A 87 -5.82 4.80 -2.38
CA PRO A 87 -5.29 4.21 -3.61
C PRO A 87 -3.76 4.11 -3.59
N ILE A 88 -3.25 2.91 -3.39
CA ILE A 88 -1.82 2.67 -3.36
C ILE A 88 -1.35 2.10 -4.68
N GLU A 89 -0.40 2.77 -5.31
CA GLU A 89 0.17 2.27 -6.54
C GLU A 89 1.60 1.81 -6.30
N VAL A 90 1.85 0.57 -6.62
CA VAL A 90 3.17 -0.01 -6.46
C VAL A 90 3.85 -0.09 -7.82
N TYR A 91 4.96 0.62 -7.97
CA TYR A 91 5.70 0.65 -9.23
C TYR A 91 6.72 -0.49 -9.28
N PHE A 92 6.84 -1.08 -10.45
CA PHE A 92 7.81 -2.13 -10.65
C PHE A 92 8.89 -1.67 -11.63
N LYS A 93 10.08 -2.26 -11.53
CA LYS A 93 11.17 -1.91 -12.43
C LYS A 93 11.20 -2.90 -13.58
N ASN A 94 10.55 -2.54 -14.68
CA ASN A 94 10.34 -3.48 -15.77
C ASN A 94 10.13 -2.76 -17.11
N LYS A 95 10.37 -3.49 -18.19
CA LYS A 95 10.16 -2.98 -19.54
C LYS A 95 8.94 -3.63 -20.18
N GLU A 96 8.39 -4.61 -19.49
CA GLU A 96 7.25 -5.38 -19.98
C GLU A 96 5.97 -4.89 -19.32
N GLU A 97 4.99 -5.80 -19.16
CA GLU A 97 3.70 -5.53 -18.49
C GLU A 97 3.76 -4.40 -17.45
N PRO A 98 2.61 -3.68 -17.28
CA PRO A 98 2.49 -2.45 -16.51
C PRO A 98 3.43 -2.34 -15.32
N ARG A 99 4.17 -1.24 -15.28
CA ARG A 99 5.16 -0.99 -14.24
C ARG A 99 4.51 -0.39 -13.00
N LYS A 100 3.19 -0.55 -12.90
CA LYS A 100 2.45 -0.04 -11.75
C LYS A 100 1.19 -0.85 -11.52
N VAL A 101 0.88 -1.05 -10.27
CA VAL A 101 -0.36 -1.72 -9.87
C VAL A 101 -1.11 -0.81 -8.92
N ARG A 102 -2.41 -0.97 -8.83
CA ARG A 102 -3.21 -0.17 -7.94
C ARG A 102 -4.00 -1.05 -6.99
N PHE A 103 -3.75 -0.89 -5.71
CA PHE A 103 -4.49 -1.60 -4.68
C PHE A 103 -5.35 -0.63 -3.90
N ASP A 104 -6.67 -0.78 -3.99
CA ASP A 104 -7.60 0.03 -3.24
C ASP A 104 -7.68 -0.45 -1.80
N TYR A 105 -7.00 0.25 -0.90
CA TYR A 105 -6.91 -0.18 0.48
C TYR A 105 -7.60 0.84 1.39
N ASP A 106 -8.40 0.36 2.32
CA ASP A 106 -9.17 1.22 3.20
C ASP A 106 -8.34 1.62 4.42
N LEU A 107 -8.09 2.91 4.57
CA LEU A 107 -7.39 3.41 5.74
C LEU A 107 -8.39 3.83 6.80
N PHE A 108 -8.74 2.91 7.68
CA PHE A 108 -9.70 3.20 8.73
C PHE A 108 -8.98 3.51 10.04
N LEU A 109 -9.69 4.24 10.91
CA LEU A 109 -9.16 4.65 12.20
C LEU A 109 -10.23 4.38 13.25
N HIS A 110 -9.84 4.26 14.52
CA HIS A 110 -10.81 4.16 15.61
C HIS A 110 -10.93 5.51 16.34
N LEU A 111 -11.86 5.62 17.29
CA LEU A 111 -12.16 6.91 17.95
C LEU A 111 -11.03 7.37 18.87
N GLU A 112 -11.05 8.68 19.17
CA GLU A 112 -10.05 9.30 20.07
C GLU A 112 -10.09 8.60 21.42
N GLY A 113 -8.95 8.08 21.84
CA GLY A 113 -8.88 7.48 23.15
C GLY A 113 -8.60 5.99 23.10
N HIS A 114 -9.30 5.27 22.22
CA HIS A 114 -9.14 3.81 22.18
C HIS A 114 -9.14 3.29 20.74
N PRO A 115 -8.05 3.50 20.00
CA PRO A 115 -7.88 2.91 18.69
C PRO A 115 -6.76 1.86 18.63
N PRO A 116 -7.12 0.58 18.54
CA PRO A 116 -6.19 -0.47 18.16
C PRO A 116 -6.35 -0.84 16.69
N VAL A 117 -5.51 -0.27 15.82
CA VAL A 117 -5.63 -0.58 14.41
C VAL A 117 -4.34 -1.15 13.84
N ASN A 118 -4.36 -2.44 13.52
CA ASN A 118 -3.25 -3.08 12.85
C ASN A 118 -3.78 -4.12 11.88
N HIS A 119 -3.91 -3.73 10.61
CA HIS A 119 -4.48 -4.60 9.60
C HIS A 119 -3.47 -4.89 8.50
N LEU A 120 -3.37 -6.15 8.12
CA LEU A 120 -2.51 -6.57 7.02
C LEU A 120 -3.35 -7.18 5.89
N ARG A 121 -2.93 -6.98 4.65
CA ARG A 121 -3.61 -7.56 3.49
C ARG A 121 -2.59 -8.20 2.55
N CYS A 122 -2.98 -9.25 1.85
CA CYS A 122 -2.11 -9.87 0.86
C CYS A 122 -2.78 -9.92 -0.50
N GLU A 123 -2.19 -9.21 -1.45
CA GLU A 123 -2.65 -9.18 -2.82
C GLU A 123 -1.81 -10.14 -3.65
N LYS A 124 -2.30 -10.52 -4.82
CA LYS A 124 -1.58 -11.42 -5.69
C LYS A 124 -1.40 -10.83 -7.08
N LEU A 125 -0.16 -10.81 -7.53
CA LEU A 125 0.17 -10.41 -8.87
C LEU A 125 0.38 -11.64 -9.73
N THR A 126 -0.46 -11.83 -10.72
CA THR A 126 -0.34 -12.98 -11.59
C THR A 126 0.14 -12.55 -12.96
N PHE A 127 1.25 -13.11 -13.39
CA PHE A 127 1.85 -12.76 -14.66
C PHE A 127 1.94 -13.99 -15.55
N ASN A 128 1.01 -14.10 -16.48
CA ASN A 128 0.95 -15.24 -17.37
C ASN A 128 2.06 -15.18 -18.41
N ASN A 129 2.96 -16.16 -18.35
CA ASN A 129 4.04 -16.32 -19.33
C ASN A 129 4.92 -15.06 -19.38
N PRO A 130 5.80 -14.84 -18.37
CA PRO A 130 6.60 -13.63 -18.26
C PRO A 130 8.01 -13.80 -18.80
N THR A 131 8.81 -12.75 -18.70
CA THR A 131 10.21 -12.84 -19.04
C THR A 131 10.93 -13.65 -17.96
N GLU A 132 11.92 -14.45 -18.35
CA GLU A 132 12.64 -15.26 -17.37
C GLU A 132 13.25 -14.37 -16.27
N ASP A 133 13.89 -13.28 -16.68
CA ASP A 133 14.49 -12.35 -15.73
C ASP A 133 13.45 -11.82 -14.74
N PHE A 134 12.20 -11.75 -15.18
CA PHE A 134 11.14 -11.27 -14.30
C PHE A 134 10.82 -12.35 -13.28
N ARG A 135 10.67 -13.58 -13.76
CA ARG A 135 10.48 -14.73 -12.86
C ARG A 135 11.58 -14.76 -11.82
N ARG A 136 12.81 -14.60 -12.29
CA ARG A 136 13.99 -14.64 -11.45
C ARG A 136 13.91 -13.61 -10.31
N LYS A 137 13.29 -12.47 -10.59
CA LYS A 137 13.12 -11.44 -9.55
C LYS A 137 11.93 -11.77 -8.65
N LEU A 138 10.87 -12.31 -9.25
CA LEU A 138 9.69 -12.69 -8.51
C LEU A 138 10.00 -13.86 -7.56
N LEU A 139 10.97 -14.68 -7.94
CA LEU A 139 11.38 -15.81 -7.12
C LEU A 139 12.32 -15.36 -6.01
N LYS A 140 13.18 -14.40 -6.33
CA LYS A 140 14.18 -13.92 -5.40
C LYS A 140 13.55 -13.10 -4.27
N ALA A 141 12.45 -12.43 -4.56
CA ALA A 141 11.75 -11.64 -3.56
C ALA A 141 11.24 -12.52 -2.43
N GLY B 1 -14.10 -1.90 11.73
CA GLY B 1 -13.67 -1.20 10.49
C GLY B 1 -13.67 0.30 10.67
N GLY B 2 -14.37 1.00 9.78
CA GLY B 2 -14.42 2.45 9.83
C GLY B 2 -15.30 2.95 10.96
N LYS B 3 -14.76 2.95 12.16
CA LYS B 3 -15.47 3.47 13.32
C LYS B 3 -15.33 4.99 13.39
N ALA B 4 -14.12 5.45 13.13
CA ALA B 4 -13.85 6.89 13.10
C ALA B 4 -14.55 7.52 11.90
N PRO B 5 -14.76 8.84 11.93
CA PRO B 5 -15.39 9.56 10.82
C PRO B 5 -14.62 9.40 9.51
N ARG B 6 -15.23 9.83 8.43
CA ARG B 6 -14.60 9.73 7.12
C ARG B 6 -14.91 10.94 6.27
OH ALY B 7 -7.46 13.57 8.52
CH ALY B 7 -7.49 14.53 7.75
CH3 ALY B 7 -6.28 15.46 7.67
NZ ALY B 7 -8.55 14.77 6.99
CE ALY B 7 -9.75 13.93 7.01
CD ALY B 7 -10.80 14.39 6.01
CG ALY B 7 -11.75 13.26 5.70
CB ALY B 7 -13.10 13.76 5.22
CA ALY B 7 -14.03 12.63 4.76
N ALY B 7 -13.89 11.46 5.60
C ALY B 7 -13.75 12.27 3.30
O ALY B 7 -12.60 12.19 2.88
HH31 ALY B 7 -6.45 16.33 8.29
HH32 ALY B 7 -5.41 14.94 8.02
HH33 ALY B 7 -6.14 15.77 6.66
HZ ALY B 7 -8.54 15.55 6.40
HE3 ALY B 7 -9.47 12.92 6.77
HE2 ALY B 7 -10.18 13.97 7.99
HD3 ALY B 7 -11.35 15.22 6.43
HD2 ALY B 7 -10.31 14.70 5.10
HG3 ALY B 7 -11.32 12.63 4.94
HG2 ALY B 7 -11.90 12.68 6.59
HB3 ALY B 7 -13.57 14.30 6.02
HB2 ALY B 7 -12.93 14.43 4.39
HA ALY B 7 -15.05 12.97 4.84
H ALY B 7 -13.01 11.02 5.67
N GLN B 8 -14.82 12.05 2.56
CA GLN B 8 -14.69 11.71 1.15
C GLN B 8 -14.75 12.99 0.31
N LEU B 9 -15.50 13.96 0.81
CA LEU B 9 -15.64 15.23 0.13
C LEU B 9 -16.10 16.31 1.12
N ALA B 10 -15.44 16.34 2.27
CA ALA B 10 -15.81 17.25 3.35
C ALA B 10 -15.47 18.69 2.99
N THR B 11 -14.72 18.87 1.92
CA THR B 11 -14.35 20.20 1.44
C THR B 11 -15.60 20.98 0.99
N LYS B 12 -16.64 20.25 0.59
CA LYS B 12 -17.90 20.87 0.19
C LYS B 12 -18.88 20.89 1.35
N ALA B 13 -18.35 20.76 2.57
CA ALA B 13 -19.15 20.78 3.79
C ALA B 13 -20.24 19.71 3.74
N GLY A 1 0.90 -21.79 -30.88
CA GLY A 1 1.53 -23.10 -30.63
C GLY A 1 1.68 -23.37 -29.14
N SER A 2 0.64 -23.91 -28.54
CA SER A 2 0.61 -24.16 -27.11
C SER A 2 1.60 -25.25 -26.71
N HIS A 3 1.84 -26.19 -27.63
CA HIS A 3 2.78 -27.27 -27.36
C HIS A 3 4.21 -26.76 -27.48
N MET A 4 4.42 -25.83 -28.39
CA MET A 4 5.72 -25.21 -28.59
C MET A 4 6.05 -24.30 -27.41
N ALA A 5 5.11 -23.42 -27.08
CA ALA A 5 5.30 -22.48 -25.99
C ALA A 5 4.04 -22.38 -25.14
N SER A 6 4.14 -22.82 -23.90
CA SER A 6 3.03 -22.74 -22.96
C SER A 6 3.23 -21.54 -22.05
N SER A 7 2.15 -20.82 -21.78
CA SER A 7 2.22 -19.67 -20.90
C SER A 7 2.44 -20.11 -19.46
N CYS A 8 3.64 -19.88 -18.96
CA CYS A 8 3.97 -20.23 -17.58
C CYS A 8 3.83 -18.99 -16.69
N ALA A 9 2.91 -19.04 -15.75
CA ALA A 9 2.59 -17.85 -14.96
C ALA A 9 3.26 -17.85 -13.60
N VAL A 10 3.84 -16.72 -13.24
CA VAL A 10 4.39 -16.52 -11.91
C VAL A 10 3.44 -15.62 -11.13
N GLN A 11 3.30 -15.86 -9.84
CA GLN A 11 2.32 -15.13 -9.05
C GLN A 11 2.95 -14.62 -7.75
N VAL A 12 3.04 -13.31 -7.63
CA VAL A 12 3.64 -12.69 -6.45
C VAL A 12 2.56 -12.10 -5.56
N LYS A 13 2.91 -11.76 -4.33
CA LYS A 13 1.94 -11.15 -3.43
C LYS A 13 2.51 -9.88 -2.83
N LEU A 14 1.80 -8.79 -2.97
CA LEU A 14 2.19 -7.54 -2.32
C LEU A 14 1.31 -7.30 -1.11
N GLU A 15 1.91 -6.77 -0.07
CA GLU A 15 1.22 -6.61 1.20
C GLU A 15 0.89 -5.17 1.47
N LEU A 16 -0.38 -4.91 1.73
CA LEU A 16 -0.83 -3.59 2.15
C LEU A 16 -1.19 -3.66 3.62
N GLY A 17 -0.49 -2.92 4.44
CA GLY A 17 -0.78 -2.93 5.85
C GLY A 17 -0.69 -1.54 6.44
N HIS A 18 -1.22 -1.37 7.64
CA HIS A 18 -1.14 -0.08 8.29
C HIS A 18 -1.42 -0.23 9.77
N ARG A 19 -0.81 0.63 10.55
CA ARG A 19 -1.03 0.66 11.97
C ARG A 19 -1.54 2.03 12.36
N ALA A 20 -2.64 2.08 13.07
CA ALA A 20 -3.19 3.36 13.42
C ALA A 20 -3.22 3.57 14.93
N GLN A 21 -2.49 4.59 15.37
CA GLN A 21 -2.41 4.94 16.77
C GLN A 21 -3.13 6.26 17.00
N VAL A 22 -3.82 6.36 18.12
CA VAL A 22 -4.39 7.63 18.53
C VAL A 22 -3.51 8.21 19.64
N ARG A 23 -3.38 9.51 19.68
CA ARG A 23 -2.58 10.15 20.70
C ARG A 23 -3.51 10.61 21.81
N LYS A 24 -3.07 10.52 23.05
CA LYS A 24 -3.86 10.99 24.18
C LYS A 24 -3.88 12.51 24.19
N LYS A 25 -2.98 13.08 23.40
CA LYS A 25 -2.90 14.52 23.21
C LYS A 25 -2.65 14.82 21.74
N PRO A 26 -3.70 15.20 20.99
CA PRO A 26 -3.60 15.57 19.57
C PRO A 26 -2.52 16.61 19.29
N THR A 27 -2.11 16.69 18.02
CA THR A 27 -1.01 17.57 17.63
C THR A 27 -1.50 19.03 17.50
N VAL A 28 -0.63 19.91 17.04
CA VAL A 28 -0.94 21.33 16.98
C VAL A 28 -2.12 21.60 16.03
N GLU A 29 -2.23 20.78 14.99
CA GLU A 29 -3.32 20.91 14.03
C GLU A 29 -4.60 20.29 14.58
N GLY A 30 -4.47 19.63 15.73
CA GLY A 30 -5.60 18.97 16.35
C GLY A 30 -5.91 17.65 15.71
N PHE A 31 -4.87 16.96 15.24
CA PHE A 31 -5.02 15.65 14.66
C PHE A 31 -4.79 14.61 15.74
N THR A 32 -5.70 13.66 15.83
CA THR A 32 -5.73 12.74 16.93
C THR A 32 -4.94 11.46 16.64
N HIS A 33 -4.73 11.16 15.37
CA HIS A 33 -4.16 9.88 14.99
C HIS A 33 -2.84 10.03 14.25
N ASP A 34 -1.97 9.06 14.46
CA ASP A 34 -0.75 8.90 13.68
C ASP A 34 -0.77 7.51 13.07
N TRP A 35 -0.80 7.43 11.76
CA TRP A 35 -0.86 6.15 11.09
C TRP A 35 0.31 5.96 10.16
N MET A 36 0.74 4.71 10.03
CA MET A 36 1.80 4.35 9.11
C MET A 36 1.31 3.26 8.18
N VAL A 37 1.31 3.55 6.90
CA VAL A 37 0.93 2.60 5.87
C VAL A 37 2.17 2.03 5.21
N PHE A 38 2.10 0.80 4.76
CA PHE A 38 3.25 0.19 4.12
C PHE A 38 2.86 -0.84 3.06
N VAL A 39 3.76 -1.01 2.10
CA VAL A 39 3.65 -2.08 1.13
C VAL A 39 4.94 -2.91 1.18
N ARG A 40 4.80 -4.22 1.16
CA ARG A 40 5.95 -5.11 1.27
C ARG A 40 5.65 -6.44 0.58
N GLY A 41 6.58 -7.38 0.66
CA GLY A 41 6.42 -8.63 -0.04
C GLY A 41 5.73 -9.70 0.77
N PRO A 42 5.67 -10.93 0.24
CA PRO A 42 5.10 -12.07 0.94
C PRO A 42 6.04 -12.58 2.04
N GLU A 43 5.52 -12.66 3.26
CA GLU A 43 6.28 -13.18 4.40
C GLU A 43 7.51 -12.31 4.70
N HIS A 44 7.31 -10.99 4.74
CA HIS A 44 8.35 -10.03 5.10
C HIS A 44 9.50 -10.01 4.07
N SER A 45 9.25 -10.53 2.86
CA SER A 45 10.27 -10.52 1.81
C SER A 45 10.49 -9.09 1.30
N ASN A 46 11.69 -8.81 0.78
CA ASN A 46 11.94 -7.53 0.14
C ASN A 46 11.40 -7.56 -1.28
N ILE A 47 10.56 -6.61 -1.61
CA ILE A 47 9.97 -6.59 -2.94
C ILE A 47 10.71 -5.66 -3.86
N GLN A 48 11.75 -5.00 -3.34
CA GLN A 48 12.45 -3.99 -4.13
C GLN A 48 13.26 -4.66 -5.26
N HIS A 49 13.24 -5.99 -5.26
CA HIS A 49 13.83 -6.76 -6.35
C HIS A 49 13.04 -6.52 -7.64
N PHE A 50 11.72 -6.45 -7.55
CA PHE A 50 10.90 -6.15 -8.72
C PHE A 50 10.16 -4.84 -8.58
N VAL A 51 10.03 -4.36 -7.34
CA VAL A 51 9.37 -3.10 -7.04
C VAL A 51 10.38 -1.96 -7.10
N GLU A 52 10.00 -0.91 -7.81
CA GLU A 52 10.89 0.22 -8.04
C GLU A 52 10.59 1.33 -7.06
N LYS A 53 9.36 1.81 -7.12
CA LYS A 53 8.91 2.94 -6.34
C LYS A 53 7.43 2.78 -6.04
N VAL A 54 6.99 3.29 -4.92
CA VAL A 54 5.60 3.14 -4.53
C VAL A 54 5.02 4.49 -4.17
N VAL A 55 3.70 4.61 -4.24
CA VAL A 55 3.03 5.88 -4.02
C VAL A 55 1.71 5.69 -3.27
N PHE A 56 1.49 6.54 -2.29
CA PHE A 56 0.29 6.52 -1.48
C PHE A 56 -0.44 7.82 -1.67
N HIS A 57 -1.56 7.74 -2.36
CA HIS A 57 -2.39 8.91 -2.59
C HIS A 57 -3.27 9.17 -1.37
N LEU A 58 -2.80 10.02 -0.48
CA LEU A 58 -3.55 10.37 0.71
C LEU A 58 -4.70 11.30 0.33
N HIS A 59 -5.45 11.74 1.33
CA HIS A 59 -6.58 12.61 1.08
C HIS A 59 -6.05 14.02 0.90
N GLU A 60 -6.58 14.73 -0.09
CA GLU A 60 -6.06 16.05 -0.49
C GLU A 60 -6.04 17.06 0.65
N SER A 61 -6.83 16.80 1.69
CA SER A 61 -6.81 17.62 2.90
C SER A 61 -5.45 17.50 3.61
N PHE A 62 -4.70 16.46 3.28
CA PHE A 62 -3.38 16.24 3.85
C PHE A 62 -2.34 17.05 3.09
N PRO A 63 -1.33 17.57 3.79
CA PRO A 63 -0.20 18.26 3.16
C PRO A 63 0.65 17.28 2.36
N ARG A 64 0.76 17.50 1.05
CA ARG A 64 1.48 16.59 0.16
C ARG A 64 0.81 15.22 0.15
N PRO A 65 -0.36 15.10 -0.50
CA PRO A 65 -1.14 13.85 -0.53
C PRO A 65 -0.42 12.70 -1.24
N LYS A 66 0.52 13.04 -2.11
CA LYS A 66 1.19 12.02 -2.89
C LYS A 66 2.52 11.65 -2.25
N ARG A 67 2.53 10.51 -1.61
CA ARG A 67 3.73 10.05 -0.90
C ARG A 67 4.39 8.93 -1.69
N VAL A 68 5.47 9.26 -2.39
CA VAL A 68 6.22 8.24 -3.11
C VAL A 68 7.39 7.77 -2.24
N CYS A 69 7.63 6.48 -2.23
CA CYS A 69 8.74 5.92 -1.47
C CYS A 69 9.62 5.10 -2.38
N LYS A 70 10.89 5.50 -2.47
CA LYS A 70 11.87 4.81 -3.31
C LYS A 70 12.86 4.03 -2.43
N ASP A 71 13.05 4.54 -1.22
CA ASP A 71 14.04 4.05 -0.26
C ASP A 71 13.61 2.70 0.34
N PRO A 72 14.35 2.19 1.38
CA PRO A 72 13.89 1.07 2.23
C PRO A 72 12.38 1.14 2.60
N PRO A 73 11.87 0.25 3.52
CA PRO A 73 10.45 -0.17 3.56
C PRO A 73 9.46 0.92 3.14
N TYR A 74 8.65 0.59 2.14
CA TYR A 74 7.64 1.50 1.63
C TYR A 74 6.59 1.82 2.68
N LYS A 75 6.80 2.89 3.43
CA LYS A 75 5.87 3.27 4.49
C LYS A 75 5.72 4.78 4.58
N VAL A 76 4.50 5.20 4.92
CA VAL A 76 4.17 6.61 5.07
C VAL A 76 3.74 6.91 6.50
N GLU A 77 4.28 7.97 7.06
CA GLU A 77 3.95 8.41 8.42
C GLU A 77 3.19 9.73 8.37
N GLU A 78 1.90 9.67 8.65
CA GLU A 78 1.08 10.88 8.63
C GLU A 78 0.13 10.90 9.82
N SER A 79 -0.49 12.06 10.01
CA SER A 79 -1.38 12.29 11.14
C SER A 79 -2.74 12.80 10.64
N GLY A 80 -3.81 12.37 11.30
CA GLY A 80 -5.14 12.77 10.90
C GLY A 80 -6.16 12.51 12.00
N TYR A 81 -7.45 12.46 11.65
CA TYR A 81 -8.48 12.18 12.62
C TYR A 81 -9.54 11.22 12.08
N ALA A 82 -9.57 11.02 10.76
CA ALA A 82 -10.59 10.19 10.15
C ALA A 82 -10.03 9.39 8.99
N GLY A 83 -10.58 8.21 8.79
CA GLY A 83 -10.09 7.32 7.75
C GLY A 83 -10.68 7.59 6.39
N PHE A 84 -10.26 6.81 5.41
CA PHE A 84 -10.69 6.97 4.03
C PHE A 84 -10.04 5.89 3.15
N ILE A 85 -10.67 5.58 2.01
CA ILE A 85 -10.07 4.71 1.02
C ILE A 85 -8.79 5.36 0.46
N LEU A 86 -7.69 4.62 0.49
CA LEU A 86 -6.41 5.12 0.05
C LEU A 86 -5.88 4.26 -1.10
N PRO A 87 -5.96 4.78 -2.33
CA PRO A 87 -5.38 4.14 -3.52
C PRO A 87 -3.85 4.10 -3.47
N ILE A 88 -3.31 2.90 -3.36
CA ILE A 88 -1.87 2.70 -3.36
C ILE A 88 -1.41 2.15 -4.70
N GLU A 89 -0.49 2.84 -5.35
CA GLU A 89 0.06 2.36 -6.60
C GLU A 89 1.49 1.90 -6.40
N VAL A 90 1.77 0.67 -6.76
CA VAL A 90 3.09 0.11 -6.64
C VAL A 90 3.75 0.02 -8.01
N TYR A 91 4.87 0.71 -8.17
CA TYR A 91 5.59 0.73 -9.43
C TYR A 91 6.64 -0.38 -9.48
N PHE A 92 6.74 -1.03 -10.63
CA PHE A 92 7.72 -2.08 -10.83
C PHE A 92 8.77 -1.61 -11.83
N LYS A 93 9.96 -2.19 -11.75
CA LYS A 93 11.03 -1.86 -12.68
C LYS A 93 11.08 -2.89 -13.80
N ASN A 94 10.43 -2.60 -14.92
CA ASN A 94 10.28 -3.59 -15.98
C ASN A 94 10.07 -2.93 -17.34
N LYS A 95 10.25 -3.73 -18.40
CA LYS A 95 10.04 -3.26 -19.76
C LYS A 95 8.84 -3.96 -20.40
N GLU A 96 8.28 -4.90 -19.66
CA GLU A 96 7.16 -5.70 -20.16
C GLU A 96 5.85 -5.17 -19.58
N GLU A 97 4.85 -6.07 -19.47
CA GLU A 97 3.53 -5.77 -18.89
C GLU A 97 3.54 -4.69 -17.79
N PRO A 98 2.40 -3.99 -17.61
CA PRO A 98 2.26 -2.75 -16.82
C PRO A 98 3.19 -2.68 -15.60
N ARG A 99 3.96 -1.61 -15.54
CA ARG A 99 4.93 -1.42 -14.47
C ARG A 99 4.32 -0.71 -13.28
N LYS A 100 2.99 -0.74 -13.18
CA LYS A 100 2.34 -0.13 -12.04
C LYS A 100 1.00 -0.81 -11.76
N VAL A 101 0.72 -0.98 -10.48
CA VAL A 101 -0.50 -1.62 -10.03
C VAL A 101 -1.21 -0.69 -9.06
N ARG A 102 -2.50 -0.83 -8.91
CA ARG A 102 -3.25 -0.06 -7.96
C ARG A 102 -4.00 -0.95 -6.99
N PHE A 103 -3.71 -0.77 -5.71
CA PHE A 103 -4.45 -1.46 -4.66
C PHE A 103 -5.25 -0.45 -3.86
N ASP A 104 -6.56 -0.51 -3.99
CA ASP A 104 -7.44 0.38 -3.25
C ASP A 104 -7.65 -0.16 -1.86
N TYR A 105 -6.91 0.38 -0.91
CA TYR A 105 -6.93 -0.12 0.46
C TYR A 105 -7.65 0.85 1.39
N ASP A 106 -8.44 0.29 2.29
CA ASP A 106 -9.18 1.06 3.26
C ASP A 106 -8.31 1.44 4.46
N LEU A 107 -8.04 2.73 4.61
CA LEU A 107 -7.35 3.20 5.80
C LEU A 107 -8.37 3.55 6.87
N PHE A 108 -8.49 2.70 7.88
CA PHE A 108 -9.47 2.91 8.94
C PHE A 108 -8.78 3.14 10.28
N LEU A 109 -9.46 3.84 11.18
CA LEU A 109 -8.90 4.26 12.46
C LEU A 109 -9.91 3.99 13.57
N HIS A 110 -9.41 4.00 14.78
CA HIS A 110 -10.23 3.78 15.98
C HIS A 110 -10.54 5.10 16.66
N LEU A 111 -11.40 5.09 17.66
CA LEU A 111 -11.74 6.31 18.41
C LEU A 111 -10.59 6.70 19.35
N GLU A 112 -10.68 7.91 19.91
CA GLU A 112 -9.68 8.41 20.86
C GLU A 112 -9.75 7.59 22.14
N GLY A 113 -8.64 6.94 22.49
CA GLY A 113 -8.60 6.17 23.72
C GLY A 113 -9.13 4.76 23.55
N HIS A 114 -9.21 4.31 22.30
CA HIS A 114 -9.69 2.95 22.01
C HIS A 114 -8.55 2.13 21.37
N PRO A 115 -8.55 0.77 21.53
CA PRO A 115 -7.64 -0.14 20.81
C PRO A 115 -7.20 0.36 19.41
N PRO A 116 -5.87 0.45 19.15
CA PRO A 116 -5.33 0.80 17.82
C PRO A 116 -5.70 -0.23 16.75
N VAL A 117 -5.22 0.03 15.54
CA VAL A 117 -5.54 -0.81 14.40
C VAL A 117 -4.27 -1.37 13.77
N ASN A 118 -4.24 -2.67 13.54
CA ASN A 118 -3.10 -3.30 12.91
C ASN A 118 -3.57 -4.33 11.91
N HIS A 119 -3.60 -3.95 10.63
CA HIS A 119 -4.13 -4.82 9.60
C HIS A 119 -3.12 -5.04 8.48
N LEU A 120 -2.95 -6.28 8.10
CA LEU A 120 -2.10 -6.65 6.97
C LEU A 120 -2.99 -7.18 5.84
N ARG A 121 -2.53 -7.12 4.59
CA ARG A 121 -3.30 -7.61 3.46
C ARG A 121 -2.38 -8.17 2.39
N CYS A 122 -2.81 -9.23 1.73
CA CYS A 122 -2.02 -9.84 0.67
C CYS A 122 -2.76 -9.81 -0.67
N GLU A 123 -2.19 -9.09 -1.63
CA GLU A 123 -2.74 -9.00 -2.97
C GLU A 123 -1.83 -9.71 -3.96
N LYS A 124 -2.42 -10.55 -4.81
CA LYS A 124 -1.62 -11.39 -5.69
C LYS A 124 -1.49 -10.78 -7.08
N LEU A 125 -0.25 -10.75 -7.56
CA LEU A 125 0.05 -10.34 -8.93
C LEU A 125 0.23 -11.58 -9.78
N THR A 126 -0.60 -11.77 -10.78
CA THR A 126 -0.46 -12.93 -11.65
C THR A 126 0.10 -12.51 -12.99
N PHE A 127 1.24 -13.08 -13.34
CA PHE A 127 1.94 -12.73 -14.56
C PHE A 127 2.03 -13.94 -15.49
N ASN A 128 1.14 -13.97 -16.47
CA ASN A 128 1.11 -15.07 -17.44
C ASN A 128 2.29 -14.97 -18.40
N ASN A 129 3.14 -15.98 -18.36
CA ASN A 129 4.27 -16.11 -19.28
C ASN A 129 5.19 -14.88 -19.24
N PRO A 130 6.06 -14.76 -18.22
CA PRO A 130 6.93 -13.61 -18.06
C PRO A 130 8.33 -13.87 -18.61
N THR A 131 9.20 -12.89 -18.46
CA THR A 131 10.60 -13.07 -18.77
C THR A 131 11.21 -13.93 -17.65
N GLU A 132 12.12 -14.83 -17.99
CA GLU A 132 12.77 -15.63 -16.95
C GLU A 132 13.45 -14.74 -15.91
N ASP A 133 14.06 -13.63 -16.36
CA ASP A 133 14.70 -12.69 -15.47
C ASP A 133 13.69 -12.14 -14.49
N PHE A 134 12.45 -11.96 -14.95
CA PHE A 134 11.40 -11.42 -14.11
C PHE A 134 10.97 -12.46 -13.10
N ARG A 135 10.87 -13.71 -13.55
CA ARG A 135 10.60 -14.82 -12.64
C ARG A 135 11.66 -14.84 -11.55
N ARG A 136 12.89 -14.69 -11.96
CA ARG A 136 14.04 -14.68 -11.06
C ARG A 136 13.90 -13.56 -10.02
N LYS A 137 13.33 -12.43 -10.43
CA LYS A 137 13.07 -11.33 -9.52
C LYS A 137 11.95 -11.68 -8.57
N LEU A 138 10.89 -12.29 -9.10
CA LEU A 138 9.72 -12.65 -8.31
C LEU A 138 10.06 -13.76 -7.32
N LEU A 139 10.94 -14.67 -7.73
CA LEU A 139 11.33 -15.79 -6.88
C LEU A 139 12.25 -15.33 -5.76
N LYS A 140 13.07 -14.33 -6.06
CA LYS A 140 14.06 -13.86 -5.11
C LYS A 140 13.43 -12.99 -4.02
N ALA A 141 12.32 -12.36 -4.35
CA ALA A 141 11.61 -11.54 -3.38
C ALA A 141 10.78 -12.41 -2.44
N GLY B 1 -11.82 -1.85 14.97
CA GLY B 1 -11.71 -1.62 13.51
C GLY B 1 -11.97 -0.17 13.14
N GLY B 2 -12.76 0.05 12.10
CA GLY B 2 -13.07 1.41 11.67
C GLY B 2 -14.11 2.08 12.55
N LYS B 3 -13.73 2.37 13.79
CA LYS B 3 -14.62 3.03 14.73
C LYS B 3 -14.67 4.52 14.46
N ALA B 4 -13.53 5.09 14.07
CA ALA B 4 -13.40 6.52 13.90
C ALA B 4 -14.17 7.02 12.67
N PRO B 5 -14.47 8.32 12.60
CA PRO B 5 -15.18 8.90 11.45
C PRO B 5 -14.46 8.70 10.13
N ARG B 6 -15.03 9.26 9.06
CA ARG B 6 -14.45 9.14 7.74
C ARG B 6 -14.79 10.35 6.90
OH ALY B 7 -7.46 13.17 8.98
CH ALY B 7 -7.64 14.23 8.38
CH3 ALY B 7 -6.52 15.28 8.36
NZ ALY B 7 -8.78 14.48 7.73
CE ALY B 7 -9.89 13.55 7.70
CD ALY B 7 -10.94 13.95 6.67
CG ALY B 7 -11.80 12.76 6.31
CB ALY B 7 -13.17 13.17 5.79
CA ALY B 7 -14.00 11.99 5.29
N ALY B 7 -13.81 10.83 6.14
C ALY B 7 -13.63 11.68 3.84
O ALY B 7 -12.56 12.03 3.36
HH31 ALY B 7 -5.57 14.79 8.29
HH32 ALY B 7 -6.65 15.93 7.51
HH33 ALY B 7 -6.57 15.87 9.26
HZ ALY B 7 -8.87 15.34 7.27
HE3 ALY B 7 -9.53 12.56 7.45
HE2 ALY B 7 -10.35 13.52 8.67
HD3 ALY B 7 -11.57 14.72 7.10
HD2 ALY B 7 -10.45 14.32 5.79
HG3 ALY B 7 -11.30 12.19 5.54
HG2 ALY B 7 -11.93 12.14 7.17
HB3 ALY B 7 -13.70 13.66 6.60
HB2 ALY B 7 -13.02 13.88 4.99
HA ALY B 7 -15.04 12.27 5.34
H ALY B 7 -12.94 10.38 6.15
N GLN B 8 -14.53 11.00 3.14
CA GLN B 8 -14.34 10.75 1.73
C GLN B 8 -15.05 11.85 0.94
N LEU B 9 -14.31 12.55 0.10
CA LEU B 9 -14.86 13.67 -0.63
C LEU B 9 -15.76 13.18 -1.75
N ALA B 10 -17.05 13.20 -1.52
CA ALA B 10 -18.02 12.85 -2.54
C ALA B 10 -18.56 14.12 -3.18
N THR B 11 -19.16 14.98 -2.37
CA THR B 11 -19.70 16.26 -2.81
C THR B 11 -20.61 16.05 -4.03
N LYS B 12 -21.60 15.19 -3.86
CA LYS B 12 -22.54 14.91 -4.93
C LYS B 12 -23.63 15.97 -4.95
N ALA B 13 -23.98 16.47 -3.77
CA ALA B 13 -24.92 17.56 -3.63
C ALA B 13 -24.56 18.41 -2.42
N GLY A 1 9.53 -20.90 -30.79
CA GLY A 1 10.36 -22.11 -30.95
C GLY A 1 10.07 -23.14 -29.87
N SER A 2 11.05 -23.39 -29.01
CA SER A 2 10.90 -24.39 -27.97
C SER A 2 10.28 -23.76 -26.71
N HIS A 3 9.42 -24.51 -26.05
CA HIS A 3 8.77 -24.04 -24.85
C HIS A 3 9.12 -24.93 -23.67
N MET A 4 9.32 -24.33 -22.51
CA MET A 4 9.66 -25.07 -21.31
C MET A 4 8.42 -25.75 -20.75
N ALA A 5 8.12 -26.93 -21.30
CA ALA A 5 6.97 -27.74 -20.90
C ALA A 5 5.66 -26.97 -21.04
N SER A 6 5.26 -26.30 -19.98
CA SER A 6 4.01 -25.54 -19.97
C SER A 6 4.31 -24.07 -19.73
N SER A 7 3.53 -23.19 -20.34
CA SER A 7 3.66 -21.76 -20.12
C SER A 7 3.46 -21.45 -18.65
N CYS A 8 4.54 -21.06 -17.99
CA CYS A 8 4.53 -20.91 -16.54
C CYS A 8 4.14 -19.50 -16.13
N ALA A 9 3.15 -19.42 -15.25
CA ALA A 9 2.75 -18.14 -14.71
C ALA A 9 3.33 -17.95 -13.32
N VAL A 10 3.97 -16.82 -13.10
CA VAL A 10 4.55 -16.53 -11.80
C VAL A 10 3.61 -15.61 -11.03
N GLN A 11 3.47 -15.86 -9.75
CA GLN A 11 2.54 -15.12 -8.94
C GLN A 11 3.24 -14.51 -7.74
N VAL A 12 3.19 -13.20 -7.65
CA VAL A 12 3.81 -12.50 -6.55
C VAL A 12 2.75 -11.99 -5.58
N LYS A 13 3.14 -11.65 -4.37
CA LYS A 13 2.18 -11.13 -3.40
C LYS A 13 2.69 -9.83 -2.80
N LEU A 14 1.85 -8.81 -2.83
CA LEU A 14 2.18 -7.55 -2.18
C LEU A 14 1.28 -7.35 -0.98
N GLU A 15 1.86 -6.83 0.06
CA GLU A 15 1.15 -6.66 1.31
C GLU A 15 0.78 -5.20 1.55
N LEU A 16 -0.51 -4.94 1.71
CA LEU A 16 -0.99 -3.60 2.04
C LEU A 16 -1.47 -3.59 3.47
N GLY A 17 -0.85 -2.79 4.31
CA GLY A 17 -1.27 -2.71 5.68
C GLY A 17 -1.05 -1.35 6.27
N HIS A 18 -1.42 -1.22 7.53
CA HIS A 18 -1.23 0.04 8.22
C HIS A 18 -1.48 -0.15 9.70
N ARG A 19 -0.87 0.71 10.49
CA ARG A 19 -1.11 0.72 11.92
C ARG A 19 -1.60 2.09 12.30
N ALA A 20 -2.61 2.15 13.13
CA ALA A 20 -3.15 3.42 13.51
C ALA A 20 -3.36 3.52 15.01
N GLN A 21 -2.80 4.56 15.59
CA GLN A 21 -2.92 4.83 17.01
C GLN A 21 -3.35 6.28 17.20
N VAL A 22 -3.93 6.57 18.35
CA VAL A 22 -4.33 7.93 18.65
C VAL A 22 -3.30 8.55 19.60
N ARG A 23 -3.28 9.85 19.68
CA ARG A 23 -2.37 10.52 20.58
C ARG A 23 -3.17 11.19 21.67
N LYS A 24 -2.64 11.15 22.88
CA LYS A 24 -3.31 11.70 24.04
C LYS A 24 -3.32 13.22 23.94
N LYS A 25 -2.60 13.73 22.96
CA LYS A 25 -2.60 15.14 22.65
C LYS A 25 -2.46 15.33 21.15
N PRO A 26 -3.58 15.60 20.46
CA PRO A 26 -3.60 15.91 19.03
C PRO A 26 -2.58 16.99 18.67
N THR A 27 -2.14 17.00 17.41
CA THR A 27 -1.03 17.85 17.00
C THR A 27 -1.50 19.29 16.80
N VAL A 28 -0.61 20.15 16.33
CA VAL A 28 -0.89 21.58 16.19
C VAL A 28 -2.10 21.83 15.29
N GLU A 29 -2.30 20.98 14.29
CA GLU A 29 -3.42 21.11 13.38
C GLU A 29 -4.66 20.42 13.94
N GLY A 30 -4.51 19.84 15.12
CA GLY A 30 -5.62 19.18 15.79
C GLY A 30 -5.92 17.80 15.22
N PHE A 31 -4.88 17.13 14.77
CA PHE A 31 -5.04 15.79 14.23
C PHE A 31 -4.82 14.78 15.36
N THR A 32 -5.72 13.82 15.45
CA THR A 32 -5.79 12.95 16.61
C THR A 32 -5.05 11.63 16.42
N HIS A 33 -4.93 11.18 15.19
CA HIS A 33 -4.38 9.86 14.94
C HIS A 33 -3.12 9.92 14.10
N ASP A 34 -2.17 9.07 14.45
CA ASP A 34 -0.95 8.95 13.69
C ASP A 34 -0.91 7.55 13.10
N TRP A 35 -0.95 7.46 11.80
CA TRP A 35 -0.98 6.17 11.15
C TRP A 35 0.23 5.99 10.25
N MET A 36 0.63 4.75 10.09
CA MET A 36 1.69 4.42 9.16
C MET A 36 1.22 3.33 8.22
N VAL A 37 1.25 3.64 6.94
CA VAL A 37 0.85 2.71 5.90
C VAL A 37 2.08 2.11 5.27
N PHE A 38 1.97 0.90 4.76
CA PHE A 38 3.12 0.26 4.13
C PHE A 38 2.72 -0.76 3.08
N VAL A 39 3.62 -0.97 2.13
CA VAL A 39 3.50 -2.07 1.18
C VAL A 39 4.72 -2.97 1.32
N ARG A 40 4.48 -4.24 1.53
CA ARG A 40 5.54 -5.18 1.83
C ARG A 40 5.47 -6.39 0.92
N GLY A 41 6.44 -7.29 1.06
CA GLY A 41 6.50 -8.46 0.22
C GLY A 41 5.90 -9.68 0.90
N PRO A 42 5.95 -10.83 0.23
CA PRO A 42 5.38 -12.07 0.76
C PRO A 42 6.18 -12.60 1.95
N GLU A 43 5.58 -12.54 3.13
CA GLU A 43 6.15 -13.14 4.33
C GLU A 43 7.58 -12.65 4.57
N HIS A 44 7.73 -11.33 4.78
CA HIS A 44 9.02 -10.71 5.15
C HIS A 44 9.98 -10.59 3.96
N SER A 45 9.63 -11.18 2.83
CA SER A 45 10.47 -11.15 1.64
C SER A 45 10.53 -9.73 1.04
N ASN A 46 11.74 -9.22 0.81
CA ASN A 46 11.92 -7.90 0.20
C ASN A 46 11.39 -7.88 -1.21
N ILE A 47 10.56 -6.90 -1.52
CA ILE A 47 9.96 -6.82 -2.85
C ILE A 47 10.74 -5.89 -3.78
N GLN A 48 11.80 -5.27 -3.26
CA GLN A 48 12.58 -4.29 -4.04
C GLN A 48 13.17 -4.94 -5.28
N HIS A 49 13.20 -6.27 -5.29
CA HIS A 49 13.74 -7.02 -6.42
C HIS A 49 12.91 -6.77 -7.69
N PHE A 50 11.59 -6.65 -7.54
CA PHE A 50 10.75 -6.34 -8.69
C PHE A 50 10.03 -4.99 -8.51
N VAL A 51 9.99 -4.51 -7.26
CA VAL A 51 9.36 -3.24 -6.94
C VAL A 51 10.36 -2.10 -7.06
N GLU A 52 9.96 -1.07 -7.78
CA GLU A 52 10.84 0.05 -8.08
C GLU A 52 10.60 1.20 -7.12
N LYS A 53 9.42 1.78 -7.19
CA LYS A 53 9.03 2.85 -6.30
C LYS A 53 7.54 2.71 -6.00
N VAL A 54 7.12 3.16 -4.85
CA VAL A 54 5.71 3.04 -4.48
C VAL A 54 5.15 4.41 -4.14
N VAL A 55 3.82 4.54 -4.19
CA VAL A 55 3.17 5.82 -3.98
C VAL A 55 1.86 5.64 -3.23
N PHE A 56 1.61 6.54 -2.27
CA PHE A 56 0.40 6.53 -1.48
C PHE A 56 -0.32 7.85 -1.68
N HIS A 57 -1.45 7.78 -2.35
CA HIS A 57 -2.26 8.98 -2.57
C HIS A 57 -3.15 9.22 -1.36
N LEU A 58 -2.69 10.09 -0.46
CA LEU A 58 -3.45 10.42 0.74
C LEU A 58 -4.61 11.33 0.35
N HIS A 59 -5.40 11.78 1.33
CA HIS A 59 -6.55 12.60 1.03
C HIS A 59 -6.08 14.03 0.83
N GLU A 60 -6.76 14.74 -0.06
CA GLU A 60 -6.37 16.09 -0.45
C GLU A 60 -6.27 17.04 0.73
N SER A 61 -6.91 16.67 1.83
CA SER A 61 -6.84 17.43 3.07
C SER A 61 -5.44 17.34 3.70
N PHE A 62 -4.68 16.32 3.31
CA PHE A 62 -3.35 16.10 3.84
C PHE A 62 -2.34 16.96 3.09
N PRO A 63 -1.31 17.45 3.79
CA PRO A 63 -0.21 18.19 3.16
C PRO A 63 0.63 17.26 2.29
N ARG A 64 0.67 17.57 0.99
CA ARG A 64 1.36 16.74 0.01
C ARG A 64 0.73 15.35 -0.02
N PRO A 65 -0.42 15.19 -0.69
CA PRO A 65 -1.16 13.92 -0.73
C PRO A 65 -0.36 12.77 -1.34
N LYS A 66 0.61 13.07 -2.18
CA LYS A 66 1.32 12.03 -2.89
C LYS A 66 2.63 11.69 -2.19
N ARG A 67 2.66 10.51 -1.60
CA ARG A 67 3.85 10.04 -0.91
C ARG A 67 4.54 8.93 -1.69
N VAL A 68 5.65 9.26 -2.33
CA VAL A 68 6.45 8.27 -3.03
C VAL A 68 7.52 7.70 -2.08
N CYS A 69 7.79 6.40 -2.19
CA CYS A 69 8.85 5.80 -1.39
C CYS A 69 9.75 4.94 -2.28
N LYS A 70 10.99 5.36 -2.41
CA LYS A 70 12.01 4.63 -3.17
C LYS A 70 13.00 3.95 -2.21
N ASP A 71 13.11 4.53 -1.03
CA ASP A 71 13.98 4.05 0.05
C ASP A 71 13.43 2.70 0.58
N PRO A 72 14.19 1.99 1.48
CA PRO A 72 13.69 0.89 2.34
C PRO A 72 12.19 0.98 2.75
N PRO A 73 11.70 0.12 3.69
CA PRO A 73 10.29 -0.30 3.71
C PRO A 73 9.30 0.78 3.31
N TYR A 74 8.54 0.49 2.28
CA TYR A 74 7.58 1.42 1.72
C TYR A 74 6.51 1.78 2.75
N LYS A 75 6.76 2.86 3.49
CA LYS A 75 5.84 3.29 4.55
C LYS A 75 5.67 4.80 4.59
N VAL A 76 4.47 5.22 4.96
CA VAL A 76 4.15 6.63 5.12
C VAL A 76 3.63 6.88 6.53
N GLU A 77 4.17 7.91 7.17
CA GLU A 77 3.75 8.28 8.51
C GLU A 77 3.09 9.65 8.48
N GLU A 78 1.80 9.70 8.76
CA GLU A 78 1.08 10.96 8.79
C GLU A 78 0.09 10.97 9.94
N SER A 79 -0.52 12.12 10.16
CA SER A 79 -1.48 12.30 11.23
C SER A 79 -2.79 12.86 10.68
N GLY A 80 -3.92 12.39 11.19
CA GLY A 80 -5.22 12.86 10.74
C GLY A 80 -6.28 12.63 11.78
N TYR A 81 -7.55 12.85 11.43
CA TYR A 81 -8.63 12.62 12.39
C TYR A 81 -9.75 11.80 11.79
N ALA A 82 -9.65 11.44 10.53
CA ALA A 82 -10.71 10.71 9.87
C ALA A 82 -10.17 9.84 8.74
N GLY A 83 -10.56 8.57 8.76
CA GLY A 83 -10.10 7.63 7.76
C GLY A 83 -10.70 7.85 6.39
N PHE A 84 -10.24 7.07 5.42
CA PHE A 84 -10.67 7.20 4.03
C PHE A 84 -10.04 6.09 3.18
N ILE A 85 -10.64 5.82 2.02
CA ILE A 85 -10.04 4.92 1.04
C ILE A 85 -8.76 5.53 0.47
N LEU A 86 -7.68 4.79 0.57
CA LEU A 86 -6.38 5.25 0.10
C LEU A 86 -5.87 4.35 -1.02
N PRO A 87 -5.92 4.83 -2.27
CA PRO A 87 -5.36 4.13 -3.42
C PRO A 87 -3.84 4.07 -3.38
N ILE A 88 -3.30 2.86 -3.33
CA ILE A 88 -1.86 2.65 -3.33
C ILE A 88 -1.42 2.09 -4.67
N GLU A 89 -0.48 2.77 -5.30
CA GLU A 89 0.06 2.31 -6.57
C GLU A 89 1.50 1.85 -6.39
N VAL A 90 1.73 0.59 -6.66
CA VAL A 90 3.05 0.02 -6.54
C VAL A 90 3.70 -0.09 -7.92
N TYR A 91 4.83 0.59 -8.09
CA TYR A 91 5.52 0.61 -9.37
C TYR A 91 6.58 -0.49 -9.43
N PHE A 92 6.66 -1.16 -10.57
CA PHE A 92 7.63 -2.22 -10.78
C PHE A 92 8.68 -1.80 -11.80
N LYS A 93 9.89 -2.33 -11.67
CA LYS A 93 10.96 -2.03 -12.61
C LYS A 93 10.91 -3.04 -13.76
N ASN A 94 10.25 -2.66 -14.85
CA ASN A 94 9.95 -3.63 -15.90
C ASN A 94 9.78 -2.96 -17.26
N LYS A 95 10.01 -3.73 -18.31
CA LYS A 95 9.80 -3.30 -19.68
C LYS A 95 8.64 -4.05 -20.30
N GLU A 96 8.09 -4.97 -19.52
CA GLU A 96 7.00 -5.82 -19.96
C GLU A 96 5.67 -5.29 -19.41
N GLU A 97 4.69 -6.18 -19.22
CA GLU A 97 3.37 -5.87 -18.63
C GLU A 97 3.41 -4.71 -17.60
N PRO A 98 2.27 -4.01 -17.44
CA PRO A 98 2.15 -2.75 -16.67
C PRO A 98 3.12 -2.63 -15.51
N ARG A 99 3.86 -1.52 -15.52
CA ARG A 99 4.90 -1.28 -14.53
C ARG A 99 4.32 -0.69 -13.25
N LYS A 100 3.01 -0.85 -13.08
CA LYS A 100 2.35 -0.31 -11.90
C LYS A 100 1.08 -1.08 -11.59
N VAL A 101 0.76 -1.16 -10.32
CA VAL A 101 -0.46 -1.78 -9.85
C VAL A 101 -1.25 -0.77 -9.04
N ARG A 102 -2.55 -0.99 -8.92
CA ARG A 102 -3.39 -0.11 -8.14
C ARG A 102 -4.20 -0.91 -7.14
N PHE A 103 -3.84 -0.80 -5.87
CA PHE A 103 -4.57 -1.47 -4.81
C PHE A 103 -5.38 -0.46 -4.01
N ASP A 104 -6.69 -0.65 -3.96
CA ASP A 104 -7.54 0.21 -3.14
C ASP A 104 -7.57 -0.33 -1.72
N TYR A 105 -7.04 0.43 -0.81
CA TYR A 105 -6.95 0.00 0.58
C TYR A 105 -7.62 1.02 1.49
N ASP A 106 -8.36 0.52 2.47
CA ASP A 106 -9.10 1.38 3.38
C ASP A 106 -8.25 1.76 4.58
N LEU A 107 -8.02 3.04 4.76
CA LEU A 107 -7.30 3.53 5.92
C LEU A 107 -8.29 3.89 7.02
N PHE A 108 -8.57 2.93 7.89
CA PHE A 108 -9.52 3.14 8.97
C PHE A 108 -8.80 3.42 10.29
N LEU A 109 -9.48 4.13 11.18
CA LEU A 109 -8.95 4.48 12.49
C LEU A 109 -9.99 4.10 13.55
N HIS A 110 -9.55 3.85 14.78
CA HIS A 110 -10.49 3.59 15.88
C HIS A 110 -10.62 4.81 16.79
N LEU A 111 -11.58 4.79 17.71
CA LEU A 111 -11.96 5.96 18.52
C LEU A 111 -10.83 6.49 19.42
N GLU A 112 -10.76 7.83 19.52
CA GLU A 112 -9.82 8.55 20.40
C GLU A 112 -9.87 8.00 21.81
N GLY A 113 -8.73 7.56 22.31
CA GLY A 113 -8.66 7.07 23.67
C GLY A 113 -8.23 5.62 23.72
N HIS A 114 -8.89 4.79 22.95
CA HIS A 114 -8.53 3.38 22.92
C HIS A 114 -8.70 2.80 21.52
N PRO A 115 -7.79 3.14 20.60
CA PRO A 115 -7.77 2.57 19.27
C PRO A 115 -6.58 1.65 19.02
N PRO A 116 -6.82 0.34 18.93
CA PRO A 116 -5.85 -0.61 18.44
C PRO A 116 -6.10 -0.93 16.97
N VAL A 117 -5.39 -0.28 16.07
CA VAL A 117 -5.61 -0.50 14.66
C VAL A 117 -4.38 -1.10 14.00
N ASN A 118 -4.49 -2.37 13.63
CA ASN A 118 -3.44 -3.05 12.90
C ASN A 118 -4.06 -4.00 11.89
N HIS A 119 -3.75 -3.82 10.62
CA HIS A 119 -4.33 -4.64 9.58
C HIS A 119 -3.33 -4.91 8.47
N LEU A 120 -3.23 -6.18 8.08
CA LEU A 120 -2.38 -6.59 6.97
C LEU A 120 -3.25 -7.17 5.84
N ARG A 121 -2.82 -6.97 4.61
CA ARG A 121 -3.48 -7.56 3.45
C ARG A 121 -2.43 -8.12 2.50
N CYS A 122 -2.75 -9.21 1.81
CA CYS A 122 -1.83 -9.76 0.83
C CYS A 122 -2.54 -9.99 -0.50
N GLU A 123 -2.13 -9.25 -1.51
CA GLU A 123 -2.74 -9.34 -2.83
C GLU A 123 -1.80 -9.99 -3.80
N LYS A 124 -2.33 -10.81 -4.70
CA LYS A 124 -1.52 -11.61 -5.58
C LYS A 124 -1.45 -11.02 -6.98
N LEU A 125 -0.24 -10.87 -7.48
CA LEU A 125 0.03 -10.45 -8.84
C LEU A 125 0.28 -11.68 -9.69
N THR A 126 -0.53 -11.89 -10.71
CA THR A 126 -0.35 -13.06 -11.56
C THR A 126 0.14 -12.66 -12.93
N PHE A 127 1.29 -13.18 -13.31
CA PHE A 127 1.89 -12.86 -14.60
C PHE A 127 2.03 -14.11 -15.45
N ASN A 128 1.24 -14.18 -16.51
CA ASN A 128 1.20 -15.36 -17.38
C ASN A 128 2.43 -15.40 -18.28
N ASN A 129 3.22 -16.45 -18.10
CA ASN A 129 4.42 -16.72 -18.90
C ASN A 129 5.30 -15.46 -19.03
N PRO A 130 5.87 -14.96 -17.91
CA PRO A 130 6.73 -13.79 -17.92
C PRO A 130 8.12 -14.09 -18.47
N THR A 131 8.95 -13.08 -18.60
CA THR A 131 10.31 -13.28 -19.03
C THR A 131 11.11 -13.93 -17.90
N GLU A 132 12.05 -14.81 -18.24
CA GLU A 132 12.77 -15.56 -17.21
C GLU A 132 13.45 -14.63 -16.19
N ASP A 133 14.08 -13.58 -16.67
CA ASP A 133 14.73 -12.61 -15.80
C ASP A 133 13.73 -12.03 -14.81
N PHE A 134 12.47 -11.90 -15.25
CA PHE A 134 11.44 -11.37 -14.38
C PHE A 134 11.00 -12.44 -13.39
N ARG A 135 10.87 -13.67 -13.86
CA ARG A 135 10.59 -14.80 -12.98
C ARG A 135 11.65 -14.85 -11.89
N ARG A 136 12.89 -14.67 -12.29
CA ARG A 136 14.03 -14.69 -11.39
C ARG A 136 13.89 -13.64 -10.29
N LYS A 137 13.39 -12.47 -10.65
CA LYS A 137 13.13 -11.40 -9.68
C LYS A 137 11.95 -11.76 -8.78
N LEU A 138 10.92 -12.32 -9.38
CA LEU A 138 9.71 -12.67 -8.64
C LEU A 138 9.98 -13.84 -7.68
N LEU A 139 10.86 -14.75 -8.08
CA LEU A 139 11.19 -15.91 -7.25
C LEU A 139 12.12 -15.51 -6.12
N LYS A 140 12.95 -14.51 -6.36
CA LYS A 140 13.94 -14.07 -5.39
C LYS A 140 13.28 -13.27 -4.27
N ALA A 141 12.17 -12.63 -4.59
CA ALA A 141 11.40 -11.92 -3.57
C ALA A 141 10.52 -12.90 -2.80
N GLY B 1 -19.25 3.54 19.58
CA GLY B 1 -18.71 3.94 18.26
C GLY B 1 -17.58 3.03 17.81
N GLY B 2 -17.88 2.10 16.92
CA GLY B 2 -16.86 1.20 16.42
C GLY B 2 -15.98 1.88 15.38
N LYS B 3 -16.62 2.52 14.41
CA LYS B 3 -15.89 3.25 13.38
C LYS B 3 -15.61 4.68 13.84
N ALA B 4 -14.35 5.08 13.73
CA ALA B 4 -13.95 6.45 14.05
C ALA B 4 -14.35 7.39 12.91
N PRO B 5 -14.34 8.71 13.15
CA PRO B 5 -14.59 9.72 12.12
C PRO B 5 -14.05 9.37 10.73
N ARG B 6 -14.77 9.78 9.70
CA ARG B 6 -14.38 9.50 8.33
C ARG B 6 -14.88 10.57 7.38
OH ALY B 7 -7.54 13.97 8.67
CH ALY B 7 -7.76 14.90 7.89
CH3 ALY B 7 -6.73 16.02 7.74
NZ ALY B 7 -8.87 14.95 7.17
CE ALY B 7 -9.92 13.94 7.22
CD ALY B 7 -11.08 14.23 6.29
CG ALY B 7 -11.94 13.00 6.10
CB ALY B 7 -13.38 13.36 5.76
CA ALY B 7 -14.30 12.13 5.60
N ALY B 7 -13.96 11.12 6.59
C ALY B 7 -14.18 11.56 4.20
O ALY B 7 -13.30 11.92 3.42
HH31 ALY B 7 -6.79 16.68 8.59
HH32 ALY B 7 -5.73 15.59 7.69
HH33 ALY B 7 -6.92 16.58 6.83
HZ ALY B 7 -9.01 15.71 6.55
HE3 ALY B 7 -9.50 12.98 6.97
HE2 ALY B 7 -10.30 13.91 8.24
HD3 ALY B 7 -11.68 15.02 6.70
HD2 ALY B 7 -10.69 14.54 5.32
HG3 ALY B 7 -11.53 12.40 5.30
HG2 ALY B 7 -11.94 12.43 7.01
HB3 ALY B 7 -13.77 13.98 6.55
HB2 ALY B 7 -13.39 13.92 4.83
HA ALY B 7 -15.32 12.44 5.77
H ALY B 7 -13.03 10.81 6.65
N GLN B 8 -15.10 10.65 3.87
CA GLN B 8 -15.10 9.99 2.58
C GLN B 8 -15.80 10.86 1.53
N LEU B 9 -15.63 12.17 1.65
CA LEU B 9 -16.23 13.12 0.75
C LEU B 9 -15.16 13.92 0.03
N ALA B 10 -15.47 14.37 -1.17
CA ALA B 10 -14.53 15.13 -1.98
C ALA B 10 -14.51 16.60 -1.55
N THR B 11 -13.98 16.85 -0.36
CA THR B 11 -13.86 18.21 0.15
C THR B 11 -12.80 18.99 -0.62
N LYS B 12 -13.13 20.21 -1.02
CA LYS B 12 -12.22 21.03 -1.78
C LYS B 12 -11.22 21.72 -0.86
N ALA B 13 -9.97 21.30 -0.96
CA ALA B 13 -8.91 21.90 -0.16
C ALA B 13 -8.17 22.96 -0.97
N GLY A 1 10.83 -27.67 -20.94
CA GLY A 1 11.39 -26.31 -20.75
C GLY A 1 12.48 -25.99 -21.76
N SER A 2 12.13 -25.21 -22.77
CA SER A 2 13.08 -24.83 -23.80
C SER A 2 13.03 -23.32 -24.03
N HIS A 3 13.37 -22.56 -22.98
CA HIS A 3 13.37 -21.08 -22.99
C HIS A 3 11.95 -20.53 -23.00
N MET A 4 11.13 -20.94 -23.97
CA MET A 4 9.75 -20.51 -24.06
C MET A 4 8.95 -21.44 -24.96
N ALA A 5 7.85 -21.97 -24.44
CA ALA A 5 7.01 -22.87 -25.21
C ALA A 5 5.59 -22.88 -24.64
N SER A 6 5.46 -23.40 -23.43
CA SER A 6 4.18 -23.43 -22.75
C SER A 6 4.00 -22.15 -21.94
N SER A 7 2.76 -21.88 -21.53
CA SER A 7 2.48 -20.68 -20.74
C SER A 7 2.98 -20.84 -19.32
N CYS A 8 4.04 -20.12 -19.00
CA CYS A 8 4.58 -20.13 -17.66
C CYS A 8 4.21 -18.83 -16.96
N ALA A 9 3.26 -18.88 -16.07
CA ALA A 9 2.82 -17.70 -15.36
C ALA A 9 3.39 -17.65 -13.96
N VAL A 10 4.04 -16.55 -13.62
CA VAL A 10 4.57 -16.37 -12.29
C VAL A 10 3.61 -15.49 -11.50
N GLN A 11 3.41 -15.83 -10.25
CA GLN A 11 2.43 -15.14 -9.44
C GLN A 11 3.08 -14.62 -8.17
N VAL A 12 3.07 -13.31 -8.01
CA VAL A 12 3.68 -12.68 -6.87
C VAL A 12 2.64 -12.19 -5.88
N LYS A 13 3.09 -11.66 -4.77
CA LYS A 13 2.21 -11.22 -3.71
C LYS A 13 2.77 -9.96 -3.06
N LEU A 14 1.90 -9.00 -2.77
CA LEU A 14 2.29 -7.80 -2.05
C LEU A 14 1.41 -7.61 -0.83
N GLU A 15 1.98 -7.04 0.21
CA GLU A 15 1.27 -6.81 1.45
C GLU A 15 0.89 -5.33 1.62
N LEU A 16 -0.39 -5.07 1.86
CA LEU A 16 -0.87 -3.72 2.18
C LEU A 16 -1.33 -3.70 3.63
N GLY A 17 -0.74 -2.85 4.44
CA GLY A 17 -1.15 -2.78 5.82
C GLY A 17 -1.05 -1.39 6.36
N HIS A 18 -1.49 -1.20 7.60
CA HIS A 18 -1.40 0.09 8.23
C HIS A 18 -1.69 -0.04 9.71
N ARG A 19 -1.09 0.84 10.47
CA ARG A 19 -1.32 0.90 11.89
C ARG A 19 -1.81 2.28 12.24
N ALA A 20 -2.70 2.39 13.21
CA ALA A 20 -3.20 3.68 13.58
C ALA A 20 -3.18 3.87 15.09
N GLN A 21 -2.60 5.00 15.49
CA GLN A 21 -2.49 5.37 16.89
C GLN A 21 -3.07 6.77 17.08
N VAL A 22 -3.65 7.04 18.23
CA VAL A 22 -4.05 8.39 18.57
C VAL A 22 -3.04 8.96 19.55
N ARG A 23 -2.94 10.27 19.60
CA ARG A 23 -2.09 10.92 20.57
C ARG A 23 -2.98 11.65 21.56
N LYS A 24 -2.51 11.80 22.79
CA LYS A 24 -3.31 12.39 23.84
C LYS A 24 -3.39 13.91 23.72
N LYS A 25 -2.64 14.47 22.79
CA LYS A 25 -2.69 15.90 22.55
C LYS A 25 -2.71 16.18 21.06
N PRO A 26 -3.86 16.59 20.50
CA PRO A 26 -3.95 16.98 19.10
C PRO A 26 -2.91 18.03 18.72
N THR A 27 -2.42 17.91 17.50
CA THR A 27 -1.27 18.67 17.06
C THR A 27 -1.69 20.04 16.54
N VAL A 28 -0.74 20.80 16.02
CA VAL A 28 -0.98 22.20 15.66
C VAL A 28 -2.14 22.35 14.66
N GLU A 29 -2.30 21.37 13.78
CA GLU A 29 -3.37 21.40 12.80
C GLU A 29 -4.65 20.78 13.35
N GLY A 30 -4.60 20.31 14.59
CA GLY A 30 -5.79 19.78 15.23
C GLY A 30 -6.08 18.37 14.83
N PHE A 31 -5.02 17.59 14.63
CA PHE A 31 -5.17 16.21 14.20
C PHE A 31 -4.96 15.31 15.40
N THR A 32 -5.68 14.22 15.46
CA THR A 32 -5.63 13.33 16.62
C THR A 32 -4.82 12.06 16.38
N HIS A 33 -4.85 11.55 15.15
CA HIS A 33 -4.29 10.24 14.88
C HIS A 33 -3.03 10.33 14.04
N ASP A 34 -2.11 9.43 14.30
CA ASP A 34 -0.91 9.28 13.50
C ASP A 34 -0.86 7.85 12.99
N TRP A 35 -0.92 7.70 11.70
CA TRP A 35 -0.98 6.38 11.11
C TRP A 35 0.22 6.15 10.22
N MET A 36 0.55 4.89 10.04
CA MET A 36 1.61 4.52 9.13
C MET A 36 1.13 3.42 8.21
N VAL A 37 1.17 3.69 6.92
CA VAL A 37 0.79 2.74 5.91
C VAL A 37 2.03 2.12 5.31
N PHE A 38 1.93 0.90 4.82
CA PHE A 38 3.08 0.25 4.23
C PHE A 38 2.70 -0.79 3.20
N VAL A 39 3.61 -0.98 2.25
CA VAL A 39 3.53 -2.10 1.33
C VAL A 39 4.80 -2.92 1.46
N ARG A 40 4.65 -4.19 1.73
CA ARG A 40 5.80 -5.03 2.02
C ARG A 40 5.73 -6.32 1.25
N GLY A 41 6.83 -7.05 1.26
CA GLY A 41 6.84 -8.36 0.70
C GLY A 41 6.35 -9.38 1.70
N PRO A 42 5.25 -10.06 1.40
CA PRO A 42 4.64 -11.01 2.32
C PRO A 42 5.40 -12.32 2.42
N GLU A 43 5.29 -12.97 3.57
CA GLU A 43 5.89 -14.28 3.81
C GLU A 43 7.41 -14.25 3.70
N HIS A 44 8.05 -13.35 4.45
CA HIS A 44 9.51 -13.22 4.51
C HIS A 44 10.11 -12.75 3.17
N SER A 45 9.25 -12.50 2.18
CA SER A 45 9.70 -12.05 0.88
C SER A 45 10.08 -10.57 0.90
N ASN A 46 11.17 -10.24 0.21
CA ASN A 46 11.55 -8.84 0.04
C ASN A 46 11.17 -8.44 -1.38
N ILE A 47 10.38 -7.38 -1.51
CA ILE A 47 9.80 -7.07 -2.81
C ILE A 47 10.61 -6.04 -3.59
N GLN A 48 11.69 -5.53 -3.01
CA GLN A 48 12.45 -4.47 -3.67
C GLN A 48 13.15 -5.02 -4.91
N HIS A 49 13.16 -6.34 -5.01
CA HIS A 49 13.74 -7.01 -6.16
C HIS A 49 12.92 -6.76 -7.42
N PHE A 50 11.60 -6.78 -7.32
CA PHE A 50 10.76 -6.48 -8.48
C PHE A 50 10.04 -5.14 -8.33
N VAL A 51 10.01 -4.61 -7.13
CA VAL A 51 9.35 -3.35 -6.83
C VAL A 51 10.33 -2.19 -6.94
N GLU A 52 9.95 -1.16 -7.69
CA GLU A 52 10.82 -0.03 -7.98
C GLU A 52 10.56 1.10 -7.00
N LYS A 53 9.33 1.57 -6.98
CA LYS A 53 8.91 2.65 -6.11
C LYS A 53 7.44 2.49 -5.83
N VAL A 54 6.98 3.03 -4.74
CA VAL A 54 5.59 2.93 -4.36
C VAL A 54 5.03 4.29 -4.02
N VAL A 55 3.72 4.44 -4.11
CA VAL A 55 3.09 5.73 -3.93
C VAL A 55 1.77 5.59 -3.18
N PHE A 56 1.54 6.50 -2.24
CA PHE A 56 0.33 6.50 -1.45
C PHE A 56 -0.39 7.81 -1.69
N HIS A 57 -1.49 7.73 -2.39
CA HIS A 57 -2.30 8.92 -2.68
C HIS A 57 -3.16 9.27 -1.47
N LEU A 58 -2.67 10.18 -0.64
CA LEU A 58 -3.38 10.59 0.56
C LEU A 58 -4.44 11.62 0.19
N HIS A 59 -5.16 12.13 1.18
CA HIS A 59 -6.20 13.09 0.90
C HIS A 59 -5.60 14.49 0.91
N GLU A 60 -6.22 15.36 0.15
CA GLU A 60 -5.76 16.74 -0.03
C GLU A 60 -5.70 17.50 1.29
N SER A 61 -6.34 16.96 2.31
CA SER A 61 -6.26 17.51 3.66
C SER A 61 -4.85 17.34 4.23
N PHE A 62 -4.10 16.44 3.62
CA PHE A 62 -2.76 16.11 4.06
C PHE A 62 -1.73 16.89 3.26
N PRO A 63 -0.65 17.34 3.92
CA PRO A 63 0.49 17.95 3.23
C PRO A 63 1.21 16.91 2.37
N ARG A 64 1.46 17.24 1.11
CA ARG A 64 2.07 16.31 0.16
C ARG A 64 1.18 15.07 0.00
N PRO A 65 0.08 15.18 -0.76
CA PRO A 65 -0.88 14.08 -0.93
C PRO A 65 -0.27 12.86 -1.63
N LYS A 66 0.84 13.05 -2.31
CA LYS A 66 1.49 11.97 -3.02
C LYS A 66 2.79 11.59 -2.35
N ARG A 67 2.80 10.46 -1.70
CA ARG A 67 4.00 9.96 -1.05
C ARG A 67 4.60 8.82 -1.84
N VAL A 68 5.72 9.07 -2.51
CA VAL A 68 6.42 8.00 -3.19
C VAL A 68 7.56 7.52 -2.28
N CYS A 69 7.76 6.21 -2.23
CA CYS A 69 8.82 5.63 -1.44
C CYS A 69 9.73 4.78 -2.32
N LYS A 70 10.96 5.23 -2.48
CA LYS A 70 11.97 4.50 -3.24
C LYS A 70 12.99 3.85 -2.30
N ASP A 71 13.11 4.46 -1.12
CA ASP A 71 14.07 4.09 -0.10
C ASP A 71 13.66 2.81 0.64
N PRO A 72 14.38 2.43 1.75
CA PRO A 72 13.93 1.40 2.69
C PRO A 72 12.41 1.43 2.99
N PRO A 73 11.88 0.52 3.86
CA PRO A 73 10.48 0.05 3.85
C PRO A 73 9.46 1.06 3.34
N TYR A 74 8.69 0.64 2.34
CA TYR A 74 7.61 1.45 1.78
C TYR A 74 6.56 1.75 2.85
N LYS A 75 6.71 2.88 3.52
CA LYS A 75 5.79 3.29 4.57
C LYS A 75 5.62 4.80 4.65
N VAL A 76 4.41 5.23 4.97
CA VAL A 76 4.08 6.63 5.10
C VAL A 76 3.54 6.91 6.49
N GLU A 77 4.06 7.94 7.14
CA GLU A 77 3.66 8.29 8.50
C GLU A 77 3.08 9.69 8.51
N GLU A 78 1.77 9.78 8.69
CA GLU A 78 1.12 11.09 8.70
C GLU A 78 0.06 11.15 9.80
N SER A 79 -0.47 12.35 10.03
CA SER A 79 -1.42 12.59 11.08
C SER A 79 -2.76 13.07 10.50
N GLY A 80 -3.86 12.64 11.11
CA GLY A 80 -5.18 13.02 10.67
C GLY A 80 -6.20 12.86 11.78
N TYR A 81 -7.47 12.83 11.42
CA TYR A 81 -8.52 12.59 12.42
C TYR A 81 -9.57 11.62 11.89
N ALA A 82 -9.60 11.42 10.57
CA ALA A 82 -10.60 10.58 9.96
C ALA A 82 -10.00 9.79 8.81
N GLY A 83 -10.48 8.56 8.65
CA GLY A 83 -9.95 7.69 7.62
C GLY A 83 -10.55 7.95 6.25
N PHE A 84 -10.14 7.15 5.27
CA PHE A 84 -10.59 7.28 3.89
C PHE A 84 -9.99 6.16 3.04
N ILE A 85 -10.63 5.86 1.92
CA ILE A 85 -10.08 4.92 0.94
C ILE A 85 -8.78 5.48 0.37
N LEU A 86 -7.70 4.76 0.57
CA LEU A 86 -6.40 5.19 0.10
C LEU A 86 -5.90 4.25 -0.98
N PRO A 87 -5.93 4.70 -2.25
CA PRO A 87 -5.37 3.98 -3.38
C PRO A 87 -3.84 3.98 -3.35
N ILE A 88 -3.26 2.78 -3.17
CA ILE A 88 -1.82 2.62 -3.23
C ILE A 88 -1.42 2.04 -4.57
N GLU A 89 -0.45 2.67 -5.20
CA GLU A 89 0.10 2.14 -6.44
C GLU A 89 1.52 1.68 -6.23
N VAL A 90 1.76 0.42 -6.55
CA VAL A 90 3.09 -0.16 -6.44
C VAL A 90 3.74 -0.25 -7.81
N TYR A 91 4.85 0.46 -7.98
CA TYR A 91 5.58 0.46 -9.25
C TYR A 91 6.58 -0.68 -9.27
N PHE A 92 6.72 -1.29 -10.43
CA PHE A 92 7.68 -2.36 -10.61
C PHE A 92 8.73 -1.92 -11.62
N LYS A 93 9.92 -2.49 -11.54
CA LYS A 93 10.97 -2.20 -12.49
C LYS A 93 10.95 -3.24 -13.61
N ASN A 94 10.24 -2.93 -14.69
CA ASN A 94 10.01 -3.91 -15.74
C ASN A 94 9.73 -3.25 -17.08
N LYS A 95 9.87 -4.05 -18.14
CA LYS A 95 9.64 -3.59 -19.50
C LYS A 95 8.42 -4.28 -20.10
N GLU A 96 7.76 -5.09 -19.30
CA GLU A 96 6.63 -5.88 -19.77
C GLU A 96 5.32 -5.21 -19.36
N GLU A 97 4.25 -6.01 -19.27
CA GLU A 97 2.91 -5.53 -18.87
C GLU A 97 2.97 -4.58 -17.66
N PRO A 98 1.91 -3.73 -17.45
CA PRO A 98 1.94 -2.53 -16.60
C PRO A 98 2.89 -2.59 -15.40
N ARG A 99 3.73 -1.57 -15.29
CA ARG A 99 4.74 -1.49 -14.24
C ARG A 99 4.17 -0.83 -12.99
N LYS A 100 2.85 -0.82 -12.88
CA LYS A 100 2.20 -0.24 -11.73
C LYS A 100 0.89 -0.96 -11.45
N VAL A 101 0.58 -1.11 -10.18
CA VAL A 101 -0.66 -1.74 -9.76
C VAL A 101 -1.37 -0.83 -8.76
N ARG A 102 -2.67 -0.95 -8.68
CA ARG A 102 -3.44 -0.17 -7.75
C ARG A 102 -4.20 -1.06 -6.79
N PHE A 103 -3.86 -0.94 -5.51
CA PHE A 103 -4.57 -1.67 -4.48
C PHE A 103 -5.40 -0.69 -3.66
N ASP A 104 -6.72 -0.79 -3.81
CA ASP A 104 -7.61 0.04 -3.03
C ASP A 104 -7.68 -0.47 -1.61
N TYR A 105 -7.22 0.36 -0.68
CA TYR A 105 -7.11 -0.04 0.70
C TYR A 105 -7.75 0.99 1.61
N ASP A 106 -8.65 0.54 2.47
CA ASP A 106 -9.38 1.44 3.36
C ASP A 106 -8.55 1.78 4.58
N LEU A 107 -8.12 3.03 4.68
CA LEU A 107 -7.43 3.49 5.86
C LEU A 107 -8.44 3.91 6.90
N PHE A 108 -8.62 3.09 7.93
CA PHE A 108 -9.57 3.44 8.99
C PHE A 108 -8.84 3.69 10.29
N LEU A 109 -9.49 4.43 11.17
CA LEU A 109 -8.94 4.80 12.46
C LEU A 109 -10.01 4.50 13.52
N HIS A 110 -9.61 4.26 14.76
CA HIS A 110 -10.60 4.10 15.82
C HIS A 110 -10.70 5.38 16.66
N LEU A 111 -11.69 5.44 17.53
CA LEU A 111 -12.01 6.66 18.29
C LEU A 111 -10.83 7.20 19.11
N GLU A 112 -10.64 8.52 19.01
CA GLU A 112 -9.66 9.26 19.80
C GLU A 112 -9.79 8.90 21.28
N GLY A 113 -8.70 8.46 21.85
CA GLY A 113 -8.66 8.09 23.25
C GLY A 113 -8.20 6.67 23.45
N HIS A 114 -8.82 5.72 22.74
CA HIS A 114 -8.34 4.34 22.79
C HIS A 114 -8.55 3.62 21.46
N PRO A 115 -7.74 3.95 20.44
CA PRO A 115 -7.76 3.27 19.17
C PRO A 115 -6.55 2.37 18.93
N PRO A 116 -6.74 1.05 18.98
CA PRO A 116 -5.75 0.09 18.55
C PRO A 116 -6.04 -0.39 17.13
N VAL A 117 -5.37 0.18 16.14
CA VAL A 117 -5.63 -0.21 14.76
C VAL A 117 -4.42 -0.88 14.14
N ASN A 118 -4.58 -2.13 13.75
CA ASN A 118 -3.53 -2.87 13.06
C ASN A 118 -4.16 -3.83 12.05
N HIS A 119 -3.92 -3.59 10.77
CA HIS A 119 -4.50 -4.44 9.74
C HIS A 119 -3.48 -4.75 8.65
N LEU A 120 -3.42 -6.02 8.26
CA LEU A 120 -2.54 -6.46 7.18
C LEU A 120 -3.36 -7.06 6.04
N ARG A 121 -2.84 -6.97 4.82
CA ARG A 121 -3.47 -7.57 3.64
C ARG A 121 -2.39 -8.12 2.72
N CYS A 122 -2.72 -9.12 1.91
CA CYS A 122 -1.79 -9.65 0.93
C CYS A 122 -2.52 -9.93 -0.38
N GLU A 123 -2.05 -9.32 -1.48
CA GLU A 123 -2.71 -9.46 -2.77
C GLU A 123 -1.77 -10.09 -3.79
N LYS A 124 -2.34 -10.72 -4.80
CA LYS A 124 -1.55 -11.49 -5.76
C LYS A 124 -1.45 -10.80 -7.11
N LEU A 125 -0.26 -10.87 -7.67
CA LEU A 125 0.03 -10.36 -9.01
C LEU A 125 0.28 -11.54 -9.94
N THR A 126 -0.47 -11.65 -11.02
CA THR A 126 -0.28 -12.77 -11.93
C THR A 126 0.23 -12.28 -13.28
N PHE A 127 1.38 -12.80 -13.68
CA PHE A 127 2.02 -12.40 -14.93
C PHE A 127 2.15 -13.60 -15.85
N ASN A 128 1.36 -13.61 -16.92
CA ASN A 128 1.35 -14.72 -17.85
C ASN A 128 2.52 -14.63 -18.84
N ASN A 129 3.36 -15.66 -18.83
CA ASN A 129 4.54 -15.75 -19.68
C ASN A 129 5.44 -14.51 -19.55
N PRO A 130 5.96 -14.24 -18.33
CA PRO A 130 6.92 -13.16 -18.12
C PRO A 130 8.30 -13.56 -18.63
N THR A 131 9.20 -12.60 -18.74
CA THR A 131 10.55 -12.89 -19.15
C THR A 131 11.27 -13.66 -18.05
N GLU A 132 12.08 -14.65 -18.41
CA GLU A 132 12.70 -15.52 -17.41
C GLU A 132 13.42 -14.73 -16.30
N ASP A 133 14.15 -13.70 -16.69
CA ASP A 133 14.87 -12.85 -15.74
C ASP A 133 13.91 -12.22 -14.74
N PHE A 134 12.68 -11.99 -15.17
CA PHE A 134 11.67 -11.41 -14.30
C PHE A 134 11.18 -12.45 -13.32
N ARG A 135 11.01 -13.68 -13.82
CA ARG A 135 10.68 -14.80 -12.94
C ARG A 135 11.73 -14.90 -11.84
N ARG A 136 12.98 -14.77 -12.24
CA ARG A 136 14.12 -14.80 -11.34
C ARG A 136 13.99 -13.73 -10.24
N LYS A 137 13.43 -12.58 -10.58
CA LYS A 137 13.20 -11.52 -9.61
C LYS A 137 12.03 -11.88 -8.70
N LEU A 138 10.97 -12.41 -9.29
CA LEU A 138 9.76 -12.74 -8.56
C LEU A 138 10.00 -13.93 -7.61
N LEU A 139 10.87 -14.84 -8.01
CA LEU A 139 11.20 -16.01 -7.19
C LEU A 139 12.16 -15.64 -6.08
N LYS A 140 13.04 -14.68 -6.36
CA LYS A 140 14.05 -14.28 -5.40
C LYS A 140 13.45 -13.45 -4.26
N ALA A 141 12.35 -12.80 -4.54
CA ALA A 141 11.66 -11.99 -3.54
C ALA A 141 11.31 -12.82 -2.32
N GLY B 1 -18.93 4.13 20.06
CA GLY B 1 -18.48 3.92 18.66
C GLY B 1 -17.01 3.54 18.61
N GLY B 2 -16.66 2.67 17.67
CA GLY B 2 -15.28 2.27 17.52
C GLY B 2 -14.63 2.91 16.31
N LYS B 3 -15.37 3.00 15.21
CA LYS B 3 -14.87 3.59 13.98
C LYS B 3 -14.80 5.11 14.10
N ALA B 4 -13.63 5.66 13.81
CA ALA B 4 -13.44 7.10 13.82
C ALA B 4 -14.19 7.74 12.66
N PRO B 5 -14.36 9.07 12.67
CA PRO B 5 -14.99 9.80 11.57
C PRO B 5 -14.42 9.43 10.19
N ARG B 6 -15.11 9.84 9.15
CA ARG B 6 -14.74 9.47 7.80
C ARG B 6 -15.02 10.62 6.83
OH ALY B 7 -7.47 13.52 8.69
CH ALY B 7 -7.65 14.54 8.01
CH3 ALY B 7 -6.55 15.60 7.95
NZ ALY B 7 -8.79 14.74 7.34
CE ALY B 7 -9.89 13.79 7.35
CD ALY B 7 -10.97 14.16 6.35
CG ALY B 7 -11.84 12.96 6.03
CB ALY B 7 -13.23 13.35 5.61
CA ALY B 7 -14.10 12.17 5.19
N ALY B 7 -13.98 11.08 6.16
C ALY B 7 -13.69 11.69 3.81
O ALY B 7 -12.73 12.18 3.21
HH31 ALY B 7 -6.39 16.02 8.92
HH32 ALY B 7 -5.64 15.14 7.58
HH33 ALY B 7 -6.85 16.38 7.25
HZ ALY B 7 -8.89 15.55 6.81
HE3 ALY B 7 -9.52 12.81 7.11
HE2 ALY B 7 -10.33 13.78 8.33
HD3 ALY B 7 -11.59 14.94 6.77
HD2 ALY B 7 -10.51 14.51 5.44
HG3 ALY B 7 -11.38 12.40 5.23
HG2 ALY B 7 -11.90 12.33 6.90
HB3 ALY B 7 -13.71 13.86 6.45
HB2 ALY B 7 -13.16 14.04 4.78
HA ALY B 7 -15.13 12.47 5.16
H ALY B 7 -13.09 10.68 6.31
N GLN B 8 -14.42 10.71 3.30
CA GLN B 8 -14.10 10.12 2.01
C GLN B 8 -14.68 10.98 0.88
N LEU B 9 -14.12 12.17 0.75
CA LEU B 9 -14.55 13.10 -0.28
C LEU B 9 -13.66 12.96 -1.51
N ALA B 10 -14.20 12.35 -2.55
CA ALA B 10 -13.48 12.20 -3.80
C ALA B 10 -14.07 13.09 -4.88
N THR B 11 -13.65 14.34 -4.89
CA THR B 11 -14.17 15.33 -5.83
C THR B 11 -13.55 15.15 -7.21
N LYS B 12 -14.21 14.35 -8.05
CA LYS B 12 -13.75 14.13 -9.41
C LYS B 12 -14.91 14.33 -10.39
N ALA B 13 -15.91 13.46 -10.27
CA ALA B 13 -17.08 13.52 -11.12
C ALA B 13 -18.18 14.34 -10.47
N GLY A 1 4.12 -30.73 -30.72
CA GLY A 1 3.89 -29.41 -31.38
C GLY A 1 5.17 -28.78 -31.85
N SER A 2 5.07 -27.90 -32.83
CA SER A 2 6.23 -27.22 -33.38
C SER A 2 6.40 -25.82 -32.79
N HIS A 3 6.05 -25.68 -31.51
CA HIS A 3 6.15 -24.39 -30.83
C HIS A 3 6.53 -24.59 -29.37
N MET A 4 7.81 -24.87 -29.14
CA MET A 4 8.31 -25.11 -27.79
C MET A 4 8.43 -23.81 -27.01
N ALA A 5 7.28 -23.28 -26.60
CA ALA A 5 7.21 -22.05 -25.84
C ALA A 5 6.23 -22.22 -24.68
N SER A 6 6.67 -22.95 -23.66
CA SER A 6 5.84 -23.24 -22.50
C SER A 6 5.42 -21.95 -21.80
N SER A 7 4.12 -21.76 -21.63
CA SER A 7 3.61 -20.60 -20.93
C SER A 7 3.53 -20.90 -19.43
N CYS A 8 4.40 -20.28 -18.67
CA CYS A 8 4.42 -20.48 -17.23
C CYS A 8 4.10 -19.18 -16.52
N ALA A 9 3.11 -19.21 -15.64
CA ALA A 9 2.68 -18.00 -14.95
C ALA A 9 3.31 -17.91 -13.56
N VAL A 10 4.00 -16.81 -13.32
CA VAL A 10 4.58 -16.54 -12.01
C VAL A 10 3.68 -15.57 -11.26
N GLN A 11 3.51 -15.79 -9.97
CA GLN A 11 2.66 -14.92 -9.18
C GLN A 11 3.45 -14.34 -8.02
N VAL A 12 3.28 -13.06 -7.80
CA VAL A 12 3.88 -12.40 -6.67
C VAL A 12 2.79 -11.97 -5.70
N LYS A 13 3.17 -11.47 -4.55
CA LYS A 13 2.20 -11.12 -3.53
C LYS A 13 2.63 -9.85 -2.82
N LEU A 14 1.82 -8.81 -2.89
CA LEU A 14 2.13 -7.57 -2.22
C LEU A 14 1.22 -7.39 -1.03
N GLU A 15 1.78 -6.85 0.03
CA GLU A 15 1.07 -6.68 1.27
C GLU A 15 0.83 -5.21 1.56
N LEU A 16 -0.44 -4.84 1.68
CA LEU A 16 -0.83 -3.49 2.04
C LEU A 16 -1.24 -3.50 3.49
N GLY A 17 -0.48 -2.87 4.34
CA GLY A 17 -0.81 -2.87 5.74
C GLY A 17 -0.67 -1.52 6.35
N HIS A 18 -1.15 -1.37 7.56
CA HIS A 18 -1.04 -0.09 8.23
C HIS A 18 -1.28 -0.22 9.72
N ARG A 19 -0.65 0.67 10.46
CA ARG A 19 -0.87 0.79 11.87
C ARG A 19 -1.50 2.13 12.15
N ALA A 20 -2.29 2.21 13.18
CA ALA A 20 -2.87 3.48 13.55
C ALA A 20 -2.99 3.63 15.06
N GLN A 21 -2.45 4.72 15.57
CA GLN A 21 -2.58 5.04 16.97
C GLN A 21 -3.26 6.38 17.13
N VAL A 22 -3.97 6.57 18.22
CA VAL A 22 -4.48 7.87 18.55
C VAL A 22 -3.60 8.49 19.62
N ARG A 23 -3.57 9.81 19.66
CA ARG A 23 -2.73 10.51 20.60
C ARG A 23 -3.61 11.11 21.68
N LYS A 24 -3.14 11.05 22.92
CA LYS A 24 -3.87 11.61 24.05
C LYS A 24 -3.90 13.13 23.94
N LYS A 25 -3.01 13.64 23.09
CA LYS A 25 -2.98 15.04 22.74
C LYS A 25 -2.78 15.16 21.24
N PRO A 26 -3.85 15.52 20.50
CA PRO A 26 -3.76 15.79 19.05
C PRO A 26 -2.63 16.75 18.72
N THR A 27 -2.14 16.70 17.48
CA THR A 27 -0.98 17.48 17.08
C THR A 27 -1.35 18.94 16.89
N VAL A 28 -0.41 19.75 16.41
CA VAL A 28 -0.62 21.19 16.28
C VAL A 28 -1.79 21.51 15.36
N GLU A 29 -2.02 20.66 14.36
CA GLU A 29 -3.14 20.85 13.44
C GLU A 29 -4.42 20.25 14.01
N GLY A 30 -4.30 19.66 15.20
CA GLY A 30 -5.44 19.08 15.86
C GLY A 30 -5.83 17.74 15.27
N PHE A 31 -4.84 17.01 14.80
CA PHE A 31 -5.06 15.68 14.27
C PHE A 31 -4.87 14.67 15.38
N THR A 32 -5.82 13.78 15.52
CA THR A 32 -5.89 12.90 16.68
C THR A 32 -5.13 11.60 16.46
N HIS A 33 -5.05 11.15 15.23
CA HIS A 33 -4.47 9.85 14.93
C HIS A 33 -3.21 9.96 14.10
N ASP A 34 -2.26 9.09 14.38
CA ASP A 34 -1.05 8.99 13.60
C ASP A 34 -0.94 7.57 13.05
N TRP A 35 -0.89 7.46 11.75
CA TRP A 35 -0.90 6.15 11.10
C TRP A 35 0.30 5.97 10.21
N MET A 36 0.70 4.71 10.06
CA MET A 36 1.78 4.36 9.18
C MET A 36 1.32 3.26 8.23
N VAL A 37 1.31 3.59 6.95
CA VAL A 37 0.92 2.66 5.91
C VAL A 37 2.16 2.05 5.28
N PHE A 38 2.05 0.84 4.77
CA PHE A 38 3.19 0.21 4.13
C PHE A 38 2.79 -0.81 3.08
N VAL A 39 3.70 -1.05 2.15
CA VAL A 39 3.55 -2.12 1.18
C VAL A 39 4.78 -3.01 1.20
N ARG A 40 4.57 -4.31 1.35
CA ARG A 40 5.67 -5.25 1.49
C ARG A 40 5.46 -6.47 0.61
N GLY A 41 6.37 -7.44 0.70
CA GLY A 41 6.28 -8.63 -0.11
C GLY A 41 5.57 -9.76 0.58
N PRO A 42 5.58 -10.95 -0.03
CA PRO A 42 4.91 -12.12 0.53
C PRO A 42 5.59 -12.57 1.82
N GLU A 43 4.87 -12.42 2.93
CA GLU A 43 5.39 -12.82 4.23
C GLU A 43 6.68 -12.08 4.56
N HIS A 44 6.63 -10.74 4.56
CA HIS A 44 7.75 -9.89 4.96
C HIS A 44 8.95 -9.98 4.01
N SER A 45 8.77 -10.63 2.86
CA SER A 45 9.82 -10.72 1.84
C SER A 45 10.10 -9.34 1.23
N ASN A 46 11.38 -9.02 1.01
CA ASN A 46 11.75 -7.74 0.44
C ASN A 46 11.36 -7.69 -1.03
N ILE A 47 10.61 -6.67 -1.40
CA ILE A 47 10.05 -6.59 -2.75
C ILE A 47 10.86 -5.73 -3.70
N GLN A 48 11.91 -5.09 -3.21
CA GLN A 48 12.69 -4.18 -4.04
C GLN A 48 13.41 -4.91 -5.19
N HIS A 49 13.19 -6.21 -5.30
CA HIS A 49 13.73 -6.98 -6.41
C HIS A 49 12.87 -6.80 -7.65
N PHE A 50 11.56 -6.64 -7.47
CA PHE A 50 10.69 -6.35 -8.61
C PHE A 50 9.98 -5.00 -8.43
N VAL A 51 9.90 -4.53 -7.19
CA VAL A 51 9.28 -3.25 -6.88
C VAL A 51 10.32 -2.14 -6.95
N GLU A 52 9.99 -1.08 -7.67
CA GLU A 52 10.92 0.02 -7.89
C GLU A 52 10.63 1.16 -6.93
N LYS A 53 9.44 1.73 -7.08
CA LYS A 53 8.98 2.81 -6.22
C LYS A 53 7.49 2.66 -5.98
N VAL A 54 7.03 3.16 -4.87
CA VAL A 54 5.63 3.04 -4.51
C VAL A 54 5.04 4.40 -4.19
N VAL A 55 3.73 4.53 -4.26
CA VAL A 55 3.08 5.82 -4.04
C VAL A 55 1.76 5.65 -3.27
N PHE A 56 1.53 6.54 -2.32
CA PHE A 56 0.33 6.54 -1.51
C PHE A 56 -0.42 7.82 -1.74
N HIS A 57 -1.53 7.72 -2.42
CA HIS A 57 -2.38 8.87 -2.70
C HIS A 57 -3.23 9.19 -1.46
N LEU A 58 -2.73 10.10 -0.62
CA LEU A 58 -3.43 10.47 0.60
C LEU A 58 -4.57 11.43 0.26
N HIS A 59 -5.29 11.90 1.27
CA HIS A 59 -6.37 12.83 1.03
C HIS A 59 -5.80 14.20 0.69
N GLU A 60 -6.50 14.89 -0.20
CA GLU A 60 -6.04 16.14 -0.78
C GLU A 60 -5.80 17.23 0.27
N SER A 61 -6.46 17.09 1.43
CA SER A 61 -6.31 18.05 2.52
C SER A 61 -4.99 17.83 3.26
N PHE A 62 -4.35 16.69 3.01
CA PHE A 62 -3.08 16.36 3.65
C PHE A 62 -1.92 17.04 2.94
N PRO A 63 -0.94 17.56 3.68
CA PRO A 63 0.30 18.09 3.11
C PRO A 63 1.01 17.03 2.29
N ARG A 64 1.25 17.34 1.02
CA ARG A 64 1.84 16.40 0.09
C ARG A 64 0.99 15.13 -0.03
N PRO A 65 -0.13 15.19 -0.76
CA PRO A 65 -1.04 14.04 -0.91
C PRO A 65 -0.39 12.84 -1.57
N LYS A 66 0.68 13.06 -2.32
CA LYS A 66 1.34 12.01 -3.05
C LYS A 66 2.65 11.64 -2.38
N ARG A 67 2.67 10.50 -1.72
CA ARG A 67 3.88 10.02 -1.08
C ARG A 67 4.50 8.89 -1.88
N VAL A 68 5.62 9.16 -2.53
CA VAL A 68 6.34 8.10 -3.21
C VAL A 68 7.47 7.63 -2.30
N CYS A 69 7.64 6.32 -2.22
CA CYS A 69 8.69 5.74 -1.40
C CYS A 69 9.63 4.91 -2.27
N LYS A 70 10.87 5.37 -2.37
CA LYS A 70 11.91 4.64 -3.09
C LYS A 70 12.87 3.98 -2.09
N ASP A 71 12.89 4.55 -0.90
CA ASP A 71 13.80 4.15 0.19
C ASP A 71 13.44 2.78 0.77
N PRO A 72 14.15 2.33 1.85
CA PRO A 72 13.76 1.14 2.64
C PRO A 72 12.23 1.05 2.91
N PRO A 73 11.76 -0.01 3.64
CA PRO A 73 10.36 -0.48 3.62
C PRO A 73 9.35 0.63 3.31
N TYR A 74 8.57 0.40 2.24
CA TYR A 74 7.62 1.37 1.73
C TYR A 74 6.57 1.72 2.78
N LYS A 75 6.73 2.87 3.43
CA LYS A 75 5.80 3.29 4.46
C LYS A 75 5.65 4.80 4.55
N VAL A 76 4.46 5.22 4.91
CA VAL A 76 4.13 6.63 5.09
C VAL A 76 3.60 6.83 6.50
N GLU A 77 4.12 7.84 7.18
CA GLU A 77 3.71 8.14 8.55
C GLU A 77 3.08 9.51 8.61
N GLU A 78 1.76 9.55 8.76
CA GLU A 78 1.03 10.81 8.72
C GLU A 78 0.03 10.88 9.88
N SER A 79 -0.64 12.02 10.01
CA SER A 79 -1.60 12.24 11.09
C SER A 79 -2.93 12.71 10.53
N GLY A 80 -4.03 12.30 11.17
CA GLY A 80 -5.36 12.68 10.74
C GLY A 80 -6.37 12.49 11.86
N TYR A 81 -7.65 12.48 11.53
CA TYR A 81 -8.68 12.24 12.54
C TYR A 81 -9.73 11.25 12.08
N ALA A 82 -9.74 10.95 10.79
CA ALA A 82 -10.76 10.06 10.25
C ALA A 82 -10.23 9.28 9.04
N GLY A 83 -10.50 7.99 9.03
CA GLY A 83 -10.03 7.12 7.98
C GLY A 83 -10.69 7.37 6.63
N PHE A 84 -10.11 6.77 5.61
CA PHE A 84 -10.57 6.93 4.23
C PHE A 84 -9.92 5.88 3.34
N ILE A 85 -10.59 5.55 2.23
CA ILE A 85 -9.99 4.69 1.21
C ILE A 85 -8.73 5.34 0.63
N LEU A 86 -7.63 4.63 0.69
CA LEU A 86 -6.37 5.13 0.19
C LEU A 86 -5.87 4.23 -0.93
N PRO A 87 -5.99 4.70 -2.18
CA PRO A 87 -5.45 4.01 -3.35
C PRO A 87 -3.92 4.04 -3.39
N ILE A 88 -3.32 2.86 -3.37
CA ILE A 88 -1.87 2.73 -3.40
C ILE A 88 -1.42 2.17 -4.75
N GLU A 89 -0.47 2.83 -5.38
CA GLU A 89 0.08 2.32 -6.62
C GLU A 89 1.50 1.86 -6.40
N VAL A 90 1.75 0.62 -6.78
CA VAL A 90 3.07 0.04 -6.64
C VAL A 90 3.73 -0.05 -8.02
N TYR A 91 4.90 0.59 -8.15
CA TYR A 91 5.63 0.60 -9.41
C TYR A 91 6.69 -0.51 -9.42
N PHE A 92 6.77 -1.22 -10.53
CA PHE A 92 7.74 -2.29 -10.69
C PHE A 92 8.82 -1.89 -11.68
N LYS A 93 9.99 -2.51 -11.59
CA LYS A 93 11.09 -2.20 -12.50
C LYS A 93 11.17 -3.23 -13.62
N ASN A 94 10.53 -2.94 -14.74
CA ASN A 94 10.55 -3.85 -15.90
C ASN A 94 10.22 -3.10 -17.19
N LYS A 95 10.46 -3.75 -18.32
CA LYS A 95 10.18 -3.17 -19.63
C LYS A 95 9.06 -3.93 -20.34
N GLU A 96 8.48 -4.89 -19.64
CA GLU A 96 7.45 -5.75 -20.21
C GLU A 96 6.06 -5.30 -19.77
N GLU A 97 5.10 -6.23 -19.73
CA GLU A 97 3.71 -5.97 -19.30
C GLU A 97 3.65 -4.99 -18.10
N PRO A 98 2.50 -4.27 -17.93
CA PRO A 98 2.36 -3.09 -17.05
C PRO A 98 3.15 -3.18 -15.75
N ARG A 99 4.01 -2.19 -15.55
CA ARG A 99 4.89 -2.14 -14.41
C ARG A 99 4.27 -1.34 -13.27
N LYS A 100 2.95 -1.19 -13.29
CA LYS A 100 2.29 -0.45 -12.23
C LYS A 100 0.95 -1.08 -11.88
N VAL A 101 0.66 -1.13 -10.60
CA VAL A 101 -0.58 -1.69 -10.09
C VAL A 101 -1.22 -0.68 -9.16
N ARG A 102 -2.53 -0.78 -9.00
CA ARG A 102 -3.23 0.08 -8.11
C ARG A 102 -4.09 -0.76 -7.16
N PHE A 103 -3.83 -0.63 -5.87
CA PHE A 103 -4.60 -1.35 -4.86
C PHE A 103 -5.47 -0.39 -4.06
N ASP A 104 -6.74 -0.73 -3.88
CA ASP A 104 -7.64 0.06 -3.06
C ASP A 104 -7.61 -0.47 -1.63
N TYR A 105 -6.95 0.27 -0.75
CA TYR A 105 -6.79 -0.16 0.62
C TYR A 105 -7.49 0.80 1.58
N ASP A 106 -8.20 0.24 2.54
CA ASP A 106 -8.97 1.03 3.48
C ASP A 106 -8.12 1.44 4.68
N LEU A 107 -7.88 2.74 4.82
CA LEU A 107 -7.15 3.24 5.98
C LEU A 107 -8.12 3.58 7.08
N PHE A 108 -8.38 2.62 7.95
CA PHE A 108 -9.29 2.82 9.06
C PHE A 108 -8.54 3.05 10.37
N LEU A 109 -9.20 3.75 11.29
CA LEU A 109 -8.61 4.11 12.57
C LEU A 109 -9.56 3.70 13.68
N HIS A 110 -9.09 3.63 14.92
CA HIS A 110 -9.97 3.37 16.05
C HIS A 110 -10.47 4.68 16.64
N LEU A 111 -11.38 4.59 17.61
CA LEU A 111 -11.90 5.76 18.30
C LEU A 111 -10.79 6.50 19.05
N GLU A 112 -10.95 7.81 19.18
CA GLU A 112 -10.03 8.65 19.93
C GLU A 112 -10.08 8.29 21.41
N GLY A 113 -9.08 7.55 21.85
CA GLY A 113 -9.03 7.09 23.22
C GLY A 113 -9.29 5.59 23.30
N HIS A 114 -9.03 4.90 22.20
CA HIS A 114 -9.29 3.47 22.11
C HIS A 114 -8.01 2.76 21.61
N PRO A 115 -7.82 1.45 21.92
CA PRO A 115 -6.75 0.58 21.36
C PRO A 115 -6.29 0.92 19.92
N PRO A 116 -5.21 0.27 19.43
CA PRO A 116 -4.53 0.63 18.18
C PRO A 116 -4.96 -0.26 17.01
N VAL A 117 -4.57 0.11 15.82
CA VAL A 117 -4.94 -0.64 14.62
C VAL A 117 -3.70 -1.23 13.97
N ASN A 118 -3.77 -2.51 13.63
CA ASN A 118 -2.66 -3.19 12.96
C ASN A 118 -3.21 -4.23 12.00
N HIS A 119 -3.32 -3.88 10.73
CA HIS A 119 -3.94 -4.76 9.74
C HIS A 119 -3.02 -4.99 8.55
N LEU A 120 -2.87 -6.26 8.17
CA LEU A 120 -2.11 -6.64 6.99
C LEU A 120 -3.07 -7.11 5.89
N ARG A 121 -2.72 -6.84 4.64
CA ARG A 121 -3.57 -7.18 3.51
C ARG A 121 -2.70 -7.71 2.38
N CYS A 122 -3.06 -8.85 1.85
CA CYS A 122 -2.21 -9.53 0.86
C CYS A 122 -2.92 -9.71 -0.48
N GLU A 123 -2.32 -9.21 -1.55
CA GLU A 123 -2.87 -9.38 -2.89
C GLU A 123 -1.86 -10.06 -3.81
N LYS A 124 -2.37 -10.88 -4.73
CA LYS A 124 -1.50 -11.64 -5.62
C LYS A 124 -1.41 -10.98 -7.01
N LEU A 125 -0.19 -10.80 -7.47
CA LEU A 125 0.08 -10.33 -8.82
C LEU A 125 0.32 -11.53 -9.71
N THR A 126 -0.48 -11.71 -10.73
CA THR A 126 -0.32 -12.85 -11.60
C THR A 126 0.19 -12.42 -12.97
N PHE A 127 1.32 -13.00 -13.36
CA PHE A 127 1.94 -12.67 -14.64
C PHE A 127 2.04 -13.92 -15.50
N ASN A 128 1.21 -13.96 -16.54
CA ASN A 128 1.17 -15.12 -17.41
C ASN A 128 2.35 -15.11 -18.40
N ASN A 129 3.18 -16.14 -18.30
CA ASN A 129 4.39 -16.28 -19.12
C ASN A 129 5.23 -14.99 -19.11
N PRO A 130 5.78 -14.61 -17.94
CA PRO A 130 6.66 -13.44 -17.83
C PRO A 130 8.03 -13.71 -18.41
N THR A 131 8.89 -12.70 -18.40
CA THR A 131 10.26 -12.90 -18.81
C THR A 131 10.98 -13.70 -17.73
N GLU A 132 11.88 -14.59 -18.12
CA GLU A 132 12.57 -15.43 -17.15
C GLU A 132 13.34 -14.60 -16.12
N ASP A 133 13.95 -13.50 -16.57
CA ASP A 133 14.67 -12.62 -15.64
C ASP A 133 13.70 -12.01 -14.65
N PHE A 134 12.45 -11.84 -15.06
CA PHE A 134 11.44 -11.30 -14.17
C PHE A 134 11.05 -12.35 -13.16
N ARG A 135 10.90 -13.59 -13.62
CA ARG A 135 10.66 -14.71 -12.73
C ARG A 135 11.73 -14.77 -11.66
N ARG A 136 12.98 -14.62 -12.10
CA ARG A 136 14.13 -14.61 -11.21
C ARG A 136 13.98 -13.55 -10.12
N LYS A 137 13.42 -12.40 -10.47
CA LYS A 137 13.17 -11.34 -9.52
C LYS A 137 11.99 -11.69 -8.61
N LEU A 138 10.96 -12.28 -9.19
CA LEU A 138 9.77 -12.66 -8.45
C LEU A 138 10.08 -13.79 -7.46
N LEU A 139 11.01 -14.67 -7.83
CA LEU A 139 11.36 -15.81 -7.00
C LEU A 139 12.30 -15.39 -5.87
N LYS A 140 13.14 -14.40 -6.14
CA LYS A 140 14.12 -13.96 -5.16
C LYS A 140 13.46 -13.13 -4.06
N ALA A 141 12.35 -12.49 -4.39
CA ALA A 141 11.59 -11.76 -3.38
C ALA A 141 10.88 -12.73 -2.45
N GLY B 1 -21.43 3.06 14.33
CA GLY B 1 -20.44 3.57 13.36
C GLY B 1 -19.28 2.61 13.17
N GLY B 2 -18.84 2.47 11.93
CA GLY B 2 -17.75 1.56 11.64
C GLY B 2 -16.40 2.18 11.91
N LYS B 3 -15.75 1.72 12.98
CA LYS B 3 -14.43 2.22 13.37
C LYS B 3 -14.50 3.70 13.72
N ALA B 4 -13.39 4.40 13.57
CA ALA B 4 -13.36 5.85 13.74
C ALA B 4 -14.22 6.52 12.68
N PRO B 5 -14.57 7.81 12.85
CA PRO B 5 -15.32 8.56 11.84
C PRO B 5 -14.61 8.50 10.49
N ARG B 6 -15.37 8.73 9.43
CA ARG B 6 -14.81 8.72 8.09
C ARG B 6 -15.18 9.99 7.34
OH ALY B 7 -7.99 13.14 8.89
CH ALY B 7 -8.22 14.07 8.11
CH3 ALY B 7 -7.21 15.22 8.00
NZ ALY B 7 -9.32 14.12 7.38
CE ALY B 7 -10.35 13.09 7.41
CD ALY B 7 -11.54 13.44 6.53
CG ALY B 7 -12.43 12.23 6.32
CB ALY B 7 -13.84 12.64 5.93
CA ALY B 7 -14.69 11.46 5.47
N ALY B 7 -14.44 10.28 6.29
C ALY B 7 -14.42 11.17 4.01
O ALY B 7 -14.17 12.08 3.22
HH31 ALY B 7 -7.57 16.08 8.56
HH32 ALY B 7 -6.26 14.91 8.43
HH33 ALY B 7 -7.07 15.48 6.97
HZ ALY B 7 -9.45 14.89 6.78
HE3 ALY B 7 -9.93 12.16 7.06
HE2 ALY B 7 -10.69 12.96 8.42
HD3 ALY B 7 -12.11 14.22 7.00
HD2 ALY B 7 -11.18 13.77 5.57
HG3 ALY B 7 -12.01 11.61 5.55
HG2 ALY B 7 -12.47 11.67 7.24
HB3 ALY B 7 -14.31 13.10 6.78
HB2 ALY B 7 -13.77 13.35 5.13
HA ALY B 7 -15.73 11.72 5.59
H ALY B 7 -13.68 9.70 6.07
N GLN B 8 -14.48 9.90 3.63
CA GLN B 8 -14.22 9.49 2.26
C GLN B 8 -15.44 9.79 1.39
N LEU B 9 -16.61 9.49 1.93
CA LEU B 9 -17.85 9.77 1.25
C LEU B 9 -18.49 11.02 1.83
N ALA B 10 -18.22 12.15 1.18
CA ALA B 10 -18.77 13.45 1.59
C ALA B 10 -18.24 13.88 2.97
N THR B 11 -17.12 14.59 2.96
CA THR B 11 -16.52 15.09 4.18
C THR B 11 -17.45 16.12 4.84
N LYS B 12 -18.01 15.73 6.00
CA LYS B 12 -18.97 16.56 6.72
C LYS B 12 -20.21 16.83 5.86
N ALA B 13 -20.49 15.87 4.96
CA ALA B 13 -21.59 15.99 4.01
C ALA B 13 -21.35 17.16 3.05
N GLY A 1 -0.69 -18.69 -36.61
CA GLY A 1 0.49 -18.34 -35.77
C GLY A 1 0.10 -18.11 -34.33
N SER A 2 0.69 -17.08 -33.72
CA SER A 2 0.42 -16.75 -32.32
C SER A 2 0.74 -17.94 -31.40
N HIS A 3 1.86 -18.59 -31.69
CA HIS A 3 2.27 -19.76 -30.92
C HIS A 3 2.81 -19.36 -29.56
N MET A 4 2.18 -19.86 -28.51
CA MET A 4 2.62 -19.58 -27.15
C MET A 4 3.44 -20.75 -26.62
N ALA A 5 3.20 -21.93 -27.18
CA ALA A 5 3.92 -23.16 -26.83
C ALA A 5 3.65 -23.58 -25.39
N SER A 6 4.31 -22.91 -24.45
CA SER A 6 4.13 -23.18 -23.04
C SER A 6 4.13 -21.86 -22.28
N SER A 7 3.08 -21.62 -21.51
CA SER A 7 2.98 -20.41 -20.74
C SER A 7 3.30 -20.68 -19.27
N CYS A 8 4.44 -20.20 -18.82
CA CYS A 8 4.82 -20.32 -17.42
C CYS A 8 4.37 -19.07 -16.67
N ALA A 9 3.39 -19.23 -15.80
CA ALA A 9 2.83 -18.09 -15.08
C ALA A 9 3.40 -17.96 -13.69
N VAL A 10 4.06 -16.84 -13.45
CA VAL A 10 4.60 -16.55 -12.13
C VAL A 10 3.66 -15.59 -11.42
N GLN A 11 3.51 -15.76 -10.12
CA GLN A 11 2.61 -14.91 -9.37
C GLN A 11 3.27 -14.46 -8.07
N VAL A 12 3.25 -13.16 -7.86
CA VAL A 12 3.86 -12.54 -6.71
C VAL A 12 2.79 -12.09 -5.75
N LYS A 13 3.19 -11.56 -4.60
CA LYS A 13 2.25 -11.07 -3.62
C LYS A 13 2.76 -9.77 -3.03
N LEU A 14 1.87 -8.81 -2.85
CA LEU A 14 2.23 -7.58 -2.18
C LEU A 14 1.33 -7.37 -0.98
N GLU A 15 1.91 -6.87 0.07
CA GLU A 15 1.20 -6.70 1.33
C GLU A 15 0.85 -5.23 1.55
N LEU A 16 -0.45 -4.97 1.76
CA LEU A 16 -0.91 -3.63 2.11
C LEU A 16 -1.39 -3.62 3.55
N GLY A 17 -0.70 -2.89 4.41
CA GLY A 17 -1.10 -2.84 5.79
C GLY A 17 -0.97 -1.46 6.35
N HIS A 18 -1.40 -1.26 7.59
CA HIS A 18 -1.28 0.03 8.22
C HIS A 18 -1.52 -0.10 9.71
N ARG A 19 -0.93 0.82 10.44
CA ARG A 19 -1.13 0.90 11.87
C ARG A 19 -1.70 2.26 12.19
N ALA A 20 -2.70 2.30 13.02
CA ALA A 20 -3.28 3.57 13.38
C ALA A 20 -3.41 3.71 14.88
N GLN A 21 -2.75 4.72 15.43
CA GLN A 21 -2.81 4.98 16.86
C GLN A 21 -3.42 6.35 17.09
N VAL A 22 -4.16 6.52 18.15
CA VAL A 22 -4.65 7.84 18.51
C VAL A 22 -3.75 8.41 19.59
N ARG A 23 -3.70 9.72 19.68
CA ARG A 23 -2.85 10.38 20.65
C ARG A 23 -3.72 10.97 21.74
N LYS A 24 -3.19 11.01 22.96
CA LYS A 24 -3.89 11.59 24.09
C LYS A 24 -3.82 13.11 24.00
N LYS A 25 -2.97 13.57 23.11
CA LYS A 25 -2.83 14.98 22.78
C LYS A 25 -2.57 15.11 21.27
N PRO A 26 -3.59 15.53 20.51
CA PRO A 26 -3.47 15.76 19.05
C PRO A 26 -2.23 16.57 18.66
N THR A 27 -1.81 16.44 17.40
CA THR A 27 -0.56 17.03 16.94
C THR A 27 -0.73 18.53 16.70
N VAL A 28 0.28 19.17 16.14
CA VAL A 28 0.28 20.62 15.97
C VAL A 28 -0.80 21.05 14.97
N GLU A 29 -1.12 20.16 14.03
CA GLU A 29 -2.20 20.43 13.09
C GLU A 29 -3.55 20.17 13.74
N GLY A 30 -3.51 19.61 14.95
CA GLY A 30 -4.72 19.29 15.67
C GLY A 30 -5.36 18.01 15.18
N PHE A 31 -4.53 17.08 14.75
CA PHE A 31 -4.99 15.78 14.29
C PHE A 31 -4.83 14.77 15.42
N THR A 32 -5.80 13.89 15.55
CA THR A 32 -5.89 13.00 16.70
C THR A 32 -5.13 11.69 16.50
N HIS A 33 -4.99 11.26 15.25
CA HIS A 33 -4.44 9.95 14.96
C HIS A 33 -3.17 10.03 14.13
N ASP A 34 -2.23 9.15 14.45
CA ASP A 34 -1.04 8.99 13.65
C ASP A 34 -1.04 7.59 13.06
N TRP A 35 -1.03 7.51 11.74
CA TRP A 35 -1.08 6.21 11.09
C TRP A 35 0.13 6.01 10.19
N MET A 36 0.50 4.76 10.04
CA MET A 36 1.58 4.38 9.14
C MET A 36 1.10 3.31 8.19
N VAL A 37 1.17 3.63 6.91
CA VAL A 37 0.79 2.69 5.86
C VAL A 37 2.04 2.09 5.27
N PHE A 38 1.96 0.86 4.79
CA PHE A 38 3.12 0.23 4.19
C PHE A 38 2.74 -0.79 3.12
N VAL A 39 3.65 -0.98 2.18
CA VAL A 39 3.54 -2.06 1.21
C VAL A 39 4.81 -2.91 1.27
N ARG A 40 4.63 -4.21 1.43
CA ARG A 40 5.75 -5.12 1.59
C ARG A 40 5.55 -6.38 0.77
N GLY A 41 6.48 -7.31 0.89
CA GLY A 41 6.35 -8.58 0.25
C GLY A 41 5.69 -9.60 1.16
N PRO A 42 5.31 -10.77 0.63
CA PRO A 42 4.68 -11.85 1.41
C PRO A 42 5.50 -12.25 2.64
N GLU A 43 4.94 -11.99 3.82
CA GLU A 43 5.60 -12.29 5.10
C GLU A 43 6.97 -11.63 5.19
N HIS A 44 7.00 -10.32 4.93
CA HIS A 44 8.21 -9.51 5.09
C HIS A 44 9.28 -9.84 4.05
N SER A 45 8.92 -10.61 3.03
CA SER A 45 9.83 -10.83 1.90
C SER A 45 10.12 -9.51 1.22
N ASN A 46 11.41 -9.18 1.06
CA ASN A 46 11.76 -7.88 0.50
C ASN A 46 11.37 -7.80 -0.96
N ILE A 47 10.59 -6.78 -1.32
CA ILE A 47 10.07 -6.67 -2.67
C ILE A 47 10.90 -5.76 -3.54
N GLN A 48 11.95 -5.16 -2.97
CA GLN A 48 12.79 -4.22 -3.73
C GLN A 48 13.47 -4.90 -4.92
N HIS A 49 13.28 -6.20 -5.07
CA HIS A 49 13.84 -6.93 -6.20
C HIS A 49 13.01 -6.69 -7.47
N PHE A 50 11.69 -6.61 -7.33
CA PHE A 50 10.84 -6.31 -8.48
C PHE A 50 10.13 -4.97 -8.32
N VAL A 51 10.05 -4.48 -7.09
CA VAL A 51 9.41 -3.20 -6.79
C VAL A 51 10.44 -2.07 -6.86
N GLU A 52 10.11 -1.02 -7.59
CA GLU A 52 11.02 0.10 -7.82
C GLU A 52 10.70 1.24 -6.86
N LYS A 53 9.48 1.74 -6.95
CA LYS A 53 9.02 2.83 -6.11
C LYS A 53 7.53 2.66 -5.86
N VAL A 54 7.07 3.18 -4.76
CA VAL A 54 5.66 3.07 -4.41
C VAL A 54 5.08 4.43 -4.07
N VAL A 55 3.77 4.55 -4.15
CA VAL A 55 3.11 5.81 -3.95
C VAL A 55 1.78 5.65 -3.21
N PHE A 56 1.54 6.51 -2.23
CA PHE A 56 0.33 6.50 -1.46
C PHE A 56 -0.41 7.79 -1.69
N HIS A 57 -1.54 7.68 -2.35
CA HIS A 57 -2.38 8.85 -2.63
C HIS A 57 -3.25 9.17 -1.42
N LEU A 58 -2.74 10.07 -0.58
CA LEU A 58 -3.45 10.46 0.64
C LEU A 58 -4.58 11.43 0.30
N HIS A 59 -5.27 11.91 1.32
CA HIS A 59 -6.41 12.79 1.11
C HIS A 59 -5.93 14.12 0.52
N GLU A 60 -6.71 14.62 -0.44
CA GLU A 60 -6.33 15.74 -1.29
C GLU A 60 -5.97 17.01 -0.51
N SER A 61 -6.50 17.15 0.69
CA SER A 61 -6.26 18.33 1.51
C SER A 61 -4.86 18.31 2.13
N PHE A 62 -4.25 17.12 2.17
CA PHE A 62 -2.93 16.98 2.78
C PHE A 62 -1.86 17.55 1.87
N PRO A 63 -0.91 18.32 2.41
CA PRO A 63 0.20 18.89 1.63
C PRO A 63 1.07 17.78 1.02
N ARG A 64 1.10 17.76 -0.31
CA ARG A 64 1.72 16.67 -1.06
C ARG A 64 1.06 15.35 -0.73
N PRO A 65 -0.20 15.14 -1.18
CA PRO A 65 -0.95 13.92 -0.88
C PRO A 65 -0.30 12.68 -1.46
N LYS A 66 0.60 12.91 -2.40
CA LYS A 66 1.28 11.84 -3.10
C LYS A 66 2.57 11.50 -2.39
N ARG A 67 2.55 10.41 -1.64
CA ARG A 67 3.73 9.98 -0.91
C ARG A 67 4.46 8.90 -1.68
N VAL A 68 5.58 9.27 -2.29
CA VAL A 68 6.42 8.30 -2.97
C VAL A 68 7.47 7.75 -2.02
N CYS A 69 7.67 6.44 -2.05
CA CYS A 69 8.72 5.81 -1.25
C CYS A 69 9.62 4.97 -2.16
N LYS A 70 10.88 5.37 -2.24
CA LYS A 70 11.88 4.66 -3.03
C LYS A 70 12.86 3.93 -2.11
N ASP A 71 12.97 4.42 -0.90
CA ASP A 71 13.90 3.93 0.10
C ASP A 71 13.43 2.59 0.70
N PRO A 72 14.14 2.04 1.74
CA PRO A 72 13.65 0.92 2.58
C PRO A 72 12.13 0.98 2.92
N PRO A 73 11.60 0.07 3.82
CA PRO A 73 10.19 -0.36 3.80
C PRO A 73 9.22 0.74 3.41
N TYR A 74 8.45 0.48 2.36
CA TYR A 74 7.52 1.43 1.80
C TYR A 74 6.45 1.80 2.81
N LYS A 75 6.70 2.86 3.58
CA LYS A 75 5.78 3.28 4.63
C LYS A 75 5.64 4.79 4.69
N VAL A 76 4.43 5.22 5.06
CA VAL A 76 4.14 6.63 5.21
C VAL A 76 3.66 6.93 6.63
N GLU A 77 4.23 7.97 7.22
CA GLU A 77 3.88 8.40 8.57
C GLU A 77 3.10 9.70 8.48
N GLU A 78 1.80 9.64 8.71
CA GLU A 78 0.95 10.81 8.61
C GLU A 78 0.00 10.89 9.79
N SER A 79 -0.70 12.02 9.91
CA SER A 79 -1.61 12.24 11.02
C SER A 79 -2.95 12.75 10.49
N GLY A 80 -4.04 12.35 11.14
CA GLY A 80 -5.36 12.77 10.72
C GLY A 80 -6.39 12.56 11.81
N TYR A 81 -7.67 12.71 11.49
CA TYR A 81 -8.73 12.48 12.46
C TYR A 81 -9.78 11.50 11.95
N ALA A 82 -9.73 11.19 10.66
CA ALA A 82 -10.74 10.32 10.07
C ALA A 82 -10.17 9.49 8.93
N GLY A 83 -10.60 8.23 8.86
CA GLY A 83 -10.12 7.32 7.84
C GLY A 83 -10.75 7.55 6.48
N PHE A 84 -10.14 6.97 5.45
CA PHE A 84 -10.59 7.14 4.07
C PHE A 84 -9.97 6.07 3.19
N ILE A 85 -10.62 5.78 2.06
CA ILE A 85 -10.05 4.87 1.07
C ILE A 85 -8.79 5.47 0.47
N LEU A 86 -7.71 4.70 0.52
CA LEU A 86 -6.44 5.18 0.05
C LEU A 86 -5.91 4.28 -1.08
N PRO A 87 -6.00 4.78 -2.32
CA PRO A 87 -5.41 4.11 -3.49
C PRO A 87 -3.89 4.10 -3.46
N ILE A 88 -3.32 2.89 -3.39
CA ILE A 88 -1.87 2.72 -3.39
C ILE A 88 -1.40 2.16 -4.72
N GLU A 89 -0.44 2.81 -5.34
CA GLU A 89 0.14 2.31 -6.57
C GLU A 89 1.55 1.83 -6.32
N VAL A 90 1.82 0.60 -6.70
CA VAL A 90 3.14 0.03 -6.56
C VAL A 90 3.82 -0.05 -7.92
N TYR A 91 4.96 0.62 -8.05
CA TYR A 91 5.70 0.64 -9.31
C TYR A 91 6.74 -0.47 -9.33
N PHE A 92 6.83 -1.15 -10.46
CA PHE A 92 7.79 -2.23 -10.62
C PHE A 92 8.89 -1.82 -11.61
N LYS A 93 10.10 -2.32 -11.39
CA LYS A 93 11.22 -2.02 -12.28
C LYS A 93 11.24 -3.02 -13.43
N ASN A 94 10.64 -2.64 -14.56
CA ASN A 94 10.47 -3.56 -15.65
C ASN A 94 10.32 -2.83 -16.98
N LYS A 95 10.65 -3.50 -18.07
CA LYS A 95 10.39 -2.98 -19.41
C LYS A 95 9.27 -3.79 -20.06
N GLU A 96 8.82 -4.79 -19.32
CA GLU A 96 7.82 -5.72 -19.81
C GLU A 96 6.46 -5.35 -19.23
N GLU A 97 5.59 -6.36 -19.09
CA GLU A 97 4.23 -6.21 -18.50
C GLU A 97 4.14 -5.08 -17.45
N PRO A 98 2.94 -4.46 -17.32
CA PRO A 98 2.69 -3.22 -16.59
C PRO A 98 3.58 -3.01 -15.37
N ARG A 99 4.23 -1.85 -15.33
CA ARG A 99 5.17 -1.51 -14.27
C ARG A 99 4.46 -0.82 -13.11
N LYS A 100 3.14 -0.97 -13.03
CA LYS A 100 2.39 -0.28 -11.99
C LYS A 100 1.08 -1.00 -11.70
N VAL A 101 0.75 -1.06 -10.41
CA VAL A 101 -0.49 -1.68 -9.96
C VAL A 101 -1.19 -0.73 -9.01
N ARG A 102 -2.49 -0.87 -8.88
CA ARG A 102 -3.25 -0.07 -7.94
C ARG A 102 -4.03 -0.96 -6.98
N PHE A 103 -3.74 -0.80 -5.69
CA PHE A 103 -4.48 -1.48 -4.66
C PHE A 103 -5.27 -0.46 -3.84
N ASP A 104 -6.59 -0.57 -3.89
CA ASP A 104 -7.43 0.34 -3.13
C ASP A 104 -7.61 -0.20 -1.72
N TYR A 105 -6.94 0.43 -0.78
CA TYR A 105 -6.89 -0.05 0.59
C TYR A 105 -7.64 0.89 1.53
N ASP A 106 -8.41 0.31 2.43
CA ASP A 106 -9.23 1.09 3.35
C ASP A 106 -8.45 1.49 4.60
N LEU A 107 -8.03 2.75 4.66
CA LEU A 107 -7.39 3.27 5.85
C LEU A 107 -8.46 3.67 6.86
N PHE A 108 -8.48 3.00 8.01
CA PHE A 108 -9.47 3.33 9.03
C PHE A 108 -8.81 3.49 10.41
N LEU A 109 -9.54 4.16 11.29
CA LEU A 109 -9.07 4.51 12.63
C LEU A 109 -10.20 4.24 13.62
N HIS A 110 -9.89 4.16 14.91
CA HIS A 110 -10.93 4.07 15.93
C HIS A 110 -11.15 5.44 16.58
N LEU A 111 -12.16 5.57 17.43
CA LEU A 111 -12.46 6.84 18.11
C LEU A 111 -11.28 7.31 18.97
N GLU A 112 -11.17 8.63 19.16
CA GLU A 112 -10.16 9.21 20.04
C GLU A 112 -10.41 8.78 21.48
N GLY A 113 -9.57 7.88 21.97
CA GLY A 113 -9.77 7.32 23.28
C GLY A 113 -10.23 5.88 23.20
N HIS A 114 -9.92 5.24 22.07
CA HIS A 114 -10.26 3.85 21.85
C HIS A 114 -9.06 3.12 21.28
N PRO A 115 -9.03 1.77 21.31
CA PRO A 115 -7.92 0.94 20.79
C PRO A 115 -7.35 1.41 19.44
N PRO A 116 -6.14 0.94 19.11
CA PRO A 116 -5.46 1.26 17.87
C PRO A 116 -5.82 0.26 16.77
N VAL A 117 -5.24 0.45 15.60
CA VAL A 117 -5.57 -0.38 14.45
C VAL A 117 -4.30 -0.98 13.85
N ASN A 118 -4.35 -2.27 13.54
CA ASN A 118 -3.23 -2.93 12.89
C ASN A 118 -3.75 -3.99 11.93
N HIS A 119 -3.84 -3.62 10.65
CA HIS A 119 -4.45 -4.49 9.66
C HIS A 119 -3.46 -4.82 8.56
N LEU A 120 -3.44 -6.09 8.13
CA LEU A 120 -2.55 -6.53 7.06
C LEU A 120 -3.38 -7.10 5.90
N ARG A 121 -2.88 -6.92 4.68
CA ARG A 121 -3.50 -7.51 3.50
C ARG A 121 -2.41 -8.03 2.56
N CYS A 122 -2.72 -9.07 1.80
CA CYS A 122 -1.79 -9.58 0.81
C CYS A 122 -2.52 -9.83 -0.51
N GLU A 123 -2.07 -9.16 -1.58
CA GLU A 123 -2.71 -9.26 -2.87
C GLU A 123 -1.77 -9.87 -3.89
N LYS A 124 -2.27 -10.84 -4.65
CA LYS A 124 -1.46 -11.58 -5.60
C LYS A 124 -1.33 -10.83 -6.93
N LEU A 125 -0.15 -10.91 -7.51
CA LEU A 125 0.12 -10.42 -8.86
C LEU A 125 0.39 -11.61 -9.75
N THR A 126 -0.51 -11.91 -10.67
CA THR A 126 -0.32 -13.08 -11.51
C THR A 126 0.04 -12.66 -12.93
N PHE A 127 1.21 -13.11 -13.36
CA PHE A 127 1.75 -12.73 -14.65
C PHE A 127 1.88 -13.98 -15.53
N ASN A 128 1.03 -14.07 -16.55
CA ASN A 128 1.05 -15.22 -17.43
C ASN A 128 2.19 -15.12 -18.43
N ASN A 129 3.12 -16.08 -18.33
CA ASN A 129 4.28 -16.17 -19.21
C ASN A 129 5.12 -14.88 -19.19
N PRO A 130 5.69 -14.51 -18.02
CA PRO A 130 6.66 -13.42 -17.94
C PRO A 130 8.02 -13.86 -18.45
N THR A 131 8.93 -12.92 -18.62
CA THR A 131 10.27 -13.23 -19.06
C THR A 131 11.06 -13.85 -17.91
N GLU A 132 11.94 -14.80 -18.20
CA GLU A 132 12.64 -15.55 -17.15
C GLU A 132 13.33 -14.64 -16.13
N ASP A 133 13.99 -13.60 -16.63
CA ASP A 133 14.68 -12.64 -15.75
C ASP A 133 13.70 -12.05 -14.75
N PHE A 134 12.45 -11.87 -15.16
CA PHE A 134 11.44 -11.32 -14.29
C PHE A 134 11.00 -12.37 -13.29
N ARG A 135 10.85 -13.61 -13.76
CA ARG A 135 10.55 -14.72 -12.87
C ARG A 135 11.61 -14.79 -11.78
N ARG A 136 12.84 -14.63 -12.21
CA ARG A 136 14.00 -14.68 -11.33
C ARG A 136 13.91 -13.61 -10.23
N LYS A 137 13.37 -12.45 -10.57
CA LYS A 137 13.14 -11.40 -9.60
C LYS A 137 11.95 -11.73 -8.71
N LEU A 138 10.90 -12.29 -9.31
CA LEU A 138 9.69 -12.64 -8.59
C LEU A 138 9.96 -13.78 -7.59
N LEU A 139 10.80 -14.73 -7.99
CA LEU A 139 11.13 -15.87 -7.14
C LEU A 139 12.08 -15.44 -6.02
N LYS A 140 12.96 -14.50 -6.34
CA LYS A 140 13.98 -14.07 -5.40
C LYS A 140 13.40 -13.25 -4.25
N ALA A 141 12.28 -12.60 -4.51
CA ALA A 141 11.59 -11.85 -3.45
C ALA A 141 10.95 -12.80 -2.45
N GLY B 1 -14.28 0.86 6.32
CA GLY B 1 -14.83 0.51 7.66
C GLY B 1 -14.21 1.35 8.75
N GLY B 2 -14.08 0.78 9.95
CA GLY B 2 -13.46 1.48 11.05
C GLY B 2 -14.44 1.89 12.11
N LYS B 3 -13.94 2.48 13.18
CA LYS B 3 -14.77 2.96 14.28
C LYS B 3 -14.43 4.40 14.60
N ALA B 4 -14.15 5.17 13.56
CA ALA B 4 -13.96 6.61 13.67
C ALA B 4 -14.72 7.28 12.51
N PRO B 5 -14.88 8.62 12.51
CA PRO B 5 -15.53 9.31 11.39
C PRO B 5 -14.74 9.14 10.10
N ARG B 6 -15.34 9.54 8.98
CA ARG B 6 -14.65 9.44 7.70
C ARG B 6 -14.89 10.67 6.86
OH ALY B 7 -7.80 13.68 8.95
CH ALY B 7 -7.97 14.63 8.19
CH3 ALY B 7 -6.99 15.81 8.23
NZ ALY B 7 -8.98 14.67 7.34
CE ALY B 7 -9.97 13.61 7.22
CD ALY B 7 -11.11 13.99 6.29
CG ALY B 7 -11.94 12.78 5.95
CB ALY B 7 -13.25 13.17 5.30
CA ALY B 7 -14.15 11.98 4.95
N ALY B 7 -14.00 10.91 5.93
C ALY B 7 -13.83 11.44 3.57
O ALY B 7 -12.72 11.59 3.05
HH31 ALY B 7 -7.48 16.67 8.66
HH32 ALY B 7 -6.13 15.55 8.83
HH33 ALY B 7 -6.65 16.04 7.22
HZ ALY B 7 -9.08 15.45 6.75
HE3 ALY B 7 -9.49 12.72 6.83
HE2 ALY B 7 -10.37 13.40 8.20
HD3 ALY B 7 -11.73 14.73 6.80
HD2 ALY B 7 -10.70 14.41 5.39
HG3 ALY B 7 -11.39 12.16 5.26
HG2 ALY B 7 -12.15 12.23 6.85
HB3 ALY B 7 -13.78 13.82 5.98
HB2 ALY B 7 -13.03 13.72 4.39
HA ALY B 7 -15.19 12.30 4.97
H ALY B 7 -13.19 10.35 5.89
N GLN B 8 -14.82 10.79 2.98
CA GLN B 8 -14.66 10.14 1.69
C GLN B 8 -14.86 11.15 0.56
N LEU B 9 -14.25 10.86 -0.58
CA LEU B 9 -14.38 11.71 -1.76
C LEU B 9 -15.70 11.40 -2.47
N ALA B 10 -16.80 11.64 -1.77
CA ALA B 10 -18.12 11.33 -2.30
C ALA B 10 -18.60 12.41 -3.25
N THR B 11 -18.27 13.66 -2.94
CA THR B 11 -18.63 14.80 -3.78
C THR B 11 -20.15 15.00 -3.84
N LYS B 12 -20.66 15.84 -2.96
CA LYS B 12 -22.08 16.17 -2.94
C LYS B 12 -22.45 17.00 -4.17
N ALA B 13 -23.49 16.57 -4.87
CA ALA B 13 -23.99 17.26 -6.05
C ALA B 13 -22.91 17.34 -7.13
N GLY A 1 8.21 -25.88 -27.04
CA GLY A 1 8.25 -26.00 -28.51
C GLY A 1 7.46 -24.90 -29.18
N SER A 2 7.46 -24.89 -30.50
CA SER A 2 6.76 -23.84 -31.25
C SER A 2 5.27 -24.15 -31.34
N HIS A 3 4.91 -25.43 -31.41
CA HIS A 3 3.51 -25.82 -31.46
C HIS A 3 2.97 -25.99 -30.04
N MET A 4 3.78 -26.58 -29.18
CA MET A 4 3.42 -26.76 -27.79
C MET A 4 4.41 -26.03 -26.91
N ALA A 5 4.04 -24.83 -26.47
CA ALA A 5 4.88 -24.04 -25.60
C ALA A 5 4.49 -24.25 -24.15
N SER A 6 5.49 -24.26 -23.27
CA SER A 6 5.26 -24.41 -21.85
C SER A 6 4.74 -23.11 -21.26
N SER A 7 3.41 -22.97 -21.22
CA SER A 7 2.78 -21.76 -20.72
C SER A 7 2.76 -21.78 -19.19
N CYS A 8 3.56 -20.92 -18.59
CA CYS A 8 3.65 -20.86 -17.14
C CYS A 8 3.53 -19.42 -16.66
N ALA A 9 2.83 -19.23 -15.55
CA ALA A 9 2.67 -17.90 -14.97
C ALA A 9 3.39 -17.80 -13.64
N VAL A 10 3.83 -16.60 -13.30
CA VAL A 10 4.48 -16.36 -12.02
C VAL A 10 3.59 -15.46 -11.17
N GLN A 11 3.49 -15.77 -9.89
CA GLN A 11 2.65 -15.00 -8.99
C GLN A 11 3.51 -14.30 -7.95
N VAL A 12 3.18 -13.06 -7.66
CA VAL A 12 3.88 -12.30 -6.64
C VAL A 12 2.89 -11.61 -5.71
N LYS A 13 3.01 -11.82 -4.40
CA LYS A 13 2.05 -11.22 -3.48
C LYS A 13 2.61 -9.97 -2.83
N LEU A 14 1.83 -8.90 -2.88
CA LEU A 14 2.21 -7.67 -2.23
C LEU A 14 1.33 -7.44 -1.02
N GLU A 15 1.94 -6.90 0.01
CA GLU A 15 1.28 -6.73 1.28
C GLU A 15 0.89 -5.27 1.51
N LEU A 16 -0.38 -5.03 1.81
CA LEU A 16 -0.86 -3.68 2.16
C LEU A 16 -1.33 -3.70 3.61
N GLY A 17 -0.76 -2.85 4.44
CA GLY A 17 -1.20 -2.78 5.81
C GLY A 17 -0.99 -1.42 6.42
N HIS A 18 -1.50 -1.23 7.63
CA HIS A 18 -1.30 0.02 8.32
C HIS A 18 -1.68 -0.14 9.78
N ARG A 19 -1.05 0.68 10.61
CA ARG A 19 -1.41 0.77 12.01
C ARG A 19 -1.90 2.15 12.29
N ALA A 20 -2.76 2.28 13.26
CA ALA A 20 -3.24 3.59 13.61
C ALA A 20 -3.40 3.74 15.12
N GLN A 21 -2.90 4.85 15.61
CA GLN A 21 -2.98 5.20 17.01
C GLN A 21 -3.52 6.61 17.14
N VAL A 22 -3.94 6.97 18.32
CA VAL A 22 -4.25 8.36 18.60
C VAL A 22 -3.12 8.95 19.44
N ARG A 23 -3.04 10.26 19.47
CA ARG A 23 -2.05 10.94 20.26
C ARG A 23 -2.75 11.54 21.46
N LYS A 24 -2.10 11.47 22.62
CA LYS A 24 -2.68 12.03 23.84
C LYS A 24 -2.75 13.54 23.73
N LYS A 25 -1.98 14.06 22.78
CA LYS A 25 -1.99 15.47 22.45
C LYS A 25 -1.98 15.62 20.92
N PRO A 26 -3.12 16.02 20.33
CA PRO A 26 -3.23 16.25 18.89
C PRO A 26 -2.07 17.07 18.32
N THR A 27 -1.83 16.92 17.02
CA THR A 27 -0.67 17.49 16.36
C THR A 27 -0.82 19.00 16.15
N VAL A 28 0.09 19.57 15.39
CA VAL A 28 0.13 21.01 15.15
C VAL A 28 -1.14 21.50 14.44
N GLU A 29 -1.76 20.62 13.67
CA GLU A 29 -2.99 20.96 12.98
C GLU A 29 -4.18 20.70 13.90
N GLY A 30 -3.92 20.02 15.00
CA GLY A 30 -4.94 19.71 15.98
C GLY A 30 -5.59 18.38 15.71
N PHE A 31 -4.88 17.58 14.94
CA PHE A 31 -5.37 16.28 14.55
C PHE A 31 -4.92 15.21 15.54
N THR A 32 -5.77 14.24 15.73
CA THR A 32 -5.66 13.34 16.85
C THR A 32 -4.90 12.07 16.53
N HIS A 33 -4.93 11.62 15.28
CA HIS A 33 -4.43 10.29 14.96
C HIS A 33 -3.12 10.32 14.19
N ASP A 34 -2.36 9.25 14.34
CA ASP A 34 -1.13 9.04 13.60
C ASP A 34 -1.16 7.63 13.03
N TRP A 35 -0.82 7.48 11.78
CA TRP A 35 -0.88 6.18 11.14
C TRP A 35 0.32 5.95 10.24
N MET A 36 0.71 4.69 10.11
CA MET A 36 1.77 4.32 9.19
C MET A 36 1.28 3.21 8.26
N VAL A 37 1.30 3.50 6.99
CA VAL A 37 0.92 2.54 5.96
C VAL A 37 2.16 1.92 5.35
N PHE A 38 2.05 0.71 4.85
CA PHE A 38 3.21 0.04 4.26
C PHE A 38 2.81 -0.94 3.17
N VAL A 39 3.74 -1.15 2.23
CA VAL A 39 3.60 -2.22 1.25
C VAL A 39 4.85 -3.09 1.26
N ARG A 40 4.67 -4.39 1.36
CA ARG A 40 5.79 -5.32 1.46
C ARG A 40 5.58 -6.53 0.56
N GLY A 41 6.49 -7.48 0.63
CA GLY A 41 6.35 -8.70 -0.13
C GLY A 41 5.63 -9.79 0.63
N PRO A 42 5.65 -11.02 0.12
CA PRO A 42 5.00 -12.15 0.78
C PRO A 42 5.77 -12.60 2.01
N GLU A 43 5.17 -12.40 3.17
CA GLU A 43 5.78 -12.77 4.44
C GLU A 43 7.12 -12.07 4.67
N HIS A 44 7.07 -10.73 4.70
CA HIS A 44 8.23 -9.90 5.05
C HIS A 44 9.30 -9.89 3.95
N SER A 45 9.09 -10.66 2.88
CA SER A 45 10.04 -10.73 1.78
C SER A 45 10.26 -9.37 1.13
N ASN A 46 11.52 -9.01 0.88
CA ASN A 46 11.84 -7.73 0.27
C ASN A 46 11.40 -7.72 -1.19
N ILE A 47 10.61 -6.71 -1.56
CA ILE A 47 10.05 -6.66 -2.90
C ILE A 47 10.84 -5.79 -3.85
N GLN A 48 11.87 -5.13 -3.34
CA GLN A 48 12.62 -4.18 -4.17
C GLN A 48 13.42 -4.89 -5.27
N HIS A 49 13.23 -6.20 -5.40
CA HIS A 49 13.80 -6.96 -6.50
C HIS A 49 12.96 -6.78 -7.77
N PHE A 50 11.64 -6.64 -7.62
CA PHE A 50 10.79 -6.35 -8.77
C PHE A 50 10.06 -5.02 -8.60
N VAL A 51 9.99 -4.53 -7.37
CA VAL A 51 9.35 -3.26 -7.08
C VAL A 51 10.36 -2.12 -7.20
N GLU A 52 9.99 -1.08 -7.91
CA GLU A 52 10.89 0.03 -8.19
C GLU A 52 10.63 1.18 -7.23
N LYS A 53 9.37 1.57 -7.14
CA LYS A 53 8.95 2.66 -6.26
C LYS A 53 7.47 2.47 -5.96
N VAL A 54 7.02 3.07 -4.89
CA VAL A 54 5.62 2.95 -4.50
C VAL A 54 5.05 4.33 -4.17
N VAL A 55 3.74 4.46 -4.22
CA VAL A 55 3.09 5.74 -4.02
C VAL A 55 1.79 5.58 -3.24
N PHE A 56 1.58 6.45 -2.27
CA PHE A 56 0.38 6.44 -1.47
C PHE A 56 -0.35 7.75 -1.68
N HIS A 57 -1.46 7.68 -2.37
CA HIS A 57 -2.28 8.86 -2.63
C HIS A 57 -3.11 9.18 -1.39
N LEU A 58 -2.57 10.05 -0.54
CA LEU A 58 -3.26 10.45 0.67
C LEU A 58 -4.36 11.45 0.34
N HIS A 59 -5.06 11.94 1.34
CA HIS A 59 -6.17 12.84 1.10
C HIS A 59 -5.60 14.24 0.84
N GLU A 60 -6.26 14.96 -0.06
CA GLU A 60 -5.79 16.27 -0.52
C GLU A 60 -5.58 17.27 0.62
N SER A 61 -6.22 17.00 1.75
CA SER A 61 -6.06 17.82 2.94
C SER A 61 -4.64 17.71 3.50
N PHE A 62 -3.96 16.62 3.15
CA PHE A 62 -2.62 16.35 3.65
C PHE A 62 -1.58 17.07 2.80
N PRO A 63 -0.62 17.75 3.46
CA PRO A 63 0.53 18.35 2.77
C PRO A 63 1.37 17.30 2.07
N ARG A 64 1.53 17.46 0.75
CA ARG A 64 2.20 16.46 -0.09
C ARG A 64 1.45 15.11 -0.02
N PRO A 65 0.23 15.05 -0.60
CA PRO A 65 -0.62 13.86 -0.52
C PRO A 65 -0.03 12.67 -1.27
N LYS A 66 0.83 12.92 -2.23
CA LYS A 66 1.41 11.86 -3.03
C LYS A 66 2.72 11.40 -2.42
N ARG A 67 2.66 10.33 -1.66
CA ARG A 67 3.85 9.81 -0.99
C ARG A 67 4.53 8.75 -1.80
N VAL A 68 5.55 9.15 -2.55
CA VAL A 68 6.37 8.19 -3.25
C VAL A 68 7.48 7.70 -2.31
N CYS A 69 7.74 6.41 -2.32
CA CYS A 69 8.83 5.84 -1.53
C CYS A 69 9.76 5.04 -2.43
N LYS A 70 10.97 5.56 -2.59
CA LYS A 70 12.01 4.90 -3.38
C LYS A 70 12.99 4.18 -2.47
N ASP A 71 13.10 4.70 -1.25
CA ASP A 71 13.98 4.16 -0.20
C ASP A 71 13.43 2.80 0.28
N PRO A 72 14.22 2.04 1.07
CA PRO A 72 13.77 0.92 1.94
C PRO A 72 12.28 0.98 2.43
N PRO A 73 11.87 0.13 3.42
CA PRO A 73 10.47 -0.33 3.54
C PRO A 73 9.44 0.72 3.19
N TYR A 74 8.63 0.42 2.20
CA TYR A 74 7.62 1.33 1.69
C TYR A 74 6.59 1.64 2.78
N LYS A 75 6.74 2.77 3.44
CA LYS A 75 5.85 3.16 4.52
C LYS A 75 5.70 4.67 4.64
N VAL A 76 4.51 5.09 5.02
CA VAL A 76 4.17 6.49 5.19
C VAL A 76 3.60 6.72 6.57
N GLU A 77 4.12 7.74 7.26
CA GLU A 77 3.63 8.08 8.59
C GLU A 77 3.03 9.48 8.58
N GLU A 78 1.72 9.55 8.75
CA GLU A 78 1.00 10.83 8.68
C GLU A 78 0.05 10.96 9.87
N SER A 79 -0.54 12.15 10.02
CA SER A 79 -1.47 12.42 11.10
C SER A 79 -2.85 12.73 10.52
N GLY A 80 -3.90 12.35 11.23
CA GLY A 80 -5.25 12.48 10.70
C GLY A 80 -6.27 12.74 11.78
N TYR A 81 -7.50 13.03 11.36
CA TYR A 81 -8.60 13.12 12.30
C TYR A 81 -9.78 12.30 11.80
N ALA A 82 -9.63 11.72 10.61
CA ALA A 82 -10.66 10.89 10.00
C ALA A 82 -10.07 10.06 8.85
N GLY A 83 -10.45 8.79 8.79
CA GLY A 83 -9.92 7.89 7.77
C GLY A 83 -10.46 8.13 6.37
N PHE A 84 -10.09 7.24 5.44
CA PHE A 84 -10.50 7.34 4.03
C PHE A 84 -9.91 6.19 3.21
N ILE A 85 -10.53 5.89 2.08
CA ILE A 85 -9.96 4.93 1.12
C ILE A 85 -8.67 5.50 0.53
N LEU A 86 -7.61 4.71 0.56
CA LEU A 86 -6.32 5.15 0.07
C LEU A 86 -5.85 4.24 -1.06
N PRO A 87 -5.94 4.72 -2.30
CA PRO A 87 -5.38 4.04 -3.48
C PRO A 87 -3.84 3.99 -3.44
N ILE A 88 -3.31 2.78 -3.32
CA ILE A 88 -1.87 2.58 -3.33
C ILE A 88 -1.42 2.01 -4.66
N GLU A 89 -0.49 2.69 -5.31
CA GLU A 89 0.05 2.19 -6.56
C GLU A 89 1.48 1.71 -6.33
N VAL A 90 1.74 0.48 -6.73
CA VAL A 90 3.06 -0.10 -6.59
C VAL A 90 3.71 -0.18 -7.98
N TYR A 91 4.84 0.52 -8.13
CA TYR A 91 5.55 0.57 -9.40
C TYR A 91 6.59 -0.55 -9.48
N PHE A 92 6.70 -1.17 -10.64
CA PHE A 92 7.66 -2.23 -10.86
C PHE A 92 8.70 -1.81 -11.89
N LYS A 93 9.91 -2.36 -11.78
CA LYS A 93 10.96 -2.06 -12.73
C LYS A 93 10.93 -3.07 -13.88
N ASN A 94 10.27 -2.70 -14.97
CA ASN A 94 10.05 -3.63 -16.06
C ASN A 94 9.84 -2.92 -17.38
N LYS A 95 10.02 -3.66 -18.47
CA LYS A 95 9.82 -3.13 -19.82
C LYS A 95 8.62 -3.82 -20.46
N GLU A 96 8.04 -4.74 -19.72
CA GLU A 96 6.94 -5.55 -20.20
C GLU A 96 5.62 -5.03 -19.64
N GLU A 97 4.62 -5.92 -19.54
CA GLU A 97 3.33 -5.67 -18.89
C GLU A 97 3.37 -4.59 -17.79
N PRO A 98 2.22 -3.91 -17.56
CA PRO A 98 2.09 -2.70 -16.73
C PRO A 98 3.07 -2.63 -15.55
N ARG A 99 3.80 -1.54 -15.51
CA ARG A 99 4.83 -1.34 -14.49
C ARG A 99 4.22 -0.70 -13.24
N LYS A 100 2.91 -0.81 -13.09
CA LYS A 100 2.24 -0.27 -11.91
C LYS A 100 0.94 -1.03 -11.64
N VAL A 101 0.62 -1.13 -10.36
CA VAL A 101 -0.60 -1.78 -9.93
C VAL A 101 -1.32 -0.84 -8.96
N ARG A 102 -2.62 -0.99 -8.85
CA ARG A 102 -3.38 -0.22 -7.90
C ARG A 102 -4.10 -1.12 -6.91
N PHE A 103 -3.81 -0.92 -5.64
CA PHE A 103 -4.52 -1.61 -4.58
C PHE A 103 -5.32 -0.59 -3.77
N ASP A 104 -6.63 -0.67 -3.86
CA ASP A 104 -7.50 0.21 -3.09
C ASP A 104 -7.59 -0.30 -1.68
N TYR A 105 -6.93 0.38 -0.76
CA TYR A 105 -6.88 -0.07 0.61
C TYR A 105 -7.56 0.93 1.53
N ASP A 106 -8.34 0.42 2.47
CA ASP A 106 -9.11 1.25 3.38
C ASP A 106 -8.27 1.66 4.59
N LEU A 107 -7.99 2.95 4.70
CA LEU A 107 -7.30 3.48 5.87
C LEU A 107 -8.32 3.93 6.89
N PHE A 108 -8.49 3.14 7.94
CA PHE A 108 -9.46 3.49 8.98
C PHE A 108 -8.74 3.74 10.30
N LEU A 109 -9.40 4.45 11.17
CA LEU A 109 -8.87 4.80 12.48
C LEU A 109 -9.93 4.47 13.53
N HIS A 110 -9.54 4.27 14.78
CA HIS A 110 -10.52 4.09 15.85
C HIS A 110 -10.69 5.37 16.66
N LEU A 111 -11.64 5.40 17.58
CA LEU A 111 -11.98 6.62 18.32
C LEU A 111 -10.82 7.15 19.18
N GLU A 112 -10.64 8.49 19.12
CA GLU A 112 -9.63 9.21 19.89
C GLU A 112 -9.72 8.84 21.37
N GLY A 113 -8.61 8.36 21.89
CA GLY A 113 -8.53 7.97 23.27
C GLY A 113 -8.11 6.53 23.43
N HIS A 114 -8.77 5.62 22.73
CA HIS A 114 -8.39 4.22 22.77
C HIS A 114 -8.61 3.55 21.42
N PRO A 115 -7.74 3.83 20.44
CA PRO A 115 -7.80 3.21 19.13
C PRO A 115 -6.69 2.19 18.90
N PRO A 116 -7.03 0.90 18.88
CA PRO A 116 -6.12 -0.15 18.48
C PRO A 116 -6.35 -0.55 17.03
N VAL A 117 -5.55 -0.01 16.11
CA VAL A 117 -5.73 -0.33 14.71
C VAL A 117 -4.51 -1.05 14.14
N ASN A 118 -4.68 -2.33 13.89
CA ASN A 118 -3.65 -3.13 13.23
C ASN A 118 -4.31 -4.01 12.18
N HIS A 119 -4.25 -3.55 10.93
CA HIS A 119 -4.91 -4.26 9.84
C HIS A 119 -3.89 -4.62 8.77
N LEU A 120 -4.06 -5.79 8.17
CA LEU A 120 -3.13 -6.25 7.15
C LEU A 120 -3.85 -6.87 5.95
N ARG A 121 -3.15 -6.92 4.84
CA ARG A 121 -3.68 -7.49 3.60
C ARG A 121 -2.54 -8.02 2.73
N CYS A 122 -2.81 -9.06 1.95
CA CYS A 122 -1.83 -9.59 1.00
C CYS A 122 -2.54 -9.94 -0.31
N GLU A 123 -2.14 -9.28 -1.40
CA GLU A 123 -2.80 -9.46 -2.70
C GLU A 123 -1.83 -10.08 -3.69
N LYS A 124 -2.33 -10.91 -4.60
CA LYS A 124 -1.46 -11.63 -5.50
C LYS A 124 -1.46 -11.04 -6.91
N LEU A 125 -0.26 -10.77 -7.40
CA LEU A 125 -0.03 -10.42 -8.79
C LEU A 125 0.14 -11.71 -9.59
N THR A 126 -0.25 -11.72 -10.84
CA THR A 126 -0.01 -12.89 -11.67
C THR A 126 0.40 -12.49 -13.08
N PHE A 127 1.57 -12.94 -13.49
CA PHE A 127 2.12 -12.59 -14.79
C PHE A 127 2.24 -13.84 -15.66
N ASN A 128 1.47 -13.86 -16.73
CA ASN A 128 1.41 -15.01 -17.63
C ASN A 128 2.54 -14.96 -18.66
N ASN A 129 3.37 -16.00 -18.64
CA ASN A 129 4.50 -16.13 -19.58
C ASN A 129 5.36 -14.86 -19.60
N PRO A 130 6.02 -14.54 -18.47
CA PRO A 130 6.89 -13.36 -18.37
C PRO A 130 8.29 -13.64 -18.93
N THR A 131 9.16 -12.64 -18.86
CA THR A 131 10.55 -12.86 -19.18
C THR A 131 11.19 -13.60 -18.01
N GLU A 132 12.01 -14.59 -18.32
CA GLU A 132 12.58 -15.47 -17.30
C GLU A 132 13.44 -14.70 -16.29
N ASP A 133 14.06 -13.60 -16.71
CA ASP A 133 14.80 -12.76 -15.79
C ASP A 133 13.85 -12.10 -14.81
N PHE A 134 12.62 -11.89 -15.26
CA PHE A 134 11.61 -11.29 -14.42
C PHE A 134 11.13 -12.31 -13.41
N ARG A 135 10.92 -13.54 -13.88
CA ARG A 135 10.58 -14.64 -12.98
C ARG A 135 11.65 -14.74 -11.90
N ARG A 136 12.91 -14.64 -12.30
CA ARG A 136 14.04 -14.69 -11.38
C ARG A 136 13.90 -13.64 -10.27
N LYS A 137 13.43 -12.45 -10.64
CA LYS A 137 13.21 -11.38 -9.68
C LYS A 137 12.00 -11.70 -8.80
N LEU A 138 10.96 -12.25 -9.41
CA LEU A 138 9.75 -12.60 -8.69
C LEU A 138 10.00 -13.76 -7.72
N LEU A 139 10.99 -14.60 -8.05
CA LEU A 139 11.32 -15.76 -7.23
C LEU A 139 12.30 -15.38 -6.13
N LYS A 140 13.11 -14.38 -6.38
CA LYS A 140 14.14 -13.97 -5.43
C LYS A 140 13.56 -13.17 -4.28
N ALA A 141 12.50 -12.44 -4.56
CA ALA A 141 11.82 -11.66 -3.54
C ALA A 141 11.33 -12.55 -2.41
N GLY B 1 -19.39 4.94 17.66
CA GLY B 1 -18.22 4.51 18.45
C GLY B 1 -17.43 3.43 17.74
N GLY B 2 -16.27 3.08 18.29
CA GLY B 2 -15.42 2.09 17.68
C GLY B 2 -14.55 2.67 16.58
N LYS B 3 -15.04 2.62 15.35
CA LYS B 3 -14.31 3.17 14.22
C LYS B 3 -14.51 4.68 14.14
N ALA B 4 -13.45 5.39 13.79
CA ALA B 4 -13.47 6.84 13.71
C ALA B 4 -14.20 7.30 12.47
N PRO B 5 -14.61 8.57 12.42
CA PRO B 5 -15.21 9.16 11.22
C PRO B 5 -14.26 9.09 10.01
N ARG B 6 -14.77 9.44 8.83
CA ARG B 6 -13.94 9.43 7.63
C ARG B 6 -14.43 10.44 6.60
OH ALY B 7 -7.41 13.71 8.57
CH ALY B 7 -7.53 14.60 7.72
CH3 ALY B 7 -6.39 15.61 7.54
NZ ALY B 7 -8.62 14.71 6.97
CE ALY B 7 -9.76 13.81 7.07
CD ALY B 7 -10.74 14.00 5.93
CG ALY B 7 -11.76 12.88 5.92
CB ALY B 7 -12.64 12.90 4.69
CA ALY B 7 -13.81 11.91 4.78
N ALY B 7 -13.51 10.90 5.78
C ALY B 7 -14.06 11.26 3.43
O ALY B 7 -13.24 11.35 2.51
HH31 ALY B 7 -6.39 16.31 8.36
HH32 ALY B 7 -5.44 15.08 7.53
HH33 ALY B 7 -6.52 16.14 6.62
HZ ALY B 7 -8.67 15.45 6.31
HE3 ALY B 7 -9.40 12.79 7.06
HE2 ALY B 7 -10.28 14.00 8.00
HD3 ALY B 7 -11.26 14.94 6.06
HD2 ALY B 7 -10.21 14.00 4.99
HG3 ALY B 7 -11.25 11.94 5.96
HG2 ALY B 7 -12.39 12.98 6.80
HB3 ALY B 7 -13.03 13.90 4.56
HB2 ALY B 7 -12.04 12.65 3.83
HA ALY B 7 -14.70 12.44 5.09
H ALY B 7 -12.60 10.52 5.82
N GLN B 8 -15.19 10.57 3.34
CA GLN B 8 -15.50 9.78 2.16
C GLN B 8 -16.97 9.99 1.77
N LEU B 9 -17.48 11.15 2.13
CA LEU B 9 -18.87 11.48 1.86
C LEU B 9 -18.95 12.51 0.73
N ALA B 10 -19.01 12.02 -0.50
CA ALA B 10 -19.09 12.89 -1.67
C ALA B 10 -20.53 13.12 -2.09
N THR B 11 -21.45 12.81 -1.18
CA THR B 11 -22.89 13.00 -1.40
C THR B 11 -23.48 11.95 -2.33
N LYS B 12 -22.99 11.90 -3.56
CA LYS B 12 -23.52 11.00 -4.59
C LYS B 12 -25.02 11.24 -4.80
N ALA B 13 -25.34 12.42 -5.28
CA ALA B 13 -26.71 12.80 -5.57
C ALA B 13 -26.83 13.19 -7.02
N GLY A 1 -3.41 -26.49 -37.05
CA GLY A 1 -2.54 -26.88 -35.93
C GLY A 1 -1.57 -25.78 -35.54
N SER A 2 -0.49 -26.15 -34.86
CA SER A 2 0.52 -25.19 -34.41
C SER A 2 -0.12 -24.14 -33.49
N HIS A 3 -0.38 -24.55 -32.26
CA HIS A 3 -1.03 -23.67 -31.30
C HIS A 3 -0.65 -24.09 -29.88
N MET A 4 -1.30 -23.48 -28.89
CA MET A 4 -1.09 -23.80 -27.49
C MET A 4 0.34 -23.51 -27.07
N ALA A 5 0.63 -22.25 -26.81
CA ALA A 5 1.93 -21.85 -26.32
C ALA A 5 2.04 -22.17 -24.84
N SER A 6 3.23 -22.49 -24.38
CA SER A 6 3.43 -22.84 -22.99
C SER A 6 3.49 -21.58 -22.13
N SER A 7 2.32 -21.01 -21.87
CA SER A 7 2.22 -19.81 -21.05
C SER A 7 2.44 -20.18 -19.60
N CYS A 8 3.57 -19.76 -19.06
CA CYS A 8 3.92 -20.07 -17.68
C CYS A 8 3.75 -18.82 -16.84
N ALA A 9 2.82 -18.86 -15.90
CA ALA A 9 2.48 -17.69 -15.11
C ALA A 9 3.20 -17.69 -13.77
N VAL A 10 3.81 -16.56 -13.43
CA VAL A 10 4.43 -16.37 -12.14
C VAL A 10 3.51 -15.53 -11.27
N GLN A 11 3.40 -15.86 -10.00
CA GLN A 11 2.50 -15.15 -9.12
C GLN A 11 3.25 -14.65 -7.90
N VAL A 12 3.23 -13.34 -7.72
CA VAL A 12 3.88 -12.71 -6.59
C VAL A 12 2.84 -12.20 -5.62
N LYS A 13 3.27 -11.63 -4.50
CA LYS A 13 2.35 -11.09 -3.52
C LYS A 13 2.88 -9.82 -2.91
N LEU A 14 2.01 -8.83 -2.77
CA LEU A 14 2.37 -7.60 -2.08
C LEU A 14 1.47 -7.40 -0.88
N GLU A 15 2.05 -6.88 0.17
CA GLU A 15 1.34 -6.70 1.42
C GLU A 15 0.93 -5.24 1.62
N LEU A 16 -0.37 -5.01 1.80
CA LEU A 16 -0.87 -3.67 2.12
C LEU A 16 -1.36 -3.66 3.56
N GLY A 17 -0.70 -2.93 4.41
CA GLY A 17 -1.12 -2.87 5.79
C GLY A 17 -0.96 -1.50 6.38
N HIS A 18 -1.44 -1.31 7.60
CA HIS A 18 -1.27 -0.03 8.26
C HIS A 18 -1.54 -0.15 9.75
N ARG A 19 -0.89 0.72 10.50
CA ARG A 19 -1.15 0.85 11.93
C ARG A 19 -1.69 2.23 12.19
N ALA A 20 -2.65 2.34 13.07
CA ALA A 20 -3.17 3.63 13.41
C ALA A 20 -3.28 3.81 14.90
N GLN A 21 -2.67 4.88 15.42
CA GLN A 21 -2.75 5.17 16.83
C GLN A 21 -3.41 6.53 17.04
N VAL A 22 -3.99 6.71 18.20
CA VAL A 22 -4.56 8.00 18.55
C VAL A 22 -3.62 8.71 19.53
N ARG A 23 -3.74 10.01 19.64
CA ARG A 23 -2.92 10.76 20.57
C ARG A 23 -3.80 11.25 21.71
N LYS A 24 -3.22 11.33 22.90
CA LYS A 24 -3.93 11.86 24.06
C LYS A 24 -4.10 13.35 23.91
N LYS A 25 -3.29 13.92 23.03
CA LYS A 25 -3.37 15.32 22.68
C LYS A 25 -3.15 15.47 21.17
N PRO A 26 -4.25 15.71 20.43
CA PRO A 26 -4.19 16.00 18.98
C PRO A 26 -3.13 17.04 18.62
N THR A 27 -2.67 17.01 17.37
CA THR A 27 -1.56 17.85 16.95
C THR A 27 -2.02 19.30 16.73
N VAL A 28 -1.14 20.15 16.24
CA VAL A 28 -1.45 21.57 16.09
C VAL A 28 -2.57 21.78 15.07
N GLU A 29 -2.68 20.84 14.13
CA GLU A 29 -3.75 20.87 13.15
C GLU A 29 -5.05 20.31 13.75
N GLY A 30 -4.95 19.88 15.00
CA GLY A 30 -6.08 19.29 15.70
C GLY A 30 -6.43 17.93 15.18
N PHE A 31 -5.42 17.20 14.73
CA PHE A 31 -5.61 15.85 14.25
C PHE A 31 -5.36 14.88 15.37
N THR A 32 -6.27 13.95 15.54
CA THR A 32 -6.31 13.09 16.70
C THR A 32 -5.50 11.81 16.51
N HIS A 33 -5.23 11.45 15.27
CA HIS A 33 -4.61 10.17 14.97
C HIS A 33 -3.34 10.33 14.16
N ASP A 34 -2.40 9.41 14.39
CA ASP A 34 -1.22 9.30 13.55
C ASP A 34 -1.17 7.89 13.02
N TRP A 35 -1.12 7.75 11.72
CA TRP A 35 -1.14 6.44 11.10
C TRP A 35 0.06 6.23 10.22
N MET A 36 0.42 4.97 10.05
CA MET A 36 1.46 4.60 9.14
C MET A 36 0.96 3.50 8.22
N VAL A 37 1.28 3.63 6.95
CA VAL A 37 0.85 2.69 5.93
C VAL A 37 2.08 2.11 5.24
N PHE A 38 1.99 0.88 4.77
CA PHE A 38 3.13 0.27 4.11
C PHE A 38 2.74 -0.73 3.04
N VAL A 39 3.67 -0.95 2.12
CA VAL A 39 3.59 -2.05 1.19
C VAL A 39 4.85 -2.89 1.31
N ARG A 40 4.68 -4.18 1.52
CA ARG A 40 5.80 -5.08 1.75
C ARG A 40 5.64 -6.36 0.95
N GLY A 41 6.56 -7.28 1.13
CA GLY A 41 6.50 -8.54 0.43
C GLY A 41 5.78 -9.62 1.22
N PRO A 42 5.65 -10.81 0.64
CA PRO A 42 4.94 -11.91 1.30
C PRO A 42 5.76 -12.52 2.44
N GLU A 43 5.26 -12.33 3.66
CA GLU A 43 5.93 -12.83 4.86
C GLU A 43 7.31 -12.20 5.02
N HIS A 44 7.36 -10.87 4.88
CA HIS A 44 8.59 -10.10 5.08
C HIS A 44 9.64 -10.37 3.99
N SER A 45 9.28 -11.14 2.97
CA SER A 45 10.17 -11.35 1.84
C SER A 45 10.41 -10.02 1.12
N ASN A 46 11.68 -9.62 1.01
CA ASN A 46 12.01 -8.33 0.45
C ASN A 46 11.52 -8.23 -0.99
N ILE A 47 10.73 -7.20 -1.26
CA ILE A 47 10.18 -7.00 -2.59
C ILE A 47 11.03 -6.04 -3.41
N GLN A 48 12.09 -5.51 -2.80
CA GLN A 48 12.96 -4.53 -3.46
C GLN A 48 13.58 -5.13 -4.72
N HIS A 49 13.45 -6.44 -4.87
CA HIS A 49 13.96 -7.13 -6.04
C HIS A 49 13.16 -6.75 -7.29
N PHE A 50 11.83 -6.71 -7.19
CA PHE A 50 11.01 -6.37 -8.34
C PHE A 50 10.32 -5.02 -8.15
N VAL A 51 10.24 -4.58 -6.90
CA VAL A 51 9.63 -3.31 -6.55
C VAL A 51 10.67 -2.21 -6.51
N GLU A 52 10.34 -1.05 -7.07
CA GLU A 52 11.28 0.05 -7.17
C GLU A 52 10.84 1.22 -6.30
N LYS A 53 9.70 1.79 -6.65
CA LYS A 53 9.15 2.92 -5.95
C LYS A 53 7.66 2.71 -5.73
N VAL A 54 7.15 3.25 -4.66
CA VAL A 54 5.74 3.09 -4.34
C VAL A 54 5.12 4.43 -4.02
N VAL A 55 3.81 4.53 -4.17
CA VAL A 55 3.13 5.81 -3.99
C VAL A 55 1.79 5.62 -3.27
N PHE A 56 1.53 6.49 -2.30
CA PHE A 56 0.30 6.48 -1.53
C PHE A 56 -0.41 7.79 -1.77
N HIS A 57 -1.54 7.71 -2.45
CA HIS A 57 -2.36 8.89 -2.72
C HIS A 57 -3.23 9.21 -1.51
N LEU A 58 -2.78 10.15 -0.68
CA LEU A 58 -3.52 10.51 0.52
C LEU A 58 -4.66 11.47 0.19
N HIS A 59 -5.37 11.91 1.21
CA HIS A 59 -6.49 12.83 1.02
C HIS A 59 -5.93 14.22 0.71
N GLU A 60 -6.62 14.92 -0.16
CA GLU A 60 -6.15 16.19 -0.72
C GLU A 60 -5.91 17.26 0.35
N SER A 61 -6.57 17.12 1.48
CA SER A 61 -6.40 18.06 2.59
C SER A 61 -5.02 17.88 3.24
N PHE A 62 -4.43 16.72 3.06
CA PHE A 62 -3.13 16.41 3.67
C PHE A 62 -2.00 17.13 2.93
N PRO A 63 -1.01 17.62 3.67
CA PRO A 63 0.22 18.15 3.08
C PRO A 63 0.98 17.07 2.36
N ARG A 64 1.33 17.33 1.11
CA ARG A 64 1.99 16.33 0.26
C ARG A 64 1.11 15.08 0.14
N PRO A 65 0.02 15.15 -0.66
CA PRO A 65 -0.91 14.03 -0.81
C PRO A 65 -0.29 12.83 -1.51
N LYS A 66 0.75 13.05 -2.30
CA LYS A 66 1.39 11.98 -3.03
C LYS A 66 2.67 11.56 -2.33
N ARG A 67 2.61 10.43 -1.67
CA ARG A 67 3.74 9.93 -0.92
C ARG A 67 4.44 8.83 -1.67
N VAL A 68 5.58 9.14 -2.27
CA VAL A 68 6.36 8.12 -2.93
C VAL A 68 7.49 7.67 -1.99
N CYS A 69 7.73 6.37 -1.93
CA CYS A 69 8.78 5.82 -1.11
C CYS A 69 9.80 5.10 -2.00
N LYS A 70 11.04 5.56 -1.95
CA LYS A 70 12.11 5.03 -2.78
C LYS A 70 13.03 4.12 -1.96
N ASP A 71 13.12 4.42 -0.68
CA ASP A 71 14.01 3.73 0.24
C ASP A 71 13.39 2.41 0.72
N PRO A 72 14.09 1.66 1.62
CA PRO A 72 13.50 0.54 2.40
C PRO A 72 12.08 0.82 2.95
N PRO A 73 11.55 -0.01 3.91
CA PRO A 73 10.12 -0.31 4.01
C PRO A 73 9.22 0.82 3.53
N TYR A 74 8.44 0.51 2.51
CA TYR A 74 7.54 1.47 1.88
C TYR A 74 6.45 1.90 2.85
N LYS A 75 6.72 2.95 3.62
CA LYS A 75 5.80 3.38 4.67
C LYS A 75 5.62 4.89 4.71
N VAL A 76 4.40 5.30 5.00
CA VAL A 76 4.03 6.71 5.12
C VAL A 76 3.51 6.99 6.52
N GLU A 77 3.95 8.09 7.11
CA GLU A 77 3.54 8.43 8.47
C GLU A 77 2.92 9.82 8.49
N GLU A 78 1.59 9.87 8.67
CA GLU A 78 0.87 11.14 8.64
C GLU A 78 -0.20 11.17 9.75
N SER A 79 -0.82 12.33 9.92
CA SER A 79 -1.78 12.53 11.00
C SER A 79 -3.15 12.96 10.45
N GLY A 80 -4.22 12.54 11.10
CA GLY A 80 -5.56 12.88 10.67
C GLY A 80 -6.60 12.60 11.76
N TYR A 81 -7.88 12.61 11.41
CA TYR A 81 -8.93 12.29 12.38
C TYR A 81 -9.90 11.25 11.84
N ALA A 82 -9.93 11.06 10.53
CA ALA A 82 -10.91 10.17 9.92
C ALA A 82 -10.31 9.41 8.74
N GLY A 83 -10.75 8.18 8.59
CA GLY A 83 -10.23 7.30 7.56
C GLY A 83 -10.85 7.52 6.20
N PHE A 84 -10.28 6.85 5.20
CA PHE A 84 -10.71 6.99 3.81
C PHE A 84 -10.06 5.89 2.95
N ILE A 85 -10.67 5.62 1.81
CA ILE A 85 -10.06 4.71 0.83
C ILE A 85 -8.79 5.33 0.26
N LEU A 86 -7.68 4.64 0.44
CA LEU A 86 -6.39 5.11 -0.01
C LEU A 86 -5.84 4.16 -1.07
N PRO A 87 -5.81 4.61 -2.34
CA PRO A 87 -5.25 3.83 -3.44
C PRO A 87 -3.73 3.92 -3.49
N ILE A 88 -3.09 2.77 -3.39
CA ILE A 88 -1.63 2.68 -3.44
C ILE A 88 -1.19 2.13 -4.78
N GLU A 89 -0.20 2.78 -5.39
CA GLU A 89 0.36 2.28 -6.63
C GLU A 89 1.80 1.84 -6.40
N VAL A 90 2.08 0.59 -6.68
CA VAL A 90 3.40 0.03 -6.52
C VAL A 90 4.10 -0.07 -7.86
N TYR A 91 5.26 0.58 -7.98
CA TYR A 91 6.03 0.58 -9.23
C TYR A 91 7.02 -0.57 -9.29
N PHE A 92 7.12 -1.20 -10.46
CA PHE A 92 8.06 -2.29 -10.69
C PHE A 92 9.05 -1.92 -11.81
N LYS A 93 10.18 -2.64 -11.89
CA LYS A 93 11.15 -2.42 -12.98
C LYS A 93 11.08 -3.53 -14.02
N ASN A 94 10.35 -3.30 -15.12
CA ASN A 94 10.32 -4.24 -16.22
C ASN A 94 9.96 -3.58 -17.53
N LYS A 95 10.15 -4.33 -18.62
CA LYS A 95 9.73 -3.89 -19.95
C LYS A 95 8.47 -4.61 -20.35
N GLU A 96 7.90 -5.31 -19.40
CA GLU A 96 6.72 -6.13 -19.63
C GLU A 96 5.47 -5.42 -19.15
N GLU A 97 4.44 -6.20 -18.82
CA GLU A 97 3.17 -5.71 -18.27
C GLU A 97 3.33 -4.50 -17.33
N PRO A 98 2.26 -3.69 -17.15
CA PRO A 98 2.28 -2.42 -16.43
C PRO A 98 3.28 -2.36 -15.28
N ARG A 99 4.15 -1.36 -15.33
CA ARG A 99 5.21 -1.20 -14.33
C ARG A 99 4.66 -0.55 -13.06
N LYS A 100 3.36 -0.63 -12.89
CA LYS A 100 2.68 -0.10 -11.73
C LYS A 100 1.41 -0.89 -11.46
N VAL A 101 1.14 -1.11 -10.20
CA VAL A 101 -0.09 -1.77 -9.78
C VAL A 101 -0.90 -0.80 -8.95
N ARG A 102 -2.19 -1.01 -8.86
CA ARG A 102 -3.05 -0.14 -8.09
C ARG A 102 -3.91 -0.95 -7.13
N PHE A 103 -3.59 -0.87 -5.84
CA PHE A 103 -4.34 -1.56 -4.82
C PHE A 103 -5.20 -0.57 -4.04
N ASP A 104 -6.51 -0.78 -4.05
CA ASP A 104 -7.40 0.04 -3.24
C ASP A 104 -7.43 -0.49 -1.82
N TYR A 105 -6.99 0.31 -0.88
CA TYR A 105 -6.91 -0.13 0.49
C TYR A 105 -7.64 0.84 1.42
N ASP A 106 -8.40 0.28 2.35
CA ASP A 106 -9.19 1.08 3.27
C ASP A 106 -8.36 1.49 4.49
N LEU A 107 -8.10 2.79 4.61
CA LEU A 107 -7.40 3.31 5.77
C LEU A 107 -8.38 3.70 6.84
N PHE A 108 -8.62 2.79 7.77
CA PHE A 108 -9.57 3.06 8.85
C PHE A 108 -8.84 3.34 10.16
N LEU A 109 -9.51 4.06 11.04
CA LEU A 109 -8.95 4.48 12.31
C LEU A 109 -9.91 4.11 13.44
N HIS A 110 -9.39 4.10 14.65
CA HIS A 110 -10.18 3.78 15.85
C HIS A 110 -10.58 5.06 16.57
N LEU A 111 -11.42 4.95 17.58
CA LEU A 111 -11.86 6.11 18.35
C LEU A 111 -10.75 6.63 19.27
N GLU A 112 -10.91 7.88 19.71
CA GLU A 112 -10.01 8.47 20.70
C GLU A 112 -10.16 7.73 22.02
N GLY A 113 -9.05 7.25 22.55
CA GLY A 113 -9.09 6.50 23.79
C GLY A 113 -9.46 5.04 23.58
N HIS A 114 -9.25 4.56 22.36
CA HIS A 114 -9.47 3.16 22.03
C HIS A 114 -8.15 2.57 21.52
N PRO A 115 -7.85 1.27 21.76
CA PRO A 115 -6.60 0.66 21.28
C PRO A 115 -6.40 0.79 19.76
N PRO A 116 -5.15 1.14 19.34
CA PRO A 116 -4.73 1.21 17.92
C PRO A 116 -5.18 0.06 17.02
N VAL A 117 -4.83 0.21 15.75
CA VAL A 117 -5.26 -0.68 14.70
C VAL A 117 -4.05 -1.25 13.96
N ASN A 118 -4.10 -2.53 13.63
CA ASN A 118 -3.03 -3.16 12.88
C ASN A 118 -3.61 -4.20 11.93
N HIS A 119 -3.80 -3.80 10.68
CA HIS A 119 -4.40 -4.67 9.68
C HIS A 119 -3.41 -4.95 8.56
N LEU A 120 -3.28 -6.23 8.19
CA LEU A 120 -2.39 -6.63 7.11
C LEU A 120 -3.19 -7.26 5.98
N ARG A 121 -2.79 -6.98 4.74
CA ARG A 121 -3.40 -7.59 3.56
C ARG A 121 -2.30 -8.12 2.65
N CYS A 122 -2.58 -9.20 1.92
CA CYS A 122 -1.63 -9.73 0.97
C CYS A 122 -2.31 -10.04 -0.35
N GLU A 123 -1.90 -9.36 -1.41
CA GLU A 123 -2.55 -9.50 -2.71
C GLU A 123 -1.62 -10.14 -3.71
N LYS A 124 -2.16 -11.06 -4.50
CA LYS A 124 -1.38 -11.82 -5.45
C LYS A 124 -1.30 -11.13 -6.81
N LEU A 125 -0.07 -10.94 -7.28
CA LEU A 125 0.18 -10.45 -8.62
C LEU A 125 0.34 -11.64 -9.56
N THR A 126 -0.55 -11.79 -10.50
CA THR A 126 -0.47 -12.91 -11.41
C THR A 126 -0.10 -12.47 -12.81
N PHE A 127 1.06 -12.89 -13.26
CA PHE A 127 1.59 -12.48 -14.55
C PHE A 127 1.70 -13.67 -15.48
N ASN A 128 0.84 -13.71 -16.48
CA ASN A 128 0.82 -14.81 -17.44
C ASN A 128 1.97 -14.68 -18.43
N ASN A 129 2.85 -15.69 -18.40
CA ASN A 129 3.98 -15.80 -19.32
C ASN A 129 4.87 -14.54 -19.32
N PRO A 130 5.56 -14.26 -18.20
CA PRO A 130 6.51 -13.14 -18.11
C PRO A 130 7.85 -13.51 -18.73
N THR A 131 8.79 -12.58 -18.70
CA THR A 131 10.13 -12.88 -19.14
C THR A 131 10.86 -13.66 -18.04
N GLU A 132 11.73 -14.58 -18.43
CA GLU A 132 12.42 -15.41 -17.44
C GLU A 132 13.13 -14.57 -16.38
N ASP A 133 13.76 -13.46 -16.81
CA ASP A 133 14.45 -12.56 -15.89
C ASP A 133 13.47 -12.00 -14.86
N PHE A 134 12.23 -11.81 -15.27
CA PHE A 134 11.22 -11.29 -14.36
C PHE A 134 10.83 -12.36 -13.37
N ARG A 135 10.71 -13.58 -13.87
CA ARG A 135 10.47 -14.73 -13.01
C ARG A 135 11.56 -14.81 -11.95
N ARG A 136 12.79 -14.60 -12.39
CA ARG A 136 13.94 -14.61 -11.52
C ARG A 136 13.80 -13.60 -10.38
N LYS A 137 13.22 -12.44 -10.69
CA LYS A 137 12.99 -11.41 -9.68
C LYS A 137 11.85 -11.82 -8.76
N LEU A 138 10.79 -12.35 -9.36
CA LEU A 138 9.60 -12.73 -8.62
C LEU A 138 9.86 -13.94 -7.71
N LEU A 139 10.77 -14.82 -8.14
CA LEU A 139 11.11 -16.01 -7.36
C LEU A 139 12.07 -15.66 -6.23
N LYS A 140 12.93 -14.68 -6.48
CA LYS A 140 13.95 -14.31 -5.51
C LYS A 140 13.34 -13.55 -4.33
N ALA A 141 12.25 -12.84 -4.57
CA ALA A 141 11.58 -12.12 -3.51
C ALA A 141 10.87 -13.08 -2.56
N GLY B 1 -17.19 1.24 20.75
CA GLY B 1 -17.48 1.86 19.44
C GLY B 1 -16.39 1.60 18.43
N GLY B 2 -16.74 0.93 17.34
CA GLY B 2 -15.76 0.59 16.33
C GLY B 2 -15.80 1.53 15.15
N LYS B 3 -14.62 1.76 14.56
CA LYS B 3 -14.46 2.66 13.42
C LYS B 3 -14.63 4.13 13.82
N ALA B 4 -13.57 4.89 13.61
CA ALA B 4 -13.60 6.33 13.78
C ALA B 4 -14.42 6.96 12.65
N PRO B 5 -14.72 8.28 12.72
CA PRO B 5 -15.40 8.98 11.63
C PRO B 5 -14.72 8.75 10.28
N ARG B 6 -15.38 9.15 9.21
CA ARG B 6 -14.88 8.88 7.86
C ARG B 6 -15.20 10.02 6.92
OH ALY B 7 -8.02 13.37 8.73
CH ALY B 7 -8.25 14.28 7.93
CH3 ALY B 7 -7.22 15.42 7.79
NZ ALY B 7 -9.34 14.32 7.18
CE ALY B 7 -10.39 13.30 7.24
CD ALY B 7 -11.48 13.55 6.23
CG ALY B 7 -12.31 12.30 6.01
CB ALY B 7 -13.64 12.60 5.36
CA ALY B 7 -14.45 11.35 5.02
N ALY B 7 -14.26 10.32 6.03
C ALY B 7 -14.07 10.82 3.65
O ALY B 7 -12.89 10.70 3.32
HH31 ALY B 7 -7.72 16.37 7.88
HH32 ALY B 7 -6.47 15.32 8.58
HH33 ALY B 7 -6.74 15.35 6.83
HZ ALY B 7 -9.47 15.07 6.57
HE3 ALY B 7 -9.94 12.33 7.04
HE2 ALY B 7 -10.82 13.31 8.23
HD3 ALY B 7 -12.13 14.34 6.60
HD2 ALY B 7 -11.04 13.85 5.29
HG3 ALY B 7 -11.75 11.62 5.37
HG2 ALY B 7 -12.48 11.82 6.96
HB3 ALY B 7 -14.22 13.22 6.05
HB2 ALY B 7 -13.46 13.15 4.46
HA ALY B 7 -15.50 11.61 5.02
H ALY B 7 -13.41 9.83 6.06
N GLN B 8 -15.07 10.49 2.85
CA GLN B 8 -14.86 9.95 1.52
C GLN B 8 -14.09 10.91 0.64
N LEU B 9 -13.35 10.37 -0.32
CA LEU B 9 -12.56 11.17 -1.25
C LEU B 9 -13.44 11.64 -2.41
N ALA B 10 -14.57 12.25 -2.05
CA ALA B 10 -15.54 12.71 -3.03
C ALA B 10 -16.10 14.06 -2.60
N THR B 11 -16.47 14.87 -3.58
CA THR B 11 -17.04 16.18 -3.30
C THR B 11 -18.53 16.17 -3.61
N LYS B 12 -19.28 16.98 -2.88
CA LYS B 12 -20.72 17.05 -3.06
C LYS B 12 -21.17 18.50 -3.08
N ALA B 13 -22.21 18.79 -3.84
CA ALA B 13 -22.85 20.08 -3.82
C ALA B 13 -23.72 20.21 -2.58
N GLY A 1 8.02 -22.53 -27.49
CA GLY A 1 7.35 -23.78 -27.92
C GLY A 1 5.94 -23.52 -28.41
N SER A 2 5.55 -24.19 -29.49
CA SER A 2 4.23 -24.01 -30.06
C SER A 2 3.49 -25.33 -30.11
N HIS A 3 4.15 -26.42 -29.73
CA HIS A 3 3.51 -27.72 -29.69
C HIS A 3 2.50 -27.77 -28.55
N MET A 4 3.00 -27.56 -27.33
CA MET A 4 2.13 -27.48 -26.17
C MET A 4 1.93 -26.02 -25.79
N ALA A 5 2.97 -25.21 -25.99
CA ALA A 5 2.93 -23.80 -25.65
C ALA A 5 2.51 -23.59 -24.20
N SER A 6 3.26 -24.21 -23.30
CA SER A 6 2.94 -24.16 -21.88
C SER A 6 3.09 -22.75 -21.34
N SER A 7 1.98 -22.16 -20.95
CA SER A 7 2.01 -20.83 -20.37
C SER A 7 2.57 -20.88 -18.95
N CYS A 8 3.77 -20.37 -18.79
CA CYS A 8 4.40 -20.31 -17.48
C CYS A 8 4.02 -19.03 -16.78
N ALA A 9 3.25 -19.15 -15.72
CA ALA A 9 2.79 -17.97 -15.00
C ALA A 9 3.41 -17.90 -13.62
N VAL A 10 3.93 -16.73 -13.29
CA VAL A 10 4.52 -16.49 -11.99
C VAL A 10 3.60 -15.59 -11.19
N GLN A 11 3.48 -15.84 -9.89
CA GLN A 11 2.59 -15.06 -9.07
C GLN A 11 3.33 -14.53 -7.85
N VAL A 12 3.28 -13.23 -7.68
CA VAL A 12 3.85 -12.58 -6.52
C VAL A 12 2.76 -12.07 -5.62
N LYS A 13 3.09 -11.67 -4.41
CA LYS A 13 2.08 -11.13 -3.50
C LYS A 13 2.59 -9.88 -2.83
N LEU A 14 1.82 -8.81 -2.92
CA LEU A 14 2.17 -7.57 -2.25
C LEU A 14 1.28 -7.37 -1.04
N GLU A 15 1.87 -6.84 -0.01
CA GLU A 15 1.17 -6.67 1.25
C GLU A 15 0.77 -5.21 1.44
N LEU A 16 -0.52 -4.98 1.68
CA LEU A 16 -1.02 -3.65 2.00
C LEU A 16 -1.52 -3.65 3.44
N GLY A 17 -0.86 -2.91 4.29
CA GLY A 17 -1.27 -2.86 5.68
C GLY A 17 -1.06 -1.50 6.27
N HIS A 18 -1.48 -1.31 7.52
CA HIS A 18 -1.29 -0.04 8.18
C HIS A 18 -1.54 -0.15 9.66
N ARG A 19 -0.92 0.75 10.41
CA ARG A 19 -1.12 0.86 11.83
C ARG A 19 -1.74 2.20 12.13
N ALA A 20 -2.49 2.28 13.20
CA ALA A 20 -3.06 3.56 13.58
C ALA A 20 -3.18 3.69 15.09
N GLN A 21 -2.62 4.76 15.63
CA GLN A 21 -2.70 5.02 17.04
C GLN A 21 -3.27 6.42 17.26
N VAL A 22 -4.09 6.58 18.28
CA VAL A 22 -4.63 7.88 18.60
C VAL A 22 -3.85 8.47 19.77
N ARG A 23 -3.80 9.78 19.85
CA ARG A 23 -3.11 10.47 20.92
C ARG A 23 -4.10 11.28 21.73
N LYS A 24 -3.94 11.24 23.06
CA LYS A 24 -4.77 12.04 23.94
C LYS A 24 -4.44 13.52 23.75
N LYS A 25 -3.30 13.76 23.13
CA LYS A 25 -2.94 15.10 22.71
C LYS A 25 -2.79 15.15 21.19
N PRO A 26 -3.82 15.61 20.50
CA PRO A 26 -3.74 15.88 19.07
C PRO A 26 -2.62 16.88 18.76
N THR A 27 -2.18 16.89 17.52
CA THR A 27 -1.06 17.74 17.14
C THR A 27 -1.52 19.16 16.87
N VAL A 28 -0.63 20.01 16.37
CA VAL A 28 -0.91 21.42 16.15
C VAL A 28 -2.10 21.61 15.19
N GLU A 29 -2.28 20.66 14.29
CA GLU A 29 -3.38 20.71 13.33
C GLU A 29 -4.65 20.10 13.93
N GLY A 30 -4.52 19.64 15.17
CA GLY A 30 -5.64 19.03 15.86
C GLY A 30 -5.94 17.65 15.33
N PHE A 31 -4.91 16.96 14.86
CA PHE A 31 -5.06 15.62 14.34
C PHE A 31 -4.89 14.62 15.47
N THR A 32 -5.88 13.76 15.63
CA THR A 32 -5.95 12.87 16.77
C THR A 32 -5.18 11.57 16.54
N HIS A 33 -5.05 11.16 15.29
CA HIS A 33 -4.48 9.85 15.00
C HIS A 33 -3.20 9.93 14.19
N ASP A 34 -2.27 9.05 14.51
CA ASP A 34 -1.04 8.89 13.74
C ASP A 34 -1.06 7.52 13.12
N TRP A 35 -1.00 7.44 11.81
CA TRP A 35 -1.03 6.17 11.14
C TRP A 35 0.18 5.97 10.25
N MET A 36 0.51 4.71 10.02
CA MET A 36 1.60 4.37 9.14
C MET A 36 1.17 3.28 8.19
N VAL A 37 1.22 3.58 6.91
CA VAL A 37 0.84 2.64 5.86
C VAL A 37 2.09 2.03 5.28
N PHE A 38 1.99 0.82 4.76
CA PHE A 38 3.14 0.18 4.16
C PHE A 38 2.74 -0.83 3.08
N VAL A 39 3.68 -1.07 2.17
CA VAL A 39 3.54 -2.13 1.19
C VAL A 39 4.79 -3.01 1.21
N ARG A 40 4.60 -4.31 1.37
CA ARG A 40 5.71 -5.23 1.47
C ARG A 40 5.51 -6.43 0.56
N GLY A 41 6.44 -7.37 0.63
CA GLY A 41 6.32 -8.61 -0.11
C GLY A 41 5.59 -9.66 0.71
N PRO A 42 5.63 -10.92 0.26
CA PRO A 42 4.98 -12.00 0.98
C PRO A 42 5.76 -12.40 2.23
N GLU A 43 5.17 -12.13 3.39
CA GLU A 43 5.75 -12.50 4.67
C GLU A 43 7.11 -11.85 4.90
N HIS A 44 7.13 -10.50 4.92
CA HIS A 44 8.32 -9.71 5.25
C HIS A 44 9.36 -9.73 4.12
N SER A 45 9.12 -10.52 3.09
CA SER A 45 10.04 -10.62 1.96
C SER A 45 10.23 -9.26 1.29
N ASN A 46 11.48 -8.89 1.02
CA ASN A 46 11.77 -7.61 0.40
C ASN A 46 11.34 -7.63 -1.05
N ILE A 47 10.54 -6.65 -1.43
CA ILE A 47 10.03 -6.56 -2.79
C ILE A 47 10.86 -5.64 -3.67
N GLN A 48 11.86 -5.01 -3.08
CA GLN A 48 12.69 -4.01 -3.79
C GLN A 48 13.33 -4.61 -5.04
N HIS A 49 13.31 -5.94 -5.11
CA HIS A 49 13.88 -6.67 -6.23
C HIS A 49 13.06 -6.46 -7.51
N PHE A 50 11.73 -6.47 -7.41
CA PHE A 50 10.89 -6.22 -8.58
C PHE A 50 10.09 -4.93 -8.42
N VAL A 51 10.03 -4.42 -7.20
CA VAL A 51 9.35 -3.16 -6.90
C VAL A 51 10.36 -2.02 -6.94
N GLU A 52 10.06 -1.01 -7.73
CA GLU A 52 10.98 0.11 -7.91
C GLU A 52 10.66 1.21 -6.93
N LYS A 53 9.47 1.77 -7.05
CA LYS A 53 9.01 2.84 -6.20
C LYS A 53 7.52 2.68 -5.97
N VAL A 54 7.04 3.14 -4.84
CA VAL A 54 5.63 3.02 -4.50
C VAL A 54 5.06 4.39 -4.18
N VAL A 55 3.74 4.52 -4.22
CA VAL A 55 3.09 5.80 -4.01
C VAL A 55 1.78 5.63 -3.24
N PHE A 56 1.55 6.52 -2.28
CA PHE A 56 0.35 6.51 -1.48
C PHE A 56 -0.39 7.82 -1.69
N HIS A 57 -1.52 7.74 -2.35
CA HIS A 57 -2.34 8.92 -2.61
C HIS A 57 -3.21 9.25 -1.42
N LEU A 58 -2.70 10.11 -0.54
CA LEU A 58 -3.42 10.49 0.67
C LEU A 58 -4.51 11.49 0.35
N HIS A 59 -5.27 11.89 1.36
CA HIS A 59 -6.31 12.88 1.18
C HIS A 59 -5.67 14.24 0.96
N GLU A 60 -6.30 15.03 0.11
CA GLU A 60 -5.72 16.29 -0.39
C GLU A 60 -5.41 17.28 0.74
N SER A 61 -6.11 17.15 1.87
CA SER A 61 -5.88 18.03 3.00
C SER A 61 -4.57 17.69 3.70
N PHE A 62 -4.06 16.50 3.46
CA PHE A 62 -2.80 16.07 4.03
C PHE A 62 -1.65 16.75 3.29
N PRO A 63 -0.66 17.27 4.04
CA PRO A 63 0.54 17.86 3.45
C PRO A 63 1.25 16.88 2.52
N ARG A 64 1.34 17.25 1.25
CA ARG A 64 1.92 16.37 0.22
C ARG A 64 1.09 15.10 0.09
N PRO A 65 -0.06 15.16 -0.62
CA PRO A 65 -0.95 14.01 -0.77
C PRO A 65 -0.30 12.80 -1.46
N LYS A 66 0.78 13.03 -2.19
CA LYS A 66 1.43 11.99 -2.91
C LYS A 66 2.74 11.60 -2.24
N ARG A 67 2.75 10.43 -1.64
CA ARG A 67 3.95 9.94 -0.96
C ARG A 67 4.61 8.83 -1.76
N VAL A 68 5.64 9.18 -2.53
CA VAL A 68 6.45 8.19 -3.20
C VAL A 68 7.53 7.66 -2.25
N CYS A 69 7.73 6.35 -2.24
CA CYS A 69 8.77 5.75 -1.42
C CYS A 69 9.70 4.90 -2.27
N LYS A 70 10.94 5.36 -2.39
CA LYS A 70 11.98 4.61 -3.09
C LYS A 70 12.98 4.03 -2.08
N ASP A 71 12.99 4.65 -0.92
CA ASP A 71 13.87 4.30 0.21
C ASP A 71 13.55 2.88 0.73
N PRO A 72 14.25 2.41 1.81
CA PRO A 72 13.80 1.29 2.69
C PRO A 72 12.27 1.19 2.86
N PRO A 73 11.76 0.26 3.71
CA PRO A 73 10.36 -0.22 3.66
C PRO A 73 9.35 0.85 3.26
N TYR A 74 8.56 0.53 2.24
CA TYR A 74 7.55 1.44 1.72
C TYR A 74 6.51 1.76 2.78
N LYS A 75 6.72 2.87 3.50
CA LYS A 75 5.82 3.26 4.57
C LYS A 75 5.67 4.77 4.64
N VAL A 76 4.47 5.19 5.03
CA VAL A 76 4.15 6.60 5.20
C VAL A 76 3.61 6.84 6.60
N GLU A 77 4.13 7.86 7.27
CA GLU A 77 3.66 8.22 8.60
C GLU A 77 3.01 9.60 8.59
N GLU A 78 1.72 9.64 8.79
CA GLU A 78 0.99 10.91 8.81
C GLU A 78 -0.09 10.88 9.87
N SER A 79 -0.72 12.03 10.09
CA SER A 79 -1.70 12.17 11.15
C SER A 79 -3.04 12.64 10.57
N GLY A 80 -4.13 12.23 11.22
CA GLY A 80 -5.46 12.61 10.78
C GLY A 80 -6.47 12.48 11.90
N TYR A 81 -7.75 12.59 11.57
CA TYR A 81 -8.81 12.41 12.56
C TYR A 81 -9.91 11.48 12.04
N ALA A 82 -9.87 11.17 10.76
CA ALA A 82 -10.88 10.31 10.15
C ALA A 82 -10.28 9.55 8.96
N GLY A 83 -10.66 8.29 8.83
CA GLY A 83 -10.11 7.43 7.81
C GLY A 83 -10.67 7.69 6.43
N PHE A 84 -10.17 6.93 5.45
CA PHE A 84 -10.58 7.08 4.06
C PHE A 84 -9.96 5.99 3.18
N ILE A 85 -10.60 5.70 2.06
CA ILE A 85 -10.03 4.81 1.05
C ILE A 85 -8.77 5.42 0.47
N LEU A 86 -7.67 4.71 0.60
CA LEU A 86 -6.38 5.17 0.14
C LEU A 86 -5.89 4.27 -1.00
N PRO A 87 -5.98 4.77 -2.25
CA PRO A 87 -5.43 4.07 -3.42
C PRO A 87 -3.91 4.05 -3.41
N ILE A 88 -3.35 2.86 -3.34
CA ILE A 88 -1.91 2.67 -3.34
C ILE A 88 -1.45 2.11 -4.68
N GLU A 89 -0.50 2.78 -5.31
CA GLU A 89 0.05 2.29 -6.55
C GLU A 89 1.49 1.85 -6.34
N VAL A 90 1.74 0.59 -6.66
CA VAL A 90 3.06 0.03 -6.54
C VAL A 90 3.68 -0.09 -7.93
N TYR A 91 4.81 0.57 -8.16
CA TYR A 91 5.45 0.49 -9.46
C TYR A 91 6.53 -0.58 -9.46
N PHE A 92 6.83 -1.08 -10.65
CA PHE A 92 7.79 -2.17 -10.81
C PHE A 92 8.86 -1.76 -11.83
N LYS A 93 10.03 -2.40 -11.78
CA LYS A 93 11.12 -2.05 -12.69
C LYS A 93 11.31 -3.12 -13.78
N ASN A 94 10.67 -2.89 -14.92
CA ASN A 94 10.79 -3.80 -16.07
C ASN A 94 10.36 -3.06 -17.35
N LYS A 95 10.35 -3.78 -18.47
CA LYS A 95 9.91 -3.22 -19.74
C LYS A 95 8.57 -3.83 -20.19
N GLU A 96 8.09 -4.80 -19.44
CA GLU A 96 6.96 -5.61 -19.88
C GLU A 96 5.65 -5.07 -19.30
N GLU A 97 4.65 -5.97 -19.18
CA GLU A 97 3.31 -5.67 -18.63
C GLU A 97 3.31 -4.57 -17.57
N PRO A 98 2.18 -3.84 -17.44
CA PRO A 98 2.07 -2.55 -16.73
C PRO A 98 3.03 -2.41 -15.54
N ARG A 99 3.82 -1.34 -15.58
CA ARG A 99 4.82 -1.05 -14.58
C ARG A 99 4.22 -0.53 -13.27
N LYS A 100 2.91 -0.66 -13.14
CA LYS A 100 2.24 -0.18 -11.95
C LYS A 100 0.99 -1.00 -11.65
N VAL A 101 0.71 -1.14 -10.37
CA VAL A 101 -0.50 -1.78 -9.91
C VAL A 101 -1.23 -0.80 -9.02
N ARG A 102 -2.53 -0.97 -8.90
CA ARG A 102 -3.33 -0.06 -8.10
C ARG A 102 -4.18 -0.85 -7.12
N PHE A 103 -3.81 -0.81 -5.85
CA PHE A 103 -4.55 -1.50 -4.81
C PHE A 103 -5.40 -0.51 -4.02
N ASP A 104 -6.69 -0.73 -4.00
CA ASP A 104 -7.59 0.10 -3.19
C ASP A 104 -7.62 -0.45 -1.77
N TYR A 105 -7.09 0.33 -0.85
CA TYR A 105 -6.98 -0.11 0.53
C TYR A 105 -7.64 0.88 1.46
N ASP A 106 -8.36 0.38 2.45
CA ASP A 106 -9.10 1.25 3.36
C ASP A 106 -8.24 1.61 4.58
N LEU A 107 -8.01 2.89 4.77
CA LEU A 107 -7.29 3.36 5.94
C LEU A 107 -8.27 3.73 7.03
N PHE A 108 -8.58 2.77 7.90
CA PHE A 108 -9.50 3.04 8.99
C PHE A 108 -8.74 3.26 10.29
N LEU A 109 -9.40 3.94 11.22
CA LEU A 109 -8.81 4.31 12.50
C LEU A 109 -9.76 3.88 13.62
N HIS A 110 -9.29 3.82 14.85
CA HIS A 110 -10.19 3.59 16.00
C HIS A 110 -10.60 4.92 16.60
N LEU A 111 -11.49 4.89 17.58
CA LEU A 111 -11.94 6.12 18.25
C LEU A 111 -10.82 6.76 19.08
N GLU A 112 -11.02 8.02 19.47
CA GLU A 112 -10.05 8.75 20.27
C GLU A 112 -10.08 8.26 21.71
N GLY A 113 -9.09 7.46 22.08
CA GLY A 113 -9.06 6.86 23.39
C GLY A 113 -9.39 5.39 23.32
N HIS A 114 -9.27 4.82 22.13
CA HIS A 114 -9.59 3.42 21.89
C HIS A 114 -8.32 2.65 21.52
N PRO A 115 -8.32 1.29 21.61
CA PRO A 115 -7.19 0.44 21.16
C PRO A 115 -6.61 0.85 19.78
N PRO A 116 -5.54 0.15 19.32
CA PRO A 116 -4.79 0.53 18.13
C PRO A 116 -5.26 -0.24 16.90
N VAL A 117 -4.85 0.20 15.73
CA VAL A 117 -5.24 -0.45 14.49
C VAL A 117 -4.03 -1.09 13.82
N ASN A 118 -4.14 -2.37 13.51
CA ASN A 118 -3.08 -3.06 12.81
C ASN A 118 -3.70 -4.07 11.87
N HIS A 119 -3.85 -3.69 10.61
CA HIS A 119 -4.49 -4.55 9.62
C HIS A 119 -3.52 -4.86 8.49
N LEU A 120 -3.46 -6.12 8.08
CA LEU A 120 -2.60 -6.55 6.98
C LEU A 120 -3.45 -7.09 5.83
N ARG A 121 -2.93 -6.99 4.61
CA ARG A 121 -3.55 -7.59 3.43
C ARG A 121 -2.46 -8.10 2.49
N CYS A 122 -2.75 -9.14 1.74
CA CYS A 122 -1.80 -9.65 0.75
C CYS A 122 -2.53 -9.92 -0.57
N GLU A 123 -2.10 -9.26 -1.64
CA GLU A 123 -2.74 -9.39 -2.94
C GLU A 123 -1.78 -10.02 -3.94
N LYS A 124 -2.29 -10.93 -4.75
CA LYS A 124 -1.45 -11.67 -5.68
C LYS A 124 -1.35 -10.99 -7.04
N LEU A 125 -0.12 -10.83 -7.49
CA LEU A 125 0.18 -10.37 -8.83
C LEU A 125 0.40 -11.58 -9.72
N THR A 126 -0.43 -11.75 -10.73
CA THR A 126 -0.29 -12.90 -11.59
C THR A 126 0.23 -12.47 -12.97
N PHE A 127 1.35 -13.04 -13.37
CA PHE A 127 1.98 -12.70 -14.63
C PHE A 127 2.10 -13.93 -15.52
N ASN A 128 1.23 -13.98 -16.53
CA ASN A 128 1.19 -15.12 -17.44
C ASN A 128 2.21 -14.93 -18.57
N ASN A 129 3.13 -15.87 -18.67
CA ASN A 129 4.20 -15.84 -19.69
C ASN A 129 5.06 -14.58 -19.58
N PRO A 130 5.76 -14.40 -18.44
CA PRO A 130 6.69 -13.29 -18.24
C PRO A 130 8.10 -13.64 -18.73
N THR A 131 8.98 -12.66 -18.70
CA THR A 131 10.39 -12.91 -18.99
C THR A 131 10.99 -13.72 -17.85
N GLU A 132 11.85 -14.66 -18.19
CA GLU A 132 12.45 -15.54 -17.17
C GLU A 132 13.23 -14.74 -16.12
N ASP A 133 13.89 -13.66 -16.54
CA ASP A 133 14.59 -12.78 -15.60
C ASP A 133 13.59 -12.13 -14.66
N PHE A 134 12.37 -11.92 -15.13
CA PHE A 134 11.33 -11.34 -14.29
C PHE A 134 10.89 -12.38 -13.28
N ARG A 135 10.70 -13.61 -13.76
CA ARG A 135 10.37 -14.72 -12.89
C ARG A 135 11.39 -14.80 -11.75
N ARG A 136 12.65 -14.83 -12.12
CA ARG A 136 13.74 -14.93 -11.15
C ARG A 136 13.68 -13.82 -10.08
N LYS A 137 13.26 -12.60 -10.48
CA LYS A 137 13.15 -11.51 -9.51
C LYS A 137 11.97 -11.76 -8.58
N LEU A 138 10.90 -12.28 -9.15
CA LEU A 138 9.72 -12.67 -8.38
C LEU A 138 10.07 -13.85 -7.46
N LEU A 139 11.16 -14.51 -7.80
CA LEU A 139 11.64 -15.67 -7.08
C LEU A 139 12.58 -15.28 -5.96
N LYS A 140 13.24 -14.12 -6.10
CA LYS A 140 14.25 -13.70 -5.16
C LYS A 140 13.64 -12.87 -4.05
N ALA A 141 12.45 -12.35 -4.32
CA ALA A 141 11.70 -11.64 -3.31
C ALA A 141 11.08 -12.63 -2.31
N GLY B 1 -18.74 -0.17 17.76
CA GLY B 1 -18.15 -0.02 16.41
C GLY B 1 -16.66 0.26 16.47
N GLY B 2 -15.85 -0.69 16.04
CA GLY B 2 -14.42 -0.55 16.11
C GLY B 2 -13.86 0.22 14.93
N LYS B 3 -14.38 1.42 14.71
CA LYS B 3 -13.92 2.26 13.62
C LYS B 3 -14.25 3.73 13.91
N ALA B 4 -13.30 4.59 13.59
CA ALA B 4 -13.48 6.03 13.71
C ALA B 4 -14.21 6.56 12.47
N PRO B 5 -14.64 7.84 12.47
CA PRO B 5 -15.31 8.42 11.32
C PRO B 5 -14.44 8.41 10.06
N ARG B 6 -15.01 8.83 8.95
CA ARG B 6 -14.28 8.92 7.70
C ARG B 6 -14.84 10.04 6.84
OH ALY B 7 -7.95 13.23 8.91
CH ALY B 7 -8.08 14.17 8.13
CH3 ALY B 7 -6.97 15.21 8.01
NZ ALY B 7 -9.17 14.30 7.38
CE ALY B 7 -10.29 13.37 7.42
CD ALY B 7 -11.31 13.63 6.32
CG ALY B 7 -12.33 12.51 6.25
CB ALY B 7 -13.29 12.69 5.10
CA ALY B 7 -14.41 11.65 5.08
N ALY B 7 -14.04 10.50 5.90
C ALY B 7 -14.67 11.20 3.65
O ALY B 7 -14.32 11.89 2.69
HH31 ALY B 7 -7.21 16.07 8.59
HH32 ALY B 7 -6.03 14.78 8.37
HH33 ALY B 7 -6.85 15.49 6.98
HZ ALY B 7 -9.23 15.07 6.77
HE3 ALY B 7 -9.92 12.36 7.32
HE2 ALY B 7 -10.78 13.46 8.38
HD3 ALY B 7 -11.81 14.56 6.53
HD2 ALY B 7 -10.79 13.69 5.38
HG3 ALY B 7 -11.81 11.57 6.13
HG2 ALY B 7 -12.89 12.51 7.18
HB3 ALY B 7 -13.73 13.68 5.16
HB2 ALY B 7 -12.73 12.62 4.17
HA ALY B 7 -15.31 12.08 5.49
H ALY B 7 -13.17 10.08 5.77
N GLN B 8 -15.30 10.05 3.51
CA GLN B 8 -15.55 9.47 2.20
C GLN B 8 -17.03 9.57 1.84
N LEU B 9 -17.45 10.78 1.50
CA LEU B 9 -18.81 11.01 1.04
C LEU B 9 -18.86 11.02 -0.48
N ALA B 10 -17.68 11.15 -1.08
CA ALA B 10 -17.54 11.11 -2.52
C ALA B 10 -16.22 10.43 -2.89
N THR B 11 -16.24 9.11 -2.92
CA THR B 11 -15.03 8.34 -3.16
C THR B 11 -14.82 8.13 -4.67
N LYS B 12 -13.78 8.75 -5.20
CA LYS B 12 -13.44 8.60 -6.60
C LYS B 12 -12.62 7.33 -6.80
N ALA B 13 -13.31 6.21 -6.86
CA ALA B 13 -12.66 4.92 -7.06
C ALA B 13 -12.19 4.79 -8.50
N GLY A 1 4.78 -17.24 -32.66
CA GLY A 1 5.87 -18.02 -32.05
C GLY A 1 5.45 -18.73 -30.78
N SER A 2 4.15 -18.81 -30.54
CA SER A 2 3.63 -19.39 -29.32
C SER A 2 3.77 -20.92 -29.32
N HIS A 3 4.12 -21.48 -30.47
CA HIS A 3 4.40 -22.91 -30.56
C HIS A 3 5.75 -23.22 -29.92
N MET A 4 6.64 -22.24 -29.96
CA MET A 4 7.94 -22.37 -29.35
C MET A 4 7.93 -21.76 -27.95
N ALA A 5 7.29 -20.61 -27.82
CA ALA A 5 7.17 -19.93 -26.54
C ALA A 5 6.06 -20.54 -25.70
N SER A 6 6.43 -21.43 -24.81
CA SER A 6 5.48 -22.09 -23.93
C SER A 6 4.96 -21.09 -22.89
N SER A 7 3.67 -21.15 -22.64
CA SER A 7 3.02 -20.23 -21.73
C SER A 7 3.25 -20.65 -20.28
N CYS A 8 3.52 -19.68 -19.42
CA CYS A 8 3.75 -19.93 -18.01
C CYS A 8 3.59 -18.63 -17.23
N ALA A 9 2.87 -18.69 -16.12
CA ALA A 9 2.64 -17.50 -15.32
C ALA A 9 3.30 -17.58 -13.96
N VAL A 10 3.93 -16.48 -13.55
CA VAL A 10 4.50 -16.37 -12.22
C VAL A 10 3.58 -15.51 -11.37
N GLN A 11 3.44 -15.86 -10.10
CA GLN A 11 2.56 -15.11 -9.21
C GLN A 11 3.35 -14.58 -8.03
N VAL A 12 3.25 -13.29 -7.80
CA VAL A 12 3.90 -12.67 -6.66
C VAL A 12 2.86 -12.20 -5.66
N LYS A 13 3.31 -11.75 -4.50
CA LYS A 13 2.38 -11.27 -3.48
C LYS A 13 2.89 -9.97 -2.86
N LEU A 14 2.00 -8.99 -2.76
CA LEU A 14 2.33 -7.75 -2.09
C LEU A 14 1.46 -7.56 -0.88
N GLU A 15 2.04 -7.03 0.17
CA GLU A 15 1.37 -6.86 1.43
C GLU A 15 1.00 -5.40 1.65
N LEU A 16 -0.28 -5.14 1.89
CA LEU A 16 -0.73 -3.80 2.26
C LEU A 16 -1.11 -3.80 3.73
N GLY A 17 -0.50 -2.96 4.52
CA GLY A 17 -0.85 -2.90 5.91
C GLY A 17 -0.79 -1.50 6.45
N HIS A 18 -1.34 -1.30 7.63
CA HIS A 18 -1.26 -0.01 8.27
C HIS A 18 -1.58 -0.13 9.75
N ARG A 19 -1.06 0.81 10.51
CA ARG A 19 -1.39 0.93 11.92
C ARG A 19 -1.97 2.29 12.17
N ALA A 20 -2.93 2.37 13.07
CA ALA A 20 -3.47 3.66 13.41
C ALA A 20 -3.41 3.91 14.91
N GLN A 21 -2.67 4.93 15.30
CA GLN A 21 -2.46 5.28 16.70
C GLN A 21 -3.17 6.62 16.97
N VAL A 22 -3.86 6.74 18.10
CA VAL A 22 -4.43 8.04 18.46
C VAL A 22 -3.57 8.66 19.55
N ARG A 23 -3.32 9.94 19.45
CA ARG A 23 -2.43 10.61 20.37
C ARG A 23 -3.27 11.18 21.49
N LYS A 24 -2.75 11.09 22.72
CA LYS A 24 -3.43 11.62 23.88
C LYS A 24 -3.47 13.13 23.81
N LYS A 25 -2.63 13.68 22.94
CA LYS A 25 -2.62 15.10 22.66
C LYS A 25 -2.44 15.31 21.16
N PRO A 26 -3.53 15.63 20.46
CA PRO A 26 -3.49 15.97 19.03
C PRO A 26 -2.43 17.01 18.70
N THR A 27 -2.00 17.07 17.45
CA THR A 27 -0.91 17.95 17.07
C THR A 27 -1.42 19.38 16.92
N VAL A 28 -0.56 20.29 16.49
CA VAL A 28 -0.89 21.70 16.42
C VAL A 28 -2.05 21.94 15.43
N GLU A 29 -2.11 21.10 14.41
CA GLU A 29 -3.17 21.17 13.42
C GLU A 29 -4.45 20.54 13.96
N GLY A 30 -4.33 19.93 15.14
CA GLY A 30 -5.47 19.30 15.78
C GLY A 30 -5.78 17.96 15.20
N PHE A 31 -4.74 17.25 14.77
CA PHE A 31 -4.90 15.92 14.24
C PHE A 31 -4.66 14.91 15.34
N THR A 32 -5.59 13.99 15.47
CA THR A 32 -5.65 13.11 16.62
C THR A 32 -4.89 11.79 16.39
N HIS A 33 -4.75 11.40 15.13
CA HIS A 33 -4.20 10.10 14.82
C HIS A 33 -2.90 10.17 14.05
N ASP A 34 -1.99 9.29 14.39
CA ASP A 34 -0.75 9.11 13.65
C ASP A 34 -0.79 7.72 13.03
N TRP A 35 -0.87 7.66 11.73
CA TRP A 35 -0.98 6.37 11.05
C TRP A 35 0.20 6.16 10.12
N MET A 36 0.58 4.90 9.97
CA MET A 36 1.63 4.52 9.05
C MET A 36 1.14 3.39 8.16
N VAL A 37 1.19 3.64 6.87
CA VAL A 37 0.81 2.66 5.87
C VAL A 37 2.06 2.05 5.26
N PHE A 38 1.98 0.82 4.80
CA PHE A 38 3.15 0.19 4.21
C PHE A 38 2.78 -0.87 3.18
N VAL A 39 3.69 -1.08 2.23
CA VAL A 39 3.60 -2.17 1.28
C VAL A 39 4.86 -3.02 1.35
N ARG A 40 4.69 -4.31 1.54
CA ARG A 40 5.83 -5.22 1.70
C ARG A 40 5.62 -6.48 0.86
N GLY A 41 6.55 -7.40 0.97
CA GLY A 41 6.43 -8.65 0.25
C GLY A 41 5.74 -9.73 1.05
N PRO A 42 5.73 -10.96 0.53
CA PRO A 42 5.07 -12.08 1.20
C PRO A 42 5.89 -12.59 2.39
N GLU A 43 5.33 -12.42 3.58
CA GLU A 43 5.96 -12.89 4.82
C GLU A 43 7.33 -12.25 5.02
N HIS A 44 7.37 -10.92 4.93
CA HIS A 44 8.58 -10.13 5.21
C HIS A 44 9.60 -10.24 4.06
N SER A 45 9.30 -11.05 3.06
CA SER A 45 10.16 -11.18 1.88
C SER A 45 10.30 -9.82 1.19
N ASN A 46 11.54 -9.41 0.93
CA ASN A 46 11.80 -8.08 0.39
C ASN A 46 11.37 -7.98 -1.07
N ILE A 47 10.55 -6.98 -1.38
CA ILE A 47 9.99 -6.85 -2.72
C ILE A 47 10.78 -5.90 -3.60
N GLN A 48 11.82 -5.29 -3.05
CA GLN A 48 12.61 -4.28 -3.78
C GLN A 48 13.23 -4.88 -5.03
N HIS A 49 13.24 -6.19 -5.08
CA HIS A 49 13.79 -6.91 -6.22
C HIS A 49 13.00 -6.67 -7.50
N PHE A 50 11.67 -6.61 -7.39
CA PHE A 50 10.84 -6.29 -8.55
C PHE A 50 10.11 -4.96 -8.38
N VAL A 51 10.07 -4.48 -7.14
CA VAL A 51 9.41 -3.22 -6.82
C VAL A 51 10.41 -2.06 -6.89
N GLU A 52 10.04 -1.02 -7.61
CA GLU A 52 10.93 0.12 -7.84
C GLU A 52 10.62 1.24 -6.86
N LYS A 53 9.42 1.78 -6.97
CA LYS A 53 8.95 2.83 -6.10
C LYS A 53 7.49 2.57 -5.80
N VAL A 54 7.00 3.11 -4.72
CA VAL A 54 5.60 2.95 -4.38
C VAL A 54 5.00 4.31 -4.05
N VAL A 55 3.69 4.43 -4.15
CA VAL A 55 3.03 5.71 -3.97
C VAL A 55 1.70 5.55 -3.23
N PHE A 56 1.49 6.42 -2.27
CA PHE A 56 0.28 6.44 -1.49
C PHE A 56 -0.42 7.76 -1.72
N HIS A 57 -1.49 7.72 -2.49
CA HIS A 57 -2.27 8.93 -2.75
C HIS A 57 -3.13 9.25 -1.55
N LEU A 58 -2.60 10.05 -0.64
CA LEU A 58 -3.31 10.44 0.56
C LEU A 58 -4.45 11.40 0.20
N HIS A 59 -5.17 11.88 1.20
CA HIS A 59 -6.31 12.75 0.93
C HIS A 59 -5.80 14.13 0.53
N GLU A 60 -6.46 14.71 -0.45
CA GLU A 60 -6.02 15.95 -1.09
C GLU A 60 -5.83 17.10 -0.10
N SER A 61 -6.50 17.02 1.03
CA SER A 61 -6.39 18.03 2.07
C SER A 61 -5.03 17.95 2.78
N PHE A 62 -4.34 16.83 2.60
CA PHE A 62 -3.03 16.64 3.19
C PHE A 62 -1.98 17.35 2.35
N PRO A 63 -0.98 17.99 2.99
CA PRO A 63 0.10 18.66 2.27
C PRO A 63 0.96 17.66 1.51
N ARG A 64 0.96 17.78 0.19
CA ARG A 64 1.68 16.86 -0.70
C ARG A 64 1.18 15.43 -0.50
N PRO A 65 -0.09 15.16 -0.86
CA PRO A 65 -0.75 13.87 -0.59
C PRO A 65 -0.10 12.69 -1.29
N LYS A 66 0.69 12.96 -2.30
CA LYS A 66 1.32 11.91 -3.08
C LYS A 66 2.63 11.51 -2.44
N ARG A 67 2.61 10.42 -1.73
CA ARG A 67 3.82 9.92 -1.08
C ARG A 67 4.43 8.79 -1.88
N VAL A 68 5.58 9.04 -2.47
CA VAL A 68 6.33 7.97 -3.10
C VAL A 68 7.46 7.53 -2.17
N CYS A 69 7.63 6.23 -2.04
CA CYS A 69 8.70 5.68 -1.24
C CYS A 69 9.68 4.94 -2.14
N LYS A 70 10.91 5.41 -2.15
CA LYS A 70 11.96 4.82 -2.98
C LYS A 70 12.93 4.00 -2.12
N ASP A 71 13.00 4.38 -0.85
CA ASP A 71 13.93 3.81 0.11
C ASP A 71 13.47 2.42 0.60
N PRO A 72 14.18 1.80 1.57
CA PRO A 72 13.68 0.64 2.36
C PRO A 72 12.20 0.76 2.80
N PRO A 73 11.71 -0.10 3.75
CA PRO A 73 10.29 -0.50 3.81
C PRO A 73 9.33 0.60 3.40
N TYR A 74 8.56 0.32 2.37
CA TYR A 74 7.61 1.29 1.81
C TYR A 74 6.56 1.67 2.82
N LYS A 75 6.78 2.77 3.54
CA LYS A 75 5.84 3.19 4.57
C LYS A 75 5.69 4.71 4.62
N VAL A 76 4.48 5.15 4.94
CA VAL A 76 4.16 6.57 5.04
C VAL A 76 3.66 6.90 6.45
N GLU A 77 4.20 7.97 7.01
CA GLU A 77 3.80 8.44 8.33
C GLU A 77 3.09 9.78 8.21
N GLU A 78 1.81 9.79 8.51
CA GLU A 78 1.02 11.03 8.45
C GLU A 78 0.10 11.12 9.67
N SER A 79 -0.51 12.28 9.85
CA SER A 79 -1.40 12.52 10.98
C SER A 79 -2.75 13.03 10.48
N GLY A 80 -3.83 12.59 11.12
CA GLY A 80 -5.17 12.99 10.72
C GLY A 80 -6.19 12.77 11.81
N TYR A 81 -7.47 12.88 11.49
CA TYR A 81 -8.53 12.65 12.47
C TYR A 81 -9.64 11.75 11.92
N ALA A 82 -9.63 11.51 10.62
CA ALA A 82 -10.64 10.68 9.99
C ALA A 82 -10.06 9.95 8.79
N GLY A 83 -10.40 8.67 8.66
CA GLY A 83 -9.83 7.84 7.62
C GLY A 83 -10.50 8.03 6.28
N PHE A 84 -10.12 7.19 5.31
CA PHE A 84 -10.56 7.34 3.93
C PHE A 84 -9.99 6.22 3.05
N ILE A 85 -10.61 5.96 1.90
CA ILE A 85 -10.06 5.04 0.91
C ILE A 85 -8.74 5.59 0.38
N LEU A 86 -7.69 4.81 0.49
CA LEU A 86 -6.38 5.22 0.04
C LEU A 86 -5.89 4.30 -1.06
N PRO A 87 -5.92 4.78 -2.31
CA PRO A 87 -5.36 4.08 -3.48
C PRO A 87 -3.84 4.00 -3.43
N ILE A 88 -3.32 2.79 -3.27
CA ILE A 88 -1.88 2.56 -3.27
C ILE A 88 -1.43 2.00 -4.59
N GLU A 89 -0.49 2.67 -5.24
CA GLU A 89 0.06 2.18 -6.48
C GLU A 89 1.49 1.72 -6.27
N VAL A 90 1.76 0.49 -6.62
CA VAL A 90 3.09 -0.07 -6.49
C VAL A 90 3.76 -0.13 -7.87
N TYR A 91 4.87 0.57 -8.01
CA TYR A 91 5.61 0.63 -9.26
C TYR A 91 6.66 -0.47 -9.31
N PHE A 92 6.75 -1.15 -10.43
CA PHE A 92 7.73 -2.20 -10.61
C PHE A 92 8.79 -1.77 -11.62
N LYS A 93 10.00 -2.30 -11.48
CA LYS A 93 11.06 -2.01 -12.42
C LYS A 93 11.03 -3.01 -13.57
N ASN A 94 10.36 -2.63 -14.64
CA ASN A 94 10.11 -3.55 -15.75
C ASN A 94 9.91 -2.78 -17.06
N LYS A 95 10.10 -3.49 -18.17
CA LYS A 95 9.89 -2.91 -19.49
C LYS A 95 8.68 -3.56 -20.16
N GLU A 96 8.20 -4.62 -19.53
CA GLU A 96 7.13 -5.43 -20.08
C GLU A 96 5.81 -5.02 -19.43
N GLU A 97 4.87 -5.98 -19.35
CA GLU A 97 3.57 -5.80 -18.68
C GLU A 97 3.57 -4.76 -17.55
N PRO A 98 2.41 -4.13 -17.29
CA PRO A 98 2.25 -2.93 -16.45
C PRO A 98 3.24 -2.80 -15.31
N ARG A 99 3.91 -1.65 -15.27
CA ARG A 99 4.91 -1.36 -14.25
C ARG A 99 4.26 -0.71 -13.03
N LYS A 100 2.95 -0.87 -12.89
CA LYS A 100 2.22 -0.29 -11.78
C LYS A 100 0.95 -1.08 -11.49
N VAL A 101 0.63 -1.19 -10.22
CA VAL A 101 -0.59 -1.82 -9.77
C VAL A 101 -1.30 -0.88 -8.83
N ARG A 102 -2.60 -1.01 -8.70
CA ARG A 102 -3.36 -0.19 -7.79
C ARG A 102 -4.17 -1.05 -6.83
N PHE A 103 -3.84 -0.94 -5.57
CA PHE A 103 -4.55 -1.64 -4.53
C PHE A 103 -5.38 -0.65 -3.71
N ASP A 104 -6.70 -0.70 -3.90
CA ASP A 104 -7.60 0.15 -3.13
C ASP A 104 -7.67 -0.36 -1.69
N TYR A 105 -7.16 0.45 -0.79
CA TYR A 105 -7.09 0.05 0.61
C TYR A 105 -7.79 1.06 1.49
N ASP A 106 -8.68 0.58 2.34
CA ASP A 106 -9.45 1.44 3.22
C ASP A 106 -8.68 1.76 4.49
N LEU A 107 -8.19 2.98 4.60
CA LEU A 107 -7.48 3.41 5.78
C LEU A 107 -8.48 3.83 6.86
N PHE A 108 -8.64 2.99 7.88
CA PHE A 108 -9.56 3.33 8.96
C PHE A 108 -8.79 3.45 10.28
N LEU A 109 -9.42 4.11 11.24
CA LEU A 109 -8.79 4.49 12.50
C LEU A 109 -9.74 4.16 13.64
N HIS A 110 -9.22 4.11 14.85
CA HIS A 110 -10.06 3.86 16.01
C HIS A 110 -10.50 5.18 16.63
N LEU A 111 -11.46 5.13 17.53
CA LEU A 111 -11.93 6.34 18.22
C LEU A 111 -10.85 6.87 19.17
N GLU A 112 -10.81 8.19 19.33
CA GLU A 112 -9.90 8.86 20.25
C GLU A 112 -10.11 8.33 21.67
N GLY A 113 -9.23 7.43 22.11
CA GLY A 113 -9.37 6.83 23.43
C GLY A 113 -9.55 5.33 23.36
N HIS A 114 -9.19 4.73 22.23
CA HIS A 114 -9.28 3.29 22.04
C HIS A 114 -7.94 2.77 21.52
N PRO A 115 -7.54 1.50 21.81
CA PRO A 115 -6.27 0.94 21.31
C PRO A 115 -6.17 0.98 19.76
N PRO A 116 -4.97 0.77 19.17
CA PRO A 116 -4.70 1.01 17.75
C PRO A 116 -5.25 -0.07 16.83
N VAL A 117 -4.99 0.14 15.55
CA VAL A 117 -5.47 -0.74 14.49
C VAL A 117 -4.27 -1.29 13.73
N ASN A 118 -4.30 -2.57 13.41
CA ASN A 118 -3.20 -3.19 12.70
C ASN A 118 -3.74 -4.22 11.72
N HIS A 119 -3.85 -3.83 10.46
CA HIS A 119 -4.44 -4.69 9.44
C HIS A 119 -3.42 -4.97 8.33
N LEU A 120 -3.33 -6.24 7.92
CA LEU A 120 -2.40 -6.66 6.88
C LEU A 120 -3.15 -7.35 5.73
N ARG A 121 -2.73 -7.12 4.49
CA ARG A 121 -3.26 -7.85 3.34
C ARG A 121 -2.14 -8.60 2.66
N CYS A 122 -2.45 -9.76 2.10
CA CYS A 122 -1.54 -10.39 1.15
C CYS A 122 -2.22 -10.51 -0.21
N GLU A 123 -1.87 -9.60 -1.13
CA GLU A 123 -2.49 -9.59 -2.45
C GLU A 123 -1.61 -10.30 -3.45
N LYS A 124 -2.21 -10.81 -4.51
CA LYS A 124 -1.48 -11.59 -5.49
C LYS A 124 -1.31 -10.82 -6.81
N LEU A 125 -0.10 -10.88 -7.34
CA LEU A 125 0.18 -10.37 -8.68
C LEU A 125 0.38 -11.57 -9.61
N THR A 126 -0.41 -11.67 -10.65
CA THR A 126 -0.24 -12.78 -11.58
C THR A 126 0.18 -12.28 -12.95
N PHE A 127 1.31 -12.78 -13.42
CA PHE A 127 1.88 -12.34 -14.67
C PHE A 127 2.01 -13.50 -15.65
N ASN A 128 1.12 -13.52 -16.63
CA ASN A 128 1.14 -14.56 -17.64
C ASN A 128 2.16 -14.25 -18.74
N ASN A 129 3.06 -15.19 -18.97
CA ASN A 129 4.10 -15.07 -20.00
C ASN A 129 5.05 -13.90 -19.70
N PRO A 130 5.76 -13.95 -18.56
CA PRO A 130 6.75 -12.93 -18.20
C PRO A 130 8.13 -13.27 -18.74
N THR A 131 9.05 -12.33 -18.66
CA THR A 131 10.42 -12.59 -19.04
C THR A 131 11.05 -13.50 -17.99
N GLU A 132 11.93 -14.41 -18.40
CA GLU A 132 12.54 -15.35 -17.44
C GLU A 132 13.23 -14.60 -16.31
N ASP A 133 13.97 -13.55 -16.65
CA ASP A 133 14.67 -12.74 -15.65
C ASP A 133 13.67 -12.12 -14.68
N PHE A 134 12.44 -11.91 -15.13
CA PHE A 134 11.42 -11.35 -14.26
C PHE A 134 10.97 -12.41 -13.27
N ARG A 135 10.81 -13.63 -13.75
CA ARG A 135 10.53 -14.76 -12.87
C ARG A 135 11.55 -14.81 -11.75
N ARG A 136 12.81 -14.67 -12.14
CA ARG A 136 13.94 -14.72 -11.23
C ARG A 136 13.84 -13.64 -10.15
N LYS A 137 13.35 -12.46 -10.53
CA LYS A 137 13.13 -11.38 -9.57
C LYS A 137 11.97 -11.71 -8.64
N LEU A 138 10.91 -12.27 -9.22
CA LEU A 138 9.70 -12.60 -8.47
C LEU A 138 9.97 -13.75 -7.50
N LEU A 139 10.83 -14.69 -7.89
CA LEU A 139 11.16 -15.83 -7.05
C LEU A 139 12.09 -15.42 -5.92
N LYS A 140 13.01 -14.51 -6.22
CA LYS A 140 14.01 -14.09 -5.26
C LYS A 140 13.40 -13.27 -4.13
N ALA A 141 12.31 -12.59 -4.42
CA ALA A 141 11.57 -11.86 -3.39
C ALA A 141 10.92 -12.83 -2.42
N GLY B 1 -17.10 -2.01 9.88
CA GLY B 1 -17.11 -0.54 10.03
C GLY B 1 -15.70 0.00 10.19
N GLY B 2 -15.54 1.30 9.99
CA GLY B 2 -14.22 1.90 10.10
C GLY B 2 -13.94 2.47 11.47
N LYS B 3 -14.94 2.34 12.37
CA LYS B 3 -14.83 2.82 13.75
C LYS B 3 -14.82 4.35 13.82
N ALA B 4 -13.68 4.96 13.53
CA ALA B 4 -13.57 6.41 13.55
C ALA B 4 -14.23 7.00 12.31
N PRO B 5 -14.55 8.31 12.31
CA PRO B 5 -15.17 8.95 11.15
C PRO B 5 -14.27 8.90 9.91
N ARG B 6 -14.81 9.32 8.78
CA ARG B 6 -14.05 9.34 7.53
C ARG B 6 -14.49 10.51 6.66
OH ALY B 7 -7.52 13.65 8.86
CH ALY B 7 -7.67 14.62 8.11
CH3 ALY B 7 -6.55 15.67 8.02
NZ ALY B 7 -8.76 14.77 7.38
CE ALY B 7 -9.87 13.82 7.40
CD ALY B 7 -10.84 14.06 6.25
CG ALY B 7 -11.83 12.93 6.15
CB ALY B 7 -12.69 13.04 4.90
CA ALY B 7 -13.88 12.08 4.92
N ALY B 7 -13.60 10.94 5.77
C ALY B 7 -14.21 11.63 3.50
O ALY B 7 -13.54 12.02 2.54
HH31 ALY B 7 -6.78 16.49 8.69
HH32 ALY B 7 -5.61 15.22 8.30
HH33 ALY B 7 -6.49 16.03 7.00
HZ ALY B 7 -8.83 15.56 6.80
HE3 ALY B 7 -9.49 12.82 7.33
HE2 ALY B 7 -10.42 13.94 8.33
HD3 ALY B 7 -11.37 14.99 6.42
HD2 ALY B 7 -10.27 14.13 5.33
HG3 ALY B 7 -11.29 11.99 6.10
HG2 ALY B 7 -12.47 12.94 7.02
HB3 ALY B 7 -13.06 14.06 4.84
HB2 ALY B 7 -12.08 12.84 4.05
HA ALY B 7 -14.75 12.60 5.33
H ALY B 7 -12.75 10.46 5.68
N GLN B 8 -15.21 10.78 3.38
CA GLN B 8 -15.64 10.26 2.10
C GLN B 8 -17.16 10.27 2.03
N LEU B 9 -17.69 11.02 1.07
CA LEU B 9 -19.14 11.15 0.88
C LEU B 9 -19.80 11.58 2.19
N ALA B 10 -19.49 12.78 2.62
CA ALA B 10 -20.01 13.32 3.87
C ALA B 10 -21.39 13.93 3.65
N THR B 11 -22.26 13.79 4.65
CA THR B 11 -23.61 14.32 4.56
C THR B 11 -23.61 15.82 4.88
N LYS B 12 -22.95 16.58 4.02
CA LYS B 12 -22.84 18.02 4.21
C LYS B 12 -24.04 18.74 3.61
N ALA B 13 -25.22 18.33 4.03
CA ALA B 13 -26.45 18.92 3.54
C ALA B 13 -26.83 20.13 4.37
N GLY A 1 2.56 -33.88 -31.54
CA GLY A 1 2.15 -32.71 -30.74
C GLY A 1 2.76 -31.43 -31.26
N SER A 2 2.06 -30.76 -32.16
CA SER A 2 2.55 -29.53 -32.76
C SER A 2 2.43 -28.37 -31.79
N HIS A 3 1.43 -28.42 -30.92
CA HIS A 3 1.20 -27.35 -29.95
C HIS A 3 2.03 -27.59 -28.70
N MET A 4 2.86 -26.61 -28.37
CA MET A 4 3.70 -26.71 -27.17
C MET A 4 3.57 -25.42 -26.34
N ALA A 5 2.34 -25.02 -26.09
CA ALA A 5 2.07 -23.81 -25.33
C ALA A 5 2.20 -24.04 -23.84
N SER A 6 3.43 -24.36 -23.41
CA SER A 6 3.71 -24.57 -21.99
C SER A 6 3.58 -23.24 -21.24
N SER A 7 2.36 -22.93 -20.85
CA SER A 7 2.06 -21.66 -20.22
C SER A 7 2.60 -21.63 -18.81
N CYS A 8 3.64 -20.84 -18.61
CA CYS A 8 4.30 -20.75 -17.31
C CYS A 8 4.04 -19.39 -16.69
N ALA A 9 3.27 -19.37 -15.61
CA ALA A 9 2.94 -18.13 -14.94
C ALA A 9 3.65 -18.02 -13.61
N VAL A 10 4.02 -16.80 -13.24
CA VAL A 10 4.59 -16.54 -11.93
C VAL A 10 3.62 -15.68 -11.15
N GLN A 11 3.49 -15.94 -9.87
CA GLN A 11 2.52 -15.24 -9.05
C GLN A 11 3.18 -14.67 -7.82
N VAL A 12 3.18 -13.36 -7.73
CA VAL A 12 3.77 -12.67 -6.60
C VAL A 12 2.68 -12.12 -5.70
N LYS A 13 3.07 -11.52 -4.60
CA LYS A 13 2.11 -10.92 -3.68
C LYS A 13 2.67 -9.63 -3.13
N LEU A 14 1.79 -8.69 -2.83
CA LEU A 14 2.18 -7.49 -2.15
C LEU A 14 1.29 -7.28 -0.94
N GLU A 15 1.88 -6.76 0.11
CA GLU A 15 1.17 -6.59 1.35
C GLU A 15 0.77 -5.13 1.55
N LEU A 16 -0.52 -4.89 1.72
CA LEU A 16 -1.02 -3.54 2.02
C LEU A 16 -1.54 -3.52 3.44
N GLY A 17 -0.93 -2.75 4.31
CA GLY A 17 -1.39 -2.68 5.67
C GLY A 17 -1.16 -1.33 6.28
N HIS A 18 -1.56 -1.19 7.53
CA HIS A 18 -1.37 0.07 8.25
C HIS A 18 -1.67 -0.11 9.72
N ARG A 19 -1.01 0.68 10.53
CA ARG A 19 -1.28 0.73 11.95
C ARG A 19 -1.78 2.11 12.30
N ALA A 20 -2.77 2.18 13.16
CA ALA A 20 -3.32 3.47 13.53
C ALA A 20 -3.39 3.62 15.04
N GLN A 21 -2.81 4.71 15.53
CA GLN A 21 -2.78 5.01 16.94
C GLN A 21 -3.27 6.44 17.14
N VAL A 22 -3.85 6.72 18.29
CA VAL A 22 -4.22 8.08 18.62
C VAL A 22 -3.20 8.67 19.58
N ARG A 23 -3.13 9.97 19.64
CA ARG A 23 -2.23 10.64 20.55
C ARG A 23 -3.07 11.23 21.68
N LYS A 24 -2.54 11.19 22.89
CA LYS A 24 -3.28 11.73 24.03
C LYS A 24 -3.32 13.25 23.93
N LYS A 25 -2.47 13.78 23.06
CA LYS A 25 -2.48 15.18 22.71
C LYS A 25 -2.29 15.33 21.21
N PRO A 26 -3.38 15.63 20.48
CA PRO A 26 -3.34 15.91 19.04
C PRO A 26 -2.23 16.90 18.65
N THR A 27 -1.86 16.88 17.38
CA THR A 27 -0.73 17.68 16.91
C THR A 27 -1.15 19.15 16.73
N VAL A 28 -0.22 19.98 16.26
CA VAL A 28 -0.46 21.40 16.13
C VAL A 28 -1.68 21.68 15.23
N GLU A 29 -1.80 20.94 14.14
CA GLU A 29 -2.93 21.07 13.23
C GLU A 29 -4.21 20.52 13.86
N GLY A 30 -4.07 19.88 15.02
CA GLY A 30 -5.22 19.34 15.72
C GLY A 30 -5.63 17.99 15.19
N PHE A 31 -4.66 17.22 14.74
CA PHE A 31 -4.92 15.88 14.25
C PHE A 31 -4.68 14.89 15.37
N THR A 32 -5.61 13.98 15.56
CA THR A 32 -5.62 13.12 16.73
C THR A 32 -4.87 11.82 16.50
N HIS A 33 -4.84 11.35 15.26
CA HIS A 33 -4.30 10.04 14.96
C HIS A 33 -3.03 10.13 14.14
N ASP A 34 -2.11 9.23 14.42
CA ASP A 34 -0.91 9.07 13.63
C ASP A 34 -0.86 7.65 13.12
N TRP A 35 -0.88 7.52 11.82
CA TRP A 35 -0.93 6.21 11.19
C TRP A 35 0.26 6.01 10.28
N MET A 36 0.65 4.75 10.12
CA MET A 36 1.70 4.40 9.20
C MET A 36 1.22 3.30 8.26
N VAL A 37 1.23 3.61 6.99
CA VAL A 37 0.83 2.67 5.95
C VAL A 37 2.08 2.05 5.35
N PHE A 38 1.96 0.86 4.79
CA PHE A 38 3.11 0.21 4.19
C PHE A 38 2.72 -0.80 3.12
N VAL A 39 3.66 -1.05 2.21
CA VAL A 39 3.55 -2.13 1.26
C VAL A 39 4.79 -3.02 1.37
N ARG A 40 4.58 -4.31 1.55
CA ARG A 40 5.68 -5.24 1.77
C ARG A 40 5.56 -6.45 0.87
N GLY A 41 6.53 -7.33 0.97
CA GLY A 41 6.50 -8.57 0.21
C GLY A 41 5.87 -9.70 0.99
N PRO A 42 5.45 -10.78 0.31
CA PRO A 42 4.87 -11.95 0.97
C PRO A 42 5.81 -12.56 2.02
N GLU A 43 5.39 -12.49 3.28
CA GLU A 43 6.13 -13.08 4.38
C GLU A 43 7.54 -12.52 4.49
N HIS A 44 7.63 -11.20 4.65
CA HIS A 44 8.89 -10.50 4.95
C HIS A 44 9.85 -10.47 3.74
N SER A 45 9.43 -11.02 2.60
CA SER A 45 10.25 -10.99 1.41
C SER A 45 10.47 -9.54 0.95
N ASN A 46 11.72 -9.17 0.67
CA ASN A 46 11.98 -7.82 0.20
C ASN A 46 11.57 -7.71 -1.26
N ILE A 47 10.73 -6.72 -1.55
CA ILE A 47 10.12 -6.62 -2.86
C ILE A 47 10.86 -5.68 -3.79
N GLN A 48 11.93 -5.07 -3.29
CA GLN A 48 12.68 -4.08 -4.07
C GLN A 48 13.32 -4.69 -5.32
N HIS A 49 13.25 -6.02 -5.44
CA HIS A 49 13.79 -6.72 -6.61
C HIS A 49 12.87 -6.54 -7.81
N PHE A 50 11.56 -6.53 -7.59
CA PHE A 50 10.64 -6.26 -8.69
C PHE A 50 9.89 -4.94 -8.48
N VAL A 51 9.96 -4.41 -7.28
CA VAL A 51 9.35 -3.12 -6.94
C VAL A 51 10.41 -2.02 -6.97
N GLU A 52 10.19 -1.00 -7.79
CA GLU A 52 11.13 0.12 -7.91
C GLU A 52 10.74 1.22 -6.94
N LYS A 53 9.45 1.52 -6.89
CA LYS A 53 8.96 2.63 -6.11
C LYS A 53 7.49 2.42 -5.82
N VAL A 54 7.01 3.07 -4.81
CA VAL A 54 5.61 2.96 -4.42
C VAL A 54 5.05 4.32 -4.07
N VAL A 55 3.74 4.47 -4.16
CA VAL A 55 3.11 5.76 -3.95
C VAL A 55 1.77 5.62 -3.20
N PHE A 56 1.56 6.50 -2.24
CA PHE A 56 0.35 6.53 -1.45
C PHE A 56 -0.34 7.87 -1.65
N HIS A 57 -1.46 7.84 -2.33
CA HIS A 57 -2.23 9.06 -2.59
C HIS A 57 -3.08 9.40 -1.38
N LEU A 58 -2.56 10.26 -0.51
CA LEU A 58 -3.27 10.65 0.70
C LEU A 58 -4.37 11.65 0.39
N HIS A 59 -5.06 12.12 1.43
CA HIS A 59 -6.16 13.05 1.25
C HIS A 59 -5.62 14.41 0.80
N GLU A 60 -6.39 15.06 -0.06
CA GLU A 60 -5.94 16.26 -0.79
C GLU A 60 -5.57 17.41 0.15
N SER A 61 -6.13 17.41 1.35
CA SER A 61 -5.88 18.49 2.30
C SER A 61 -4.52 18.33 2.97
N PHE A 62 -3.87 17.20 2.75
CA PHE A 62 -2.55 16.94 3.32
C PHE A 62 -1.48 17.53 2.43
N PRO A 63 -0.48 18.22 3.01
CA PRO A 63 0.66 18.76 2.25
C PRO A 63 1.45 17.64 1.60
N ARG A 64 1.58 17.69 0.28
CA ARG A 64 2.18 16.61 -0.50
C ARG A 64 1.38 15.33 -0.32
N PRO A 65 0.19 15.24 -0.91
CA PRO A 65 -0.68 14.06 -0.78
C PRO A 65 -0.08 12.82 -1.45
N LYS A 66 0.85 13.05 -2.36
CA LYS A 66 1.49 11.98 -3.08
C LYS A 66 2.77 11.57 -2.37
N ARG A 67 2.72 10.45 -1.68
CA ARG A 67 3.87 9.96 -0.95
C ARG A 67 4.54 8.82 -1.70
N VAL A 68 5.64 9.10 -2.37
CA VAL A 68 6.37 8.05 -3.07
C VAL A 68 7.56 7.60 -2.20
N CYS A 69 7.78 6.30 -2.16
CA CYS A 69 8.89 5.74 -1.43
C CYS A 69 9.73 4.86 -2.35
N LYS A 70 10.99 5.23 -2.50
CA LYS A 70 11.93 4.47 -3.32
C LYS A 70 12.93 3.73 -2.44
N ASP A 71 13.11 4.26 -1.24
CA ASP A 71 14.07 3.78 -0.26
C ASP A 71 13.60 2.45 0.39
N PRO A 72 14.31 1.94 1.44
CA PRO A 72 13.85 0.82 2.30
C PRO A 72 12.33 0.88 2.66
N PRO A 73 11.83 0.00 3.61
CA PRO A 73 10.42 -0.41 3.67
C PRO A 73 9.44 0.69 3.29
N TYR A 74 8.63 0.41 2.28
CA TYR A 74 7.65 1.34 1.77
C TYR A 74 6.60 1.68 2.84
N LYS A 75 6.79 2.80 3.53
CA LYS A 75 5.87 3.20 4.58
C LYS A 75 5.72 4.71 4.67
N VAL A 76 4.51 5.14 4.99
CA VAL A 76 4.18 6.55 5.13
C VAL A 76 3.64 6.80 6.53
N GLU A 77 4.17 7.82 7.18
CA GLU A 77 3.71 8.21 8.51
C GLU A 77 3.07 9.58 8.45
N GLU A 78 1.77 9.63 8.70
CA GLU A 78 1.05 10.90 8.66
C GLU A 78 0.08 10.99 9.85
N SER A 79 -0.53 12.14 10.01
CA SER A 79 -1.44 12.39 11.12
C SER A 79 -2.78 12.90 10.57
N GLY A 80 -3.87 12.51 11.24
CA GLY A 80 -5.19 12.91 10.80
C GLY A 80 -6.23 12.71 11.89
N TYR A 81 -7.50 12.88 11.57
CA TYR A 81 -8.57 12.66 12.54
C TYR A 81 -9.65 11.76 11.98
N ALA A 82 -9.57 11.44 10.70
CA ALA A 82 -10.59 10.64 10.04
C ALA A 82 -10.01 9.77 8.95
N GLY A 83 -10.56 8.58 8.80
CA GLY A 83 -10.08 7.64 7.80
C GLY A 83 -10.66 7.89 6.43
N PHE A 84 -10.16 7.14 5.45
CA PHE A 84 -10.58 7.28 4.06
C PHE A 84 -9.97 6.17 3.21
N ILE A 85 -10.59 5.90 2.06
CA ILE A 85 -10.01 4.99 1.08
C ILE A 85 -8.72 5.58 0.53
N LEU A 86 -7.64 4.82 0.63
CA LEU A 86 -6.35 5.28 0.18
C LEU A 86 -5.83 4.38 -0.94
N PRO A 87 -5.89 4.88 -2.19
CA PRO A 87 -5.33 4.18 -3.35
C PRO A 87 -3.80 4.14 -3.33
N ILE A 88 -3.25 2.92 -3.29
CA ILE A 88 -1.81 2.72 -3.31
C ILE A 88 -1.38 2.15 -4.64
N GLU A 89 -0.42 2.82 -5.29
CA GLU A 89 0.13 2.31 -6.53
C GLU A 89 1.54 1.82 -6.31
N VAL A 90 1.78 0.58 -6.65
CA VAL A 90 3.10 -0.01 -6.52
C VAL A 90 3.76 -0.09 -7.90
N TYR A 91 4.95 0.48 -8.00
CA TYR A 91 5.69 0.52 -9.26
C TYR A 91 6.70 -0.61 -9.38
N PHE A 92 6.70 -1.28 -10.51
CA PHE A 92 7.63 -2.35 -10.79
C PHE A 92 8.62 -1.91 -11.88
N LYS A 93 9.72 -2.65 -12.03
CA LYS A 93 10.74 -2.28 -13.01
C LYS A 93 10.87 -3.34 -14.11
N ASN A 94 10.17 -3.12 -15.22
CA ASN A 94 10.27 -4.01 -16.39
C ASN A 94 9.82 -3.25 -17.65
N LYS A 95 9.90 -3.93 -18.81
CA LYS A 95 9.48 -3.33 -20.08
C LYS A 95 8.24 -4.06 -20.63
N GLU A 96 7.79 -5.05 -19.89
CA GLU A 96 6.72 -5.91 -20.34
C GLU A 96 5.39 -5.42 -19.74
N GLU A 97 4.43 -6.34 -19.57
CA GLU A 97 3.13 -6.06 -18.93
C GLU A 97 3.20 -4.98 -17.84
N PRO A 98 2.07 -4.25 -17.64
CA PRO A 98 1.99 -3.03 -16.83
C PRO A 98 2.86 -3.06 -15.58
N ARG A 99 3.78 -2.12 -15.51
CA ARG A 99 4.75 -2.06 -14.43
C ARG A 99 4.20 -1.28 -13.25
N LYS A 100 2.89 -1.15 -13.18
CA LYS A 100 2.28 -0.45 -12.07
C LYS A 100 0.95 -1.09 -11.71
N VAL A 101 0.70 -1.19 -10.43
CA VAL A 101 -0.52 -1.79 -9.92
C VAL A 101 -1.20 -0.77 -9.03
N ARG A 102 -2.50 -0.89 -8.89
CA ARG A 102 -3.25 0.03 -8.06
C ARG A 102 -4.12 -0.73 -7.07
N PHE A 103 -3.72 -0.72 -5.82
CA PHE A 103 -4.45 -1.40 -4.78
C PHE A 103 -5.25 -0.40 -3.96
N ASP A 104 -6.57 -0.46 -4.09
CA ASP A 104 -7.43 0.36 -3.26
C ASP A 104 -7.51 -0.24 -1.86
N TYR A 105 -7.04 0.51 -0.88
CA TYR A 105 -6.96 0.02 0.48
C TYR A 105 -7.65 1.00 1.44
N ASP A 106 -8.33 0.46 2.44
CA ASP A 106 -9.10 1.28 3.36
C ASP A 106 -8.27 1.67 4.58
N LEU A 107 -8.07 2.97 4.77
CA LEU A 107 -7.38 3.47 5.95
C LEU A 107 -8.39 3.89 6.99
N PHE A 108 -8.69 3.02 7.93
CA PHE A 108 -9.64 3.33 8.99
C PHE A 108 -8.94 3.61 10.32
N LEU A 109 -9.60 4.37 11.17
CA LEU A 109 -9.09 4.73 12.49
C LEU A 109 -10.19 4.47 13.51
N HIS A 110 -9.84 4.21 14.76
CA HIS A 110 -10.85 4.10 15.83
C HIS A 110 -10.88 5.38 16.66
N LEU A 111 -11.82 5.49 17.59
CA LEU A 111 -12.05 6.73 18.34
C LEU A 111 -10.89 7.13 19.26
N GLU A 112 -10.85 8.43 19.60
CA GLU A 112 -9.77 8.99 20.45
C GLU A 112 -9.67 8.22 21.75
N GLY A 113 -8.50 8.24 22.34
CA GLY A 113 -8.28 7.53 23.57
C GLY A 113 -7.93 6.07 23.37
N HIS A 114 -8.72 5.34 22.57
CA HIS A 114 -8.49 3.90 22.44
C HIS A 114 -8.79 3.40 21.03
N PRO A 115 -7.91 3.65 20.08
CA PRO A 115 -7.95 3.00 18.78
C PRO A 115 -6.79 2.03 18.59
N PRO A 116 -7.07 0.73 18.61
CA PRO A 116 -6.10 -0.29 18.26
C PRO A 116 -6.28 -0.74 16.83
N VAL A 117 -5.50 -0.18 15.92
CA VAL A 117 -5.65 -0.53 14.51
C VAL A 117 -4.38 -1.17 13.96
N ASN A 118 -4.48 -2.43 13.58
CA ASN A 118 -3.38 -3.14 12.96
C ASN A 118 -3.91 -4.11 11.92
N HIS A 119 -3.93 -3.70 10.66
CA HIS A 119 -4.48 -4.53 9.60
C HIS A 119 -3.46 -4.79 8.51
N LEU A 120 -3.38 -6.05 8.08
CA LEU A 120 -2.52 -6.43 6.97
C LEU A 120 -3.36 -7.00 5.82
N ARG A 121 -2.85 -6.89 4.61
CA ARG A 121 -3.49 -7.50 3.43
C ARG A 121 -2.41 -8.05 2.50
N CYS A 122 -2.71 -9.12 1.80
CA CYS A 122 -1.79 -9.64 0.80
C CYS A 122 -2.53 -9.90 -0.51
N GLU A 123 -2.10 -9.21 -1.58
CA GLU A 123 -2.76 -9.34 -2.87
C GLU A 123 -1.81 -9.99 -3.87
N LYS A 124 -2.35 -10.92 -4.65
CA LYS A 124 -1.53 -11.71 -5.57
C LYS A 124 -1.45 -11.06 -6.94
N LEU A 125 -0.23 -11.02 -7.48
CA LEU A 125 0.02 -10.56 -8.82
C LEU A 125 0.29 -11.76 -9.71
N THR A 126 -0.58 -12.03 -10.65
CA THR A 126 -0.40 -13.17 -11.52
C THR A 126 0.11 -12.71 -12.89
N PHE A 127 1.23 -13.25 -13.29
CA PHE A 127 1.85 -12.89 -14.56
C PHE A 127 1.98 -14.11 -15.46
N ASN A 128 1.12 -14.20 -16.46
CA ASN A 128 1.13 -15.33 -17.38
C ASN A 128 2.22 -15.19 -18.44
N ASN A 129 3.14 -16.15 -18.46
CA ASN A 129 4.27 -16.16 -19.39
C ASN A 129 5.08 -14.87 -19.32
N PRO A 130 5.72 -14.59 -18.17
CA PRO A 130 6.59 -13.42 -18.03
C PRO A 130 7.97 -13.68 -18.62
N THR A 131 8.83 -12.69 -18.59
CA THR A 131 10.19 -12.88 -19.03
C THR A 131 10.96 -13.63 -17.94
N GLU A 132 11.85 -14.54 -18.31
CA GLU A 132 12.50 -15.37 -17.30
C GLU A 132 13.23 -14.53 -16.24
N ASP A 133 13.94 -13.49 -16.67
CA ASP A 133 14.63 -12.61 -15.75
C ASP A 133 13.66 -11.97 -14.77
N PHE A 134 12.41 -11.78 -15.19
CA PHE A 134 11.40 -11.20 -14.33
C PHE A 134 10.97 -12.25 -13.31
N ARG A 135 10.82 -13.48 -13.79
CA ARG A 135 10.52 -14.60 -12.90
C ARG A 135 11.59 -14.69 -11.83
N ARG A 136 12.83 -14.57 -12.26
CA ARG A 136 13.98 -14.62 -11.37
C ARG A 136 13.88 -13.55 -10.26
N LYS A 137 13.36 -12.38 -10.63
CA LYS A 137 13.15 -11.29 -9.68
C LYS A 137 11.98 -11.61 -8.74
N LEU A 138 10.94 -12.22 -9.30
CA LEU A 138 9.77 -12.58 -8.53
C LEU A 138 10.09 -13.72 -7.56
N LEU A 139 11.02 -14.59 -7.97
CA LEU A 139 11.41 -15.74 -7.15
C LEU A 139 12.45 -15.33 -6.10
N LYS A 140 13.27 -14.34 -6.43
CA LYS A 140 14.30 -13.88 -5.53
C LYS A 140 13.72 -13.09 -4.37
N ALA A 141 12.62 -12.41 -4.64
CA ALA A 141 11.93 -11.65 -3.61
C ALA A 141 11.29 -12.61 -2.59
N GLY B 1 -18.25 2.35 19.82
CA GLY B 1 -18.66 2.42 18.40
C GLY B 1 -17.75 1.60 17.52
N GLY B 2 -17.84 1.82 16.21
CA GLY B 2 -17.03 1.06 15.27
C GLY B 2 -15.78 1.81 14.87
N LYS B 3 -15.91 2.72 13.93
CA LYS B 3 -14.77 3.44 13.41
C LYS B 3 -14.88 4.93 13.71
N ALA B 4 -13.76 5.62 13.54
CA ALA B 4 -13.72 7.07 13.65
C ALA B 4 -14.45 7.71 12.48
N PRO B 5 -14.68 9.04 12.50
CA PRO B 5 -15.32 9.71 11.37
C PRO B 5 -14.57 9.48 10.06
N ARG B 6 -15.20 9.80 8.94
CA ARG B 6 -14.56 9.61 7.64
C ARG B 6 -14.88 10.75 6.70
OH ALY B 7 -7.57 13.69 8.92
CH ALY B 7 -7.71 14.67 8.20
CH3 ALY B 7 -6.67 15.79 8.22
NZ ALY B 7 -8.76 14.78 7.39
CE ALY B 7 -9.81 13.78 7.30
CD ALY B 7 -10.85 14.13 6.23
CG ALY B 7 -11.77 12.95 5.99
CB ALY B 7 -13.03 13.38 5.26
CA ALY B 7 -14.00 12.23 4.99
N ALY B 7 -13.86 11.20 6.00
C ALY B 7 -13.78 11.65 3.60
O ALY B 7 -12.66 11.20 3.28
HH31 ALY B 7 -7.01 16.59 8.86
HH32 ALY B 7 -5.74 15.39 8.60
HH33 ALY B 7 -6.52 16.17 7.22
HZ ALY B 7 -8.84 15.59 6.83
HE3 ALY B 7 -9.37 12.82 7.06
HE2 ALY B 7 -10.31 13.72 8.25
HD3 ALY B 7 -11.42 14.98 6.56
HD2 ALY B 7 -10.33 14.36 5.31
HG3 ALY B 7 -11.26 12.21 5.39
HG2 ALY B 7 -12.05 12.53 6.94
HB3 ALY B 7 -13.53 14.13 5.86
HB2 ALY B 7 -12.74 13.83 4.31
HA ALY B 7 -15.01 12.61 5.06
H ALY B 7 -12.96 10.81 6.14
N GLN B 8 -14.82 11.65 2.79
CA GLN B 8 -14.76 11.08 1.45
C GLN B 8 -13.73 11.80 0.59
N LEU B 9 -13.29 11.14 -0.48
CA LEU B 9 -12.28 11.71 -1.37
C LEU B 9 -12.89 12.75 -2.29
N ALA B 10 -13.05 13.96 -1.76
CA ALA B 10 -13.57 15.07 -2.53
C ALA B 10 -12.57 15.50 -3.60
N THR B 11 -12.86 15.14 -4.84
CA THR B 11 -12.01 15.49 -5.96
C THR B 11 -12.57 16.69 -6.72
N LYS B 12 -11.70 17.58 -7.13
CA LYS B 12 -12.12 18.79 -7.82
C LYS B 12 -11.64 18.78 -9.27
N ALA B 13 -11.05 17.67 -9.68
CA ALA B 13 -10.59 17.50 -11.05
C ALA B 13 -11.61 16.69 -11.84
N GLY A 1 3.66 -23.73 -35.07
CA GLY A 1 3.76 -23.92 -33.61
C GLY A 1 3.68 -25.38 -33.20
N SER A 2 2.46 -25.84 -32.92
CA SER A 2 2.23 -27.22 -32.52
C SER A 2 2.98 -27.55 -31.23
N HIS A 3 2.43 -27.09 -30.11
CA HIS A 3 3.03 -27.30 -28.79
C HIS A 3 4.34 -26.54 -28.66
N MET A 4 4.44 -25.41 -29.35
CA MET A 4 5.62 -24.55 -29.24
C MET A 4 5.42 -23.57 -28.10
N ALA A 5 6.40 -23.51 -27.20
CA ALA A 5 6.32 -22.69 -25.99
C ALA A 5 5.28 -23.24 -25.02
N SER A 6 5.32 -22.78 -23.79
CA SER A 6 4.41 -23.25 -22.78
C SER A 6 3.97 -22.07 -21.91
N SER A 7 2.70 -22.05 -21.54
CA SER A 7 2.18 -20.98 -20.71
C SER A 7 2.75 -21.09 -19.30
N CYS A 8 3.65 -20.17 -18.97
CA CYS A 8 4.30 -20.16 -17.67
C CYS A 8 3.99 -18.86 -16.95
N ALA A 9 3.24 -18.97 -15.86
CA ALA A 9 2.86 -17.78 -15.11
C ALA A 9 3.51 -17.76 -13.75
N VAL A 10 4.05 -16.61 -13.38
CA VAL A 10 4.63 -16.42 -12.07
C VAL A 10 3.72 -15.53 -11.25
N GLN A 11 3.60 -15.80 -9.96
CA GLN A 11 2.72 -15.02 -9.11
C GLN A 11 3.51 -14.41 -7.96
N VAL A 12 3.30 -13.12 -7.75
CA VAL A 12 3.92 -12.43 -6.65
C VAL A 12 2.84 -11.96 -5.68
N LYS A 13 3.23 -11.56 -4.48
CA LYS A 13 2.26 -11.12 -3.49
C LYS A 13 2.73 -9.85 -2.81
N LEU A 14 1.87 -8.84 -2.80
CA LEU A 14 2.18 -7.60 -2.14
C LEU A 14 1.27 -7.39 -0.94
N GLU A 15 1.83 -6.85 0.10
CA GLU A 15 1.12 -6.67 1.35
C GLU A 15 0.73 -5.20 1.54
N LEU A 16 -0.56 -4.97 1.77
CA LEU A 16 -1.06 -3.64 2.10
C LEU A 16 -1.54 -3.63 3.54
N GLY A 17 -0.86 -2.88 4.39
CA GLY A 17 -1.28 -2.83 5.76
C GLY A 17 -1.03 -1.46 6.35
N HIS A 18 -1.45 -1.29 7.60
CA HIS A 18 -1.23 -0.02 8.27
C HIS A 18 -1.48 -0.17 9.76
N ARG A 19 -0.86 0.72 10.51
CA ARG A 19 -1.10 0.82 11.94
C ARG A 19 -1.69 2.17 12.22
N ALA A 20 -2.66 2.23 13.09
CA ALA A 20 -3.24 3.50 13.42
C ALA A 20 -3.32 3.71 14.92
N GLN A 21 -2.72 4.81 15.38
CA GLN A 21 -2.72 5.15 16.79
C GLN A 21 -3.43 6.48 16.99
N VAL A 22 -4.16 6.61 18.09
CA VAL A 22 -4.70 7.89 18.47
C VAL A 22 -3.86 8.45 19.61
N ARG A 23 -3.82 9.75 19.75
CA ARG A 23 -3.05 10.38 20.80
C ARG A 23 -4.01 10.94 21.82
N LYS A 24 -3.67 10.81 23.09
CA LYS A 24 -4.47 11.37 24.17
C LYS A 24 -4.43 12.89 24.08
N LYS A 25 -3.41 13.38 23.39
CA LYS A 25 -3.25 14.80 23.12
C LYS A 25 -2.96 14.99 21.62
N PRO A 26 -3.99 15.39 20.85
CA PRO A 26 -3.85 15.67 19.40
C PRO A 26 -2.66 16.58 19.08
N THR A 27 -2.20 16.52 17.82
CA THR A 27 -0.99 17.21 17.43
C THR A 27 -1.24 18.69 17.17
N VAL A 28 -0.23 19.38 16.68
CA VAL A 28 -0.27 20.82 16.48
C VAL A 28 -1.43 21.24 15.57
N GLU A 29 -1.71 20.43 14.55
CA GLU A 29 -2.79 20.72 13.62
C GLU A 29 -4.13 20.28 14.18
N GLY A 30 -4.09 19.68 15.36
CA GLY A 30 -5.30 19.22 16.01
C GLY A 30 -5.78 17.92 15.43
N PHE A 31 -4.84 17.08 15.03
CA PHE A 31 -5.16 15.78 14.50
C PHE A 31 -4.99 14.74 15.61
N THR A 32 -5.96 13.86 15.71
CA THR A 32 -6.02 12.94 16.82
C THR A 32 -5.25 11.65 16.56
N HIS A 33 -5.11 11.29 15.29
CA HIS A 33 -4.55 10.01 14.92
C HIS A 33 -3.25 10.15 14.16
N ASP A 34 -2.35 9.21 14.40
CA ASP A 34 -1.13 9.08 13.62
C ASP A 34 -1.10 7.68 13.05
N TRP A 35 -0.97 7.58 11.74
CA TRP A 35 -0.99 6.29 11.09
C TRP A 35 0.21 6.11 10.20
N MET A 36 0.64 4.86 10.06
CA MET A 36 1.70 4.52 9.15
C MET A 36 1.25 3.39 8.24
N VAL A 37 1.30 3.65 6.95
CA VAL A 37 0.90 2.68 5.95
C VAL A 37 2.11 2.03 5.35
N PHE A 38 1.98 0.82 4.85
CA PHE A 38 3.12 0.15 4.27
C PHE A 38 2.71 -0.87 3.21
N VAL A 39 3.64 -1.11 2.28
CA VAL A 39 3.49 -2.19 1.31
C VAL A 39 4.71 -3.10 1.39
N ARG A 40 4.48 -4.41 1.48
CA ARG A 40 5.56 -5.37 1.61
C ARG A 40 5.43 -6.49 0.59
N GLY A 41 6.34 -7.44 0.68
CA GLY A 41 6.28 -8.63 -0.15
C GLY A 41 5.57 -9.77 0.53
N PRO A 42 5.72 -10.99 0.02
CA PRO A 42 5.14 -12.18 0.63
C PRO A 42 5.88 -12.57 1.91
N GLU A 43 5.19 -12.42 3.04
CA GLU A 43 5.76 -12.76 4.35
C GLU A 43 7.05 -11.98 4.61
N HIS A 44 6.96 -10.65 4.54
CA HIS A 44 8.05 -9.74 4.89
C HIS A 44 9.23 -9.84 3.92
N SER A 45 9.09 -10.61 2.84
CA SER A 45 10.14 -10.71 1.84
C SER A 45 10.33 -9.37 1.14
N ASN A 46 11.59 -8.92 1.07
CA ASN A 46 11.91 -7.63 0.45
C ASN A 46 11.48 -7.62 -1.00
N ILE A 47 10.71 -6.61 -1.38
CA ILE A 47 10.14 -6.54 -2.72
C ILE A 47 10.95 -5.69 -3.68
N GLN A 48 12.00 -5.05 -3.20
CA GLN A 48 12.83 -4.18 -4.04
C GLN A 48 13.45 -4.93 -5.23
N HIS A 49 13.28 -6.24 -5.26
CA HIS A 49 13.78 -7.04 -6.37
C HIS A 49 12.93 -6.83 -7.62
N PHE A 50 11.61 -6.69 -7.45
CA PHE A 50 10.73 -6.43 -8.58
C PHE A 50 10.00 -5.09 -8.42
N VAL A 51 9.92 -4.60 -7.19
CA VAL A 51 9.29 -3.32 -6.90
C VAL A 51 10.31 -2.21 -7.04
N GLU A 52 9.95 -1.17 -7.77
CA GLU A 52 10.87 -0.08 -8.06
C GLU A 52 10.61 1.10 -7.13
N LYS A 53 9.36 1.55 -7.12
CA LYS A 53 8.95 2.69 -6.33
C LYS A 53 7.45 2.62 -6.10
N VAL A 54 7.04 3.01 -4.92
CA VAL A 54 5.65 2.89 -4.52
C VAL A 54 5.07 4.28 -4.24
N VAL A 55 3.77 4.40 -4.26
CA VAL A 55 3.13 5.68 -4.07
C VAL A 55 1.82 5.53 -3.27
N PHE A 56 1.62 6.43 -2.31
CA PHE A 56 0.42 6.45 -1.49
C PHE A 56 -0.28 7.75 -1.72
N HIS A 57 -1.41 7.69 -2.37
CA HIS A 57 -2.21 8.88 -2.63
C HIS A 57 -3.07 9.17 -1.41
N LEU A 58 -2.56 10.02 -0.51
CA LEU A 58 -3.29 10.39 0.69
C LEU A 58 -4.45 11.31 0.31
N HIS A 59 -5.19 11.80 1.28
CA HIS A 59 -6.35 12.61 0.98
C HIS A 59 -5.88 14.00 0.58
N GLU A 60 -6.59 14.56 -0.40
CA GLU A 60 -6.22 15.82 -1.05
C GLU A 60 -6.00 16.96 -0.06
N SER A 61 -6.56 16.83 1.13
CA SER A 61 -6.43 17.86 2.16
C SER A 61 -5.10 17.70 2.92
N PHE A 62 -4.38 16.63 2.62
CA PHE A 62 -3.06 16.41 3.23
C PHE A 62 -2.01 17.19 2.46
N PRO A 63 -0.95 17.65 3.16
CA PRO A 63 0.19 18.32 2.52
C PRO A 63 0.97 17.33 1.65
N ARG A 64 1.01 17.62 0.35
CA ARG A 64 1.63 16.74 -0.64
C ARG A 64 1.06 15.33 -0.50
N PRO A 65 -0.20 15.12 -0.94
CA PRO A 65 -0.91 13.85 -0.77
C PRO A 65 -0.21 12.66 -1.43
N LYS A 66 0.65 12.94 -2.39
CA LYS A 66 1.32 11.89 -3.12
C LYS A 66 2.64 11.53 -2.45
N ARG A 67 2.65 10.39 -1.79
CA ARG A 67 3.82 9.94 -1.08
C ARG A 67 4.50 8.80 -1.80
N VAL A 68 5.42 9.13 -2.70
CA VAL A 68 6.24 8.12 -3.33
C VAL A 68 7.26 7.58 -2.31
N CYS A 69 7.49 6.28 -2.34
CA CYS A 69 8.50 5.68 -1.48
C CYS A 69 9.46 4.86 -2.33
N LYS A 70 10.72 5.28 -2.39
CA LYS A 70 11.74 4.57 -3.15
C LYS A 70 12.72 3.86 -2.21
N ASP A 71 12.87 4.41 -1.01
CA ASP A 71 13.81 3.92 -0.01
C ASP A 71 13.26 2.64 0.64
N PRO A 72 14.09 1.84 1.37
CA PRO A 72 13.68 0.73 2.25
C PRO A 72 12.27 0.87 2.87
N PRO A 73 11.81 -0.13 3.67
CA PRO A 73 10.40 -0.50 3.81
C PRO A 73 9.40 0.60 3.45
N TYR A 74 8.63 0.34 2.40
CA TYR A 74 7.66 1.30 1.87
C TYR A 74 6.62 1.65 2.92
N LYS A 75 6.69 2.85 3.46
CA LYS A 75 5.76 3.29 4.51
C LYS A 75 5.58 4.80 4.49
N VAL A 76 4.42 5.24 4.98
CA VAL A 76 4.11 6.66 5.11
C VAL A 76 3.57 6.93 6.50
N GLU A 77 4.08 7.98 7.14
CA GLU A 77 3.61 8.38 8.46
C GLU A 77 2.97 9.75 8.39
N GLU A 78 1.69 9.81 8.67
CA GLU A 78 0.98 11.09 8.72
C GLU A 78 -0.04 11.10 9.85
N SER A 79 -0.63 12.25 10.11
CA SER A 79 -1.57 12.43 11.19
C SER A 79 -2.92 12.89 10.63
N GLY A 80 -4.00 12.46 11.27
CA GLY A 80 -5.33 12.82 10.81
C GLY A 80 -6.39 12.58 11.87
N TYR A 81 -7.65 12.53 11.46
CA TYR A 81 -8.74 12.29 12.39
C TYR A 81 -9.82 11.39 11.78
N ALA A 82 -9.83 11.26 10.47
CA ALA A 82 -10.88 10.51 9.79
C ALA A 82 -10.28 9.63 8.71
N GLY A 83 -10.73 8.39 8.66
CA GLY A 83 -10.22 7.44 7.71
C GLY A 83 -10.76 7.68 6.31
N PHE A 84 -10.18 7.00 5.33
CA PHE A 84 -10.55 7.16 3.94
C PHE A 84 -9.93 6.07 3.10
N ILE A 85 -10.55 5.76 1.97
CA ILE A 85 -9.96 4.85 1.01
C ILE A 85 -8.69 5.45 0.43
N LEU A 86 -7.60 4.74 0.58
CA LEU A 86 -6.32 5.21 0.10
C LEU A 86 -5.83 4.31 -1.04
N PRO A 87 -5.92 4.83 -2.28
CA PRO A 87 -5.39 4.15 -3.46
C PRO A 87 -3.85 4.07 -3.42
N ILE A 88 -3.34 2.88 -3.20
CA ILE A 88 -1.91 2.64 -3.18
C ILE A 88 -1.48 2.07 -4.52
N GLU A 89 -0.53 2.71 -5.16
CA GLU A 89 -0.02 2.22 -6.41
C GLU A 89 1.43 1.79 -6.26
N VAL A 90 1.67 0.53 -6.53
CA VAL A 90 2.99 -0.04 -6.43
C VAL A 90 3.59 -0.19 -7.82
N TYR A 91 4.74 0.40 -8.06
CA TYR A 91 5.38 0.26 -9.37
C TYR A 91 6.47 -0.79 -9.35
N PHE A 92 6.72 -1.32 -10.52
CA PHE A 92 7.67 -2.40 -10.69
C PHE A 92 8.70 -2.03 -11.74
N LYS A 93 9.88 -2.65 -11.69
CA LYS A 93 10.93 -2.33 -12.65
C LYS A 93 10.97 -3.37 -13.79
N ASN A 94 10.25 -3.07 -14.87
CA ASN A 94 10.33 -3.87 -16.09
C ASN A 94 9.85 -3.03 -17.28
N LYS A 95 9.83 -3.63 -18.47
CA LYS A 95 9.42 -2.93 -19.69
C LYS A 95 8.12 -3.50 -20.26
N GLU A 96 7.51 -4.41 -19.54
CA GLU A 96 6.41 -5.21 -20.06
C GLU A 96 5.05 -4.70 -19.56
N GLU A 97 4.08 -5.63 -19.50
CA GLU A 97 2.72 -5.41 -18.96
C GLU A 97 2.69 -4.37 -17.82
N PRO A 98 1.50 -3.76 -17.53
CA PRO A 98 1.34 -2.51 -16.76
C PRO A 98 2.45 -2.28 -15.74
N ARG A 99 3.07 -1.12 -15.86
CA ARG A 99 4.26 -0.79 -15.11
C ARG A 99 3.95 -0.56 -13.64
N LYS A 100 2.67 -0.64 -13.29
CA LYS A 100 2.26 -0.41 -11.93
C LYS A 100 0.95 -1.10 -11.62
N VAL A 101 0.61 -1.09 -10.35
CA VAL A 101 -0.64 -1.69 -9.87
C VAL A 101 -1.33 -0.71 -8.93
N ARG A 102 -2.63 -0.82 -8.83
CA ARG A 102 -3.39 -0.01 -7.90
C ARG A 102 -4.19 -0.88 -6.95
N PHE A 103 -3.87 -0.77 -5.67
CA PHE A 103 -4.61 -1.48 -4.64
C PHE A 103 -5.44 -0.48 -3.83
N ASP A 104 -6.74 -0.64 -3.89
CA ASP A 104 -7.64 0.19 -3.11
C ASP A 104 -7.72 -0.34 -1.68
N TYR A 105 -7.15 0.41 -0.75
CA TYR A 105 -7.05 -0.04 0.63
C TYR A 105 -7.73 0.95 1.56
N ASP A 106 -8.48 0.44 2.53
CA ASP A 106 -9.19 1.27 3.48
C ASP A 106 -8.31 1.64 4.66
N LEU A 107 -7.94 2.91 4.75
CA LEU A 107 -7.21 3.39 5.90
C LEU A 107 -8.19 3.74 7.01
N PHE A 108 -8.47 2.77 7.87
CA PHE A 108 -9.41 2.98 8.95
C PHE A 108 -8.70 3.31 10.26
N LEU A 109 -9.40 4.01 11.12
CA LEU A 109 -8.85 4.47 12.39
C LEU A 109 -9.84 4.16 13.50
N HIS A 110 -9.34 3.69 14.62
CA HIS A 110 -10.17 3.48 15.81
C HIS A 110 -10.64 4.83 16.34
N LEU A 111 -11.53 4.82 17.32
CA LEU A 111 -12.02 6.07 17.90
C LEU A 111 -11.00 6.66 18.85
N GLU A 112 -11.12 7.96 19.01
CA GLU A 112 -10.28 8.72 19.94
C GLU A 112 -10.41 8.15 21.34
N GLY A 113 -9.41 7.36 21.76
CA GLY A 113 -9.44 6.76 23.08
C GLY A 113 -9.39 5.23 23.03
N HIS A 114 -9.27 4.67 21.82
CA HIS A 114 -9.24 3.22 21.65
C HIS A 114 -7.81 2.79 21.24
N PRO A 115 -7.26 1.67 21.75
CA PRO A 115 -5.87 1.23 21.40
C PRO A 115 -5.62 1.05 19.89
N PRO A 116 -4.35 1.22 19.46
CA PRO A 116 -3.86 1.05 18.09
C PRO A 116 -4.49 -0.08 17.28
N VAL A 117 -4.38 0.05 15.97
CA VAL A 117 -4.91 -0.89 15.02
C VAL A 117 -3.78 -1.42 14.15
N ASN A 118 -3.81 -2.70 13.83
CA ASN A 118 -2.77 -3.30 13.02
C ASN A 118 -3.38 -4.31 12.05
N HIS A 119 -3.63 -3.86 10.83
CA HIS A 119 -4.27 -4.70 9.82
C HIS A 119 -3.33 -4.97 8.67
N LEU A 120 -3.28 -6.22 8.23
CA LEU A 120 -2.46 -6.61 7.08
C LEU A 120 -3.36 -7.13 5.95
N ARG A 121 -2.90 -6.98 4.72
CA ARG A 121 -3.57 -7.55 3.56
C ARG A 121 -2.52 -8.07 2.60
N CYS A 122 -2.81 -9.12 1.86
CA CYS A 122 -1.89 -9.63 0.86
C CYS A 122 -2.61 -9.88 -0.44
N GLU A 123 -2.12 -9.30 -1.53
CA GLU A 123 -2.76 -9.43 -2.83
C GLU A 123 -1.81 -10.04 -3.84
N LYS A 124 -2.30 -11.01 -4.60
CA LYS A 124 -1.46 -11.73 -5.54
C LYS A 124 -1.42 -11.06 -6.90
N LEU A 125 -0.22 -10.86 -7.40
CA LEU A 125 0.02 -10.41 -8.76
C LEU A 125 0.26 -11.64 -9.62
N THR A 126 -0.39 -11.74 -10.75
CA THR A 126 -0.19 -12.89 -11.61
C THR A 126 0.25 -12.47 -13.00
N PHE A 127 1.40 -12.96 -13.42
CA PHE A 127 1.98 -12.58 -14.69
C PHE A 127 2.10 -13.79 -15.60
N ASN A 128 1.23 -13.86 -16.59
CA ASN A 128 1.24 -14.96 -17.55
C ASN A 128 2.31 -14.72 -18.61
N ASN A 129 3.26 -15.65 -18.68
CA ASN A 129 4.38 -15.58 -19.62
C ASN A 129 5.21 -14.32 -19.42
N PRO A 130 5.85 -14.16 -18.26
CA PRO A 130 6.79 -13.07 -18.02
C PRO A 130 8.18 -13.40 -18.55
N THR A 131 9.07 -12.43 -18.58
CA THR A 131 10.44 -12.68 -18.96
C THR A 131 11.13 -13.48 -17.87
N GLU A 132 12.00 -14.41 -18.24
CA GLU A 132 12.65 -15.28 -17.25
C GLU A 132 13.40 -14.45 -16.20
N ASP A 133 14.09 -13.40 -16.63
CA ASP A 133 14.76 -12.49 -15.72
C ASP A 133 13.78 -11.90 -14.71
N PHE A 134 12.54 -11.72 -15.14
CA PHE A 134 11.53 -11.18 -14.26
C PHE A 134 11.09 -12.24 -13.27
N ARG A 135 10.93 -13.47 -13.77
CA ARG A 135 10.64 -14.61 -12.90
C ARG A 135 11.70 -14.70 -11.81
N ARG A 136 12.95 -14.58 -12.23
CA ARG A 136 14.09 -14.62 -11.34
C ARG A 136 13.94 -13.62 -10.20
N LYS A 137 13.47 -12.42 -10.52
CA LYS A 137 13.24 -11.38 -9.52
C LYS A 137 12.05 -11.72 -8.63
N LEU A 138 11.00 -12.27 -9.25
CA LEU A 138 9.80 -12.64 -8.53
C LEU A 138 10.07 -13.81 -7.57
N LEU A 139 11.00 -14.68 -7.94
CA LEU A 139 11.34 -15.85 -7.13
C LEU A 139 12.28 -15.48 -6.00
N LYS A 140 13.08 -14.45 -6.22
CA LYS A 140 14.08 -14.04 -5.24
C LYS A 140 13.44 -13.23 -4.11
N ALA A 141 12.35 -12.56 -4.41
CA ALA A 141 11.60 -11.85 -3.38
C ALA A 141 10.76 -12.83 -2.58
N GLY B 1 -19.18 -0.64 9.26
CA GLY B 1 -18.57 0.59 9.83
C GLY B 1 -18.14 0.38 11.26
N GLY B 2 -18.46 1.34 12.12
CA GLY B 2 -18.10 1.23 13.52
C GLY B 2 -16.68 1.71 13.78
N LYS B 3 -16.28 2.75 13.06
CA LYS B 3 -14.93 3.27 13.17
C LYS B 3 -14.94 4.79 13.13
N ALA B 4 -13.76 5.40 13.14
CA ALA B 4 -13.63 6.85 13.13
C ALA B 4 -14.30 7.46 11.90
N PRO B 5 -14.65 8.76 11.98
CA PRO B 5 -15.31 9.47 10.89
C PRO B 5 -14.61 9.31 9.55
N ARG B 6 -15.28 9.73 8.48
CA ARG B 6 -14.75 9.57 7.14
C ARG B 6 -14.87 10.88 6.35
OH ALY B 7 -7.32 13.24 8.71
CH ALY B 7 -7.44 14.29 8.08
CH3 ALY B 7 -6.35 15.35 8.16
NZ ALY B 7 -8.51 14.53 7.34
CE ALY B 7 -9.61 13.58 7.20
CD ALY B 7 -10.68 14.10 6.24
CG ALY B 7 -11.58 12.97 5.80
CB ALY B 7 -12.92 13.50 5.31
CA ALY B 7 -13.85 12.41 4.77
N ALY B 7 -13.82 11.23 5.63
C ALY B 7 -13.47 12.05 3.34
O ALY B 7 -12.46 12.51 2.80
HH31 ALY B 7 -6.62 16.09 8.89
HH32 ALY B 7 -5.42 14.88 8.44
HH33 ALY B 7 -6.23 15.82 7.19
HZ ALY B 7 -8.58 15.38 6.85
HE3 ALY B 7 -9.24 12.65 6.82
HE2 ALY B 7 -10.07 13.43 8.16
HD3 ALY B 7 -11.26 14.85 6.73
HD2 ALY B 7 -10.20 14.52 5.37
HG3 ALY B 7 -11.11 12.43 4.99
HG2 ALY B 7 -11.76 12.31 6.62
HB3 ALY B 7 -13.41 13.99 6.14
HB2 ALY B 7 -12.73 14.22 4.53
HA ALY B 7 -14.86 12.79 4.78
H ALY B 7 -13.00 10.68 5.67
N GLN B 8 -14.29 11.20 2.74
CA GLN B 8 -14.16 10.85 1.33
C GLN B 8 -15.53 10.46 0.81
N LEU B 9 -16.08 11.27 -0.10
CA LEU B 9 -17.45 11.12 -0.57
C LEU B 9 -18.41 11.30 0.62
N ALA B 10 -17.98 12.09 1.58
CA ALA B 10 -18.72 12.29 2.82
C ALA B 10 -20.01 13.05 2.57
N THR B 11 -21.12 12.35 2.70
CA THR B 11 -22.42 12.93 2.47
C THR B 11 -23.10 13.27 3.79
N LYS B 12 -22.81 12.47 4.81
CA LYS B 12 -23.41 12.66 6.12
C LYS B 12 -22.51 13.52 7.00
N ALA B 13 -21.33 13.00 7.30
CA ALA B 13 -20.39 13.70 8.17
C ALA B 13 -19.74 14.86 7.45
N GLY A 1 -7.51 -21.94 -28.52
CA GLY A 1 -6.33 -21.09 -28.81
C GLY A 1 -5.10 -21.91 -29.11
N SER A 2 -4.11 -21.30 -29.72
CA SER A 2 -2.88 -21.98 -30.06
C SER A 2 -1.93 -21.99 -28.87
N HIS A 3 -1.38 -23.16 -28.57
CA HIS A 3 -0.45 -23.30 -27.46
C HIS A 3 0.96 -23.57 -27.98
N MET A 4 1.49 -22.61 -28.73
CA MET A 4 2.83 -22.72 -29.28
C MET A 4 3.88 -22.57 -28.19
N ALA A 5 3.56 -21.75 -27.20
CA ALA A 5 4.46 -21.51 -26.08
C ALA A 5 3.94 -22.21 -24.82
N SER A 6 4.84 -22.58 -23.93
CA SER A 6 4.46 -23.17 -22.66
C SER A 6 4.00 -22.09 -21.70
N SER A 7 2.69 -21.84 -21.66
CA SER A 7 2.13 -20.82 -20.80
C SER A 7 2.46 -21.11 -19.33
N CYS A 8 3.32 -20.30 -18.77
CA CYS A 8 3.68 -20.40 -17.37
C CYS A 8 3.52 -19.04 -16.72
N ALA A 9 2.76 -19.00 -15.65
CA ALA A 9 2.49 -17.75 -14.97
C ALA A 9 3.18 -17.69 -13.62
N VAL A 10 3.85 -16.59 -13.35
CA VAL A 10 4.48 -16.37 -12.07
C VAL A 10 3.59 -15.47 -11.24
N GLN A 11 3.46 -15.77 -9.96
CA GLN A 11 2.54 -15.05 -9.11
C GLN A 11 3.27 -14.49 -7.89
N VAL A 12 3.24 -13.18 -7.77
CA VAL A 12 3.89 -12.51 -6.67
C VAL A 12 2.84 -12.01 -5.69
N LYS A 13 3.24 -11.66 -4.49
CA LYS A 13 2.29 -11.24 -3.46
C LYS A 13 2.76 -9.97 -2.79
N LEU A 14 1.91 -8.96 -2.78
CA LEU A 14 2.23 -7.71 -2.12
C LEU A 14 1.30 -7.47 -0.95
N GLU A 15 1.85 -6.91 0.10
CA GLU A 15 1.12 -6.70 1.32
C GLU A 15 0.85 -5.22 1.55
N LEU A 16 -0.42 -4.89 1.79
CA LEU A 16 -0.79 -3.53 2.18
C LEU A 16 -1.19 -3.56 3.65
N GLY A 17 -0.54 -2.78 4.47
CA GLY A 17 -0.88 -2.77 5.86
C GLY A 17 -0.77 -1.40 6.45
N HIS A 18 -1.24 -1.23 7.67
CA HIS A 18 -1.12 0.05 8.33
C HIS A 18 -1.40 -0.09 9.81
N ARG A 19 -0.80 0.81 10.57
CA ARG A 19 -1.09 0.94 11.97
C ARG A 19 -1.66 2.30 12.23
N ALA A 20 -2.63 2.37 13.09
CA ALA A 20 -3.23 3.65 13.40
C ALA A 20 -3.45 3.82 14.89
N GLN A 21 -2.89 4.87 15.44
CA GLN A 21 -3.04 5.17 16.85
C GLN A 21 -3.66 6.55 17.01
N VAL A 22 -4.50 6.71 18.01
CA VAL A 22 -5.01 8.02 18.35
C VAL A 22 -4.21 8.60 19.50
N ARG A 23 -4.17 9.90 19.58
CA ARG A 23 -3.38 10.58 20.61
C ARG A 23 -4.32 11.12 21.67
N LYS A 24 -3.81 11.24 22.89
CA LYS A 24 -4.58 11.83 23.99
C LYS A 24 -4.78 13.31 23.72
N LYS A 25 -3.92 13.86 22.88
CA LYS A 25 -4.02 15.24 22.45
C LYS A 25 -3.67 15.34 20.97
N PRO A 26 -4.68 15.66 20.13
CA PRO A 26 -4.47 15.93 18.71
C PRO A 26 -3.32 16.91 18.46
N THR A 27 -2.73 16.83 17.27
CA THR A 27 -1.53 17.59 16.95
C THR A 27 -1.83 19.07 16.73
N VAL A 28 -0.85 19.81 16.23
CA VAL A 28 -0.93 21.26 16.12
C VAL A 28 -2.07 21.73 15.20
N GLU A 29 -2.47 20.86 14.27
CA GLU A 29 -3.55 21.22 13.34
C GLU A 29 -4.81 20.43 13.72
N GLY A 30 -4.76 19.82 14.89
CA GLY A 30 -5.94 19.15 15.45
C GLY A 30 -6.25 17.83 14.80
N PHE A 31 -5.21 17.12 14.38
CA PHE A 31 -5.39 15.79 13.86
C PHE A 31 -5.28 14.80 15.01
N THR A 32 -6.26 13.93 15.12
CA THR A 32 -6.41 13.09 16.29
C THR A 32 -5.59 11.81 16.18
N HIS A 33 -5.38 11.32 14.97
CA HIS A 33 -4.76 10.03 14.76
C HIS A 33 -3.46 10.12 13.99
N ASP A 34 -2.50 9.29 14.35
CA ASP A 34 -1.28 9.13 13.60
C ASP A 34 -1.22 7.73 13.04
N TRP A 35 -1.16 7.62 11.72
CA TRP A 35 -1.15 6.32 11.08
C TRP A 35 0.09 6.16 10.22
N MET A 36 0.51 4.91 10.08
CA MET A 36 1.63 4.58 9.22
C MET A 36 1.23 3.44 8.30
N VAL A 37 1.21 3.74 7.02
CA VAL A 37 0.83 2.78 6.00
C VAL A 37 2.07 2.19 5.38
N PHE A 38 1.99 0.96 4.93
CA PHE A 38 3.13 0.32 4.32
C PHE A 38 2.75 -0.72 3.30
N VAL A 39 3.66 -0.98 2.37
CA VAL A 39 3.52 -2.11 1.46
C VAL A 39 4.76 -2.99 1.59
N ARG A 40 4.53 -4.30 1.66
CA ARG A 40 5.61 -5.24 1.91
C ARG A 40 5.52 -6.43 0.97
N GLY A 41 6.51 -7.29 1.07
CA GLY A 41 6.46 -8.53 0.33
C GLY A 41 5.80 -9.63 1.14
N PRO A 42 5.71 -10.84 0.59
CA PRO A 42 5.07 -11.95 1.28
C PRO A 42 5.93 -12.53 2.39
N GLU A 43 5.49 -12.33 3.63
CA GLU A 43 6.14 -12.90 4.81
C GLU A 43 7.61 -12.47 4.91
N HIS A 44 7.83 -11.17 5.15
CA HIS A 44 9.18 -10.62 5.41
C HIS A 44 10.05 -10.58 4.16
N SER A 45 9.56 -11.15 3.07
CA SER A 45 10.32 -11.19 1.81
C SER A 45 10.47 -9.78 1.24
N ASN A 46 11.71 -9.37 0.95
CA ASN A 46 11.96 -8.06 0.36
C ASN A 46 11.44 -8.02 -1.07
N ILE A 47 10.62 -7.03 -1.36
CA ILE A 47 10.05 -6.90 -2.69
C ILE A 47 10.86 -5.97 -3.56
N GLN A 48 11.88 -5.36 -2.98
CA GLN A 48 12.72 -4.40 -3.70
C GLN A 48 13.46 -5.04 -4.87
N HIS A 49 13.27 -6.34 -5.07
CA HIS A 49 13.85 -7.02 -6.22
C HIS A 49 13.03 -6.75 -7.48
N PHE A 50 11.72 -6.62 -7.33
CA PHE A 50 10.88 -6.26 -8.47
C PHE A 50 10.17 -4.93 -8.26
N VAL A 51 10.11 -4.48 -7.02
CA VAL A 51 9.46 -3.21 -6.66
C VAL A 51 10.47 -2.07 -6.69
N GLU A 52 10.11 -0.99 -7.38
CA GLU A 52 11.02 0.16 -7.55
C GLU A 52 10.63 1.29 -6.60
N LYS A 53 9.44 1.82 -6.81
CA LYS A 53 8.90 2.86 -5.93
C LYS A 53 7.49 2.45 -5.56
N VAL A 54 6.96 3.04 -4.52
CA VAL A 54 5.55 2.88 -4.20
C VAL A 54 4.96 4.25 -3.88
N VAL A 55 3.67 4.40 -4.05
CA VAL A 55 3.05 5.71 -3.88
C VAL A 55 1.69 5.60 -3.21
N PHE A 56 1.47 6.47 -2.25
CA PHE A 56 0.23 6.50 -1.49
C PHE A 56 -0.48 7.82 -1.77
N HIS A 57 -1.54 7.74 -2.53
CA HIS A 57 -2.34 8.93 -2.83
C HIS A 57 -3.24 9.27 -1.67
N LEU A 58 -2.74 10.11 -0.78
CA LEU A 58 -3.47 10.50 0.42
C LEU A 58 -4.52 11.55 0.09
N HIS A 59 -5.21 12.03 1.12
CA HIS A 59 -6.21 13.07 0.94
C HIS A 59 -5.53 14.41 0.70
N GLU A 60 -6.13 15.20 -0.16
CA GLU A 60 -5.57 16.49 -0.59
C GLU A 60 -5.39 17.45 0.58
N SER A 61 -6.12 17.22 1.67
CA SER A 61 -5.98 18.02 2.87
C SER A 61 -4.63 17.75 3.55
N PHE A 62 -4.00 16.64 3.17
CA PHE A 62 -2.69 16.29 3.68
C PHE A 62 -1.61 16.99 2.86
N PRO A 63 -0.56 17.50 3.52
CA PRO A 63 0.58 18.12 2.81
C PRO A 63 1.23 17.14 1.84
N ARG A 64 1.19 17.48 0.55
CA ARG A 64 1.71 16.60 -0.50
C ARG A 64 1.02 15.25 -0.46
N PRO A 65 -0.20 15.14 -1.01
CA PRO A 65 -0.99 13.89 -0.99
C PRO A 65 -0.27 12.70 -1.63
N LYS A 66 0.72 12.98 -2.47
CA LYS A 66 1.42 11.93 -3.16
C LYS A 66 2.73 11.60 -2.47
N ARG A 67 2.76 10.44 -1.84
CA ARG A 67 3.97 9.98 -1.18
C ARG A 67 4.56 8.78 -1.91
N VAL A 68 5.65 8.99 -2.65
CA VAL A 68 6.39 7.86 -3.19
C VAL A 68 7.47 7.44 -2.20
N CYS A 69 7.60 6.16 -2.00
CA CYS A 69 8.65 5.61 -1.18
C CYS A 69 9.60 4.82 -2.06
N LYS A 70 10.84 5.27 -2.14
CA LYS A 70 11.85 4.66 -2.98
C LYS A 70 12.78 3.78 -2.13
N ASP A 71 12.93 4.18 -0.88
CA ASP A 71 13.84 3.56 0.08
C ASP A 71 13.30 2.22 0.59
N PRO A 72 14.02 1.56 1.54
CA PRO A 72 13.50 0.43 2.34
C PRO A 72 12.07 0.65 2.90
N PRO A 73 11.57 -0.20 3.85
CA PRO A 73 10.15 -0.47 4.02
C PRO A 73 9.23 0.68 3.62
N TYR A 74 8.45 0.42 2.59
CA TYR A 74 7.54 1.39 1.98
C TYR A 74 6.49 1.84 2.98
N LYS A 75 6.70 2.97 3.64
CA LYS A 75 5.74 3.45 4.65
C LYS A 75 5.58 4.95 4.65
N VAL A 76 4.37 5.37 5.00
CA VAL A 76 4.03 6.78 5.14
C VAL A 76 3.49 7.04 6.54
N GLU A 77 3.98 8.09 7.19
CA GLU A 77 3.58 8.42 8.55
C GLU A 77 2.89 9.77 8.60
N GLU A 78 1.57 9.75 8.71
CA GLU A 78 0.79 10.99 8.65
C GLU A 78 -0.28 11.00 9.73
N SER A 79 -0.90 12.16 9.92
CA SER A 79 -1.90 12.34 10.94
C SER A 79 -3.22 12.82 10.33
N GLY A 80 -4.35 12.38 10.89
CA GLY A 80 -5.65 12.78 10.39
C GLY A 80 -6.73 12.62 11.44
N TYR A 81 -7.99 12.83 11.07
CA TYR A 81 -9.10 12.67 12.01
C TYR A 81 -10.21 11.80 11.44
N ALA A 82 -10.03 11.29 10.23
CA ALA A 82 -11.04 10.46 9.60
C ALA A 82 -10.44 9.60 8.48
N GLY A 83 -10.74 8.30 8.52
CA GLY A 83 -10.20 7.38 7.55
C GLY A 83 -10.80 7.55 6.16
N PHE A 84 -10.25 6.80 5.19
CA PHE A 84 -10.66 6.89 3.80
C PHE A 84 -9.98 5.81 2.98
N ILE A 85 -10.57 5.46 1.84
CA ILE A 85 -9.93 4.54 0.89
C ILE A 85 -8.64 5.16 0.36
N LEU A 86 -7.54 4.43 0.52
CA LEU A 86 -6.25 4.88 0.05
C LEU A 86 -5.82 4.06 -1.15
N PRO A 87 -5.88 4.64 -2.36
CA PRO A 87 -5.34 4.01 -3.56
C PRO A 87 -3.81 4.01 -3.57
N ILE A 88 -3.23 2.82 -3.47
CA ILE A 88 -1.78 2.66 -3.43
C ILE A 88 -1.27 2.07 -4.73
N GLU A 89 -0.31 2.75 -5.35
CA GLU A 89 0.29 2.24 -6.56
C GLU A 89 1.71 1.76 -6.29
N VAL A 90 1.94 0.51 -6.58
CA VAL A 90 3.24 -0.10 -6.39
C VAL A 90 3.96 -0.17 -7.73
N TYR A 91 5.07 0.53 -7.84
CA TYR A 91 5.84 0.58 -9.09
C TYR A 91 6.84 -0.55 -9.14
N PHE A 92 6.98 -1.15 -10.31
CA PHE A 92 7.93 -2.21 -10.51
C PHE A 92 9.03 -1.76 -11.47
N LYS A 93 10.25 -2.24 -11.26
CA LYS A 93 11.38 -1.86 -12.09
C LYS A 93 11.50 -2.82 -13.27
N ASN A 94 10.91 -2.45 -14.40
CA ASN A 94 10.80 -3.40 -15.50
C ASN A 94 10.65 -2.72 -16.86
N LYS A 95 11.02 -3.44 -17.90
CA LYS A 95 10.80 -3.01 -19.28
C LYS A 95 9.69 -3.86 -19.91
N GLU A 96 9.30 -4.88 -19.17
CA GLU A 96 8.34 -5.87 -19.64
C GLU A 96 6.96 -5.55 -19.06
N GLU A 97 6.13 -6.59 -18.88
CA GLU A 97 4.80 -6.51 -18.23
C GLU A 97 4.67 -5.35 -17.22
N PRO A 98 3.41 -4.87 -17.00
CA PRO A 98 3.07 -3.64 -16.28
C PRO A 98 4.05 -3.25 -15.16
N ARG A 99 4.54 -2.02 -15.25
CA ARG A 99 5.52 -1.51 -14.29
C ARG A 99 4.82 -0.85 -13.12
N LYS A 100 3.52 -1.08 -12.96
CA LYS A 100 2.76 -0.43 -11.92
C LYS A 100 1.45 -1.16 -11.65
N VAL A 101 1.08 -1.20 -10.40
CA VAL A 101 -0.19 -1.80 -9.98
C VAL A 101 -0.91 -0.80 -9.08
N ARG A 102 -2.21 -0.93 -8.98
CA ARG A 102 -2.97 -0.03 -8.14
C ARG A 102 -3.88 -0.80 -7.21
N PHE A 103 -3.52 -0.82 -5.93
CA PHE A 103 -4.29 -1.54 -4.93
C PHE A 103 -5.19 -0.59 -4.16
N ASP A 104 -6.41 -1.02 -3.92
CA ASP A 104 -7.32 -0.29 -3.08
C ASP A 104 -7.25 -0.83 -1.65
N TYR A 105 -6.94 0.04 -0.71
CA TYR A 105 -6.80 -0.36 0.68
C TYR A 105 -7.54 0.61 1.59
N ASP A 106 -8.36 0.06 2.48
CA ASP A 106 -9.19 0.86 3.36
C ASP A 106 -8.43 1.31 4.59
N LEU A 107 -8.09 2.60 4.63
CA LEU A 107 -7.43 3.17 5.79
C LEU A 107 -8.48 3.58 6.82
N PHE A 108 -8.63 2.79 7.87
CA PHE A 108 -9.60 3.10 8.91
C PHE A 108 -8.90 3.31 10.25
N LEU A 109 -9.56 4.04 11.13
CA LEU A 109 -9.01 4.41 12.43
C LEU A 109 -10.00 4.02 13.52
N HIS A 110 -9.54 3.94 14.77
CA HIS A 110 -10.43 3.65 15.89
C HIS A 110 -10.90 4.94 16.54
N LEU A 111 -11.94 4.87 17.35
CA LEU A 111 -12.45 6.02 18.11
C LEU A 111 -11.33 6.71 18.91
N GLU A 112 -11.46 8.03 19.04
CA GLU A 112 -10.52 8.83 19.82
C GLU A 112 -10.55 8.38 21.29
N GLY A 113 -9.56 7.59 21.66
CA GLY A 113 -9.50 7.03 22.99
C GLY A 113 -9.78 5.53 22.99
N HIS A 114 -9.44 4.89 21.88
CA HIS A 114 -9.66 3.46 21.73
C HIS A 114 -8.37 2.75 21.31
N PRO A 115 -8.26 1.41 21.53
CA PRO A 115 -7.19 0.54 20.99
C PRO A 115 -6.63 0.95 19.59
N PRO A 116 -5.57 0.25 19.10
CA PRO A 116 -4.85 0.59 17.89
C PRO A 116 -5.34 -0.19 16.69
N VAL A 117 -4.98 0.24 15.49
CA VAL A 117 -5.44 -0.41 14.28
C VAL A 117 -4.27 -1.05 13.54
N ASN A 118 -4.15 -2.36 13.67
CA ASN A 118 -3.07 -3.09 13.01
C ASN A 118 -3.68 -4.10 12.04
N HIS A 119 -3.66 -3.75 10.76
CA HIS A 119 -4.28 -4.59 9.74
C HIS A 119 -3.31 -4.87 8.61
N LEU A 120 -3.14 -6.14 8.29
CA LEU A 120 -2.32 -6.57 7.16
C LEU A 120 -3.24 -7.06 6.04
N ARG A 121 -2.79 -6.92 4.80
CA ARG A 121 -3.60 -7.23 3.64
C ARG A 121 -2.68 -7.72 2.53
N CYS A 122 -3.10 -8.73 1.80
CA CYS A 122 -2.22 -9.32 0.80
C CYS A 122 -2.93 -9.48 -0.55
N GLU A 123 -2.26 -9.01 -1.59
CA GLU A 123 -2.77 -9.06 -2.95
C GLU A 123 -1.81 -9.83 -3.84
N LYS A 124 -2.35 -10.62 -4.75
CA LYS A 124 -1.52 -11.46 -5.59
C LYS A 124 -1.41 -10.91 -7.01
N LEU A 125 -0.18 -10.86 -7.50
CA LEU A 125 0.11 -10.44 -8.86
C LEU A 125 0.32 -11.66 -9.73
N THR A 126 -0.52 -11.87 -10.70
CA THR A 126 -0.39 -13.03 -11.57
C THR A 126 -0.01 -12.60 -12.98
N PHE A 127 1.19 -13.00 -13.40
CA PHE A 127 1.71 -12.60 -14.68
C PHE A 127 1.86 -13.80 -15.60
N ASN A 128 1.00 -13.86 -16.62
CA ASN A 128 1.01 -14.96 -17.56
C ASN A 128 2.10 -14.80 -18.61
N ASN A 129 3.02 -15.76 -18.66
CA ASN A 129 4.13 -15.75 -19.62
C ASN A 129 5.01 -14.51 -19.49
N PRO A 130 5.67 -14.33 -18.34
CA PRO A 130 6.65 -13.27 -18.14
C PRO A 130 8.04 -13.68 -18.63
N THR A 131 8.92 -12.71 -18.78
CA THR A 131 10.29 -13.01 -19.14
C THR A 131 11.00 -13.74 -18.01
N GLU A 132 11.89 -14.66 -18.35
CA GLU A 132 12.60 -15.44 -17.33
C GLU A 132 13.29 -14.54 -16.30
N ASP A 133 13.94 -13.48 -16.77
CA ASP A 133 14.62 -12.55 -15.86
C ASP A 133 13.63 -11.93 -14.88
N PHE A 134 12.38 -11.77 -15.32
CA PHE A 134 11.36 -11.21 -14.44
C PHE A 134 10.93 -12.27 -13.45
N ARG A 135 10.81 -13.50 -13.93
CA ARG A 135 10.53 -14.64 -13.06
C ARG A 135 11.58 -14.72 -11.96
N ARG A 136 12.83 -14.57 -12.37
CA ARG A 136 13.98 -14.56 -11.47
C ARG A 136 13.79 -13.57 -10.33
N LYS A 137 13.29 -12.38 -10.65
CA LYS A 137 13.06 -11.35 -9.66
C LYS A 137 11.85 -11.70 -8.78
N LEU A 138 10.82 -12.25 -9.40
CA LEU A 138 9.60 -12.61 -8.70
C LEU A 138 9.85 -13.80 -7.76
N LEU A 139 10.80 -14.66 -8.13
CA LEU A 139 11.12 -15.84 -7.33
C LEU A 139 12.03 -15.46 -6.16
N LYS A 140 13.00 -14.60 -6.43
CA LYS A 140 14.01 -14.26 -5.43
C LYS A 140 13.40 -13.47 -4.27
N ALA A 141 12.36 -12.70 -4.57
CA ALA A 141 11.66 -11.95 -3.54
C ALA A 141 10.92 -12.90 -2.59
N GLY B 1 -15.73 -3.12 16.51
CA GLY B 1 -14.53 -2.81 17.33
C GLY B 1 -14.51 -1.35 17.76
N GLY B 2 -14.83 -0.46 16.85
CA GLY B 2 -14.84 0.95 17.16
C GLY B 2 -14.26 1.77 16.04
N LYS B 3 -14.96 1.80 14.91
CA LYS B 3 -14.50 2.53 13.73
C LYS B 3 -14.73 4.01 13.91
N ALA B 4 -13.71 4.79 13.64
CA ALA B 4 -13.73 6.23 13.83
C ALA B 4 -14.38 6.95 12.65
N PRO B 5 -14.63 8.26 12.79
CA PRO B 5 -15.02 9.16 11.68
C PRO B 5 -14.38 8.81 10.33
N ARG B 6 -15.07 9.17 9.26
CA ARG B 6 -14.60 8.87 7.91
C ARG B 6 -15.10 9.92 6.92
OH ALY B 7 -8.10 13.66 8.44
CH ALY B 7 -8.34 14.59 7.67
CH3 ALY B 7 -7.37 15.77 7.61
NZ ALY B 7 -9.43 14.59 6.90
CE ALY B 7 -10.40 13.52 6.89
CD ALY B 7 -11.49 13.69 5.84
CG ALY B 7 -12.26 12.39 5.65
CB ALY B 7 -13.68 12.64 5.19
CA ALY B 7 -14.53 11.37 5.06
N ALY B 7 -14.19 10.40 6.10
C ALY B 7 -14.33 10.74 3.68
O ALY B 7 -13.24 10.78 3.11
HH31 ALY B 7 -6.36 15.41 7.71
HH32 ALY B 7 -7.48 16.28 6.66
HH33 ALY B 7 -7.59 16.46 8.40
HZ ALY B 7 -9.58 15.36 6.30
HE3 ALY B 7 -9.90 12.57 6.72
HE2 ALY B 7 -10.87 13.48 7.86
HD3 ALY B 7 -12.17 14.46 6.15
HD2 ALY B 7 -11.02 13.96 4.91
HG3 ALY B 7 -11.76 11.79 4.90
HG2 ALY B 7 -12.28 11.86 6.57
HB3 ALY B 7 -14.15 13.30 5.91
HB2 ALY B 7 -13.65 13.14 4.23
HA ALY B 7 -15.57 11.63 5.18
H ALY B 7 -13.25 10.10 6.18
N GLN B 8 -15.41 10.16 3.15
CA GLN B 8 -15.38 9.47 1.88
C GLN B 8 -15.40 10.47 0.72
N LEU B 9 -14.32 11.21 0.59
CA LEU B 9 -14.20 12.24 -0.42
C LEU B 9 -13.08 11.88 -1.40
N ALA B 10 -13.35 12.04 -2.68
CA ALA B 10 -12.33 11.81 -3.70
C ALA B 10 -12.65 12.63 -4.94
N THR B 11 -13.72 12.26 -5.62
CA THR B 11 -14.15 12.97 -6.82
C THR B 11 -15.60 12.63 -7.14
N LYS B 12 -16.26 13.52 -7.89
CA LYS B 12 -17.67 13.36 -8.28
C LYS B 12 -18.59 13.56 -7.07
N ALA B 13 -18.47 12.68 -6.08
CA ALA B 13 -19.27 12.77 -4.88
C ALA B 13 -18.37 12.75 -3.65
N GLY A 1 10.11 -11.30 -28.31
CA GLY A 1 10.71 -12.18 -27.29
C GLY A 1 9.72 -13.20 -26.76
N SER A 2 10.20 -14.42 -26.57
CA SER A 2 9.37 -15.52 -26.07
C SER A 2 8.15 -15.73 -26.94
N HIS A 3 8.38 -16.05 -28.21
CA HIS A 3 7.31 -16.27 -29.16
C HIS A 3 6.70 -17.65 -28.95
N MET A 4 7.51 -18.57 -28.43
CA MET A 4 7.04 -19.90 -28.08
C MET A 4 6.12 -19.80 -26.86
N ALA A 5 6.64 -19.16 -25.82
CA ALA A 5 5.90 -18.89 -24.59
C ALA A 5 5.25 -20.16 -24.04
N SER A 6 6.08 -21.05 -23.53
CA SER A 6 5.59 -22.24 -22.84
C SER A 6 4.86 -21.80 -21.58
N SER A 7 3.66 -22.34 -21.37
CA SER A 7 2.76 -21.90 -20.32
C SER A 7 3.48 -21.84 -18.97
N CYS A 8 3.71 -20.63 -18.49
CA CYS A 8 4.41 -20.40 -17.25
C CYS A 8 3.99 -19.06 -16.68
N ALA A 9 3.11 -19.08 -15.68
CA ALA A 9 2.68 -17.86 -15.06
C ALA A 9 3.26 -17.74 -13.67
N VAL A 10 3.85 -16.59 -13.38
CA VAL A 10 4.45 -16.37 -12.08
C VAL A 10 3.53 -15.51 -11.24
N GLN A 11 3.39 -15.88 -9.99
CA GLN A 11 2.53 -15.16 -9.08
C GLN A 11 3.34 -14.57 -7.95
N VAL A 12 3.29 -13.26 -7.82
CA VAL A 12 3.95 -12.58 -6.73
C VAL A 12 2.93 -12.10 -5.73
N LYS A 13 3.37 -11.68 -4.56
CA LYS A 13 2.46 -11.24 -3.52
C LYS A 13 2.95 -9.93 -2.93
N LEU A 14 2.03 -9.02 -2.66
CA LEU A 14 2.37 -7.78 -1.99
C LEU A 14 1.49 -7.58 -0.78
N GLU A 15 1.99 -6.88 0.20
CA GLU A 15 1.31 -6.71 1.47
C GLU A 15 0.90 -5.26 1.68
N LEU A 16 -0.41 -5.03 1.85
CA LEU A 16 -0.92 -3.71 2.16
C LEU A 16 -1.41 -3.69 3.60
N GLY A 17 -0.77 -2.90 4.44
CA GLY A 17 -1.18 -2.85 5.83
C GLY A 17 -1.02 -1.47 6.40
N HIS A 18 -1.56 -1.27 7.60
CA HIS A 18 -1.42 0.03 8.26
C HIS A 18 -1.73 -0.08 9.73
N ARG A 19 -1.18 0.85 10.48
CA ARG A 19 -1.44 0.97 11.90
C ARG A 19 -2.06 2.31 12.16
N ALA A 20 -2.83 2.40 13.22
CA ALA A 20 -3.38 3.69 13.59
C ALA A 20 -3.59 3.79 15.10
N GLN A 21 -3.05 4.86 15.67
CA GLN A 21 -3.23 5.17 17.08
C GLN A 21 -3.69 6.62 17.19
N VAL A 22 -4.22 6.99 18.34
CA VAL A 22 -4.54 8.38 18.58
C VAL A 22 -3.48 8.97 19.48
N ARG A 23 -3.42 10.28 19.54
CA ARG A 23 -2.51 10.95 20.44
C ARG A 23 -3.35 11.65 21.49
N LYS A 24 -2.95 11.53 22.76
CA LYS A 24 -3.67 12.20 23.85
C LYS A 24 -3.53 13.71 23.74
N LYS A 25 -2.61 14.13 22.88
CA LYS A 25 -2.47 15.52 22.49
C LYS A 25 -2.30 15.59 20.99
N PRO A 26 -3.36 15.98 20.26
CA PRO A 26 -3.32 16.18 18.81
C PRO A 26 -2.11 17.01 18.37
N THR A 27 -1.69 16.83 17.13
CA THR A 27 -0.45 17.43 16.66
C THR A 27 -0.62 18.92 16.38
N VAL A 28 0.40 19.53 15.79
CA VAL A 28 0.42 20.97 15.56
C VAL A 28 -0.72 21.41 14.64
N GLU A 29 -1.12 20.52 13.73
CA GLU A 29 -2.22 20.79 12.83
C GLU A 29 -3.55 20.51 13.50
N GLY A 30 -3.48 19.93 14.70
CA GLY A 30 -4.67 19.60 15.46
C GLY A 30 -5.30 18.33 14.99
N PHE A 31 -4.48 17.41 14.54
CA PHE A 31 -4.94 16.10 14.11
C PHE A 31 -4.72 15.10 15.23
N THR A 32 -5.71 14.24 15.43
CA THR A 32 -5.73 13.38 16.60
C THR A 32 -4.97 12.08 16.40
N HIS A 33 -4.91 11.59 15.17
CA HIS A 33 -4.38 10.26 14.92
C HIS A 33 -3.07 10.28 14.15
N ASP A 34 -2.20 9.34 14.45
CA ASP A 34 -0.98 9.12 13.69
C ASP A 34 -1.05 7.73 13.08
N TRP A 35 -1.03 7.65 11.77
CA TRP A 35 -1.11 6.35 11.11
C TRP A 35 0.09 6.11 10.22
N MET A 36 0.48 4.85 10.11
CA MET A 36 1.55 4.46 9.23
C MET A 36 1.07 3.37 8.29
N VAL A 37 1.17 3.65 7.01
CA VAL A 37 0.77 2.71 5.97
C VAL A 37 2.02 2.08 5.39
N PHE A 38 1.91 0.87 4.87
CA PHE A 38 3.07 0.21 4.29
C PHE A 38 2.69 -0.81 3.23
N VAL A 39 3.64 -1.05 2.33
CA VAL A 39 3.55 -2.15 1.39
C VAL A 39 4.82 -2.99 1.47
N ARG A 40 4.66 -4.28 1.63
CA ARG A 40 5.80 -5.17 1.80
C ARG A 40 5.67 -6.40 0.92
N GLY A 41 6.65 -7.29 1.03
CA GLY A 41 6.56 -8.56 0.37
C GLY A 41 5.95 -9.61 1.28
N PRO A 42 5.56 -10.76 0.73
CA PRO A 42 4.95 -11.85 1.50
C PRO A 42 5.88 -12.41 2.57
N GLU A 43 5.53 -12.17 3.82
CA GLU A 43 6.23 -12.76 4.96
C GLU A 43 7.73 -12.41 4.96
N HIS A 44 8.02 -11.11 5.19
CA HIS A 44 9.41 -10.63 5.37
C HIS A 44 10.18 -10.57 4.05
N SER A 45 9.62 -11.15 3.00
CA SER A 45 10.30 -11.19 1.70
C SER A 45 10.49 -9.77 1.15
N ASN A 46 11.74 -9.42 0.87
CA ASN A 46 12.06 -8.10 0.33
C ASN A 46 11.54 -7.99 -1.11
N ILE A 47 10.73 -6.97 -1.37
CA ILE A 47 10.17 -6.77 -2.69
C ILE A 47 10.98 -5.80 -3.54
N GLN A 48 12.03 -5.25 -2.95
CA GLN A 48 12.86 -4.22 -3.62
C GLN A 48 13.40 -4.74 -4.96
N HIS A 49 13.35 -6.06 -5.13
CA HIS A 49 13.88 -6.71 -6.33
C HIS A 49 12.98 -6.47 -7.54
N PHE A 50 11.66 -6.59 -7.37
CA PHE A 50 10.76 -6.34 -8.49
C PHE A 50 10.04 -5.00 -8.31
N VAL A 51 10.00 -4.53 -7.07
CA VAL A 51 9.36 -3.27 -6.74
C VAL A 51 10.38 -2.12 -6.80
N GLU A 52 10.00 -1.05 -7.49
CA GLU A 52 10.90 0.05 -7.75
C GLU A 52 10.59 1.22 -6.83
N LYS A 53 9.39 1.74 -6.99
CA LYS A 53 8.86 2.79 -6.15
C LYS A 53 7.46 2.40 -5.71
N VAL A 54 6.96 3.01 -4.67
CA VAL A 54 5.58 2.88 -4.32
C VAL A 54 5.01 4.24 -3.98
N VAL A 55 3.72 4.41 -4.16
CA VAL A 55 3.09 5.72 -3.97
C VAL A 55 1.75 5.60 -3.26
N PHE A 56 1.58 6.43 -2.27
CA PHE A 56 0.36 6.46 -1.48
C PHE A 56 -0.34 7.76 -1.73
N HIS A 57 -1.40 7.70 -2.48
CA HIS A 57 -2.21 8.88 -2.76
C HIS A 57 -3.10 9.17 -1.57
N LEU A 58 -2.64 10.04 -0.68
CA LEU A 58 -3.39 10.37 0.52
C LEU A 58 -4.58 11.26 0.16
N HIS A 59 -5.36 11.63 1.16
CA HIS A 59 -6.57 12.40 0.93
C HIS A 59 -6.20 13.87 0.77
N GLU A 60 -6.95 14.55 -0.06
CA GLU A 60 -6.68 15.96 -0.40
C GLU A 60 -6.63 16.86 0.82
N SER A 61 -7.26 16.43 1.90
CA SER A 61 -7.20 17.13 3.18
C SER A 61 -5.78 17.14 3.73
N PHE A 62 -4.97 16.18 3.28
CA PHE A 62 -3.58 16.08 3.69
C PHE A 62 -2.70 16.88 2.72
N PRO A 63 -1.84 17.76 3.23
CA PRO A 63 -0.87 18.48 2.40
C PRO A 63 0.16 17.52 1.82
N ARG A 64 0.50 17.72 0.55
CA ARG A 64 1.39 16.81 -0.16
C ARG A 64 0.82 15.39 -0.16
N PRO A 65 -0.31 15.17 -0.86
CA PRO A 65 -1.02 13.88 -0.82
C PRO A 65 -0.23 12.72 -1.43
N LYS A 66 0.72 13.03 -2.30
CA LYS A 66 1.43 12.01 -3.03
C LYS A 66 2.71 11.64 -2.30
N ARG A 67 2.72 10.44 -1.76
CA ARG A 67 3.90 9.93 -1.08
C ARG A 67 4.52 8.77 -1.83
N VAL A 68 5.57 9.02 -2.57
CA VAL A 68 6.33 7.93 -3.17
C VAL A 68 7.46 7.54 -2.22
N CYS A 69 7.66 6.24 -2.08
CA CYS A 69 8.78 5.73 -1.33
C CYS A 69 9.65 4.92 -2.27
N LYS A 70 10.82 5.43 -2.56
CA LYS A 70 11.75 4.78 -3.48
C LYS A 70 12.68 3.86 -2.69
N ASP A 71 12.88 4.26 -1.44
CA ASP A 71 13.87 3.65 -0.56
C ASP A 71 13.30 2.39 0.13
N PRO A 72 14.11 1.71 0.99
CA PRO A 72 13.67 0.71 1.99
C PRO A 72 12.23 0.89 2.55
N PRO A 73 11.79 0.01 3.49
CA PRO A 73 10.37 -0.32 3.72
C PRO A 73 9.38 0.80 3.38
N TYR A 74 8.57 0.51 2.39
CA TYR A 74 7.56 1.42 1.87
C TYR A 74 6.53 1.74 2.94
N LYS A 75 6.68 2.89 3.61
CA LYS A 75 5.72 3.31 4.62
C LYS A 75 5.54 4.82 4.65
N VAL A 76 4.36 5.23 5.05
CA VAL A 76 4.03 6.64 5.20
C VAL A 76 3.45 6.89 6.58
N GLU A 77 3.95 7.90 7.27
CA GLU A 77 3.49 8.24 8.60
C GLU A 77 2.90 9.64 8.61
N GLU A 78 1.59 9.71 8.73
CA GLU A 78 0.90 10.99 8.68
C GLU A 78 -0.14 11.09 9.80
N SER A 79 -0.76 12.25 9.94
CA SER A 79 -1.70 12.50 11.01
C SER A 79 -3.05 12.93 10.42
N GLY A 80 -4.13 12.57 11.10
CA GLY A 80 -5.46 12.92 10.64
C GLY A 80 -6.52 12.71 11.71
N TYR A 81 -7.79 12.77 11.32
CA TYR A 81 -8.88 12.60 12.27
C TYR A 81 -10.01 11.74 11.68
N ALA A 82 -9.97 11.46 10.39
CA ALA A 82 -11.03 10.69 9.74
C ALA A 82 -10.49 9.88 8.57
N GLY A 83 -10.69 8.58 8.64
CA GLY A 83 -10.20 7.65 7.63
C GLY A 83 -10.80 7.84 6.25
N PHE A 84 -10.28 7.07 5.29
CA PHE A 84 -10.65 7.21 3.88
C PHE A 84 -9.99 6.10 3.06
N ILE A 85 -10.59 5.78 1.91
CA ILE A 85 -9.97 4.87 0.95
C ILE A 85 -8.68 5.48 0.40
N LEU A 86 -7.60 4.71 0.46
CA LEU A 86 -6.32 5.17 -0.01
C LEU A 86 -5.81 4.26 -1.14
N PRO A 87 -5.86 4.76 -2.38
CA PRO A 87 -5.30 4.08 -3.55
C PRO A 87 -3.77 4.01 -3.50
N ILE A 88 -3.25 2.80 -3.37
CA ILE A 88 -1.81 2.58 -3.34
C ILE A 88 -1.33 2.02 -4.67
N GLU A 89 -0.38 2.69 -5.29
CA GLU A 89 0.21 2.18 -6.52
C GLU A 89 1.63 1.70 -6.26
N VAL A 90 1.87 0.48 -6.67
CA VAL A 90 3.17 -0.15 -6.49
C VAL A 90 3.90 -0.24 -7.84
N TYR A 91 5.06 0.39 -7.92
CA TYR A 91 5.83 0.44 -9.16
C TYR A 91 6.81 -0.73 -9.25
N PHE A 92 7.04 -1.23 -10.46
CA PHE A 92 7.98 -2.32 -10.70
C PHE A 92 9.00 -1.91 -11.78
N LYS A 93 10.15 -2.61 -11.85
CA LYS A 93 11.15 -2.30 -12.89
C LYS A 93 11.06 -3.32 -14.03
N ASN A 94 10.32 -3.00 -15.09
CA ASN A 94 10.36 -3.83 -16.30
C ASN A 94 9.87 -3.04 -17.52
N LYS A 95 9.95 -3.65 -18.70
CA LYS A 95 9.46 -3.01 -19.93
C LYS A 95 8.26 -3.76 -20.52
N GLU A 96 7.76 -4.74 -19.79
CA GLU A 96 6.67 -5.58 -20.27
C GLU A 96 5.36 -5.08 -19.68
N GLU A 97 4.37 -6.00 -19.55
CA GLU A 97 3.08 -5.71 -18.91
C GLU A 97 3.17 -4.65 -17.79
N PRO A 98 2.08 -3.90 -17.58
CA PRO A 98 2.04 -2.69 -16.73
C PRO A 98 2.90 -2.80 -15.47
N ARG A 99 3.85 -1.89 -15.36
CA ARG A 99 4.82 -1.92 -14.27
C ARG A 99 4.31 -1.14 -13.07
N LYS A 100 3.00 -0.92 -13.02
CA LYS A 100 2.39 -0.29 -11.87
C LYS A 100 1.03 -0.91 -11.59
N VAL A 101 0.77 -1.12 -10.31
CA VAL A 101 -0.46 -1.74 -9.89
C VAL A 101 -1.16 -0.81 -8.91
N ARG A 102 -2.46 -0.94 -8.80
CA ARG A 102 -3.21 -0.12 -7.88
C ARG A 102 -4.05 -0.98 -6.95
N PHE A 103 -3.75 -0.89 -5.67
CA PHE A 103 -4.50 -1.61 -4.65
C PHE A 103 -5.35 -0.64 -3.85
N ASP A 104 -6.66 -0.84 -3.89
CA ASP A 104 -7.58 -0.02 -3.11
C ASP A 104 -7.62 -0.51 -1.68
N TYR A 105 -6.99 0.26 -0.79
CA TYR A 105 -6.89 -0.14 0.60
C TYR A 105 -7.58 0.89 1.49
N ASP A 106 -8.38 0.39 2.43
CA ASP A 106 -9.18 1.25 3.29
C ASP A 106 -8.38 1.69 4.52
N LEU A 107 -8.06 2.97 4.59
CA LEU A 107 -7.40 3.51 5.75
C LEU A 107 -8.42 3.96 6.78
N PHE A 108 -8.63 3.15 7.81
CA PHE A 108 -9.60 3.51 8.83
C PHE A 108 -8.89 3.77 10.16
N LEU A 109 -9.53 4.56 10.99
CA LEU A 109 -9.01 4.92 12.31
C LEU A 109 -10.11 4.64 13.33
N HIS A 110 -9.76 4.40 14.58
CA HIS A 110 -10.77 4.24 15.62
C HIS A 110 -10.91 5.52 16.42
N LEU A 111 -12.01 5.67 17.15
CA LEU A 111 -12.32 6.90 17.88
C LEU A 111 -11.19 7.38 18.79
N GLU A 112 -11.02 8.70 18.82
CA GLU A 112 -10.03 9.37 19.67
C GLU A 112 -10.18 8.92 21.12
N GLY A 113 -9.11 8.37 21.66
CA GLY A 113 -9.13 7.87 23.02
C GLY A 113 -8.74 6.41 23.10
N HIS A 114 -9.36 5.57 22.28
CA HIS A 114 -9.03 4.14 22.29
C HIS A 114 -9.10 3.53 20.89
N PRO A 115 -8.11 3.82 20.03
CA PRO A 115 -8.01 3.20 18.73
C PRO A 115 -6.86 2.19 18.62
N PRO A 116 -7.20 0.89 18.57
CA PRO A 116 -6.26 -0.16 18.22
C PRO A 116 -6.40 -0.56 16.76
N VAL A 117 -5.55 -0.05 15.88
CA VAL A 117 -5.67 -0.38 14.46
C VAL A 117 -4.38 -0.99 13.92
N ASN A 118 -4.44 -2.27 13.59
CA ASN A 118 -3.33 -2.96 12.96
C ASN A 118 -3.89 -3.98 11.97
N HIS A 119 -3.98 -3.61 10.70
CA HIS A 119 -4.62 -4.46 9.70
C HIS A 119 -3.65 -4.79 8.57
N LEU A 120 -3.61 -6.06 8.18
CA LEU A 120 -2.74 -6.52 7.11
C LEU A 120 -3.55 -7.09 5.94
N ARG A 121 -2.97 -7.03 4.75
CA ARG A 121 -3.56 -7.63 3.55
C ARG A 121 -2.44 -8.18 2.67
N CYS A 122 -2.74 -9.21 1.90
CA CYS A 122 -1.77 -9.75 0.96
C CYS A 122 -2.45 -10.04 -0.38
N GLU A 123 -1.95 -9.43 -1.45
CA GLU A 123 -2.56 -9.57 -2.76
C GLU A 123 -1.60 -10.17 -3.76
N LYS A 124 -2.11 -11.03 -4.64
CA LYS A 124 -1.29 -11.70 -5.63
C LYS A 124 -1.23 -10.93 -6.94
N LEU A 125 -0.03 -10.89 -7.50
CA LEU A 125 0.18 -10.39 -8.86
C LEU A 125 0.43 -11.58 -9.76
N THR A 126 -0.40 -11.78 -10.76
CA THR A 126 -0.20 -12.91 -11.65
C THR A 126 0.19 -12.44 -13.04
N PHE A 127 1.33 -12.93 -13.49
CA PHE A 127 1.87 -12.55 -14.79
C PHE A 127 2.00 -13.79 -15.68
N ASN A 128 1.15 -13.87 -16.69
CA ASN A 128 1.16 -15.01 -17.60
C ASN A 128 2.25 -14.85 -18.65
N ASN A 129 3.07 -15.88 -18.79
CA ASN A 129 4.19 -15.90 -19.74
C ASN A 129 5.07 -14.64 -19.64
N PRO A 130 5.68 -14.40 -18.47
CA PRO A 130 6.60 -13.27 -18.29
C PRO A 130 7.99 -13.60 -18.76
N THR A 131 8.87 -12.61 -18.75
CA THR A 131 10.27 -12.85 -19.07
C THR A 131 10.87 -13.68 -17.94
N GLU A 132 11.66 -14.68 -18.29
CA GLU A 132 12.31 -15.51 -17.27
C GLU A 132 13.14 -14.68 -16.30
N ASP A 133 13.74 -13.60 -16.80
CA ASP A 133 14.51 -12.70 -15.96
C ASP A 133 13.59 -12.06 -14.93
N PHE A 134 12.34 -11.85 -15.32
CA PHE A 134 11.37 -11.24 -14.43
C PHE A 134 10.92 -12.26 -13.40
N ARG A 135 10.71 -13.51 -13.87
CA ARG A 135 10.40 -14.60 -12.95
C ARG A 135 11.50 -14.70 -11.90
N ARG A 136 12.73 -14.56 -12.36
CA ARG A 136 13.90 -14.60 -11.50
C ARG A 136 13.81 -13.53 -10.41
N LYS A 137 13.27 -12.37 -10.75
CA LYS A 137 13.07 -11.31 -9.76
C LYS A 137 11.93 -11.69 -8.82
N LEU A 138 10.88 -12.28 -9.37
CA LEU A 138 9.70 -12.63 -8.60
C LEU A 138 9.99 -13.81 -7.67
N LEU A 139 10.98 -14.63 -8.03
CA LEU A 139 11.34 -15.80 -7.23
C LEU A 139 12.40 -15.43 -6.21
N LYS A 140 13.16 -14.37 -6.48
CA LYS A 140 14.21 -13.91 -5.58
C LYS A 140 13.62 -13.09 -4.43
N ALA A 141 12.46 -12.52 -4.68
CA ALA A 141 11.75 -11.76 -3.64
C ALA A 141 10.98 -12.71 -2.73
N GLY B 1 -19.61 4.96 18.61
CA GLY B 1 -19.01 4.33 17.40
C GLY B 1 -17.58 3.92 17.65
N GLY B 2 -17.11 2.92 16.90
CA GLY B 2 -15.76 2.43 17.07
C GLY B 2 -14.81 3.05 16.07
N LYS B 3 -15.21 3.06 14.81
CA LYS B 3 -14.40 3.64 13.76
C LYS B 3 -14.65 5.13 13.66
N ALA B 4 -13.58 5.88 13.39
CA ALA B 4 -13.65 7.33 13.26
C ALA B 4 -14.48 7.72 12.05
N PRO B 5 -14.93 8.99 11.98
CA PRO B 5 -15.64 9.51 10.80
C PRO B 5 -14.86 9.29 9.50
N ARG B 6 -15.51 9.57 8.38
CA ARG B 6 -14.86 9.44 7.08
C ARG B 6 -15.15 10.68 6.25
OH ALY B 7 -7.77 13.45 8.63
CH ALY B 7 -7.84 14.42 7.87
CH3 ALY B 7 -6.65 15.38 7.77
NZ ALY B 7 -8.91 14.64 7.13
CE ALY B 7 -10.09 13.78 7.14
CD ALY B 7 -10.99 14.00 5.93
CG ALY B 7 -12.02 12.90 5.83
CB ALY B 7 -12.90 13.06 4.60
CA ALY B 7 -14.27 12.39 4.77
N ALY B 7 -14.14 11.16 5.54
C ALY B 7 -14.91 12.13 3.41
O ALY B 7 -14.40 12.53 2.36
HH31 ALY B 7 -6.92 16.32 8.24
HH32 ALY B 7 -5.80 14.96 8.28
HH33 ALY B 7 -6.41 15.56 6.74
HZ ALY B 7 -8.93 15.44 6.54
HE3 ALY B 7 -9.78 12.75 7.17
HE2 ALY B 7 -10.67 14.01 8.03
HD3 ALY B 7 -11.49 14.95 6.04
HD2 ALY B 7 -10.38 14.01 5.04
HG3 ALY B 7 -11.52 11.95 5.76
HG2 ALY B 7 -12.64 12.92 6.71
HB3 ALY B 7 -13.05 14.11 4.41
HB2 ALY B 7 -12.40 12.62 3.76
HA ALY B 7 -14.91 13.06 5.33
H ALY B 7 -13.29 10.67 5.52
N GLN B 8 -16.05 11.44 3.45
CA GLN B 8 -16.83 11.12 2.26
C GLN B 8 -18.32 11.24 2.56
N LEU B 9 -18.72 10.68 3.69
CA LEU B 9 -20.12 10.68 4.08
C LEU B 9 -20.45 11.93 4.87
N ALA B 10 -21.32 12.76 4.32
CA ALA B 10 -21.79 13.94 5.02
C ALA B 10 -22.93 13.57 5.95
N THR B 11 -22.67 13.64 7.25
CA THR B 11 -23.66 13.24 8.24
C THR B 11 -24.79 14.26 8.33
N LYS B 12 -25.76 14.11 7.43
CA LYS B 12 -26.94 14.96 7.41
C LYS B 12 -28.19 14.11 7.31
N ALA B 13 -27.99 12.80 7.27
CA ALA B 13 -29.09 11.86 7.13
C ALA B 13 -29.74 11.58 8.46
N GLY A 1 7.30 -31.49 -22.32
CA GLY A 1 8.61 -31.18 -22.92
C GLY A 1 8.72 -29.73 -23.34
N SER A 2 9.85 -29.35 -23.90
CA SER A 2 10.06 -27.97 -24.33
C SER A 2 9.57 -27.79 -25.76
N HIS A 3 8.36 -27.25 -25.90
CA HIS A 3 7.76 -27.04 -27.22
C HIS A 3 7.00 -25.71 -27.26
N MET A 4 7.16 -24.92 -26.20
CA MET A 4 6.46 -23.65 -26.05
C MET A 4 4.95 -23.86 -26.01
N ALA A 5 4.19 -22.78 -26.21
CA ALA A 5 2.73 -22.83 -26.17
C ALA A 5 2.23 -23.30 -24.81
N SER A 6 3.00 -22.98 -23.78
CA SER A 6 2.66 -23.34 -22.42
C SER A 6 3.00 -22.19 -21.49
N SER A 7 2.06 -21.26 -21.36
CA SER A 7 2.26 -20.05 -20.57
C SER A 7 2.57 -20.37 -19.12
N CYS A 8 3.80 -20.10 -18.71
CA CYS A 8 4.22 -20.29 -17.34
C CYS A 8 3.95 -19.03 -16.54
N ALA A 9 2.96 -19.09 -15.66
CA ALA A 9 2.57 -17.91 -14.90
C ALA A 9 3.25 -17.86 -13.55
N VAL A 10 3.91 -16.75 -13.29
CA VAL A 10 4.53 -16.51 -11.99
C VAL A 10 3.64 -15.56 -11.21
N GLN A 11 3.50 -15.81 -9.92
CA GLN A 11 2.61 -15.02 -9.10
C GLN A 11 3.36 -14.52 -7.87
N VAL A 12 3.23 -13.23 -7.61
CA VAL A 12 3.87 -12.61 -6.47
C VAL A 12 2.82 -12.09 -5.51
N LYS A 13 3.23 -11.65 -4.33
CA LYS A 13 2.28 -11.09 -3.37
C LYS A 13 2.81 -9.80 -2.78
N LEU A 14 1.98 -8.79 -2.77
CA LEU A 14 2.30 -7.54 -2.13
C LEU A 14 1.39 -7.34 -0.93
N GLU A 15 1.94 -6.76 0.11
CA GLU A 15 1.20 -6.62 1.35
C GLU A 15 0.84 -5.16 1.60
N LEU A 16 -0.46 -4.90 1.76
CA LEU A 16 -0.92 -3.57 2.11
C LEU A 16 -1.36 -3.59 3.57
N GLY A 17 -0.63 -2.94 4.42
CA GLY A 17 -0.98 -2.91 5.81
C GLY A 17 -0.83 -1.55 6.39
N HIS A 18 -1.33 -1.35 7.61
CA HIS A 18 -1.20 -0.06 8.25
C HIS A 18 -1.48 -0.15 9.73
N ARG A 19 -0.86 0.74 10.47
CA ARG A 19 -1.11 0.89 11.88
C ARG A 19 -1.76 2.22 12.12
N ALA A 20 -2.64 2.28 13.07
CA ALA A 20 -3.22 3.56 13.42
C ALA A 20 -3.31 3.76 14.92
N GLN A 21 -2.63 4.78 15.42
CA GLN A 21 -2.69 5.11 16.82
C GLN A 21 -3.42 6.43 17.00
N VAL A 22 -4.03 6.63 18.14
CA VAL A 22 -4.56 7.93 18.48
C VAL A 22 -3.62 8.58 19.48
N ARG A 23 -3.72 9.88 19.64
CA ARG A 23 -2.90 10.60 20.59
C ARG A 23 -3.80 11.11 21.69
N LYS A 24 -3.33 11.06 22.92
CA LYS A 24 -4.08 11.57 24.06
C LYS A 24 -4.18 13.08 23.95
N LYS A 25 -3.26 13.65 23.17
CA LYS A 25 -3.24 15.06 22.88
C LYS A 25 -3.09 15.26 21.37
N PRO A 26 -4.19 15.64 20.69
CA PRO A 26 -4.18 15.91 19.24
C PRO A 26 -3.03 16.82 18.80
N THR A 27 -2.63 16.70 17.54
CA THR A 27 -1.44 17.37 17.03
C THR A 27 -1.65 18.87 16.85
N VAL A 28 -0.70 19.54 16.22
CA VAL A 28 -0.68 20.99 16.09
C VAL A 28 -1.97 21.56 15.50
N GLU A 29 -2.61 20.83 14.58
CA GLU A 29 -3.83 21.33 13.96
C GLU A 29 -5.04 20.62 14.56
N GLY A 30 -4.78 19.82 15.58
CA GLY A 30 -5.84 19.25 16.39
C GLY A 30 -6.29 17.90 15.91
N PHE A 31 -5.39 17.20 15.24
CA PHE A 31 -5.70 15.90 14.71
C PHE A 31 -5.27 14.82 15.65
N THR A 32 -6.11 13.82 15.74
CA THR A 32 -6.10 12.88 16.82
C THR A 32 -5.28 11.63 16.50
N HIS A 33 -5.13 11.31 15.24
CA HIS A 33 -4.55 10.03 14.86
C HIS A 33 -3.26 10.16 14.09
N ASP A 34 -2.37 9.21 14.31
CA ASP A 34 -1.16 9.06 13.52
C ASP A 34 -1.09 7.64 13.01
N TRP A 35 -0.99 7.51 11.71
CA TRP A 35 -1.00 6.20 11.09
C TRP A 35 0.22 6.00 10.22
N MET A 36 0.61 4.75 10.06
CA MET A 36 1.70 4.39 9.17
C MET A 36 1.24 3.28 8.24
N VAL A 37 1.29 3.56 6.95
CA VAL A 37 0.90 2.60 5.94
C VAL A 37 2.15 1.97 5.35
N PHE A 38 2.06 0.75 4.88
CA PHE A 38 3.22 0.09 4.30
C PHE A 38 2.84 -0.93 3.25
N VAL A 39 3.76 -1.15 2.32
CA VAL A 39 3.62 -2.23 1.35
C VAL A 39 4.86 -3.12 1.40
N ARG A 40 4.65 -4.42 1.56
CA ARG A 40 5.75 -5.35 1.71
C ARG A 40 5.64 -6.50 0.72
N GLY A 41 6.59 -7.41 0.79
CA GLY A 41 6.53 -8.63 0.03
C GLY A 41 5.93 -9.75 0.83
N PRO A 42 5.92 -10.98 0.32
CA PRO A 42 5.35 -12.13 1.03
C PRO A 42 6.13 -12.44 2.30
N GLU A 43 5.50 -12.18 3.45
CA GLU A 43 6.08 -12.48 4.76
C GLU A 43 7.50 -11.91 4.90
N HIS A 44 7.62 -10.57 4.88
CA HIS A 44 8.87 -9.87 5.17
C HIS A 44 9.87 -9.92 4.01
N SER A 45 9.57 -10.74 3.00
CA SER A 45 10.44 -10.86 1.83
C SER A 45 10.55 -9.50 1.12
N ASN A 46 11.79 -9.06 0.89
CA ASN A 46 12.03 -7.77 0.26
C ASN A 46 11.53 -7.78 -1.18
N ILE A 47 10.70 -6.81 -1.51
CA ILE A 47 10.12 -6.73 -2.84
C ILE A 47 10.92 -5.81 -3.74
N GLN A 48 11.93 -5.17 -3.17
CA GLN A 48 12.72 -4.18 -3.91
C GLN A 48 13.51 -4.83 -5.05
N HIS A 49 13.35 -6.14 -5.20
CA HIS A 49 13.95 -6.85 -6.32
C HIS A 49 13.15 -6.61 -7.60
N PHE A 50 11.82 -6.51 -7.48
CA PHE A 50 10.99 -6.19 -8.63
C PHE A 50 10.26 -4.86 -8.44
N VAL A 51 10.18 -4.39 -7.21
CA VAL A 51 9.53 -3.13 -6.88
C VAL A 51 10.54 -1.99 -6.93
N GLU A 52 10.18 -0.92 -7.64
CA GLU A 52 11.06 0.22 -7.83
C GLU A 52 10.70 1.35 -6.86
N LYS A 53 9.49 1.85 -7.01
CA LYS A 53 8.95 2.88 -6.14
C LYS A 53 7.56 2.46 -5.71
N VAL A 54 7.04 3.08 -4.68
CA VAL A 54 5.64 2.93 -4.34
C VAL A 54 5.05 4.30 -4.04
N VAL A 55 3.75 4.45 -4.16
CA VAL A 55 3.11 5.74 -4.00
C VAL A 55 1.78 5.62 -3.27
N PHE A 56 1.62 6.42 -2.24
CA PHE A 56 0.41 6.45 -1.46
C PHE A 56 -0.29 7.76 -1.70
N HIS A 57 -1.34 7.71 -2.49
CA HIS A 57 -2.12 8.90 -2.77
C HIS A 57 -3.04 9.20 -1.58
N LEU A 58 -2.56 10.03 -0.66
CA LEU A 58 -3.34 10.40 0.50
C LEU A 58 -4.49 11.31 0.10
N HIS A 59 -5.27 11.75 1.08
CA HIS A 59 -6.42 12.59 0.78
C HIS A 59 -5.91 13.99 0.48
N GLU A 60 -6.54 14.64 -0.48
CA GLU A 60 -6.12 15.96 -0.94
C GLU A 60 -6.16 16.98 0.18
N SER A 61 -6.88 16.64 1.24
CA SER A 61 -6.90 17.43 2.46
C SER A 61 -5.50 17.50 3.07
N PHE A 62 -4.70 16.47 2.82
CA PHE A 62 -3.35 16.37 3.35
C PHE A 62 -2.39 17.17 2.45
N PRO A 63 -1.54 18.01 3.06
CA PRO A 63 -0.46 18.69 2.33
C PRO A 63 0.52 17.68 1.74
N ARG A 64 0.72 17.76 0.42
CA ARG A 64 1.57 16.80 -0.30
C ARG A 64 0.99 15.38 -0.17
N PRO A 65 -0.16 15.12 -0.82
CA PRO A 65 -0.86 13.84 -0.70
C PRO A 65 -0.11 12.67 -1.35
N LYS A 66 0.75 12.95 -2.30
CA LYS A 66 1.42 11.90 -3.04
C LYS A 66 2.71 11.52 -2.37
N ARG A 67 2.70 10.37 -1.73
CA ARG A 67 3.85 9.93 -0.96
C ARG A 67 4.60 8.82 -1.69
N VAL A 68 5.51 9.20 -2.57
CA VAL A 68 6.40 8.22 -3.19
C VAL A 68 7.38 7.67 -2.16
N CYS A 69 7.60 6.37 -2.21
CA CYS A 69 8.61 5.73 -1.39
C CYS A 69 9.56 4.97 -2.29
N LYS A 70 10.74 5.54 -2.49
CA LYS A 70 11.78 4.92 -3.31
C LYS A 70 12.73 4.14 -2.41
N ASP A 71 12.75 4.57 -1.15
CA ASP A 71 13.67 4.09 -0.13
C ASP A 71 13.26 2.69 0.37
N PRO A 72 14.09 2.03 1.23
CA PRO A 72 13.71 0.88 2.08
C PRO A 72 12.24 0.89 2.57
N PRO A 73 11.82 -0.09 3.44
CA PRO A 73 10.41 -0.48 3.63
C PRO A 73 9.40 0.62 3.35
N TYR A 74 8.60 0.38 2.33
CA TYR A 74 7.62 1.34 1.83
C TYR A 74 6.60 1.68 2.90
N LYS A 75 6.69 2.89 3.46
CA LYS A 75 5.77 3.31 4.51
C LYS A 75 5.58 4.82 4.53
N VAL A 76 4.39 5.21 4.97
CA VAL A 76 4.03 6.62 5.12
C VAL A 76 3.48 6.86 6.53
N GLU A 77 3.97 7.91 7.17
CA GLU A 77 3.58 8.22 8.54
C GLU A 77 2.96 9.61 8.62
N GLU A 78 1.65 9.66 8.78
CA GLU A 78 0.95 10.95 8.80
C GLU A 78 -0.12 10.99 9.91
N SER A 79 -0.65 12.18 10.15
CA SER A 79 -1.64 12.43 11.18
C SER A 79 -2.97 12.85 10.55
N GLY A 80 -4.09 12.31 11.05
CA GLY A 80 -5.39 12.62 10.48
C GLY A 80 -6.46 12.70 11.54
N TYR A 81 -7.68 12.94 11.13
CA TYR A 81 -8.80 12.98 12.06
C TYR A 81 -9.95 12.09 11.58
N ALA A 82 -9.78 11.50 10.40
CA ALA A 82 -10.79 10.61 9.84
C ALA A 82 -10.18 9.76 8.72
N GLY A 83 -10.60 8.50 8.64
CA GLY A 83 -10.09 7.58 7.65
C GLY A 83 -10.61 7.86 6.24
N PHE A 84 -10.16 7.05 5.29
CA PHE A 84 -10.54 7.20 3.88
C PHE A 84 -9.90 6.10 3.05
N ILE A 85 -10.50 5.81 1.90
CA ILE A 85 -9.92 4.92 0.92
C ILE A 85 -8.60 5.49 0.40
N LEU A 86 -7.54 4.69 0.45
CA LEU A 86 -6.25 5.14 0.00
C LEU A 86 -5.75 4.26 -1.15
N PRO A 87 -5.80 4.80 -2.39
CA PRO A 87 -5.24 4.14 -3.57
C PRO A 87 -3.71 4.07 -3.53
N ILE A 88 -3.19 2.86 -3.37
CA ILE A 88 -1.75 2.64 -3.36
C ILE A 88 -1.30 2.06 -4.70
N GLU A 89 -0.36 2.74 -5.33
CA GLU A 89 0.21 2.22 -6.57
C GLU A 89 1.63 1.78 -6.32
N VAL A 90 1.92 0.54 -6.69
CA VAL A 90 3.24 -0.02 -6.52
C VAL A 90 3.97 -0.07 -7.87
N TYR A 91 5.12 0.58 -7.94
CA TYR A 91 5.90 0.66 -9.18
C TYR A 91 6.89 -0.50 -9.27
N PHE A 92 6.99 -1.09 -10.45
CA PHE A 92 7.92 -2.19 -10.67
C PHE A 92 8.98 -1.76 -11.68
N LYS A 93 10.13 -2.41 -11.65
CA LYS A 93 11.23 -2.06 -12.54
C LYS A 93 11.37 -3.09 -13.67
N ASN A 94 10.69 -2.82 -14.79
CA ASN A 94 10.83 -3.63 -16.01
C ASN A 94 10.38 -2.81 -17.22
N LYS A 95 10.46 -3.43 -18.41
CA LYS A 95 10.00 -2.78 -19.64
C LYS A 95 8.78 -3.50 -20.20
N GLU A 96 8.29 -4.50 -19.47
CA GLU A 96 7.18 -5.31 -19.93
C GLU A 96 5.88 -4.84 -19.28
N GLU A 97 4.91 -5.77 -19.11
CA GLU A 97 3.62 -5.52 -18.46
C GLU A 97 3.64 -4.37 -17.44
N PRO A 98 2.48 -3.66 -17.32
CA PRO A 98 2.34 -2.41 -16.57
C PRO A 98 3.23 -2.32 -15.33
N ARG A 99 4.09 -1.32 -15.31
CA ARG A 99 5.08 -1.16 -14.25
C ARG A 99 4.48 -0.52 -13.01
N LYS A 100 3.16 -0.57 -12.90
CA LYS A 100 2.49 -0.09 -11.71
C LYS A 100 1.18 -0.83 -11.49
N VAL A 101 0.86 -1.06 -10.23
CA VAL A 101 -0.37 -1.71 -9.85
C VAL A 101 -1.13 -0.80 -8.91
N ARG A 102 -2.43 -0.95 -8.85
CA ARG A 102 -3.23 -0.15 -7.96
C ARG A 102 -4.00 -1.04 -6.99
N PHE A 103 -3.73 -0.86 -5.72
CA PHE A 103 -4.46 -1.56 -4.68
C PHE A 103 -5.29 -0.56 -3.88
N ASP A 104 -6.61 -0.71 -3.93
CA ASP A 104 -7.48 0.15 -3.15
C ASP A 104 -7.59 -0.36 -1.72
N TYR A 105 -6.94 0.34 -0.82
CA TYR A 105 -6.85 -0.09 0.56
C TYR A 105 -7.56 0.92 1.46
N ASP A 106 -8.46 0.43 2.30
CA ASP A 106 -9.24 1.29 3.18
C ASP A 106 -8.43 1.65 4.41
N LEU A 107 -8.02 2.90 4.53
CA LEU A 107 -7.32 3.35 5.71
C LEU A 107 -8.32 3.72 6.78
N PHE A 108 -8.66 2.76 7.61
CA PHE A 108 -9.60 3.01 8.70
C PHE A 108 -8.85 3.31 9.99
N LEU A 109 -9.50 4.05 10.87
CA LEU A 109 -8.93 4.43 12.15
C LEU A 109 -9.92 4.06 13.24
N HIS A 110 -9.43 4.00 14.47
CA HIS A 110 -10.28 3.70 15.61
C HIS A 110 -10.70 5.00 16.29
N LEU A 111 -11.68 4.93 17.18
CA LEU A 111 -12.12 6.12 17.93
C LEU A 111 -11.00 6.63 18.85
N GLU A 112 -11.03 7.94 19.08
CA GLU A 112 -10.13 8.59 20.04
C GLU A 112 -10.39 8.04 21.43
N GLY A 113 -9.51 7.18 21.90
CA GLY A 113 -9.69 6.54 23.18
C GLY A 113 -10.09 5.07 23.04
N HIS A 114 -9.72 4.48 21.91
CA HIS A 114 -10.07 3.08 21.62
C HIS A 114 -8.80 2.37 21.13
N PRO A 115 -8.59 1.05 21.42
CA PRO A 115 -7.38 0.31 20.98
C PRO A 115 -6.97 0.58 19.53
N PRO A 116 -5.65 0.71 19.29
CA PRO A 116 -5.06 0.99 17.98
C PRO A 116 -5.35 -0.07 16.92
N VAL A 117 -4.93 0.23 15.69
CA VAL A 117 -5.23 -0.59 14.53
C VAL A 117 -3.94 -1.16 13.94
N ASN A 118 -3.94 -2.44 13.64
CA ASN A 118 -2.83 -3.06 12.97
C ASN A 118 -3.35 -4.13 12.02
N HIS A 119 -3.48 -3.78 10.75
CA HIS A 119 -4.07 -4.67 9.76
C HIS A 119 -3.14 -4.91 8.59
N LEU A 120 -3.06 -6.15 8.15
CA LEU A 120 -2.26 -6.53 7.00
C LEU A 120 -3.16 -7.06 5.89
N ARG A 121 -2.72 -6.95 4.64
CA ARG A 121 -3.47 -7.47 3.50
C ARG A 121 -2.52 -8.04 2.47
N CYS A 122 -2.85 -9.20 1.93
CA CYS A 122 -1.98 -9.86 0.97
C CYS A 122 -2.65 -9.95 -0.40
N GLU A 123 -2.09 -9.25 -1.38
CA GLU A 123 -2.63 -9.23 -2.73
C GLU A 123 -1.69 -9.95 -3.69
N LYS A 124 -2.26 -10.78 -4.54
CA LYS A 124 -1.46 -11.59 -5.45
C LYS A 124 -1.34 -10.94 -6.83
N LEU A 125 -0.11 -10.78 -7.28
CA LEU A 125 0.18 -10.34 -8.63
C LEU A 125 0.32 -11.58 -9.51
N THR A 126 -0.50 -11.69 -10.53
CA THR A 126 -0.41 -12.85 -11.41
C THR A 126 0.06 -12.44 -12.79
N PHE A 127 1.18 -13.00 -13.21
CA PHE A 127 1.78 -12.66 -14.50
C PHE A 127 1.83 -13.90 -15.37
N ASN A 128 1.00 -13.92 -16.41
CA ASN A 128 0.94 -15.07 -17.30
C ASN A 128 2.07 -15.05 -18.32
N ASN A 129 2.94 -16.05 -18.24
CA ASN A 129 4.10 -16.19 -19.12
C ASN A 129 4.96 -14.91 -19.12
N PRO A 130 5.51 -14.52 -17.97
CA PRO A 130 6.40 -13.36 -17.88
C PRO A 130 7.79 -13.68 -18.39
N THR A 131 8.62 -12.65 -18.57
CA THR A 131 10.00 -12.85 -18.95
C THR A 131 10.69 -13.70 -17.88
N GLU A 132 11.56 -14.60 -18.30
CA GLU A 132 12.29 -15.44 -17.35
C GLU A 132 13.10 -14.58 -16.37
N ASP A 133 13.65 -13.47 -16.85
CA ASP A 133 14.35 -12.53 -15.99
C ASP A 133 13.42 -11.98 -14.93
N PHE A 134 12.15 -11.81 -15.29
CA PHE A 134 11.17 -11.30 -14.35
C PHE A 134 10.83 -12.36 -13.34
N ARG A 135 10.70 -13.60 -13.82
CA ARG A 135 10.52 -14.74 -12.93
C ARG A 135 11.64 -14.78 -11.91
N ARG A 136 12.85 -14.58 -12.39
CA ARG A 136 14.03 -14.54 -11.54
C ARG A 136 13.88 -13.50 -10.43
N LYS A 137 13.28 -12.36 -10.75
CA LYS A 137 13.06 -11.31 -9.77
C LYS A 137 11.97 -11.72 -8.80
N LEU A 138 10.93 -12.36 -9.32
CA LEU A 138 9.79 -12.78 -8.52
C LEU A 138 10.15 -13.96 -7.63
N LEU A 139 11.15 -14.75 -8.03
CA LEU A 139 11.59 -15.91 -7.25
C LEU A 139 12.61 -15.49 -6.20
N LYS A 140 13.31 -14.40 -6.47
CA LYS A 140 14.34 -13.92 -5.59
C LYS A 140 13.75 -13.15 -4.42
N ALA A 141 12.60 -12.54 -4.63
CA ALA A 141 11.89 -11.83 -3.57
C ALA A 141 11.36 -12.82 -2.53
N GLY B 1 -16.49 3.60 21.81
CA GLY B 1 -16.96 3.80 20.41
C GLY B 1 -16.01 3.17 19.41
N GLY B 2 -16.55 2.69 18.30
CA GLY B 2 -15.72 2.04 17.32
C GLY B 2 -15.91 2.62 15.94
N LYS B 3 -14.91 2.42 15.08
CA LYS B 3 -14.95 2.91 13.69
C LYS B 3 -14.92 4.44 13.64
N ALA B 4 -13.73 4.99 13.48
CA ALA B 4 -13.55 6.43 13.38
C ALA B 4 -14.25 6.96 12.14
N PRO B 5 -14.60 8.26 12.13
CA PRO B 5 -15.21 8.88 10.96
C PRO B 5 -14.32 8.78 9.72
N ARG B 6 -14.87 9.10 8.57
CA ARG B 6 -14.11 8.99 7.32
C ARG B 6 -14.55 10.04 6.31
OH ALY B 7 -7.64 13.46 8.38
CH ALY B 7 -7.82 14.39 7.58
CH3 ALY B 7 -6.72 15.44 7.42
NZ ALY B 7 -8.92 14.49 6.86
CE ALY B 7 -10.03 13.54 6.93
CD ALY B 7 -10.95 13.63 5.73
CG ALY B 7 -11.92 12.47 5.69
CB ALY B 7 -12.75 12.45 4.42
CA ALY B 7 -13.89 11.44 4.44
N ALY B 7 -13.62 10.41 5.44
C ALY B 7 -14.03 10.79 3.07
O ALY B 7 -13.07 10.77 2.27
HH31 ALY B 7 -6.93 16.28 8.07
HH32 ALY B 7 -5.77 15.01 7.68
HH33 ALY B 7 -6.70 15.78 6.40
HZ ALY B 7 -9.01 15.24 6.24
HE3 ALY B 7 -9.63 12.54 6.99
HE2 ALY B 7 -10.61 13.75 7.82
HD3 ALY B 7 -11.52 14.56 5.79
HD2 ALY B 7 -10.35 13.63 4.82
HG3 ALY B 7 -11.36 11.54 5.75
HG2 ALY B 7 -12.58 12.54 6.53
HB3 ALY B 7 -13.16 13.43 4.27
HB2 ALY B 7 -12.08 12.23 3.59
HA ALY B 7 -14.80 11.94 4.70
H ALY B 7 -12.74 9.99 5.47
N GLN B 8 -15.19 10.24 2.79
CA GLN B 8 -15.46 9.61 1.51
C GLN B 8 -15.93 10.64 0.50
N LEU B 9 -16.77 11.55 0.97
CA LEU B 9 -17.25 12.65 0.15
C LEU B 9 -17.41 13.89 1.04
N ALA B 10 -16.35 14.21 1.76
CA ALA B 10 -16.38 15.32 2.69
C ALA B 10 -15.74 16.55 2.08
N THR B 11 -16.56 17.52 1.72
CA THR B 11 -16.08 18.77 1.15
C THR B 11 -16.42 19.93 2.09
N LYS B 12 -17.61 19.86 2.69
CA LYS B 12 -18.06 20.91 3.60
C LYS B 12 -18.34 20.32 4.98
N ALA B 13 -17.46 19.43 5.42
CA ALA B 13 -17.57 18.83 6.74
C ALA B 13 -16.29 19.07 7.53
N GLY A 1 9.13 -18.50 -34.76
CA GLY A 1 9.40 -19.45 -33.66
C GLY A 1 8.22 -19.58 -32.72
N SER A 2 8.51 -19.58 -31.41
CA SER A 2 7.48 -19.66 -30.38
C SER A 2 6.61 -20.91 -30.57
N HIS A 3 7.25 -22.05 -30.78
CA HIS A 3 6.53 -23.31 -30.91
C HIS A 3 6.63 -24.10 -29.62
N MET A 4 5.57 -24.85 -29.31
CA MET A 4 5.49 -25.61 -28.06
C MET A 4 5.60 -24.67 -26.87
N ALA A 5 4.97 -23.52 -26.98
CA ALA A 5 5.02 -22.49 -25.97
C ALA A 5 4.04 -22.79 -24.84
N SER A 6 4.51 -23.52 -23.84
CA SER A 6 3.71 -23.85 -22.67
C SER A 6 3.39 -22.59 -21.87
N SER A 7 2.13 -22.45 -21.48
CA SER A 7 1.72 -21.30 -20.69
C SER A 7 2.25 -21.42 -19.26
N CYS A 8 3.12 -20.50 -18.89
CA CYS A 8 3.74 -20.50 -17.57
C CYS A 8 3.61 -19.13 -16.92
N ALA A 9 2.89 -19.08 -15.81
CA ALA A 9 2.68 -17.83 -15.10
C ALA A 9 3.35 -17.83 -13.74
N VAL A 10 3.96 -16.70 -13.39
CA VAL A 10 4.52 -16.52 -12.06
C VAL A 10 3.60 -15.59 -11.28
N GLN A 11 3.46 -15.84 -9.98
CA GLN A 11 2.54 -15.06 -9.18
C GLN A 11 3.25 -14.51 -7.95
N VAL A 12 3.14 -13.22 -7.74
CA VAL A 12 3.74 -12.57 -6.59
C VAL A 12 2.66 -12.06 -5.67
N LYS A 13 3.04 -11.60 -4.49
CA LYS A 13 2.09 -11.05 -3.54
C LYS A 13 2.64 -9.77 -2.91
N LEU A 14 1.77 -8.79 -2.76
CA LEU A 14 2.13 -7.55 -2.09
C LEU A 14 1.22 -7.32 -0.92
N GLU A 15 1.76 -6.81 0.15
CA GLU A 15 1.00 -6.64 1.37
C GLU A 15 0.70 -5.17 1.62
N LEU A 16 -0.58 -4.88 1.86
CA LEU A 16 -1.02 -3.53 2.20
C LEU A 16 -1.47 -3.54 3.65
N GLY A 17 -0.70 -2.94 4.51
CA GLY A 17 -1.06 -2.91 5.90
C GLY A 17 -0.83 -1.54 6.49
N HIS A 18 -1.35 -1.33 7.68
CA HIS A 18 -1.17 -0.05 8.35
C HIS A 18 -1.46 -0.18 9.82
N ARG A 19 -0.82 0.68 10.61
CA ARG A 19 -1.05 0.73 12.03
C ARG A 19 -1.48 2.12 12.39
N ALA A 20 -2.66 2.24 12.96
CA ALA A 20 -3.21 3.53 13.27
C ALA A 20 -3.36 3.72 14.76
N GLN A 21 -2.65 4.69 15.31
CA GLN A 21 -2.74 5.01 16.72
C GLN A 21 -3.40 6.37 16.89
N VAL A 22 -3.94 6.60 18.06
CA VAL A 22 -4.40 7.92 18.41
C VAL A 22 -3.39 8.54 19.36
N ARG A 23 -3.36 9.85 19.42
CA ARG A 23 -2.42 10.53 20.29
C ARG A 23 -3.18 11.03 21.49
N LYS A 24 -2.56 10.93 22.66
CA LYS A 24 -3.14 11.44 23.89
C LYS A 24 -3.29 12.96 23.79
N LYS A 25 -2.50 13.54 22.90
CA LYS A 25 -2.55 14.95 22.60
C LYS A 25 -2.36 15.16 21.10
N PRO A 26 -3.43 15.52 20.38
CA PRO A 26 -3.38 15.87 18.95
C PRO A 26 -2.26 16.88 18.64
N THR A 27 -1.83 16.89 17.39
CA THR A 27 -0.71 17.72 16.96
C THR A 27 -1.17 19.17 16.75
N VAL A 28 -0.27 20.02 16.24
CA VAL A 28 -0.55 21.43 16.05
C VAL A 28 -1.78 21.64 15.17
N GLU A 29 -1.89 20.86 14.09
CA GLU A 29 -3.04 20.94 13.20
C GLU A 29 -4.28 20.30 13.82
N GLY A 30 -4.12 19.82 15.05
CA GLY A 30 -5.23 19.22 15.78
C GLY A 30 -5.61 17.87 15.25
N PHE A 31 -4.64 17.16 14.70
CA PHE A 31 -4.87 15.83 14.19
C PHE A 31 -4.69 14.83 15.31
N THR A 32 -5.67 13.97 15.47
CA THR A 32 -5.76 13.12 16.64
C THR A 32 -5.06 11.78 16.43
N HIS A 33 -4.85 11.40 15.18
CA HIS A 33 -4.35 10.08 14.86
C HIS A 33 -3.06 10.12 14.08
N ASP A 34 -2.20 9.15 14.33
CA ASP A 34 -0.99 8.97 13.56
C ASP A 34 -1.03 7.57 12.98
N TRP A 35 -0.92 7.47 11.68
CA TRP A 35 -0.97 6.18 11.02
C TRP A 35 0.24 5.97 10.14
N MET A 36 0.71 4.74 10.11
CA MET A 36 1.78 4.36 9.22
C MET A 36 1.32 3.26 8.30
N VAL A 37 1.30 3.57 7.01
CA VAL A 37 0.91 2.62 5.99
C VAL A 37 2.15 2.01 5.36
N PHE A 38 2.04 0.81 4.83
CA PHE A 38 3.18 0.19 4.19
C PHE A 38 2.77 -0.82 3.12
N VAL A 39 3.67 -1.01 2.17
CA VAL A 39 3.55 -2.09 1.21
C VAL A 39 4.84 -2.90 1.26
N ARG A 40 4.72 -4.21 1.36
CA ARG A 40 5.89 -5.08 1.43
C ARG A 40 5.55 -6.49 0.98
N GLY A 41 6.56 -7.34 0.90
CA GLY A 41 6.40 -8.63 0.25
C GLY A 41 5.76 -9.69 1.13
N PRO A 42 5.66 -10.91 0.60
CA PRO A 42 5.04 -12.03 1.30
C PRO A 42 5.80 -12.39 2.57
N GLU A 43 5.18 -12.15 3.71
CA GLU A 43 5.78 -12.45 5.01
C GLU A 43 7.17 -11.83 5.14
N HIS A 44 7.25 -10.52 4.87
CA HIS A 44 8.46 -9.73 5.12
C HIS A 44 9.51 -9.90 4.00
N SER A 45 9.21 -10.77 3.04
CA SER A 45 10.09 -10.96 1.89
C SER A 45 10.26 -9.63 1.14
N ASN A 46 11.52 -9.20 0.98
CA ASN A 46 11.80 -7.93 0.31
C ASN A 46 11.25 -7.92 -1.11
N ILE A 47 10.47 -6.89 -1.43
CA ILE A 47 9.88 -6.78 -2.75
C ILE A 47 10.68 -5.87 -3.66
N GLN A 48 11.75 -5.28 -3.14
CA GLN A 48 12.55 -4.34 -3.92
C GLN A 48 13.25 -5.04 -5.09
N HIS A 49 13.11 -6.36 -5.15
CA HIS A 49 13.66 -7.14 -6.25
C HIS A 49 12.87 -6.90 -7.53
N PHE A 50 11.55 -6.69 -7.41
CA PHE A 50 10.74 -6.36 -8.57
C PHE A 50 10.04 -4.99 -8.40
N VAL A 51 9.98 -4.51 -7.17
CA VAL A 51 9.34 -3.24 -6.86
C VAL A 51 10.36 -2.10 -6.95
N GLU A 52 10.00 -1.07 -7.71
CA GLU A 52 10.89 0.06 -7.95
C GLU A 52 10.57 1.20 -7.00
N LYS A 53 9.37 1.73 -7.10
CA LYS A 53 8.91 2.80 -6.23
C LYS A 53 7.43 2.63 -5.97
N VAL A 54 6.99 3.13 -4.85
CA VAL A 54 5.60 3.02 -4.47
C VAL A 54 5.03 4.38 -4.12
N VAL A 55 3.72 4.52 -4.20
CA VAL A 55 3.09 5.81 -4.00
C VAL A 55 1.78 5.66 -3.23
N PHE A 56 1.58 6.53 -2.24
CA PHE A 56 0.39 6.53 -1.44
C PHE A 56 -0.34 7.83 -1.66
N HIS A 57 -1.44 7.76 -2.38
CA HIS A 57 -2.26 8.93 -2.63
C HIS A 57 -3.11 9.24 -1.40
N LEU A 58 -2.60 10.12 -0.56
CA LEU A 58 -3.31 10.50 0.66
C LEU A 58 -4.46 11.44 0.31
N HIS A 59 -5.17 11.91 1.32
CA HIS A 59 -6.35 12.73 1.07
C HIS A 59 -5.90 14.12 0.63
N GLU A 60 -6.61 14.66 -0.35
CA GLU A 60 -6.21 15.89 -1.06
C GLU A 60 -5.97 17.07 -0.12
N SER A 61 -6.60 17.03 1.05
CA SER A 61 -6.43 18.08 2.05
C SER A 61 -5.03 18.05 2.66
N PHE A 62 -4.33 16.93 2.52
CA PHE A 62 -3.02 16.75 3.10
C PHE A 62 -1.95 17.47 2.29
N PRO A 63 -0.99 18.11 2.96
CA PRO A 63 0.16 18.74 2.30
C PRO A 63 1.11 17.68 1.74
N ARG A 64 1.32 17.73 0.42
CA ARG A 64 2.03 16.67 -0.31
C ARG A 64 1.32 15.33 -0.13
N PRO A 65 0.10 15.19 -0.70
CA PRO A 65 -0.70 13.97 -0.55
C PRO A 65 -0.08 12.76 -1.24
N LYS A 66 0.80 13.00 -2.19
CA LYS A 66 1.39 11.94 -2.96
C LYS A 66 2.72 11.53 -2.36
N ARG A 67 2.72 10.42 -1.65
CA ARG A 67 3.93 9.95 -0.99
C ARG A 67 4.61 8.86 -1.80
N VAL A 68 5.56 9.25 -2.62
CA VAL A 68 6.39 8.28 -3.31
C VAL A 68 7.47 7.76 -2.36
N CYS A 69 7.67 6.45 -2.35
CA CYS A 69 8.70 5.85 -1.51
C CYS A 69 9.60 4.95 -2.35
N LYS A 70 10.87 5.33 -2.46
CA LYS A 70 11.86 4.57 -3.22
C LYS A 70 12.83 3.86 -2.26
N ASP A 71 12.94 4.42 -1.07
CA ASP A 71 13.87 3.96 -0.04
C ASP A 71 13.45 2.58 0.52
N PRO A 72 14.15 2.05 1.57
CA PRO A 72 13.71 0.88 2.37
C PRO A 72 12.19 0.86 2.68
N PRO A 73 11.70 -0.02 3.62
CA PRO A 73 10.30 -0.48 3.61
C PRO A 73 9.31 0.61 3.27
N TYR A 74 8.51 0.36 2.25
CA TYR A 74 7.56 1.34 1.72
C TYR A 74 6.53 1.71 2.77
N LYS A 75 6.77 2.81 3.47
CA LYS A 75 5.87 3.23 4.55
C LYS A 75 5.69 4.75 4.59
N VAL A 76 4.49 5.16 4.97
CA VAL A 76 4.16 6.56 5.12
C VAL A 76 3.61 6.81 6.52
N GLU A 77 4.13 7.82 7.18
CA GLU A 77 3.67 8.19 8.52
C GLU A 77 3.04 9.58 8.47
N GLU A 78 1.73 9.63 8.65
CA GLU A 78 1.00 10.90 8.60
C GLU A 78 0.03 10.98 9.78
N SER A 79 -0.54 12.16 9.96
CA SER A 79 -1.45 12.41 11.06
C SER A 79 -2.80 12.88 10.51
N GLY A 80 -3.89 12.44 11.14
CA GLY A 80 -5.22 12.82 10.69
C GLY A 80 -6.26 12.66 11.79
N TYR A 81 -7.53 12.74 11.43
CA TYR A 81 -8.60 12.54 12.40
C TYR A 81 -9.71 11.64 11.84
N ALA A 82 -9.69 11.39 10.55
CA ALA A 82 -10.75 10.63 9.90
C ALA A 82 -10.18 9.80 8.77
N GLY A 83 -10.58 8.53 8.74
CA GLY A 83 -10.07 7.60 7.75
C GLY A 83 -10.64 7.83 6.37
N PHE A 84 -10.08 7.13 5.39
CA PHE A 84 -10.49 7.28 3.99
C PHE A 84 -9.87 6.18 3.14
N ILE A 85 -10.51 5.87 2.02
CA ILE A 85 -9.94 4.94 1.04
C ILE A 85 -8.65 5.51 0.47
N LEU A 86 -7.58 4.73 0.54
CA LEU A 86 -6.29 5.20 0.07
C LEU A 86 -5.81 4.31 -1.09
N PRO A 87 -5.91 4.84 -2.32
CA PRO A 87 -5.36 4.21 -3.53
C PRO A 87 -3.83 4.14 -3.50
N ILE A 88 -3.30 2.93 -3.33
CA ILE A 88 -1.87 2.71 -3.33
C ILE A 88 -1.42 2.15 -4.67
N GLU A 89 -0.48 2.81 -5.31
CA GLU A 89 0.08 2.30 -6.55
C GLU A 89 1.49 1.81 -6.31
N VAL A 90 1.75 0.59 -6.71
CA VAL A 90 3.07 0.00 -6.58
C VAL A 90 3.72 -0.10 -7.96
N TYR A 91 4.86 0.56 -8.12
CA TYR A 91 5.58 0.55 -9.39
C TYR A 91 6.63 -0.56 -9.40
N PHE A 92 6.74 -1.25 -10.52
CA PHE A 92 7.72 -2.31 -10.66
C PHE A 92 8.80 -1.91 -11.66
N LYS A 93 10.01 -2.42 -11.47
CA LYS A 93 11.11 -2.09 -12.37
C LYS A 93 11.12 -3.05 -13.55
N ASN A 94 10.45 -2.67 -14.63
CA ASN A 94 10.29 -3.54 -15.78
C ASN A 94 9.97 -2.72 -17.03
N LYS A 95 10.26 -3.28 -18.21
CA LYS A 95 9.92 -2.63 -19.48
C LYS A 95 8.86 -3.42 -20.23
N GLU A 96 8.32 -4.42 -19.57
CA GLU A 96 7.34 -5.32 -20.16
C GLU A 96 5.92 -4.93 -19.75
N GLU A 97 5.02 -5.92 -19.71
CA GLU A 97 3.64 -5.76 -19.21
C GLU A 97 3.53 -4.75 -18.04
N PRO A 98 2.33 -4.14 -17.84
CA PRO A 98 2.12 -2.99 -16.95
C PRO A 98 2.92 -3.05 -15.66
N ARG A 99 3.72 -2.01 -15.45
CA ARG A 99 4.65 -1.97 -14.34
C ARG A 99 4.06 -1.22 -13.15
N LYS A 100 2.74 -1.10 -13.12
CA LYS A 100 2.09 -0.37 -12.03
C LYS A 100 0.76 -1.01 -11.68
N VAL A 101 0.52 -1.11 -10.38
CA VAL A 101 -0.69 -1.72 -9.86
C VAL A 101 -1.36 -0.73 -8.92
N ARG A 102 -2.64 -0.88 -8.72
CA ARG A 102 -3.37 -0.01 -7.81
C ARG A 102 -4.22 -0.83 -6.85
N PHE A 103 -3.88 -0.74 -5.58
CA PHE A 103 -4.61 -1.45 -4.56
C PHE A 103 -5.44 -0.47 -3.74
N ASP A 104 -6.75 -0.60 -3.83
CA ASP A 104 -7.66 0.22 -3.04
C ASP A 104 -7.69 -0.29 -1.60
N TYR A 105 -7.00 0.42 -0.72
CA TYR A 105 -6.87 -0.01 0.67
C TYR A 105 -7.58 0.97 1.59
N ASP A 106 -8.44 0.43 2.42
CA ASP A 106 -9.25 1.24 3.34
C ASP A 106 -8.44 1.62 4.57
N LEU A 107 -8.00 2.87 4.62
CA LEU A 107 -7.34 3.38 5.81
C LEU A 107 -8.37 3.81 6.83
N PHE A 108 -8.48 3.08 7.91
CA PHE A 108 -9.44 3.44 8.96
C PHE A 108 -8.76 3.57 10.31
N LEU A 109 -9.45 4.27 11.20
CA LEU A 109 -8.96 4.61 12.53
C LEU A 109 -10.10 4.36 13.50
N HIS A 110 -9.80 4.13 14.77
CA HIS A 110 -10.85 4.09 15.78
C HIS A 110 -10.85 5.42 16.54
N LEU A 111 -11.84 5.66 17.38
CA LEU A 111 -11.98 6.97 18.06
C LEU A 111 -10.83 7.23 19.06
N GLU A 112 -10.78 8.44 19.61
CA GLU A 112 -9.75 8.81 20.59
C GLU A 112 -9.83 7.91 21.82
N GLY A 113 -8.68 7.38 22.23
CA GLY A 113 -8.63 6.47 23.36
C GLY A 113 -8.65 5.01 22.94
N HIS A 114 -8.65 4.78 21.64
CA HIS A 114 -8.74 3.42 21.09
C HIS A 114 -7.37 2.72 21.16
N PRO A 115 -7.32 1.38 21.30
CA PRO A 115 -6.11 0.62 21.01
C PRO A 115 -5.81 0.61 19.50
N PRO A 116 -4.52 0.79 19.13
CA PRO A 116 -4.05 0.86 17.73
C PRO A 116 -4.69 -0.16 16.79
N VAL A 117 -4.83 0.25 15.55
CA VAL A 117 -5.42 -0.56 14.51
C VAL A 117 -4.32 -1.19 13.68
N ASN A 118 -4.35 -2.50 13.56
CA ASN A 118 -3.26 -3.21 12.91
C ASN A 118 -3.82 -4.23 11.92
N HIS A 119 -3.86 -3.84 10.66
CA HIS A 119 -4.49 -4.64 9.61
C HIS A 119 -3.52 -4.90 8.47
N LEU A 120 -3.40 -6.17 8.08
CA LEU A 120 -2.50 -6.58 7.00
C LEU A 120 -3.29 -7.20 5.86
N ARG A 121 -2.89 -6.91 4.63
CA ARG A 121 -3.57 -7.48 3.45
C ARG A 121 -2.56 -8.04 2.47
N CYS A 122 -2.81 -9.25 2.00
CA CYS A 122 -1.94 -9.87 1.03
C CYS A 122 -2.63 -9.96 -0.34
N GLU A 123 -2.15 -9.18 -1.29
CA GLU A 123 -2.69 -9.16 -2.65
C GLU A 123 -1.84 -10.04 -3.54
N LYS A 124 -2.39 -10.47 -4.66
CA LYS A 124 -1.67 -11.36 -5.55
C LYS A 124 -1.51 -10.74 -6.94
N LEU A 125 -0.29 -10.83 -7.46
CA LEU A 125 0.03 -10.38 -8.80
C LEU A 125 0.25 -11.60 -9.69
N THR A 126 -0.53 -11.74 -10.74
CA THR A 126 -0.37 -12.86 -11.64
C THR A 126 0.17 -12.41 -12.99
N PHE A 127 1.30 -12.99 -13.39
CA PHE A 127 1.96 -12.60 -14.63
C PHE A 127 2.06 -13.79 -15.58
N ASN A 128 1.20 -13.84 -16.57
CA ASN A 128 1.21 -14.92 -17.54
C ASN A 128 2.31 -14.70 -18.58
N ASN A 129 3.17 -15.70 -18.72
CA ASN A 129 4.29 -15.67 -19.67
C ASN A 129 5.21 -14.48 -19.43
N PRO A 130 5.86 -14.41 -18.25
CA PRO A 130 6.80 -13.34 -17.92
C PRO A 130 8.17 -13.62 -18.51
N THR A 131 9.02 -12.61 -18.54
CA THR A 131 10.39 -12.77 -18.98
C THR A 131 11.11 -13.62 -17.94
N GLU A 132 12.01 -14.50 -18.35
CA GLU A 132 12.66 -15.40 -17.40
C GLU A 132 13.39 -14.65 -16.29
N ASP A 133 14.09 -13.56 -16.64
CA ASP A 133 14.79 -12.77 -15.64
C ASP A 133 13.80 -12.15 -14.66
N PHE A 134 12.58 -11.95 -15.11
CA PHE A 134 11.54 -11.42 -14.24
C PHE A 134 11.11 -12.49 -13.26
N ARG A 135 11.04 -13.74 -13.73
CA ARG A 135 10.78 -14.86 -12.86
C ARG A 135 11.82 -14.91 -11.75
N ARG A 136 13.07 -14.71 -12.14
CA ARG A 136 14.20 -14.68 -11.22
C ARG A 136 13.99 -13.64 -10.12
N LYS A 137 13.41 -12.49 -10.48
CA LYS A 137 13.12 -11.44 -9.52
C LYS A 137 11.97 -11.84 -8.61
N LEU A 138 10.95 -12.44 -9.21
CA LEU A 138 9.76 -12.85 -8.46
C LEU A 138 10.07 -14.02 -7.52
N LEU A 139 10.99 -14.90 -7.94
CA LEU A 139 11.37 -16.05 -7.15
C LEU A 139 12.25 -15.64 -5.98
N LYS A 140 13.07 -14.63 -6.20
CA LYS A 140 14.02 -14.18 -5.19
C LYS A 140 13.32 -13.43 -4.07
N ALA A 141 12.21 -12.79 -4.40
CA ALA A 141 11.41 -12.12 -3.39
C ALA A 141 10.76 -13.13 -2.46
N GLY B 1 -15.60 3.87 21.27
CA GLY B 1 -15.68 2.78 20.29
C GLY B 1 -16.34 3.22 18.99
N GLY B 2 -17.07 2.32 18.36
CA GLY B 2 -17.78 2.66 17.14
C GLY B 2 -16.88 2.67 15.93
N LYS B 3 -16.68 3.85 15.36
CA LYS B 3 -15.85 3.99 14.17
C LYS B 3 -15.47 5.45 13.97
N ALA B 4 -14.22 5.70 13.61
CA ALA B 4 -13.77 7.07 13.33
C ALA B 4 -14.44 7.58 12.06
N PRO B 5 -14.66 8.90 11.97
CA PRO B 5 -15.31 9.51 10.81
C PRO B 5 -14.51 9.32 9.52
N ARG B 6 -15.09 9.72 8.40
CA ARG B 6 -14.44 9.56 7.10
C ARG B 6 -14.78 10.72 6.18
OH ALY B 7 -7.58 13.49 8.80
CH ALY B 7 -7.69 14.51 8.11
CH3 ALY B 7 -6.56 15.55 8.14
NZ ALY B 7 -8.76 14.74 7.37
CE ALY B 7 -9.89 13.82 7.28
CD ALY B 7 -10.82 14.15 6.14
CG ALY B 7 -11.90 13.10 5.98
CB ALY B 7 -12.72 13.33 4.72
CA ALY B 7 -13.95 12.41 4.61
N ALY B 7 -13.78 11.22 5.47
C ALY B 7 -14.15 12.01 3.15
O ALY B 7 -13.83 12.77 2.25
HH31 ALY B 7 -6.69 16.20 8.98
HH32 ALY B 7 -5.61 15.04 8.21
HH33 ALY B 7 -6.58 16.12 7.23
HZ ALY B 7 -8.80 15.56 6.84
HE3 ALY B 7 -9.52 12.81 7.13
HE2 ALY B 7 -10.44 13.87 8.20
HD3 ALY B 7 -11.30 15.11 6.35
HD2 ALY B 7 -10.26 14.22 5.23
HG3 ALY B 7 -11.43 12.13 5.91
HG2 ALY B 7 -12.55 13.13 6.84
HB3 ALY B 7 -13.07 14.35 4.72
HB2 ALY B 7 -12.09 13.16 3.86
HA ALY B 7 -14.82 12.94 4.96
H ALY B 7 -12.89 10.79 5.51
N GLN B 8 -14.70 10.83 2.93
CA GLN B 8 -14.93 10.32 1.58
C GLN B 8 -16.41 10.26 1.27
N LEU B 9 -17.01 11.42 1.07
CA LEU B 9 -18.45 11.50 0.82
C LEU B 9 -18.72 11.54 -0.67
N ALA B 10 -18.63 10.36 -1.31
CA ALA B 10 -18.93 10.21 -2.73
C ALA B 10 -18.04 11.11 -3.59
N THR B 11 -16.74 10.82 -3.60
CA THR B 11 -15.80 11.63 -4.36
C THR B 11 -15.76 11.21 -5.82
N LYS B 12 -16.25 10.01 -6.10
CA LYS B 12 -16.27 9.49 -7.46
C LYS B 12 -17.60 9.80 -8.12
N ALA B 13 -17.63 10.89 -8.86
CA ALA B 13 -18.83 11.31 -9.57
C ALA B 13 -18.70 11.01 -11.05
#